data_9KUL
#
_entry.id   9KUL
#
_cell.length_a   181.900
_cell.length_b   204.000
_cell.length_c   178.000
_cell.angle_alpha   90.00
_cell.angle_beta   90.00
_cell.angle_gamma   90.00
#
_symmetry.space_group_name_H-M   'P 21 21 21'
#
loop_
_entity.id
_entity.type
_entity.pdbx_description
1 polymer 'Cytochrome c oxidase subunit 1'
2 polymer 'Cytochrome c oxidase subunit 2'
3 polymer 'Cytochrome c oxidase subunit 3'
4 polymer 'Cytochrome c oxidase subunit 4 isoform 1, mitochondrial'
5 polymer 'Cytochrome c oxidase subunit 5A'
6 polymer 'Cytochrome c oxidase subunit 5B, mitochondrial'
7 polymer 'Cytochrome c oxidase subunit 6A2, mitochondrial'
8 polymer 'Cytochrome c oxidase subunit 6B1'
9 polymer 'Cytochrome c oxidase subunit 6C'
10 polymer 'Cytochrome c oxidase subunit 7A1'
11 polymer 'Cytochrome c oxidase subunit 7B, mitochondrial'
12 polymer 'Cytochrome c oxidase subunit 7C, mitochondrial'
13 polymer 'Cytochrome c oxidase subunit 8B, mitochondrial'
14 non-polymer HEME-A
15 non-polymer 'COPPER (II) ION'
16 non-polymer 'MAGNESIUM ION'
17 non-polymer 'SODIUM ION'
18 non-polymer 'PEROXIDE ION'
19 non-polymer CARDIOLIPIN
20 non-polymer EICOSANE
21 non-polymer DECYL-BETA-D-MALTOPYRANOSIDE
22 non-polymer 1,2-ETHANEDIOL
23 non-polymer XENON
24 non-polymer '(1R)-2-{[{[(2S)-2,3-DIHYDROXYPROPYL]OXY}(HYDROXY)PHOSPHORYL]OXY}-1-[(PALMITOYLOXY)METHYL]ETHYL (11E)-OCTADEC-11-ENOATE'
25 non-polymer 'DINUCLEAR COPPER ION'
26 non-polymer 'CHOLIC ACID'
27 non-polymer 'UNKNOWN ATOM OR ION'
28 non-polymer 'ZINC ION'
29 non-polymer '(1S)-2-{[(2-AMINOETHOXY)(HYDROXY)PHOSPHORYL]OXY}-1-[(STEAROYLOXY)METHYL]ETHYL (5E,8E,11E,14E)-ICOSA-5,8,11,14-TETRAENOATE'
30 water water
#
loop_
_entity_poly.entity_id
_entity_poly.type
_entity_poly.pdbx_seq_one_letter_code
_entity_poly.pdbx_strand_id
1 'polypeptide(L)'
;(FME)FINRWLFSTNHKDIGTLYLLFGAWAGMVGTALSLLIRAELGQPGTLLGDDQIYNVVVTAHAFVMIFFMVMPIMIG
GFGNWLVPLMIGAPDMAFPRMNNMSFWLLPPSFLLLLASSMVEAGAGTGWTVYPPLAGNLAHAGASVDLTIFSLHLAGVS
SILGAINFITTIINMKPPAMSQYQTPLFVWSVMITAVLLLLSLPVLAAGITMLLTDRNLNTTFFDPAGGGDPILYQHLFW
FFGHPEVYILILPGFGMISHIVTYYSGKKEPFGYMGMVWAMMSIGFLGFIVWAHHMFTVGMDVDTRAYFTSATMIIAIPT
GVKVFSWLATLHGGNIKWSPAMMWALGFIFLFTVGGLTGIVLANSSLDIVLHDTYYVVAHFHYVLSMGAVFAIMGGFVHW
FPLFSGYTLNDTWAKIHFAIMFVGVNMTFFPQHFLGLSGMPRRYSDYPDAYTMWNTISSMGSFISLTAVMLMVFIIWEAF
ASKREVLTVDLTTTNLEWLNGCPPPYHTFEEPTYVNLK
;
A,N
2 'polypeptide(L)'
;(FME)AYPMQLGFQDATSPIMEELLHFHDHTLMIVFLISSLVLYIISLMLTTKLTHTSTMDAQEVETIWTILPAIILILI
ALPSLRILYMMDEINNPSLTVKTMGHQWYWSYEYTDYEDLSFDSYMIPTSELKPGELRLLEVDNRVVLPMEMTIRMLVSS
EDVLHSWAVPSLGLKTDAIPGRLNQTTLMSSRPGLYYGQCSEICGSNHSFMPIVLELVPLKYFEKWSASML
;
B,O
3 'polypeptide(L)'
;MTHQTHAYHMVNPSPWPLTGALSALLMTSGLTMWFHFNSMTLLMIGLTTNMLTMYQWWRDVIRESTFQGHHTPAVQKGLR
YGMILFIISEVLFFTGFFWAFYHSSLAPTPELGGCWPPTGIHPLNPLEVPLLNTSVLLASGVSITWAHHSLMEGDRKHML
QALFITITLGVYFTLLQASEYYEAPFTISDGVYGSTFFVATGFHGLHVIIGSTFLIVCFFRQLKFHFTSNHHFGFEAAAW
YWHFVDVVWLFLYVSIYWWGS
;
C,P
4 'polypeptide(L)'
;AHGSVVKSEDYALPSYVDRRDYPLPDVAHVKNLSASQKALKEKEKASWSSLSIDEKVELYRLKFKESFAEMNRSTNEWKT
VVGAAMFFIGFTALLLIWEKHYVYGPIPHTFEEEWVAKQTKRMLDMKVAPIQGFSAKWDYDKNEWKK
;
D,Q
5 'polypeptide(L)'
;SHGSHETDEEFDARWVTYFNKPDIDAWELRKGMNTLVGYDLVPEPKIIDAALRACRRLNDFASAVRILEVVKDKAGPHKE
IYPYVIQELRPTLNELGISTPEELGLDKV
;
E,R
6 'polypeptide(L)'
;ASGGGVPTDEEQATGLEREVMLAARKGQDPYNILAPKATSGTKEDPNLVPSITNKRIVGCICEEDNSTVIWFWLHKGEAQ
RCPSCGTHYKLVPHQLAH
;
F,S
7 'polypeptide(L)'
;ASAAKGDHGGTGARTWRFLTFGLALPSVALCTLNSWLHSGHRERPAFIPYHHLRIRTKPFSWGDGNHTFFHNPRVNPLPT
GYEKP
;
G,T
8 'polypeptide(L)'
;AEDIQAKIKNYQTAPFDSRFPNQNQTRNCWQNYLDFHRCEKAMTAKGGDVSVCEWYRRVYKSLCPISWVSTWDDRRAEGT
FPGKI
;
H,U
9 'polypeptide(L)' STALAKPQMRGLLARRLRFHIVGAFMVSLGFATFYKFAVAEKRKKAYADFYRNYDSMKDFEEMRKAGIFQSAK I,V
10 'polypeptide(L)' FENRVAEKQKLFQEDNGLPVHLKGGATDNILYRVTMTLCLGGTLYSLYCLGWASFPHKK J,W
11 'polypeptide(L)' IHQKRAPDFHDKYGNAVLASGATFCVAVWVYMATQIGIEWNPSPVGRVTPKEWREQ K,X
12 'polypeptide(L)' SHYEEGPGKNIPFSVENKWRLLAMMTLFFGSGFAAPFFIVRHQLLKK L,Y
13 'polypeptide(L)' ITAKPAKTPTSPKEQAIGLSVTFLSFLLPAGWVLYHLDNYKKSSAA M,Z
#
loop_
_chem_comp.id
_chem_comp.type
_chem_comp.name
_chem_comp.formula
CDL non-polymer CARDIOLIPIN 'C81 H156 O17 P2 -2'
CHD non-polymer 'CHOLIC ACID' 'C24 H40 O5'
CU non-polymer 'COPPER (II) ION' 'Cu 2'
CUA non-polymer 'DINUCLEAR COPPER ION' Cu2
DMU D-saccharide DECYL-BETA-D-MALTOPYRANOSIDE 'C22 H42 O11'
EDO non-polymer 1,2-ETHANEDIOL 'C2 H6 O2'
HEA non-polymer HEME-A 'C49 H56 Fe N4 O6'
LFA non-polymer EICOSANE 'C20 H42'
MG non-polymer 'MAGNESIUM ION' 'Mg 2'
NA non-polymer 'SODIUM ION' 'Na 1'
PEK non-polymer '(1S)-2-{[(2-AMINOETHOXY)(HYDROXY)PHOSPHORYL]OXY}-1-[(STEAROYLOXY)METHYL]ETHYL (5E,8E,11E,14E)-ICOSA-5,8,11,14-TETRAENOATE' 'C43 H78 N O8 P'
PER non-polymer 'PEROXIDE ION' 'O2 -2'
PGV non-polymer '(1R)-2-{[{[(2S)-2,3-DIHYDROXYPROPYL]OXY}(HYDROXY)PHOSPHORYL]OXY}-1-[(PALMITOYLOXY)METHYL]ETHYL (11E)-OCTADEC-11-ENOATE' 'C40 H77 O10 P'
UNX non-polymer 'UNKNOWN ATOM OR ION' ?
XE non-polymer XENON Xe
ZN non-polymer 'ZINC ION' 'Zn 2'
#
# COMPACT_ATOMS: atom_id res chain seq x y z
N FME A 1 52.66 -4.70 10.50
CN FME A 1 51.78 -5.48 11.14
O1 FME A 1 50.57 -5.51 10.96
CA FME A 1 52.26 -3.81 9.41
CB FME A 1 53.46 -2.98 8.94
CG FME A 1 53.12 -1.52 8.80
SD FME A 1 52.99 -0.70 10.41
CE FME A 1 51.26 -0.88 10.86
C FME A 1 51.62 -4.54 8.23
O FME A 1 50.62 -4.08 7.66
N PHE A 2 52.16 -5.70 7.88
CA PHE A 2 51.63 -6.45 6.76
C PHE A 2 50.20 -6.92 7.04
N ILE A 3 49.98 -7.51 8.20
CA ILE A 3 48.63 -7.96 8.61
C ILE A 3 47.68 -6.74 8.66
N ASN A 4 48.10 -5.65 9.29
CA ASN A 4 47.22 -4.47 9.40
C ASN A 4 46.82 -4.03 7.99
N ARG A 5 47.77 -4.02 7.04
CA ARG A 5 47.53 -3.48 5.70
C ARG A 5 46.64 -4.45 4.89
N TRP A 6 46.91 -5.74 4.93
CA TRP A 6 46.35 -6.67 3.93
C TRP A 6 45.25 -7.56 4.48
N LEU A 7 45.17 -7.75 5.80
CA LEU A 7 44.08 -8.55 6.43
C LEU A 7 43.06 -7.64 7.10
N PHE A 8 43.47 -6.43 7.54
CA PHE A 8 42.62 -5.47 8.28
C PHE A 8 42.33 -4.21 7.45
N SER A 9 42.42 -4.28 6.11
CA SER A 9 42.32 -3.11 5.25
C SER A 9 40.98 -2.37 5.46
N THR A 10 41.07 -1.05 5.38
CA THR A 10 39.93 -0.13 5.18
C THR A 10 40.19 0.78 3.99
N ASN A 11 40.96 0.30 3.02
CA ASN A 11 41.42 1.14 1.89
C ASN A 11 40.84 0.56 0.60
N HIS A 12 40.15 1.38 -0.19
CA HIS A 12 39.48 0.92 -1.42
C HIS A 12 40.48 0.34 -2.45
N LYS A 13 41.66 0.89 -2.55
CA LYS A 13 42.67 0.46 -3.56
C LYS A 13 43.22 -0.91 -3.16
N ASP A 14 43.63 -1.06 -1.90
CA ASP A 14 44.21 -2.34 -1.43
C ASP A 14 43.13 -3.43 -1.50
N ILE A 15 41.89 -3.10 -1.16
CA ILE A 15 40.79 -4.10 -1.26
C ILE A 15 40.55 -4.45 -2.73
N GLY A 16 40.56 -3.46 -3.64
CA GLY A 16 40.49 -3.73 -5.08
C GLY A 16 41.63 -4.67 -5.54
N THR A 17 42.84 -4.42 -5.03
CA THR A 17 44.01 -5.28 -5.33
C THR A 17 43.77 -6.72 -4.85
N LEU A 18 43.25 -6.90 -3.65
CA LEU A 18 42.91 -8.23 -3.13
C LEU A 18 41.90 -8.93 -4.06
N TYR A 19 40.84 -8.23 -4.46
CA TYR A 19 39.86 -8.80 -5.40
C TYR A 19 40.51 -9.20 -6.73
N LEU A 20 41.38 -8.37 -7.31
CA LEU A 20 42.00 -8.73 -8.60
C LEU A 20 42.88 -9.99 -8.41
N LEU A 21 43.65 -10.09 -7.33
CA LEU A 21 44.48 -11.30 -7.08
C LEU A 21 43.58 -12.55 -6.92
N PHE A 22 42.51 -12.44 -6.16
CA PHE A 22 41.53 -13.52 -5.94
C PHE A 22 40.92 -13.93 -7.28
N GLY A 23 40.45 -12.95 -8.07
CA GLY A 23 39.84 -13.27 -9.36
C GLY A 23 40.83 -13.92 -10.33
N ALA A 24 42.08 -13.49 -10.30
CA ALA A 24 43.12 -14.06 -11.17
C ALA A 24 43.31 -15.54 -10.82
N TRP A 25 43.42 -15.84 -9.52
CA TRP A 25 43.60 -17.24 -9.05
C TRP A 25 42.37 -18.06 -9.47
N ALA A 26 41.16 -17.54 -9.18
CA ALA A 26 39.89 -18.18 -9.63
C ALA A 26 39.89 -18.45 -11.14
N GLY A 27 40.38 -17.51 -11.95
CA GLY A 27 40.44 -17.70 -13.40
C GLY A 27 41.29 -18.90 -13.77
N MET A 28 42.36 -19.17 -13.03
CA MET A 28 43.20 -20.34 -13.34
C MET A 28 42.41 -21.62 -13.01
N VAL A 29 41.73 -21.63 -11.87
CA VAL A 29 40.84 -22.78 -11.53
C VAL A 29 39.79 -23.00 -12.64
N GLY A 30 39.09 -21.94 -13.02
CA GLY A 30 38.02 -22.06 -14.02
C GLY A 30 38.56 -22.50 -15.38
N THR A 31 39.76 -22.04 -15.76
CA THR A 31 40.44 -22.47 -17.00
C THR A 31 40.74 -23.99 -16.96
N ALA A 32 41.29 -24.49 -15.85
CA ALA A 32 41.63 -25.92 -15.69
C ALA A 32 40.34 -26.73 -15.84
N LEU A 33 39.25 -26.28 -15.16
CA LEU A 33 37.95 -26.95 -15.30
C LEU A 33 37.50 -26.96 -16.77
N SER A 34 37.63 -25.83 -17.48
CA SER A 34 37.21 -25.73 -18.89
C SER A 34 38.04 -26.74 -19.74
N LEU A 35 39.32 -26.91 -19.45
CA LEU A 35 40.17 -27.86 -20.20
C LEU A 35 39.79 -29.30 -19.89
N LEU A 36 39.37 -29.61 -18.69
CA LEU A 36 38.85 -30.96 -18.34
C LEU A 36 37.58 -31.26 -19.14
N ILE A 37 36.68 -30.31 -19.25
CA ILE A 37 35.46 -30.43 -20.09
C ILE A 37 35.90 -30.81 -21.51
N ARG A 38 36.77 -30.01 -22.08
CA ARG A 38 37.12 -30.14 -23.52
C ARG A 38 38.00 -31.37 -23.74
N ALA A 39 38.79 -31.79 -22.75
CA ALA A 39 39.56 -33.05 -22.83
C ALA A 39 38.58 -34.22 -22.90
N GLU A 40 37.57 -34.22 -22.06
CA GLU A 40 36.53 -35.29 -22.10
C GLU A 40 35.86 -35.36 -23.49
N LEU A 41 35.56 -34.20 -24.07
CA LEU A 41 34.75 -34.12 -25.32
C LEU A 41 35.66 -34.13 -26.55
N GLY A 42 36.99 -34.15 -26.38
CA GLY A 42 37.86 -33.89 -27.53
C GLY A 42 38.04 -35.09 -28.43
N GLN A 43 37.63 -36.28 -27.96
CA GLN A 43 37.49 -37.44 -28.85
C GLN A 43 36.27 -38.23 -28.35
N PRO A 44 35.58 -38.95 -29.24
CA PRO A 44 34.44 -39.77 -28.84
C PRO A 44 34.87 -40.86 -27.84
N GLY A 45 33.96 -41.22 -26.95
CA GLY A 45 34.23 -42.19 -25.86
C GLY A 45 34.28 -41.51 -24.52
N THR A 46 34.75 -42.26 -23.53
CA THR A 46 34.81 -41.78 -22.13
C THR A 46 36.27 -41.60 -21.75
N LEU A 47 36.62 -40.42 -21.21
CA LEU A 47 37.99 -40.14 -20.71
C LEU A 47 38.03 -40.30 -19.18
N LEU A 48 37.18 -39.56 -18.47
CA LEU A 48 37.30 -39.45 -16.99
C LEU A 48 36.41 -40.50 -16.34
N GLY A 49 35.15 -40.51 -16.66
CA GLY A 49 34.17 -41.38 -15.99
C GLY A 49 32.85 -41.01 -16.61
N ASP A 50 31.80 -41.34 -15.88
CA ASP A 50 30.42 -41.21 -16.35
C ASP A 50 30.02 -39.73 -16.16
N ASP A 51 28.75 -39.43 -16.33
CA ASP A 51 28.30 -38.02 -16.29
C ASP A 51 28.48 -37.44 -14.89
N GLN A 52 28.64 -38.22 -13.79
CA GLN A 52 28.71 -37.57 -12.44
C GLN A 52 30.03 -36.78 -12.32
N ILE A 53 31.19 -37.43 -12.50
CA ILE A 53 32.46 -36.66 -12.42
C ILE A 53 32.45 -35.52 -13.46
N TYR A 54 32.00 -35.81 -14.68
CA TYR A 54 31.93 -34.84 -15.78
C TYR A 54 31.12 -33.62 -15.32
N ASN A 55 29.91 -33.85 -14.79
CA ASN A 55 29.05 -32.69 -14.44
C ASN A 55 29.50 -32.02 -13.14
N VAL A 56 30.25 -32.69 -12.28
CA VAL A 56 30.91 -31.98 -11.15
C VAL A 56 31.86 -30.94 -11.75
N VAL A 57 32.66 -31.34 -12.74
CA VAL A 57 33.60 -30.39 -13.40
C VAL A 57 32.82 -29.25 -14.09
N VAL A 58 31.77 -29.57 -14.84
CA VAL A 58 30.98 -28.53 -15.55
C VAL A 58 30.37 -27.55 -14.51
N THR A 59 29.82 -28.10 -13.43
CA THR A 59 29.11 -27.28 -12.42
C THR A 59 30.15 -26.33 -11.78
N ALA A 60 31.30 -26.88 -11.39
CA ALA A 60 32.35 -26.08 -10.73
C ALA A 60 32.90 -25.04 -11.71
N HIS A 61 33.09 -25.42 -12.97
CA HIS A 61 33.53 -24.47 -14.02
C HIS A 61 32.68 -23.21 -13.99
N ALA A 62 31.36 -23.39 -14.00
CA ALA A 62 30.44 -22.25 -14.09
C ALA A 62 30.52 -21.42 -12.81
N PHE A 63 30.43 -22.07 -11.64
CA PHE A 63 30.42 -21.29 -10.38
C PHE A 63 31.71 -20.50 -10.24
N VAL A 64 32.85 -21.14 -10.56
CA VAL A 64 34.16 -20.48 -10.42
C VAL A 64 34.23 -19.30 -11.40
N MET A 65 33.87 -19.50 -12.67
CA MET A 65 34.01 -18.43 -13.69
C MET A 65 33.09 -17.25 -13.32
N ILE A 66 31.87 -17.52 -12.82
CA ILE A 66 30.87 -16.46 -12.58
C ILE A 66 31.15 -15.77 -11.23
N PHE A 67 31.17 -16.53 -10.14
CA PHE A 67 31.15 -15.97 -8.79
C PHE A 67 32.56 -15.68 -8.29
N PHE A 68 33.60 -16.37 -8.80
CA PHE A 68 34.95 -16.16 -8.23
C PHE A 68 35.86 -15.45 -9.23
N MET A 69 35.55 -15.45 -10.53
CA MET A 69 36.41 -14.73 -11.49
C MET A 69 35.72 -13.43 -11.93
N VAL A 70 34.59 -13.51 -12.63
CA VAL A 70 34.04 -12.28 -13.27
C VAL A 70 33.60 -11.28 -12.19
N MET A 71 32.74 -11.69 -11.28
CA MET A 71 32.17 -10.71 -10.33
C MET A 71 33.29 -10.08 -9.47
N PRO A 72 34.18 -10.87 -8.86
CA PRO A 72 35.24 -10.25 -8.06
C PRO A 72 36.14 -9.31 -8.85
N ILE A 73 36.50 -9.67 -10.09
CA ILE A 73 37.38 -8.79 -10.91
C ILE A 73 36.61 -7.50 -11.28
N MET A 74 35.41 -7.61 -11.87
CA MET A 74 34.71 -6.42 -12.38
C MET A 74 34.25 -5.53 -11.22
N ILE A 75 33.59 -6.12 -10.23
CA ILE A 75 32.90 -5.31 -9.20
C ILE A 75 33.87 -5.06 -8.04
N GLY A 76 34.40 -6.13 -7.47
CA GLY A 76 35.30 -5.98 -6.34
C GLY A 76 36.61 -5.32 -6.74
N GLY A 77 37.14 -5.62 -7.91
CA GLY A 77 38.48 -5.15 -8.31
C GLY A 77 38.43 -3.80 -8.99
N PHE A 78 37.97 -3.76 -10.24
CA PHE A 78 37.79 -2.49 -10.97
C PHE A 78 36.85 -1.56 -10.19
N GLY A 79 35.74 -2.05 -9.65
CA GLY A 79 34.81 -1.13 -8.97
C GLY A 79 35.47 -0.48 -7.74
N ASN A 80 36.11 -1.25 -6.86
CA ASN A 80 36.77 -0.66 -5.67
C ASN A 80 37.92 0.28 -6.07
N TRP A 81 38.73 -0.11 -7.04
CA TRP A 81 39.86 0.75 -7.45
C TRP A 81 39.32 2.06 -8.05
N LEU A 82 38.37 1.97 -8.99
CA LEU A 82 38.08 3.08 -9.90
C LEU A 82 36.95 3.99 -9.39
N VAL A 83 35.93 3.45 -8.74
CA VAL A 83 34.70 4.24 -8.46
C VAL A 83 35.05 5.42 -7.57
N PRO A 84 35.78 5.22 -6.44
CA PRO A 84 36.11 6.37 -5.60
C PRO A 84 36.97 7.39 -6.37
N LEU A 85 37.92 6.90 -7.16
CA LEU A 85 38.82 7.83 -7.89
C LEU A 85 38.00 8.62 -8.90
N MET A 86 37.04 7.99 -9.59
CA MET A 86 36.28 8.65 -10.66
C MET A 86 35.29 9.70 -10.12
N ILE A 87 34.95 9.65 -8.84
CA ILE A 87 34.08 10.68 -8.23
C ILE A 87 34.83 11.52 -7.21
N GLY A 88 36.16 11.39 -7.13
CA GLY A 88 36.93 12.24 -6.20
C GLY A 88 36.63 11.96 -4.75
N ALA A 89 36.22 10.75 -4.42
CA ALA A 89 35.86 10.36 -3.04
C ALA A 89 37.09 9.82 -2.33
N PRO A 90 37.21 10.01 -1.00
CA PRO A 90 38.41 9.59 -0.27
C PRO A 90 38.47 8.10 0.03
N ASP A 91 37.30 7.43 -0.07
CA ASP A 91 37.20 5.96 0.04
C ASP A 91 35.74 5.59 -0.27
N MET A 92 35.37 4.35 0.01
CA MET A 92 33.97 3.87 -0.03
C MET A 92 33.22 4.36 1.24
N ALA A 93 31.89 4.36 1.20
CA ALA A 93 31.04 4.76 2.34
C ALA A 93 31.37 3.90 3.57
N PHE A 94 31.55 2.57 3.39
CA PHE A 94 31.63 1.61 4.51
C PHE A 94 32.91 0.82 4.30
N PRO A 95 34.06 1.45 4.61
CA PRO A 95 35.36 0.92 4.25
C PRO A 95 35.69 -0.40 4.95
N ARG A 96 35.14 -0.58 6.16
CA ARG A 96 35.36 -1.81 6.94
C ARG A 96 34.38 -2.90 6.43
N MET A 97 33.11 -2.60 6.18
CA MET A 97 32.20 -3.58 5.55
C MET A 97 32.77 -4.05 4.19
N ASN A 98 33.40 -3.15 3.44
CA ASN A 98 34.05 -3.45 2.15
C ASN A 98 35.05 -4.62 2.31
N ASN A 99 35.82 -4.59 3.39
CA ASN A 99 36.86 -5.61 3.64
C ASN A 99 36.17 -6.94 3.94
N MET A 100 34.97 -6.91 4.53
CA MET A 100 34.25 -8.18 4.78
C MET A 100 33.71 -8.76 3.49
N SER A 101 33.24 -7.93 2.56
CA SER A 101 32.83 -8.42 1.21
C SER A 101 34.00 -9.20 0.60
N PHE A 102 35.22 -8.70 0.73
CA PHE A 102 36.38 -9.42 0.17
C PHE A 102 36.56 -10.75 0.95
N TRP A 103 36.67 -10.69 2.27
CA TRP A 103 37.13 -11.85 3.06
C TRP A 103 36.08 -12.97 3.10
N LEU A 104 34.82 -12.69 2.75
CA LEU A 104 33.83 -13.78 2.56
C LEU A 104 34.18 -14.65 1.34
N LEU A 105 34.97 -14.19 0.37
CA LEU A 105 35.15 -14.98 -0.85
C LEU A 105 36.08 -16.18 -0.66
N PRO A 106 37.23 -16.07 0.02
CA PRO A 106 38.05 -17.27 0.22
C PRO A 106 37.26 -18.39 0.91
N PRO A 107 36.52 -18.11 1.99
CA PRO A 107 35.68 -19.14 2.57
C PRO A 107 34.61 -19.69 1.61
N SER A 108 33.95 -18.82 0.83
CA SER A 108 33.00 -19.29 -0.19
C SER A 108 33.70 -20.30 -1.11
N PHE A 109 34.91 -19.97 -1.58
CA PHE A 109 35.66 -20.81 -2.54
C PHE A 109 36.03 -22.14 -1.85
N LEU A 110 36.45 -22.06 -0.60
CA LEU A 110 36.78 -23.26 0.20
C LEU A 110 35.56 -24.19 0.29
N LEU A 111 34.35 -23.64 0.47
CA LEU A 111 33.17 -24.51 0.55
C LEU A 111 32.91 -25.15 -0.82
N LEU A 112 33.12 -24.40 -1.90
CA LEU A 112 32.94 -25.00 -3.23
C LEU A 112 33.95 -26.14 -3.46
N LEU A 113 35.22 -25.91 -3.13
N LEU A 113 35.24 -25.88 -3.16
CA LEU A 113 36.25 -26.94 -3.34
CA LEU A 113 36.33 -26.92 -3.17
C LEU A 113 35.96 -28.14 -2.40
C LEU A 113 35.78 -28.16 -2.45
N ALA A 114 35.39 -27.93 -1.21
CA ALA A 114 34.98 -29.02 -0.31
C ALA A 114 33.85 -29.84 -0.95
N SER A 115 32.86 -29.16 -1.56
N SER A 115 32.86 -29.16 -1.52
CA SER A 115 31.72 -29.83 -2.24
CA SER A 115 31.73 -29.81 -2.23
C SER A 115 32.27 -30.88 -3.23
C SER A 115 32.29 -30.88 -3.19
N SER A 116 33.38 -30.57 -3.91
CA SER A 116 33.88 -31.43 -5.00
C SER A 116 34.74 -32.59 -4.45
N MET A 117 35.20 -32.46 -3.21
N MET A 117 35.25 -32.45 -3.23
CA MET A 117 36.15 -33.37 -2.52
CA MET A 117 36.14 -33.43 -2.56
C MET A 117 35.37 -34.40 -1.69
C MET A 117 35.30 -34.46 -1.79
N VAL A 118 34.17 -34.05 -1.22
CA VAL A 118 33.38 -34.97 -0.37
C VAL A 118 32.42 -35.77 -1.26
N GLU A 119 32.10 -36.97 -0.82
CA GLU A 119 31.18 -37.88 -1.57
C GLU A 119 31.58 -37.89 -3.05
N ALA A 120 30.60 -37.72 -3.94
CA ALA A 120 30.80 -37.75 -5.41
C ALA A 120 30.69 -36.35 -6.00
N GLY A 121 30.77 -35.28 -5.20
CA GLY A 121 30.62 -33.91 -5.68
C GLY A 121 29.17 -33.55 -6.01
N ALA A 122 28.96 -32.31 -6.38
CA ALA A 122 27.65 -31.79 -6.79
C ALA A 122 27.59 -31.75 -8.32
N GLY A 123 27.07 -32.83 -8.93
CA GLY A 123 26.98 -32.92 -10.39
C GLY A 123 25.61 -32.47 -10.82
N THR A 124 25.29 -31.20 -10.61
CA THR A 124 23.90 -30.75 -10.69
C THR A 124 23.66 -29.77 -11.83
N GLY A 125 24.72 -29.22 -12.41
CA GLY A 125 24.61 -27.98 -13.18
C GLY A 125 24.66 -26.80 -12.22
N TRP A 126 25.08 -25.61 -12.69
CA TRP A 126 25.19 -24.43 -11.79
C TRP A 126 23.82 -23.92 -11.37
N THR A 127 22.76 -24.39 -12.00
CA THR A 127 21.34 -24.10 -11.69
C THR A 127 20.85 -24.89 -10.45
N VAL A 128 21.49 -26.03 -10.13
CA VAL A 128 21.23 -26.84 -8.93
C VAL A 128 19.74 -27.23 -8.88
N TYR A 129 19.17 -27.63 -10.01
CA TYR A 129 17.73 -28.07 -10.00
C TYR A 129 17.49 -29.31 -9.14
N PRO A 130 16.42 -29.28 -8.33
CA PRO A 130 15.86 -30.51 -7.77
C PRO A 130 14.98 -31.18 -8.82
N PRO A 131 14.67 -32.47 -8.67
CA PRO A 131 15.17 -33.31 -7.57
C PRO A 131 16.56 -33.92 -7.72
N LEU A 132 17.26 -33.72 -8.84
CA LEU A 132 18.65 -34.25 -8.95
C LEU A 132 19.50 -33.68 -7.79
N ALA A 133 19.34 -32.40 -7.44
CA ALA A 133 20.09 -31.75 -6.34
C ALA A 133 19.50 -32.08 -4.96
N GLY A 134 18.42 -32.89 -4.87
CA GLY A 134 17.79 -33.25 -3.58
C GLY A 134 18.55 -34.36 -2.84
N ASN A 135 18.01 -34.73 -1.68
CA ASN A 135 18.72 -35.60 -0.71
C ASN A 135 18.63 -37.08 -1.08
N LEU A 136 17.87 -37.45 -2.12
N LEU A 136 17.93 -37.46 -2.15
CA LEU A 136 17.78 -38.85 -2.63
CA LEU A 136 17.87 -38.89 -2.59
C LEU A 136 18.80 -39.03 -3.76
C LEU A 136 18.76 -39.10 -3.82
N ALA A 137 18.76 -38.17 -4.77
CA ALA A 137 19.58 -38.29 -5.99
C ALA A 137 20.97 -37.65 -5.77
N HIS A 138 21.14 -36.77 -4.78
CA HIS A 138 22.44 -36.24 -4.35
C HIS A 138 22.53 -36.29 -2.80
N ALA A 139 22.46 -37.48 -2.25
CA ALA A 139 22.57 -37.70 -0.79
C ALA A 139 23.98 -37.25 -0.38
N GLY A 140 24.10 -36.73 0.84
CA GLY A 140 25.38 -36.39 1.44
C GLY A 140 25.68 -34.90 1.31
N ALA A 141 26.87 -34.49 1.71
CA ALA A 141 27.16 -33.07 1.99
C ALA A 141 27.39 -32.21 0.74
N SER A 142 27.71 -32.76 -0.44
CA SER A 142 28.19 -31.94 -1.58
C SER A 142 27.25 -30.78 -1.90
N VAL A 143 25.97 -31.06 -2.10
CA VAL A 143 25.05 -29.98 -2.51
C VAL A 143 24.89 -28.97 -1.37
N ASP A 144 24.91 -29.40 -0.11
CA ASP A 144 24.76 -28.45 1.01
C ASP A 144 25.98 -27.51 1.03
N LEU A 145 27.18 -28.03 0.77
CA LEU A 145 28.39 -27.19 0.73
C LEU A 145 28.30 -26.21 -0.44
N THR A 146 27.71 -26.62 -1.55
CA THR A 146 27.47 -25.73 -2.71
C THR A 146 26.49 -24.62 -2.31
N ILE A 147 25.41 -24.98 -1.64
CA ILE A 147 24.40 -23.99 -1.18
C ILE A 147 25.09 -22.99 -0.25
N PHE A 148 25.88 -23.46 0.72
CA PHE A 148 26.55 -22.54 1.66
C PHE A 148 27.59 -21.67 0.95
N SER A 149 28.29 -22.20 -0.07
CA SER A 149 29.22 -21.41 -0.90
C SER A 149 28.44 -20.22 -1.49
N LEU A 150 27.27 -20.51 -2.08
CA LEU A 150 26.41 -19.47 -2.68
C LEU A 150 25.93 -18.49 -1.63
N HIS A 151 25.58 -18.96 -0.44
CA HIS A 151 25.16 -18.05 0.66
C HIS A 151 26.29 -17.04 0.96
N LEU A 152 27.51 -17.53 1.12
CA LEU A 152 28.60 -16.58 1.49
C LEU A 152 28.90 -15.64 0.32
N ALA A 153 28.93 -16.15 -0.92
CA ALA A 153 29.14 -15.28 -2.10
C ALA A 153 28.00 -14.25 -2.17
N GLY A 154 26.78 -14.68 -1.87
CA GLY A 154 25.65 -13.74 -1.94
C GLY A 154 25.74 -12.65 -0.88
N VAL A 155 26.11 -13.00 0.34
CA VAL A 155 26.25 -11.96 1.40
C VAL A 155 27.34 -10.98 0.96
N SER A 156 28.46 -11.51 0.46
CA SER A 156 29.58 -10.67 -0.03
C SER A 156 29.00 -9.62 -0.98
N SER A 157 28.28 -10.06 -2.00
CA SER A 157 27.81 -9.18 -3.09
C SER A 157 26.70 -8.24 -2.61
N ILE A 158 25.81 -8.68 -1.72
CA ILE A 158 24.74 -7.80 -1.18
C ILE A 158 25.38 -6.67 -0.39
N LEU A 159 26.31 -6.98 0.50
CA LEU A 159 26.96 -5.92 1.28
C LEU A 159 27.78 -5.02 0.35
N GLY A 160 28.40 -5.59 -0.67
CA GLY A 160 29.15 -4.79 -1.66
C GLY A 160 28.20 -3.86 -2.42
N ALA A 161 27.01 -4.33 -2.78
CA ALA A 161 26.03 -3.54 -3.52
C ALA A 161 25.60 -2.37 -2.63
N ILE A 162 25.32 -2.62 -1.35
CA ILE A 162 24.92 -1.53 -0.41
C ILE A 162 26.04 -0.48 -0.38
N ASN A 163 27.27 -0.94 -0.35
CA ASN A 163 28.44 -0.05 -0.28
C ASN A 163 28.50 0.78 -1.57
N PHE A 164 28.43 0.16 -2.74
CA PHE A 164 28.58 0.92 -4.02
C PHE A 164 27.45 1.91 -4.16
N ILE A 165 26.20 1.48 -3.93
CA ILE A 165 25.06 2.42 -4.15
C ILE A 165 25.24 3.63 -3.22
N THR A 166 25.56 3.38 -1.94
CA THR A 166 25.68 4.47 -0.95
C THR A 166 26.84 5.39 -1.39
N THR A 167 27.98 4.82 -1.78
CA THR A 167 29.16 5.61 -2.16
C THR A 167 28.78 6.50 -3.36
N ILE A 168 28.16 5.89 -4.39
CA ILE A 168 27.92 6.61 -5.66
C ILE A 168 26.84 7.69 -5.43
N ILE A 169 25.84 7.42 -4.61
CA ILE A 169 24.78 8.44 -4.32
C ILE A 169 25.32 9.57 -3.44
N ASN A 170 26.08 9.22 -2.41
CA ASN A 170 26.33 10.14 -1.26
C ASN A 170 27.69 10.81 -1.33
N MET A 171 28.65 10.32 -2.13
CA MET A 171 30.06 10.78 -1.93
C MET A 171 30.66 11.42 -3.18
N LYS A 172 29.82 11.97 -4.04
CA LYS A 172 30.29 12.77 -5.18
C LYS A 172 30.56 14.18 -4.69
N PRO A 173 31.31 14.99 -5.46
CA PRO A 173 31.43 16.41 -5.13
C PRO A 173 30.03 17.00 -5.13
N PRO A 174 29.77 17.97 -4.23
CA PRO A 174 28.40 18.49 -4.10
C PRO A 174 27.86 19.13 -5.38
N ALA A 175 28.72 19.68 -6.25
CA ALA A 175 28.29 20.23 -7.55
C ALA A 175 27.99 19.13 -8.58
N MET A 176 28.51 17.91 -8.40
CA MET A 176 28.39 16.85 -9.45
C MET A 176 27.01 16.17 -9.33
N SER A 177 26.17 16.30 -10.34
CA SER A 177 24.91 15.53 -10.35
C SER A 177 25.20 14.09 -10.80
N GLN A 178 24.18 13.25 -10.71
CA GLN A 178 24.31 11.88 -11.25
C GLN A 178 24.63 11.94 -12.75
N TYR A 179 24.22 13.00 -13.44
CA TYR A 179 24.42 13.14 -14.90
C TYR A 179 25.80 13.74 -15.21
N GLN A 180 26.69 13.84 -14.23
CA GLN A 180 28.09 14.26 -14.44
C GLN A 180 29.04 13.19 -13.93
N THR A 181 28.54 11.97 -13.71
CA THR A 181 29.42 10.86 -13.28
C THR A 181 29.77 10.04 -14.50
N PRO A 182 30.98 9.48 -14.53
CA PRO A 182 31.37 8.66 -15.67
C PRO A 182 30.50 7.38 -15.85
N LEU A 183 30.43 6.90 -17.09
CA LEU A 183 29.62 5.73 -17.43
C LEU A 183 30.05 4.49 -16.63
N PHE A 184 31.33 4.32 -16.30
CA PHE A 184 31.70 3.12 -15.50
C PHE A 184 31.01 3.18 -14.13
N VAL A 185 30.96 4.39 -13.57
CA VAL A 185 30.30 4.60 -12.25
C VAL A 185 28.81 4.27 -12.37
N TRP A 186 28.13 4.73 -13.41
CA TRP A 186 26.73 4.31 -13.67
C TRP A 186 26.63 2.79 -13.77
N SER A 187 27.54 2.17 -14.52
CA SER A 187 27.47 0.70 -14.76
C SER A 187 27.54 -0.06 -13.42
N VAL A 188 28.36 0.40 -12.48
CA VAL A 188 28.51 -0.23 -11.15
C VAL A 188 27.26 0.04 -10.30
N MET A 189 26.73 1.25 -10.30
CA MET A 189 25.51 1.57 -9.52
C MET A 189 24.35 0.67 -10.00
N ILE A 190 24.16 0.55 -11.32
CA ILE A 190 23.02 -0.26 -11.85
C ILE A 190 23.26 -1.75 -11.51
N THR A 191 24.49 -2.24 -11.66
CA THR A 191 24.82 -3.63 -11.34
C THR A 191 24.49 -3.85 -9.84
N ALA A 192 24.88 -2.90 -8.99
CA ALA A 192 24.66 -2.99 -7.53
C ALA A 192 23.14 -3.07 -7.23
N VAL A 193 22.33 -2.27 -7.91
CA VAL A 193 20.86 -2.37 -7.71
C VAL A 193 20.36 -3.77 -8.11
N LEU A 194 20.84 -4.29 -9.24
CA LEU A 194 20.44 -5.65 -9.66
C LEU A 194 20.82 -6.70 -8.58
N LEU A 195 22.03 -6.60 -8.01
CA LEU A 195 22.50 -7.55 -7.00
C LEU A 195 21.58 -7.46 -5.79
N LEU A 196 21.28 -6.23 -5.35
CA LEU A 196 20.52 -6.01 -4.10
C LEU A 196 19.13 -6.66 -4.21
N LEU A 197 18.52 -6.63 -5.41
CA LEU A 197 17.15 -7.13 -5.59
C LEU A 197 17.13 -8.63 -5.93
N SER A 198 18.11 -9.13 -6.67
CA SER A 198 18.10 -10.51 -7.21
C SER A 198 18.67 -11.51 -6.17
N LEU A 199 19.79 -11.21 -5.56
CA LEU A 199 20.46 -12.22 -4.69
C LEU A 199 19.55 -12.65 -3.55
N PRO A 200 18.73 -11.77 -2.93
CA PRO A 200 17.87 -12.25 -1.85
C PRO A 200 16.87 -13.31 -2.33
N VAL A 201 16.47 -13.26 -3.61
CA VAL A 201 15.47 -14.25 -4.10
C VAL A 201 16.21 -15.55 -4.31
N LEU A 202 17.45 -15.51 -4.83
CA LEU A 202 18.26 -16.75 -4.88
C LEU A 202 18.42 -17.31 -3.47
N ALA A 203 18.73 -16.44 -2.50
CA ALA A 203 18.94 -16.85 -1.11
C ALA A 203 17.72 -17.60 -0.62
N ALA A 204 16.54 -17.05 -0.89
CA ALA A 204 15.29 -17.71 -0.45
C ALA A 204 15.23 -19.12 -1.10
N GLY A 205 15.39 -19.17 -2.41
CA GLY A 205 15.26 -20.44 -3.16
C GLY A 205 16.25 -21.52 -2.70
N ILE A 206 17.52 -21.18 -2.54
CA ILE A 206 18.53 -22.21 -2.16
C ILE A 206 18.38 -22.56 -0.68
N THR A 207 17.84 -21.63 0.10
CA THR A 207 17.50 -21.94 1.50
C THR A 207 16.36 -22.98 1.54
N MET A 208 15.34 -22.80 0.70
N MET A 208 15.36 -22.83 0.67
CA MET A 208 14.26 -23.79 0.55
CA MET A 208 14.26 -23.81 0.60
C MET A 208 14.88 -25.14 0.13
C MET A 208 14.80 -25.14 0.05
N LEU A 209 15.83 -25.12 -0.79
CA LEU A 209 16.47 -26.39 -1.20
C LEU A 209 17.19 -27.04 0.00
N LEU A 210 17.86 -26.23 0.79
CA LEU A 210 18.59 -26.70 2.01
C LEU A 210 17.60 -27.34 2.98
N THR A 211 16.44 -26.71 3.20
CA THR A 211 15.46 -27.26 4.16
C THR A 211 14.81 -28.50 3.54
N ASP A 212 14.58 -28.55 2.22
CA ASP A 212 14.02 -29.79 1.60
C ASP A 212 15.05 -30.93 1.84
N ARG A 213 16.33 -30.62 1.79
CA ARG A 213 17.41 -31.65 1.93
C ARG A 213 17.62 -32.07 3.39
N ASN A 214 17.33 -31.21 4.39
CA ASN A 214 17.79 -31.43 5.77
C ASN A 214 16.69 -31.32 6.84
N LEU A 215 15.56 -30.65 6.56
CA LEU A 215 14.53 -30.38 7.61
C LEU A 215 13.18 -30.96 7.19
N ASN A 216 13.15 -31.80 6.17
CA ASN A 216 11.92 -32.50 5.73
C ASN A 216 10.84 -31.50 5.25
N THR A 217 11.22 -30.33 4.75
CA THR A 217 10.30 -29.49 3.97
C THR A 217 10.09 -30.12 2.60
N THR A 218 9.07 -29.63 1.90
CA THR A 218 8.69 -30.17 0.59
C THR A 218 8.32 -29.04 -0.37
N PHE A 219 9.03 -27.93 -0.34
CA PHE A 219 8.82 -26.84 -1.31
C PHE A 219 8.84 -27.38 -2.74
N PHE A 220 9.79 -28.27 -3.02
CA PHE A 220 10.05 -28.68 -4.41
C PHE A 220 9.71 -30.17 -4.60
N ASP A 221 9.04 -30.80 -3.65
CA ASP A 221 8.83 -32.27 -3.62
C ASP A 221 7.34 -32.52 -3.79
N PRO A 222 6.89 -33.06 -4.93
CA PRO A 222 5.46 -33.24 -5.16
C PRO A 222 4.78 -34.11 -4.10
N ALA A 223 5.50 -35.08 -3.51
CA ALA A 223 4.93 -35.92 -2.42
C ALA A 223 4.30 -35.05 -1.34
N GLY A 224 4.87 -33.87 -1.03
CA GLY A 224 4.34 -32.94 -0.02
C GLY A 224 3.47 -31.84 -0.60
N GLY A 225 3.19 -31.87 -1.91
CA GLY A 225 2.45 -30.80 -2.61
C GLY A 225 3.37 -29.71 -3.16
N GLY A 226 4.68 -29.95 -3.14
CA GLY A 226 5.65 -28.99 -3.72
C GLY A 226 5.79 -29.17 -5.24
N ASP A 227 6.72 -28.45 -5.83
CA ASP A 227 6.83 -28.33 -7.27
C ASP A 227 8.28 -28.02 -7.64
N PRO A 228 8.96 -28.92 -8.36
CA PRO A 228 10.31 -28.63 -8.85
C PRO A 228 10.37 -27.34 -9.67
N ILE A 229 9.27 -26.99 -10.36
CA ILE A 229 9.26 -25.80 -11.25
C ILE A 229 9.29 -24.52 -10.41
N LEU A 230 8.81 -24.56 -9.16
CA LEU A 230 8.91 -23.36 -8.31
C LEU A 230 10.40 -23.00 -8.12
N TYR A 231 11.26 -23.99 -7.86
CA TYR A 231 12.71 -23.73 -7.71
C TYR A 231 13.24 -22.99 -8.95
N GLN A 232 12.84 -23.43 -10.14
CA GLN A 232 13.36 -22.87 -11.41
C GLN A 232 12.95 -21.39 -11.49
N HIS A 233 11.70 -21.07 -11.14
CA HIS A 233 11.27 -19.65 -11.15
C HIS A 233 12.12 -18.81 -10.18
N LEU A 234 12.34 -19.30 -8.96
CA LEU A 234 13.11 -18.54 -7.96
C LEU A 234 14.55 -18.38 -8.44
N PHE A 235 15.14 -19.48 -8.96
CA PHE A 235 16.54 -19.44 -9.44
C PHE A 235 16.65 -18.39 -10.57
N TRP A 236 15.80 -18.51 -11.60
CA TRP A 236 15.93 -17.68 -12.81
C TRP A 236 15.50 -16.24 -12.54
N PHE A 237 14.64 -16.00 -11.56
CA PHE A 237 14.32 -14.62 -11.18
C PHE A 237 15.62 -13.93 -10.78
N PHE A 238 16.55 -14.67 -10.15
CA PHE A 238 17.92 -14.17 -9.89
C PHE A 238 18.78 -14.31 -11.17
N GLY A 239 18.70 -15.46 -11.84
CA GLY A 239 19.71 -15.84 -12.84
C GLY A 239 19.69 -14.96 -14.10
N HIS A 240 18.53 -14.41 -14.52
CA HIS A 240 18.56 -13.49 -15.68
C HIS A 240 19.22 -12.18 -15.23
N PRO A 241 18.77 -11.53 -14.16
CA PRO A 241 19.52 -10.35 -13.69
C PRO A 241 21.02 -10.63 -13.55
N GLU A 242 21.40 -11.82 -13.04
CA GLU A 242 22.81 -12.16 -12.86
C GLU A 242 23.58 -11.99 -14.18
N VAL A 243 23.02 -12.39 -15.34
CA VAL A 243 23.82 -12.23 -16.58
C VAL A 243 23.99 -10.74 -16.91
N TYR A 244 23.04 -9.89 -16.57
CA TYR A 244 23.21 -8.44 -16.77
C TYR A 244 24.26 -7.89 -15.78
N ILE A 245 24.28 -8.41 -14.56
CA ILE A 245 25.30 -8.12 -13.53
C ILE A 245 26.69 -8.46 -14.08
N LEU A 246 26.78 -9.55 -14.83
CA LEU A 246 28.07 -9.99 -15.39
C LEU A 246 28.51 -9.06 -16.52
N ILE A 247 27.60 -8.48 -17.30
CA ILE A 247 28.04 -7.70 -18.48
C ILE A 247 28.03 -6.20 -18.21
N LEU A 248 27.19 -5.67 -17.30
CA LEU A 248 27.03 -4.18 -17.19
C LEU A 248 28.35 -3.50 -16.85
N PRO A 249 29.16 -3.97 -15.88
CA PRO A 249 30.44 -3.32 -15.62
C PRO A 249 31.42 -3.44 -16.82
N GLY A 250 31.27 -4.51 -17.62
CA GLY A 250 31.96 -4.62 -18.90
C GLY A 250 31.56 -3.51 -19.83
N PHE A 251 30.26 -3.31 -20.02
CA PHE A 251 29.76 -2.18 -20.84
C PHE A 251 30.42 -0.88 -20.34
N GLY A 252 30.45 -0.65 -19.02
CA GLY A 252 31.04 0.60 -18.50
C GLY A 252 32.51 0.72 -18.86
N MET A 253 33.28 -0.37 -18.70
CA MET A 253 34.73 -0.32 -19.04
C MET A 253 34.90 -0.11 -20.56
N ILE A 254 34.10 -0.78 -21.38
CA ILE A 254 34.16 -0.61 -22.85
C ILE A 254 33.94 0.87 -23.20
N SER A 255 32.91 1.51 -22.64
CA SER A 255 32.70 2.95 -22.88
C SER A 255 33.99 3.74 -22.60
N HIS A 256 34.66 3.48 -21.48
CA HIS A 256 35.87 4.28 -21.12
C HIS A 256 37.03 3.96 -22.08
N ILE A 257 37.20 2.70 -22.45
CA ILE A 257 38.34 2.25 -23.30
C ILE A 257 38.14 2.79 -24.73
N VAL A 258 36.92 2.66 -25.28
CA VAL A 258 36.64 3.17 -26.63
C VAL A 258 36.86 4.69 -26.67
N THR A 259 36.40 5.40 -25.64
CA THR A 259 36.52 6.86 -25.59
C THR A 259 38.01 7.21 -25.59
N TYR A 260 38.75 6.59 -24.69
CA TYR A 260 40.17 6.91 -24.41
C TYR A 260 41.00 6.67 -25.69
N TYR A 261 40.90 5.48 -26.29
CA TYR A 261 41.78 5.11 -27.42
C TYR A 261 41.22 5.68 -28.73
N SER A 262 40.04 6.29 -28.74
CA SER A 262 39.59 7.11 -29.88
C SER A 262 40.10 8.56 -29.77
N GLY A 263 40.74 8.91 -28.67
CA GLY A 263 41.22 10.29 -28.47
C GLY A 263 40.09 11.26 -28.22
N LYS A 264 38.99 10.80 -27.67
CA LYS A 264 37.79 11.63 -27.41
C LYS A 264 37.76 12.03 -25.93
N LYS A 265 37.13 13.16 -25.67
CA LYS A 265 36.97 13.68 -24.31
C LYS A 265 35.75 12.99 -23.66
N GLU A 266 34.86 12.39 -24.46
CA GLU A 266 33.59 11.87 -23.97
C GLU A 266 33.03 10.82 -24.92
N PRO A 267 32.25 9.87 -24.37
CA PRO A 267 31.56 8.90 -25.20
C PRO A 267 30.48 9.61 -26.01
N PHE A 268 30.11 9.02 -27.13
CA PHE A 268 28.94 9.50 -27.92
C PHE A 268 27.66 9.21 -27.12
N GLY A 269 26.77 10.21 -27.01
CA GLY A 269 25.40 10.03 -26.52
C GLY A 269 25.37 9.54 -25.06
N TYR A 270 26.01 10.27 -24.16
CA TYR A 270 26.12 9.95 -22.72
C TYR A 270 24.73 9.60 -22.15
N MET A 271 23.73 10.48 -22.31
CA MET A 271 22.41 10.22 -21.68
C MET A 271 21.76 8.98 -22.29
N GLY A 272 21.94 8.71 -23.60
CA GLY A 272 21.46 7.47 -24.23
C GLY A 272 22.13 6.25 -23.60
N MET A 273 23.41 6.36 -23.23
CA MET A 273 24.16 5.22 -22.63
C MET A 273 23.62 4.96 -21.22
N VAL A 274 23.32 6.03 -20.48
CA VAL A 274 22.68 5.92 -19.14
C VAL A 274 21.30 5.28 -19.31
N TRP A 275 20.49 5.82 -20.21
CA TRP A 275 19.15 5.26 -20.50
C TRP A 275 19.26 3.79 -20.84
N ALA A 276 20.20 3.42 -21.70
CA ALA A 276 20.32 2.02 -22.16
C ALA A 276 20.62 1.10 -20.99
N MET A 277 21.57 1.49 -20.13
CA MET A 277 21.94 0.63 -19.00
C MET A 277 20.77 0.52 -18.02
N MET A 278 20.03 1.61 -17.76
N MET A 278 20.05 1.62 -17.76
CA MET A 278 18.89 1.53 -16.82
CA MET A 278 18.88 1.61 -16.87
C MET A 278 17.79 0.67 -17.45
C MET A 278 17.82 0.67 -17.45
N SER A 279 17.57 0.78 -18.76
CA SER A 279 16.53 0.02 -19.47
C SER A 279 16.86 -1.47 -19.43
N ILE A 280 18.12 -1.80 -19.68
CA ILE A 280 18.56 -3.22 -19.64
C ILE A 280 18.38 -3.73 -18.24
N GLY A 281 18.76 -2.94 -17.22
CA GLY A 281 18.58 -3.39 -15.84
C GLY A 281 17.13 -3.71 -15.50
N PHE A 282 16.22 -2.81 -15.89
CA PHE A 282 14.78 -2.98 -15.61
C PHE A 282 14.24 -4.21 -16.37
N LEU A 283 14.43 -4.25 -17.68
CA LEU A 283 13.90 -5.34 -18.51
C LEU A 283 14.47 -6.67 -18.05
N GLY A 284 15.67 -6.66 -17.51
CA GLY A 284 16.34 -7.85 -16.99
C GLY A 284 15.58 -8.55 -15.87
N PHE A 285 14.62 -7.88 -15.22
CA PHE A 285 13.81 -8.47 -14.14
C PHE A 285 12.50 -9.10 -14.64
N ILE A 286 12.13 -8.90 -15.89
CA ILE A 286 10.78 -9.30 -16.35
C ILE A 286 10.82 -10.34 -17.48
N VAL A 287 11.92 -11.09 -17.59
CA VAL A 287 12.16 -11.98 -18.75
C VAL A 287 12.59 -13.40 -18.33
N TRP A 288 12.66 -13.71 -17.03
CA TRP A 288 13.40 -14.91 -16.52
C TRP A 288 12.88 -16.19 -17.14
N ALA A 289 11.59 -16.27 -17.47
CA ALA A 289 11.04 -17.57 -17.85
C ALA A 289 11.41 -17.96 -19.29
N HIS A 290 12.24 -17.17 -19.98
CA HIS A 290 12.87 -17.65 -21.24
C HIS A 290 13.89 -18.76 -20.95
N HIS A 291 14.19 -19.03 -19.68
CA HIS A 291 14.99 -20.23 -19.25
C HIS A 291 14.10 -21.46 -19.06
N MET A 292 12.79 -21.35 -19.33
CA MET A 292 11.81 -22.37 -18.92
C MET A 292 10.81 -22.65 -20.05
N PHE A 293 11.19 -22.42 -21.30
CA PHE A 293 10.24 -22.58 -22.43
C PHE A 293 9.83 -24.04 -22.64
N THR A 294 10.55 -25.01 -22.13
CA THR A 294 10.21 -26.45 -22.33
C THR A 294 9.56 -27.08 -21.10
N VAL A 295 9.26 -26.32 -20.05
CA VAL A 295 8.82 -26.92 -18.76
C VAL A 295 7.31 -27.21 -18.81
N GLY A 296 6.60 -26.70 -19.81
CA GLY A 296 5.12 -26.83 -19.87
C GLY A 296 4.35 -25.60 -19.42
N MET A 297 4.85 -24.36 -19.46
N MET A 297 4.71 -24.57 -20.16
CA MET A 297 4.01 -23.15 -19.12
CA MET A 297 4.31 -23.17 -19.99
C MET A 297 2.94 -22.93 -20.21
C MET A 297 3.08 -22.90 -20.86
N ASP A 298 1.93 -22.06 -19.97
N ASP A 298 2.00 -22.38 -20.28
CA ASP A 298 0.83 -21.75 -20.92
CA ASP A 298 0.85 -21.92 -21.09
C ASP A 298 1.36 -20.96 -22.15
C ASP A 298 1.40 -21.04 -22.21
N VAL A 299 0.71 -21.08 -23.33
CA VAL A 299 1.13 -20.40 -24.58
C VAL A 299 1.20 -18.87 -24.42
N ASP A 300 0.27 -18.26 -23.73
CA ASP A 300 0.25 -16.77 -23.63
C ASP A 300 1.48 -16.32 -22.79
N THR A 301 1.85 -17.09 -21.79
CA THR A 301 3.03 -16.85 -20.97
C THR A 301 4.27 -16.96 -21.88
N ARG A 302 4.34 -17.98 -22.72
CA ARG A 302 5.47 -18.11 -23.68
C ARG A 302 5.53 -16.91 -24.63
N ALA A 303 4.36 -16.42 -25.07
CA ALA A 303 4.28 -15.28 -26.00
C ALA A 303 4.83 -14.03 -25.31
N TYR A 304 4.42 -13.80 -24.06
CA TYR A 304 4.87 -12.63 -23.27
C TYR A 304 6.40 -12.73 -23.12
N PHE A 305 6.93 -13.87 -22.68
CA PHE A 305 8.38 -13.97 -22.36
C PHE A 305 9.20 -13.83 -23.65
N THR A 306 8.71 -14.35 -24.77
CA THR A 306 9.36 -14.12 -26.08
C THR A 306 9.49 -12.62 -26.37
N SER A 307 8.38 -11.91 -26.27
CA SER A 307 8.27 -10.48 -26.67
C SER A 307 9.12 -9.61 -25.73
N ALA A 308 8.98 -9.78 -24.43
CA ALA A 308 9.67 -8.96 -23.44
C ALA A 308 11.20 -9.18 -23.61
N THR A 309 11.62 -10.41 -23.86
CA THR A 309 13.06 -10.71 -23.98
C THR A 309 13.59 -9.96 -25.21
N MET A 310 12.86 -9.99 -26.34
CA MET A 310 13.38 -9.35 -27.57
C MET A 310 13.59 -7.84 -27.40
N ILE A 311 12.77 -7.19 -26.56
N ILE A 311 12.74 -7.14 -26.65
CA ILE A 311 12.81 -5.71 -26.31
CA ILE A 311 12.81 -5.66 -26.70
C ILE A 311 14.24 -5.32 -25.88
C ILE A 311 14.13 -5.20 -26.07
N ILE A 312 14.94 -6.16 -25.12
N ILE A 312 14.83 -6.02 -25.29
CA ILE A 312 16.31 -5.84 -24.63
CA ILE A 312 16.14 -5.63 -24.70
C ILE A 312 17.24 -5.45 -25.80
C ILE A 312 17.19 -5.38 -25.82
N ALA A 313 16.98 -5.93 -27.03
CA ALA A 313 17.85 -5.62 -28.19
C ALA A 313 17.85 -4.11 -28.46
N ILE A 314 16.78 -3.39 -28.13
CA ILE A 314 16.71 -1.95 -28.50
C ILE A 314 17.71 -1.13 -27.67
N PRO A 315 17.64 -1.12 -26.32
CA PRO A 315 18.65 -0.36 -25.59
C PRO A 315 20.07 -0.89 -25.83
N THR A 316 20.21 -2.21 -26.00
CA THR A 316 21.56 -2.79 -26.20
C THR A 316 22.12 -2.27 -27.54
N GLY A 317 21.28 -2.17 -28.57
CA GLY A 317 21.73 -1.65 -29.86
C GLY A 317 22.15 -0.20 -29.78
N VAL A 318 21.45 0.60 -28.97
CA VAL A 318 21.89 2.00 -28.77
C VAL A 318 23.32 2.01 -28.23
N LYS A 319 23.65 1.11 -27.30
CA LYS A 319 25.03 1.09 -26.77
C LYS A 319 26.01 0.72 -27.89
N VAL A 320 25.71 -0.33 -28.65
CA VAL A 320 26.66 -0.80 -29.70
C VAL A 320 26.88 0.34 -30.70
N PHE A 321 25.79 0.94 -31.17
CA PHE A 321 25.91 2.04 -32.14
C PHE A 321 26.65 3.25 -31.53
N SER A 322 26.44 3.54 -30.25
CA SER A 322 27.09 4.66 -29.58
C SER A 322 28.60 4.40 -29.46
N TRP A 323 29.01 3.16 -29.24
CA TRP A 323 30.46 2.81 -29.25
C TRP A 323 31.04 3.06 -30.65
N LEU A 324 30.34 2.64 -31.68
CA LEU A 324 30.79 2.87 -33.08
C LEU A 324 30.87 4.37 -33.34
N ALA A 325 29.89 5.13 -32.86
CA ALA A 325 29.88 6.60 -33.05
C ALA A 325 31.00 7.27 -32.22
N THR A 326 31.48 6.65 -31.15
CA THR A 326 32.62 7.16 -30.36
C THR A 326 33.91 6.94 -31.18
N LEU A 327 34.06 5.78 -31.83
CA LEU A 327 35.24 5.54 -32.72
C LEU A 327 35.26 6.57 -33.87
N HIS A 328 34.08 6.90 -34.41
CA HIS A 328 33.90 7.75 -35.61
C HIS A 328 34.69 9.05 -35.44
N GLY A 329 35.64 9.30 -36.31
CA GLY A 329 36.40 10.55 -36.25
C GLY A 329 37.52 10.52 -35.23
N GLY A 330 37.74 9.39 -34.57
CA GLY A 330 38.81 9.29 -33.57
C GLY A 330 40.20 9.40 -34.17
N ASN A 331 41.12 9.89 -33.37
CA ASN A 331 42.56 9.61 -33.55
C ASN A 331 42.81 8.24 -32.88
N ILE A 332 42.70 7.16 -33.63
CA ILE A 332 42.65 5.80 -33.06
C ILE A 332 44.04 5.39 -32.61
N LYS A 333 44.18 4.99 -31.37
CA LYS A 333 45.43 4.38 -30.90
C LYS A 333 45.15 2.88 -30.82
N TRP A 334 45.89 2.11 -31.59
CA TRP A 334 45.76 0.64 -31.69
C TRP A 334 46.51 -0.03 -30.53
N SER A 335 46.16 0.36 -29.34
CA SER A 335 46.67 -0.23 -28.09
C SER A 335 46.06 -1.63 -27.93
N PRO A 336 46.71 -2.48 -27.13
CA PRO A 336 46.11 -3.77 -26.79
C PRO A 336 44.71 -3.62 -26.18
N ALA A 337 44.50 -2.64 -25.29
CA ALA A 337 43.18 -2.43 -24.67
C ALA A 337 42.14 -2.16 -25.77
N MET A 338 42.49 -1.36 -26.78
CA MET A 338 41.54 -1.03 -27.86
C MET A 338 41.21 -2.31 -28.63
N MET A 339 42.19 -3.18 -28.85
CA MET A 339 41.91 -4.44 -29.57
C MET A 339 40.89 -5.28 -28.78
N TRP A 340 41.06 -5.42 -27.46
CA TRP A 340 40.09 -6.12 -26.60
C TRP A 340 38.70 -5.50 -26.78
N ALA A 341 38.63 -4.18 -26.79
CA ALA A 341 37.34 -3.49 -26.83
C ALA A 341 36.70 -3.69 -28.19
N LEU A 342 37.47 -3.59 -29.27
CA LEU A 342 36.90 -3.82 -30.61
C LEU A 342 36.44 -5.27 -30.75
N GLY A 343 37.25 -6.24 -30.28
CA GLY A 343 36.78 -7.63 -30.26
C GLY A 343 35.47 -7.75 -29.50
N PHE A 344 35.37 -7.07 -28.34
CA PHE A 344 34.14 -7.10 -27.51
C PHE A 344 32.93 -6.65 -28.36
N ILE A 345 33.05 -5.50 -29.02
CA ILE A 345 31.86 -4.91 -29.72
C ILE A 345 31.31 -5.94 -30.72
N PHE A 346 32.19 -6.56 -31.48
CA PHE A 346 31.76 -7.50 -32.53
C PHE A 346 31.24 -8.81 -31.90
N LEU A 347 32.02 -9.43 -31.02
CA LEU A 347 31.73 -10.79 -30.53
C LEU A 347 30.54 -10.73 -29.56
N PHE A 348 30.41 -9.65 -28.79
CA PHE A 348 29.22 -9.46 -27.91
C PHE A 348 27.98 -9.37 -28.82
N THR A 349 28.09 -8.61 -29.92
CA THR A 349 26.97 -8.45 -30.86
C THR A 349 26.56 -9.84 -31.38
N VAL A 350 27.49 -10.65 -31.83
CA VAL A 350 27.12 -12.01 -32.30
C VAL A 350 26.37 -12.78 -31.20
N GLY A 351 26.91 -12.81 -29.99
CA GLY A 351 26.26 -13.59 -28.91
C GLY A 351 24.92 -12.98 -28.53
N GLY A 352 24.77 -11.66 -28.61
CA GLY A 352 23.47 -11.06 -28.32
C GLY A 352 22.47 -11.45 -29.38
N LEU A 353 22.89 -11.55 -30.63
CA LEU A 353 21.97 -11.94 -31.72
C LEU A 353 21.57 -13.41 -31.57
N THR A 354 22.46 -14.30 -31.14
CA THR A 354 22.01 -15.70 -30.95
C THR A 354 21.10 -15.77 -29.72
N GLY A 355 21.24 -14.84 -28.77
CA GLY A 355 20.25 -14.72 -27.68
C GLY A 355 18.86 -14.38 -28.23
N ILE A 356 18.78 -13.46 -29.19
CA ILE A 356 17.48 -13.10 -29.81
C ILE A 356 16.91 -14.31 -30.54
N VAL A 357 17.73 -15.14 -31.17
CA VAL A 357 17.21 -16.40 -31.75
C VAL A 357 16.51 -17.22 -30.63
N LEU A 358 17.23 -17.47 -29.53
CA LEU A 358 16.75 -18.26 -28.38
C LEU A 358 15.50 -17.64 -27.73
N ALA A 359 15.31 -16.33 -27.81
CA ALA A 359 14.17 -15.64 -27.19
C ALA A 359 12.86 -16.14 -27.83
N ASN A 360 12.93 -16.67 -29.04
CA ASN A 360 11.76 -17.19 -29.76
C ASN A 360 11.39 -18.56 -29.19
N SER A 361 10.39 -18.66 -28.30
N SER A 361 10.35 -18.60 -28.34
CA SER A 361 10.06 -19.92 -27.59
CA SER A 361 9.89 -19.79 -27.59
C SER A 361 9.90 -21.06 -28.59
C SER A 361 9.64 -20.95 -28.55
N SER A 362 9.19 -20.86 -29.70
N SER A 362 9.23 -20.68 -29.79
CA SER A 362 8.94 -21.92 -30.71
CA SER A 362 8.90 -21.76 -30.76
C SER A 362 10.30 -22.49 -31.16
C SER A 362 10.21 -22.42 -31.22
N LEU A 363 11.23 -21.63 -31.57
CA LEU A 363 12.55 -22.17 -31.97
C LEU A 363 13.32 -22.72 -30.76
N ASP A 364 13.15 -22.12 -29.59
CA ASP A 364 13.88 -22.55 -28.37
C ASP A 364 13.47 -24.00 -28.01
N ILE A 365 12.27 -24.46 -28.41
CA ILE A 365 11.93 -25.88 -28.14
C ILE A 365 13.08 -26.76 -28.65
N VAL A 366 13.58 -26.48 -29.85
CA VAL A 366 14.60 -27.32 -30.49
C VAL A 366 16.00 -26.93 -30.01
N LEU A 367 16.21 -25.71 -29.57
CA LEU A 367 17.57 -25.25 -29.21
C LEU A 367 17.86 -25.41 -27.72
N HIS A 368 16.82 -25.43 -26.88
CA HIS A 368 16.97 -25.51 -25.41
C HIS A 368 17.77 -26.76 -25.03
N ASP A 369 18.67 -26.63 -24.04
CA ASP A 369 19.44 -27.78 -23.53
C ASP A 369 20.25 -28.39 -24.68
N THR A 370 20.69 -27.54 -25.62
CA THR A 370 21.64 -27.93 -26.69
C THR A 370 22.87 -26.98 -26.66
N TYR A 371 23.90 -27.35 -27.41
CA TYR A 371 25.09 -26.52 -27.51
C TYR A 371 24.80 -25.18 -28.18
N TYR A 372 23.63 -24.95 -28.79
CA TYR A 372 23.36 -23.61 -29.32
C TYR A 372 23.34 -22.58 -28.15
N VAL A 373 22.77 -22.99 -27.02
CA VAL A 373 22.72 -22.13 -25.82
C VAL A 373 24.16 -21.90 -25.33
N VAL A 374 24.96 -22.97 -25.31
CA VAL A 374 26.37 -22.89 -24.87
C VAL A 374 27.13 -21.90 -25.78
N ALA A 375 26.87 -21.93 -27.10
CA ALA A 375 27.52 -21.01 -28.04
C ALA A 375 27.08 -19.56 -27.72
N HIS A 376 25.79 -19.34 -27.60
CA HIS A 376 25.27 -18.01 -27.20
C HIS A 376 26.05 -17.51 -25.97
N PHE A 377 26.04 -18.24 -24.85
CA PHE A 377 26.49 -17.60 -23.61
C PHE A 377 28.01 -17.49 -23.56
N HIS A 378 28.75 -18.34 -24.29
CA HIS A 378 30.22 -18.15 -24.29
C HIS A 378 30.63 -16.99 -25.22
N TYR A 379 29.87 -16.65 -26.27
CA TYR A 379 30.12 -15.40 -27.02
C TYR A 379 29.97 -14.22 -26.06
N VAL A 380 28.93 -14.20 -25.24
CA VAL A 380 28.74 -12.98 -24.36
C VAL A 380 29.64 -13.06 -23.12
N LEU A 381 29.99 -14.25 -22.60
CA LEU A 381 30.82 -14.35 -21.38
C LEU A 381 32.32 -14.52 -21.70
N SER A 382 32.70 -15.54 -22.45
CA SER A 382 34.11 -15.84 -22.70
C SER A 382 34.66 -14.86 -23.78
N MET A 383 33.83 -14.19 -24.58
CA MET A 383 34.28 -13.12 -25.53
C MET A 383 33.73 -11.69 -25.28
N GLY A 384 32.76 -11.61 -24.44
CA GLY A 384 32.26 -10.31 -23.98
C GLY A 384 32.83 -9.97 -22.61
N ALA A 385 32.29 -10.54 -21.55
CA ALA A 385 32.76 -10.22 -20.18
C ALA A 385 34.27 -10.35 -20.12
N VAL A 386 34.84 -11.44 -20.65
CA VAL A 386 36.30 -11.66 -20.54
C VAL A 386 37.08 -10.60 -21.35
N PHE A 387 36.61 -10.24 -22.55
CA PHE A 387 37.32 -9.22 -23.37
C PHE A 387 37.27 -7.87 -22.65
N ALA A 388 36.14 -7.52 -22.03
CA ALA A 388 36.07 -6.26 -21.24
C ALA A 388 37.06 -6.33 -20.05
N ILE A 389 37.14 -7.49 -19.35
CA ILE A 389 38.11 -7.66 -18.23
C ILE A 389 39.54 -7.47 -18.76
N MET A 390 39.86 -8.12 -19.85
CA MET A 390 41.27 -8.04 -20.36
C MET A 390 41.55 -6.61 -20.84
N GLY A 391 40.62 -5.98 -21.52
CA GLY A 391 40.82 -4.58 -21.97
C GLY A 391 41.00 -3.66 -20.77
N GLY A 392 40.18 -3.85 -19.74
CA GLY A 392 40.29 -2.99 -18.55
C GLY A 392 41.61 -3.29 -17.83
N PHE A 393 42.00 -4.56 -17.77
CA PHE A 393 43.25 -4.94 -17.07
C PHE A 393 44.46 -4.28 -17.77
N VAL A 394 44.54 -4.37 -19.09
N VAL A 394 44.53 -4.43 -19.09
CA VAL A 394 45.74 -3.83 -19.79
CA VAL A 394 45.63 -3.83 -19.88
C VAL A 394 45.68 -2.29 -19.82
C VAL A 394 45.64 -2.31 -19.69
N HIS A 395 44.47 -1.70 -19.82
CA HIS A 395 44.34 -0.23 -19.78
C HIS A 395 44.75 0.30 -18.41
N TRP A 396 44.29 -0.32 -17.32
CA TRP A 396 44.47 0.25 -15.97
C TRP A 396 45.62 -0.37 -15.18
N PHE A 397 46.25 -1.44 -15.66
CA PHE A 397 47.41 -2.03 -14.97
C PHE A 397 48.44 -0.94 -14.62
N PRO A 398 48.80 0.00 -15.53
CA PRO A 398 49.80 1.01 -15.17
C PRO A 398 49.32 1.95 -14.07
N LEU A 399 48.03 2.20 -14.01
CA LEU A 399 47.49 3.04 -12.90
C LEU A 399 47.68 2.26 -11.60
N PHE A 400 47.24 0.99 -11.58
CA PHE A 400 47.24 0.20 -10.32
C PHE A 400 48.68 -0.07 -9.89
N SER A 401 49.60 -0.35 -10.82
CA SER A 401 50.92 -0.89 -10.45
C SER A 401 51.99 0.21 -10.48
N GLY A 402 51.82 1.22 -11.35
CA GLY A 402 52.89 2.18 -11.65
C GLY A 402 53.87 1.68 -12.71
N TYR A 403 53.64 0.50 -13.30
CA TYR A 403 54.53 -0.13 -14.30
C TYR A 403 53.78 -0.34 -15.61
N THR A 404 54.50 -0.34 -16.72
CA THR A 404 53.89 -0.64 -18.03
C THR A 404 54.07 -2.12 -18.39
N LEU A 405 53.08 -2.64 -19.09
CA LEU A 405 53.17 -3.91 -19.82
C LEU A 405 54.00 -3.72 -21.10
N ASN A 406 54.47 -4.83 -21.62
CA ASN A 406 55.05 -4.84 -22.97
C ASN A 406 53.88 -4.95 -23.96
N ASP A 407 53.63 -3.88 -24.70
CA ASP A 407 52.46 -3.77 -25.62
C ASP A 407 52.57 -4.83 -26.71
N THR A 408 53.76 -5.15 -27.16
CA THR A 408 53.88 -6.17 -28.24
C THR A 408 53.42 -7.53 -27.69
N TRP A 409 53.90 -7.90 -26.51
CA TRP A 409 53.44 -9.14 -25.85
C TRP A 409 51.92 -9.10 -25.68
N ALA A 410 51.37 -7.95 -25.25
CA ALA A 410 49.91 -7.90 -24.97
C ALA A 410 49.14 -8.10 -26.29
N LYS A 411 49.66 -7.57 -27.40
CA LYS A 411 49.01 -7.76 -28.73
C LYS A 411 49.09 -9.24 -29.14
N ILE A 412 50.22 -9.90 -28.87
CA ILE A 412 50.38 -11.35 -29.17
C ILE A 412 49.31 -12.12 -28.37
N HIS A 413 49.19 -11.80 -27.08
CA HIS A 413 48.21 -12.42 -26.16
C HIS A 413 46.81 -12.28 -26.75
N PHE A 414 46.41 -11.08 -27.13
CA PHE A 414 45.10 -10.82 -27.75
C PHE A 414 44.90 -11.73 -28.97
N ALA A 415 45.89 -11.79 -29.86
CA ALA A 415 45.74 -12.53 -31.13
C ALA A 415 45.51 -14.02 -30.81
N ILE A 416 46.28 -14.57 -29.87
CA ILE A 416 46.16 -16.04 -29.57
C ILE A 416 44.77 -16.29 -28.98
N MET A 417 44.36 -15.46 -28.00
N MET A 417 44.38 -15.47 -27.99
CA MET A 417 43.06 -15.63 -27.30
CA MET A 417 43.06 -15.63 -27.33
C MET A 417 41.89 -15.48 -28.30
C MET A 417 41.95 -15.56 -28.39
N PHE A 418 42.01 -14.55 -29.26
CA PHE A 418 40.96 -14.31 -30.26
C PHE A 418 40.76 -15.58 -31.10
N VAL A 419 41.88 -16.18 -31.51
CA VAL A 419 41.81 -17.41 -32.33
C VAL A 419 41.20 -18.52 -31.45
N GLY A 420 41.71 -18.71 -30.24
CA GLY A 420 41.28 -19.83 -29.40
C GLY A 420 39.80 -19.78 -29.07
N VAL A 421 39.27 -18.62 -28.69
CA VAL A 421 37.85 -18.59 -28.22
C VAL A 421 36.93 -18.80 -29.44
N ASN A 422 37.27 -18.25 -30.60
CA ASN A 422 36.43 -18.43 -31.79
C ASN A 422 36.48 -19.90 -32.25
N MET A 423 37.66 -20.53 -32.24
N MET A 423 37.65 -20.53 -32.24
CA MET A 423 37.79 -21.95 -32.64
CA MET A 423 37.75 -21.94 -32.65
C MET A 423 37.00 -22.81 -31.65
C MET A 423 36.98 -22.82 -31.65
N THR A 424 36.98 -22.45 -30.37
CA THR A 424 36.26 -23.21 -29.34
C THR A 424 34.75 -23.12 -29.63
N PHE A 425 34.22 -21.92 -29.76
CA PHE A 425 32.76 -21.73 -29.59
C PHE A 425 32.02 -21.63 -30.93
N PHE A 426 32.64 -21.14 -32.00
CA PHE A 426 31.89 -21.01 -33.28
C PHE A 426 31.29 -22.35 -33.68
N PRO A 427 32.03 -23.48 -33.66
CA PRO A 427 31.46 -24.74 -34.11
C PRO A 427 30.33 -25.27 -33.21
N GLN A 428 30.20 -24.77 -31.98
CA GLN A 428 29.16 -25.23 -31.05
C GLN A 428 27.79 -24.82 -31.59
N HIS A 429 27.69 -23.74 -32.41
CA HIS A 429 26.41 -23.42 -33.07
C HIS A 429 25.93 -24.64 -33.88
N PHE A 430 26.85 -25.28 -34.61
CA PHE A 430 26.50 -26.41 -35.52
C PHE A 430 26.07 -27.60 -34.66
N LEU A 431 26.83 -27.88 -33.60
CA LEU A 431 26.48 -28.94 -32.65
C LEU A 431 25.09 -28.69 -32.04
N GLY A 432 24.75 -27.45 -31.71
CA GLY A 432 23.40 -27.17 -31.16
C GLY A 432 22.31 -27.32 -32.21
N LEU A 433 22.47 -26.73 -33.41
CA LEU A 433 21.42 -26.84 -34.45
C LEU A 433 21.17 -28.32 -34.74
N SER A 434 22.23 -29.12 -34.76
CA SER A 434 22.12 -30.54 -35.15
C SER A 434 21.73 -31.41 -33.94
N GLY A 435 21.55 -30.81 -32.75
CA GLY A 435 20.88 -31.51 -31.64
C GLY A 435 21.78 -32.07 -30.56
N MET A 436 23.05 -31.64 -30.47
CA MET A 436 23.90 -32.14 -29.35
C MET A 436 23.42 -31.54 -28.02
N PRO A 437 23.05 -32.40 -27.03
CA PRO A 437 22.60 -31.87 -25.75
C PRO A 437 23.71 -31.33 -24.86
N ARG A 438 23.30 -30.47 -23.94
CA ARG A 438 24.15 -29.98 -22.84
C ARG A 438 24.40 -31.08 -21.82
N ARG A 439 25.54 -30.92 -21.14
CA ARG A 439 25.90 -31.67 -19.91
C ARG A 439 26.08 -33.16 -20.25
N TYR A 440 26.54 -33.45 -21.47
CA TYR A 440 26.91 -34.79 -21.93
C TYR A 440 28.43 -35.01 -21.87
N SER A 441 28.84 -36.12 -21.27
CA SER A 441 30.26 -36.57 -21.26
C SER A 441 30.65 -37.22 -22.60
N ASP A 442 29.68 -37.61 -23.41
CA ASP A 442 29.96 -38.29 -24.70
C ASP A 442 28.79 -38.08 -25.65
N TYR A 443 29.05 -38.22 -26.95
CA TYR A 443 28.11 -37.81 -28.01
C TYR A 443 28.07 -38.88 -29.08
N PRO A 444 26.93 -39.00 -29.77
CA PRO A 444 26.85 -39.83 -30.97
C PRO A 444 27.98 -39.42 -31.94
N ASP A 445 28.44 -40.40 -32.71
CA ASP A 445 29.63 -40.32 -33.57
C ASP A 445 29.53 -39.13 -34.53
N ALA A 446 28.35 -38.80 -35.04
CA ALA A 446 28.16 -37.73 -36.05
C ALA A 446 28.72 -36.39 -35.54
N TYR A 447 28.73 -36.16 -34.23
CA TYR A 447 29.15 -34.86 -33.65
C TYR A 447 30.67 -34.75 -33.47
N THR A 448 31.45 -35.72 -33.94
CA THR A 448 32.89 -35.83 -33.63
C THR A 448 33.66 -34.62 -34.21
N MET A 449 33.48 -34.28 -35.50
CA MET A 449 34.37 -33.24 -36.10
C MET A 449 34.29 -31.96 -35.28
N TRP A 450 33.08 -31.46 -34.99
CA TRP A 450 32.98 -30.11 -34.36
C TRP A 450 33.48 -30.19 -32.91
N ASN A 451 33.26 -31.30 -32.21
CA ASN A 451 33.78 -31.46 -30.83
C ASN A 451 35.31 -31.47 -30.86
N THR A 452 35.89 -32.10 -31.88
CA THR A 452 37.36 -32.19 -31.99
C THR A 452 37.93 -30.77 -32.17
N ILE A 453 37.37 -30.01 -33.10
CA ILE A 453 37.83 -28.64 -33.40
C ILE A 453 37.62 -27.78 -32.16
N SER A 454 36.46 -27.90 -31.51
CA SER A 454 36.17 -27.08 -30.29
C SER A 454 37.26 -27.32 -29.22
N SER A 455 37.63 -28.59 -29.00
CA SER A 455 38.62 -28.94 -27.96
C SER A 455 40.00 -28.37 -28.37
N MET A 456 40.33 -28.43 -29.66
CA MET A 456 41.62 -27.85 -30.13
C MET A 456 41.63 -26.35 -29.83
N GLY A 457 40.49 -25.68 -30.04
CA GLY A 457 40.37 -24.24 -29.70
C GLY A 457 40.66 -23.98 -28.22
N SER A 458 40.16 -24.84 -27.34
CA SER A 458 40.31 -24.64 -25.89
C SER A 458 41.80 -24.68 -25.52
N PHE A 459 42.59 -25.50 -26.21
CA PHE A 459 44.04 -25.59 -25.93
C PHE A 459 44.74 -24.31 -26.37
N ILE A 460 44.28 -23.67 -27.45
CA ILE A 460 44.84 -22.37 -27.89
C ILE A 460 44.54 -21.31 -26.82
N SER A 461 43.32 -21.33 -26.26
CA SER A 461 42.98 -20.41 -25.17
C SER A 461 43.89 -20.68 -23.95
N LEU A 462 44.15 -21.94 -23.63
CA LEU A 462 45.10 -22.27 -22.51
C LEU A 462 46.44 -21.59 -22.78
N THR A 463 46.97 -21.72 -24.01
CA THR A 463 48.27 -21.10 -24.33
C THR A 463 48.21 -19.58 -24.04
N ALA A 464 47.12 -18.90 -24.41
CA ALA A 464 46.94 -17.46 -24.13
C ALA A 464 46.94 -17.19 -22.61
N VAL A 465 46.26 -18.03 -21.82
CA VAL A 465 46.23 -17.84 -20.35
C VAL A 465 47.64 -17.99 -19.76
N MET A 466 48.39 -18.97 -20.21
CA MET A 466 49.78 -19.15 -19.72
C MET A 466 50.61 -17.93 -20.10
N LEU A 467 50.45 -17.42 -21.31
CA LEU A 467 51.25 -16.28 -21.78
C LEU A 467 50.89 -15.04 -20.93
N MET A 468 49.61 -14.89 -20.55
CA MET A 468 49.18 -13.71 -19.77
C MET A 468 49.95 -13.69 -18.43
N VAL A 469 50.10 -14.83 -17.79
CA VAL A 469 50.86 -14.89 -16.50
C VAL A 469 52.31 -14.45 -16.77
N PHE A 470 52.92 -14.94 -17.84
CA PHE A 470 54.30 -14.51 -18.18
C PHE A 470 54.35 -12.98 -18.39
N ILE A 471 53.37 -12.44 -19.09
CA ILE A 471 53.38 -11.00 -19.44
C ILE A 471 53.27 -10.13 -18.16
N ILE A 472 52.45 -10.54 -17.21
CA ILE A 472 52.38 -9.82 -15.92
C ILE A 472 53.74 -9.96 -15.19
N TRP A 473 54.32 -11.15 -15.19
CA TRP A 473 55.66 -11.34 -14.57
C TRP A 473 56.64 -10.37 -15.22
N GLU A 474 56.62 -10.28 -16.55
CA GLU A 474 57.68 -9.52 -17.29
C GLU A 474 57.52 -8.02 -16.90
N ALA A 475 56.31 -7.53 -16.71
CA ALA A 475 56.08 -6.12 -16.32
C ALA A 475 56.70 -5.88 -14.93
N PHE A 476 56.40 -6.73 -13.96
CA PHE A 476 56.92 -6.52 -12.60
C PHE A 476 58.43 -6.79 -12.55
N ALA A 477 58.92 -7.71 -13.41
CA ALA A 477 60.34 -8.06 -13.51
C ALA A 477 61.15 -6.87 -14.04
N SER A 478 60.64 -6.13 -15.03
CA SER A 478 61.40 -5.11 -15.76
C SER A 478 61.31 -3.74 -15.07
N LYS A 479 60.17 -3.42 -14.47
CA LYS A 479 59.98 -2.16 -13.70
C LYS A 479 60.18 -0.90 -14.57
N ARG A 480 59.40 -0.80 -15.66
CA ARG A 480 59.24 0.42 -16.49
C ARG A 480 58.21 1.31 -15.80
N GLU A 481 58.67 2.37 -15.15
CA GLU A 481 57.78 3.26 -14.36
C GLU A 481 57.06 4.27 -15.28
N VAL A 482 55.78 4.42 -15.06
CA VAL A 482 54.93 5.35 -15.83
C VAL A 482 55.47 6.77 -15.66
N LEU A 483 55.43 7.56 -16.72
CA LEU A 483 55.70 9.01 -16.67
C LEU A 483 54.40 9.75 -16.97
N THR A 484 54.02 9.89 -18.24
CA THR A 484 52.90 10.79 -18.60
C THR A 484 51.78 9.94 -19.19
N VAL A 485 50.60 10.29 -18.78
CA VAL A 485 49.35 9.72 -19.31
C VAL A 485 48.55 10.83 -19.98
N ASP A 486 48.11 10.59 -21.20
CA ASP A 486 47.29 11.54 -22.00
C ASP A 486 45.83 11.54 -21.48
N LEU A 487 45.13 12.62 -21.75
CA LEU A 487 43.68 12.80 -21.55
C LEU A 487 43.29 12.76 -20.06
N THR A 488 44.18 13.17 -19.16
CA THR A 488 43.81 13.23 -17.73
C THR A 488 42.62 14.19 -17.51
N THR A 489 42.41 15.17 -18.39
CA THR A 489 41.30 16.15 -18.20
C THR A 489 39.96 15.42 -18.22
N THR A 490 39.87 14.25 -18.85
CA THR A 490 38.57 13.52 -18.88
C THR A 490 38.73 12.13 -18.31
N ASN A 491 39.76 11.89 -17.51
CA ASN A 491 39.96 10.55 -16.88
C ASN A 491 40.58 10.80 -15.50
N LEU A 492 39.75 11.24 -14.56
CA LEU A 492 40.17 11.69 -13.20
C LEU A 492 40.97 10.60 -12.47
N GLU A 493 40.71 9.32 -12.74
CA GLU A 493 41.35 8.24 -11.99
C GLU A 493 42.89 8.29 -12.18
N TRP A 494 43.40 8.88 -13.25
CA TRP A 494 44.85 8.96 -13.55
C TRP A 494 45.49 10.21 -12.92
N LEU A 495 44.70 11.17 -12.40
CA LEU A 495 45.25 12.51 -12.11
C LEU A 495 46.09 12.53 -10.83
N ASN A 496 46.07 11.48 -10.02
CA ASN A 496 46.87 11.38 -8.78
C ASN A 496 48.16 10.57 -9.01
N GLY A 497 48.49 10.28 -10.25
CA GLY A 497 49.71 9.53 -10.60
C GLY A 497 49.55 8.03 -10.48
N CYS A 498 50.65 7.33 -10.74
CA CYS A 498 50.66 5.85 -10.95
C CYS A 498 51.77 5.22 -10.12
N PRO A 499 51.46 4.44 -9.07
CA PRO A 499 50.09 4.33 -8.57
C PRO A 499 49.76 5.57 -7.76
N PRO A 500 48.48 5.81 -7.51
CA PRO A 500 48.08 6.93 -6.67
C PRO A 500 48.50 6.67 -5.24
N PRO A 501 48.65 7.71 -4.42
CA PRO A 501 48.96 7.51 -3.00
C PRO A 501 47.85 6.72 -2.28
N TYR A 502 48.23 6.08 -1.19
CA TYR A 502 47.33 5.28 -0.35
C TYR A 502 46.05 6.09 -0.06
N HIS A 503 46.23 7.32 0.41
CA HIS A 503 45.11 8.29 0.59
C HIS A 503 45.08 9.27 -0.57
N THR A 504 44.00 9.26 -1.34
CA THR A 504 43.71 10.28 -2.35
C THR A 504 42.50 11.10 -1.92
N PHE A 505 42.40 12.30 -2.48
CA PHE A 505 41.29 13.23 -2.26
C PHE A 505 41.11 13.48 -0.75
N GLU A 506 42.20 13.53 0.00
CA GLU A 506 42.16 14.01 1.41
C GLU A 506 41.65 15.46 1.41
N GLU A 507 42.11 16.24 0.45
CA GLU A 507 41.49 17.52 0.08
C GLU A 507 40.61 17.20 -1.12
N PRO A 508 39.27 17.40 -1.02
CA PRO A 508 38.40 17.04 -2.13
C PRO A 508 38.66 17.97 -3.33
N THR A 509 38.21 17.54 -4.49
CA THR A 509 38.17 18.39 -5.70
C THR A 509 37.32 19.65 -5.46
N TYR A 510 37.63 20.68 -6.19
CA TYR A 510 36.86 21.93 -6.25
C TYR A 510 36.03 21.87 -7.52
N VAL A 511 34.71 21.90 -7.36
CA VAL A 511 33.79 21.92 -8.52
C VAL A 511 32.72 22.96 -8.23
N ASN A 512 32.59 24.01 -9.05
CA ASN A 512 31.61 25.05 -8.67
C ASN A 512 30.32 24.80 -9.45
N LEU A 513 29.27 25.49 -9.06
CA LEU A 513 27.99 25.60 -9.82
C LEU A 513 27.87 26.98 -10.49
N FME B 1 18.31 -38.42 -37.61
CN FME B 1 17.13 -38.80 -37.20
O1 FME B 1 16.84 -39.04 -36.04
CA FME B 1 19.46 -38.25 -36.74
CB FME B 1 20.17 -39.58 -36.51
CG FME B 1 20.55 -40.09 -37.95
SD FME B 1 21.38 -41.51 -37.90
CE FME B 1 22.88 -40.94 -37.08
C FME B 1 20.42 -37.26 -37.39
O FME B 1 20.35 -36.98 -38.61
N ALA B 2 21.34 -36.75 -36.59
CA ALA B 2 22.42 -35.94 -37.15
C ALA B 2 23.39 -36.81 -37.96
N TYR B 3 24.06 -36.19 -38.93
CA TYR B 3 25.04 -36.83 -39.82
C TYR B 3 26.35 -36.08 -39.67
N PRO B 4 27.49 -36.69 -40.05
CA PRO B 4 28.78 -36.02 -39.83
C PRO B 4 28.92 -34.68 -40.55
N MET B 5 29.55 -33.73 -39.85
CA MET B 5 29.86 -32.37 -40.37
C MET B 5 28.57 -31.56 -40.57
N GLN B 6 27.49 -31.94 -39.90
CA GLN B 6 26.21 -31.22 -40.07
C GLN B 6 26.35 -29.78 -39.57
N LEU B 7 25.81 -28.81 -40.31
CA LEU B 7 25.85 -27.37 -39.93
C LEU B 7 24.52 -26.92 -39.34
N GLY B 8 23.39 -27.40 -39.87
CA GLY B 8 22.08 -26.86 -39.47
C GLY B 8 21.19 -27.90 -38.83
N PHE B 9 19.90 -27.66 -38.89
CA PHE B 9 18.90 -28.57 -38.30
C PHE B 9 18.84 -29.89 -39.08
N GLN B 10 18.49 -30.93 -38.35
CA GLN B 10 18.05 -32.21 -38.95
C GLN B 10 16.87 -31.90 -39.89
N ASP B 11 16.75 -32.63 -40.97
CA ASP B 11 15.66 -32.43 -41.94
C ASP B 11 14.32 -32.61 -41.19
N ALA B 12 13.37 -31.77 -41.51
CA ALA B 12 12.03 -31.76 -40.88
C ALA B 12 11.31 -33.07 -41.21
N THR B 13 10.73 -33.67 -40.19
CA THR B 13 9.87 -34.85 -40.32
C THR B 13 8.41 -34.49 -40.09
N SER B 14 8.13 -33.35 -39.46
CA SER B 14 6.75 -32.91 -39.14
C SER B 14 6.53 -31.54 -39.79
N PRO B 15 5.27 -31.17 -40.07
CA PRO B 15 4.98 -29.82 -40.59
C PRO B 15 5.48 -28.69 -39.67
N ILE B 16 5.32 -28.82 -38.36
N ILE B 16 5.31 -28.87 -38.35
CA ILE B 16 5.81 -27.74 -37.45
CA ILE B 16 5.80 -27.88 -37.34
C ILE B 16 7.34 -27.63 -37.56
C ILE B 16 7.30 -27.67 -37.55
N MET B 17 8.06 -28.75 -37.69
CA MET B 17 9.53 -28.65 -37.82
C MET B 17 9.84 -27.92 -39.16
N GLU B 18 9.07 -28.17 -40.22
N GLU B 18 9.08 -28.12 -40.23
CA GLU B 18 9.24 -27.44 -41.51
CA GLU B 18 9.38 -27.38 -41.49
C GLU B 18 9.11 -25.94 -41.23
C GLU B 18 9.11 -25.89 -41.27
N GLU B 19 8.04 -25.53 -40.54
CA GLU B 19 7.79 -24.11 -40.17
C GLU B 19 8.98 -23.52 -39.44
N LEU B 20 9.53 -24.27 -38.46
CA LEU B 20 10.70 -23.82 -37.66
C LEU B 20 11.91 -23.65 -38.58
N LEU B 21 12.13 -24.52 -39.58
CA LEU B 21 13.27 -24.33 -40.50
C LEU B 21 13.13 -23.00 -41.26
N HIS B 22 11.95 -22.70 -41.80
N HIS B 22 11.95 -22.73 -41.80
CA HIS B 22 11.74 -21.48 -42.61
CA HIS B 22 11.69 -21.49 -42.59
C HIS B 22 11.86 -20.25 -41.70
C HIS B 22 11.91 -20.27 -41.69
N PHE B 23 11.37 -20.33 -40.46
CA PHE B 23 11.47 -19.22 -39.48
C PHE B 23 12.96 -19.01 -39.13
N HIS B 24 13.70 -20.10 -38.89
CA HIS B 24 15.16 -20.01 -38.60
C HIS B 24 15.89 -19.38 -39.79
N ASP B 25 15.60 -19.80 -41.04
CA ASP B 25 16.22 -19.18 -42.23
C ASP B 25 16.02 -17.65 -42.20
N HIS B 26 14.82 -17.20 -41.86
CA HIS B 26 14.49 -15.76 -41.87
C HIS B 26 15.31 -15.09 -40.76
N THR B 27 15.39 -15.72 -39.59
CA THR B 27 16.05 -15.11 -38.42
C THR B 27 17.56 -15.09 -38.66
N LEU B 28 18.09 -16.16 -39.21
CA LEU B 28 19.54 -16.25 -39.46
C LEU B 28 19.97 -15.21 -40.49
N MET B 29 19.15 -14.90 -41.49
CA MET B 29 19.50 -13.85 -42.47
C MET B 29 19.74 -12.54 -41.71
N ILE B 30 18.86 -12.26 -40.75
CA ILE B 30 18.92 -11.01 -39.93
C ILE B 30 20.19 -11.04 -39.06
N VAL B 31 20.48 -12.17 -38.42
CA VAL B 31 21.69 -12.32 -37.58
C VAL B 31 22.94 -12.04 -38.44
N PHE B 32 23.00 -12.65 -39.61
N PHE B 32 23.01 -12.63 -39.62
CA PHE B 32 24.13 -12.50 -40.57
CA PHE B 32 24.18 -12.45 -40.51
C PHE B 32 24.27 -11.02 -40.94
C PHE B 32 24.28 -11.00 -40.96
N LEU B 33 23.14 -10.39 -41.29
CA LEU B 33 23.17 -9.00 -41.84
C LEU B 33 23.64 -8.06 -40.71
N ILE B 34 23.10 -8.21 -39.51
CA ILE B 34 23.42 -7.25 -38.43
C ILE B 34 24.89 -7.45 -37.98
N SER B 35 25.31 -8.70 -37.83
CA SER B 35 26.71 -9.05 -37.48
C SER B 35 27.66 -8.41 -38.52
N SER B 36 27.35 -8.62 -39.79
CA SER B 36 28.14 -8.15 -40.93
C SER B 36 28.20 -6.62 -40.94
N LEU B 37 27.06 -5.99 -40.69
CA LEU B 37 27.00 -4.52 -40.72
C LEU B 37 27.87 -3.96 -39.57
N VAL B 38 27.78 -4.56 -38.39
CA VAL B 38 28.59 -4.08 -37.25
C VAL B 38 30.08 -4.26 -37.57
N LEU B 39 30.48 -5.41 -38.14
CA LEU B 39 31.89 -5.65 -38.46
C LEU B 39 32.33 -4.62 -39.53
N TYR B 40 31.50 -4.40 -40.53
CA TYR B 40 31.83 -3.47 -41.62
C TYR B 40 31.99 -2.05 -41.03
N ILE B 41 31.03 -1.63 -40.20
CA ILE B 41 31.11 -0.27 -39.62
C ILE B 41 32.36 -0.14 -38.73
N ILE B 42 32.69 -1.13 -37.89
CA ILE B 42 33.97 -1.10 -37.13
C ILE B 42 35.11 -0.83 -38.12
N SER B 43 35.20 -1.58 -39.18
CA SER B 43 36.31 -1.49 -40.14
C SER B 43 36.30 -0.09 -40.78
N LEU B 44 35.12 0.47 -41.09
CA LEU B 44 34.98 1.83 -41.66
C LEU B 44 35.47 2.89 -40.65
N MET B 45 35.11 2.77 -39.38
CA MET B 45 35.49 3.76 -38.35
C MET B 45 37.02 3.77 -38.18
N LEU B 46 37.69 2.65 -38.49
CA LEU B 46 39.11 2.39 -38.10
C LEU B 46 40.04 2.60 -39.31
N THR B 47 39.52 2.95 -40.50
CA THR B 47 40.39 2.96 -41.72
C THR B 47 40.54 4.37 -42.30
N THR B 48 40.47 5.44 -41.51
CA THR B 48 40.71 6.79 -42.02
C THR B 48 41.59 7.59 -41.07
N LYS B 49 42.48 8.38 -41.64
CA LYS B 49 43.29 9.37 -40.88
C LYS B 49 42.49 10.67 -40.66
N LEU B 50 41.33 10.83 -41.27
CA LEU B 50 40.48 12.00 -41.04
C LEU B 50 39.91 11.92 -39.61
N THR B 51 39.79 13.07 -38.98
CA THR B 51 39.40 13.16 -37.57
C THR B 51 38.30 14.20 -37.37
N HIS B 52 37.53 13.96 -36.33
CA HIS B 52 36.47 14.86 -35.79
C HIS B 52 36.29 14.51 -34.32
N THR B 53 36.98 15.19 -33.41
CA THR B 53 37.08 14.83 -31.96
C THR B 53 36.33 15.81 -31.06
N SER B 54 35.69 16.82 -31.64
CA SER B 54 34.80 17.76 -30.92
C SER B 54 33.46 17.07 -30.59
N THR B 55 32.65 17.67 -29.72
CA THR B 55 31.36 17.09 -29.25
C THR B 55 30.42 16.86 -30.43
N MET B 56 29.77 15.69 -30.48
CA MET B 56 28.83 15.31 -31.57
C MET B 56 27.40 15.21 -31.01
N ASP B 57 26.42 15.80 -31.70
CA ASP B 57 24.97 15.76 -31.32
C ASP B 57 24.41 14.36 -31.61
N ALA B 58 23.71 13.75 -30.64
CA ALA B 58 23.22 12.35 -30.67
C ALA B 58 21.73 12.22 -31.08
N GLN B 59 20.87 13.24 -30.93
CA GLN B 59 19.42 12.88 -30.85
C GLN B 59 18.88 12.36 -32.19
N GLU B 60 19.17 13.03 -33.31
CA GLU B 60 18.63 12.61 -34.65
C GLU B 60 19.02 11.14 -34.86
N VAL B 61 20.30 10.82 -34.65
CA VAL B 61 20.78 9.48 -35.06
C VAL B 61 20.13 8.44 -34.14
N GLU B 62 19.80 8.80 -32.89
CA GLU B 62 19.24 7.77 -31.96
C GLU B 62 17.84 7.37 -32.39
N THR B 63 17.14 8.24 -33.14
CA THR B 63 15.83 7.81 -33.65
C THR B 63 16.01 6.61 -34.58
N ILE B 64 16.96 6.67 -35.51
CA ILE B 64 17.17 5.60 -36.51
C ILE B 64 17.53 4.35 -35.71
N TRP B 65 18.40 4.51 -34.74
CA TRP B 65 18.93 3.30 -34.08
C TRP B 65 17.97 2.64 -33.11
N THR B 66 16.87 3.25 -32.77
CA THR B 66 15.81 2.61 -31.96
C THR B 66 14.69 2.09 -32.87
N ILE B 67 14.28 2.91 -33.84
CA ILE B 67 13.13 2.58 -34.72
C ILE B 67 13.49 1.37 -35.60
N LEU B 68 14.66 1.36 -36.23
CA LEU B 68 14.97 0.30 -37.21
C LEU B 68 15.06 -1.02 -36.44
N PRO B 69 15.76 -1.10 -35.28
CA PRO B 69 15.71 -2.34 -34.49
C PRO B 69 14.32 -2.73 -34.01
N ALA B 70 13.48 -1.79 -33.61
CA ALA B 70 12.11 -2.07 -33.19
C ALA B 70 11.36 -2.74 -34.35
N ILE B 71 11.49 -2.18 -35.57
CA ILE B 71 10.84 -2.77 -36.77
C ILE B 71 11.37 -4.19 -37.03
N ILE B 72 12.68 -4.37 -36.94
CA ILE B 72 13.28 -5.74 -37.15
C ILE B 72 12.71 -6.71 -36.12
N LEU B 73 12.67 -6.33 -34.85
CA LEU B 73 12.11 -7.24 -33.82
C LEU B 73 10.65 -7.60 -34.14
N ILE B 74 9.86 -6.63 -34.60
CA ILE B 74 8.44 -6.91 -34.94
C ILE B 74 8.39 -7.93 -36.08
N LEU B 75 9.27 -7.78 -37.06
CA LEU B 75 9.31 -8.70 -38.21
C LEU B 75 9.76 -10.10 -37.76
N ILE B 76 10.49 -10.24 -36.65
CA ILE B 76 10.83 -11.59 -36.11
C ILE B 76 9.63 -12.11 -35.30
N ALA B 77 9.06 -11.26 -34.45
CA ALA B 77 8.06 -11.70 -33.46
C ALA B 77 6.81 -12.22 -34.18
N LEU B 78 6.40 -11.56 -35.25
CA LEU B 78 5.12 -11.87 -35.97
C LEU B 78 5.13 -13.36 -36.36
N PRO B 79 6.08 -13.83 -37.21
CA PRO B 79 6.10 -15.25 -37.60
C PRO B 79 6.44 -16.16 -36.42
N SER B 80 7.29 -15.71 -35.48
CA SER B 80 7.60 -16.46 -34.23
C SER B 80 6.31 -16.83 -33.49
N LEU B 81 5.46 -15.84 -33.28
CA LEU B 81 4.24 -16.04 -32.47
C LEU B 81 3.19 -16.78 -33.31
N ARG B 82 3.13 -16.59 -34.63
CA ARG B 82 2.24 -17.41 -35.50
C ARG B 82 2.58 -18.89 -35.28
N ILE B 83 3.85 -19.25 -35.30
CA ILE B 83 4.24 -20.67 -35.12
C ILE B 83 3.92 -21.11 -33.68
N LEU B 84 4.19 -20.27 -32.68
CA LEU B 84 3.93 -20.63 -31.26
C LEU B 84 2.46 -21.06 -31.10
N TYR B 85 1.55 -20.28 -31.65
CA TYR B 85 0.09 -20.51 -31.53
C TYR B 85 -0.36 -21.66 -32.45
N MET B 86 0.23 -21.84 -33.63
CA MET B 86 -0.04 -23.03 -34.47
C MET B 86 0.25 -24.31 -33.67
N MET B 87 1.42 -24.47 -33.06
N MET B 87 1.45 -24.35 -33.05
CA MET B 87 1.70 -25.71 -32.29
CA MET B 87 2.05 -25.32 -32.08
C MET B 87 0.63 -25.88 -31.20
C MET B 87 1.08 -25.68 -30.94
N ASP B 88 0.16 -24.77 -30.60
CA ASP B 88 -0.76 -24.86 -29.43
C ASP B 88 -2.18 -25.19 -29.90
N GLU B 89 -2.50 -25.03 -31.19
CA GLU B 89 -3.86 -25.22 -31.78
C GLU B 89 -4.39 -26.62 -31.45
N ILE B 90 -5.71 -26.73 -31.24
CA ILE B 90 -6.56 -27.94 -31.01
C ILE B 90 -6.47 -28.82 -32.26
N ASN B 91 -6.02 -30.06 -32.15
CA ASN B 91 -5.82 -30.90 -33.37
C ASN B 91 -6.66 -32.20 -33.38
N ASN B 92 -7.19 -32.69 -32.25
CA ASN B 92 -7.88 -34.00 -32.17
C ASN B 92 -6.94 -35.18 -32.46
N PRO B 93 -6.24 -35.64 -31.44
CA PRO B 93 -5.39 -36.82 -31.60
C PRO B 93 -6.19 -38.11 -31.72
N SER B 94 -5.61 -39.07 -32.43
CA SER B 94 -6.14 -40.43 -32.67
C SER B 94 -5.68 -41.39 -31.58
N LEU B 95 -4.61 -41.06 -30.88
CA LEU B 95 -3.83 -41.96 -29.99
C LEU B 95 -3.21 -41.11 -28.90
N THR B 96 -3.17 -41.61 -27.67
CA THR B 96 -2.37 -41.02 -26.58
C THR B 96 -1.32 -42.04 -26.16
N VAL B 97 -0.08 -41.60 -26.08
CA VAL B 97 1.05 -42.37 -25.54
C VAL B 97 1.67 -41.61 -24.39
N LYS B 98 2.00 -42.30 -23.32
CA LYS B 98 2.72 -41.68 -22.20
C LYS B 98 4.18 -42.14 -22.23
N THR B 99 5.10 -41.24 -21.88
CA THR B 99 6.48 -41.64 -21.57
C THR B 99 6.83 -41.15 -20.16
N MET B 100 7.48 -42.04 -19.40
CA MET B 100 8.02 -41.76 -18.07
C MET B 100 9.55 -41.85 -18.14
N GLY B 101 10.19 -40.76 -17.76
CA GLY B 101 11.64 -40.72 -17.55
C GLY B 101 12.05 -41.39 -16.27
N HIS B 102 13.17 -42.09 -16.32
CA HIS B 102 13.78 -42.78 -15.18
C HIS B 102 15.30 -42.64 -15.31
N GLN B 103 15.99 -42.78 -14.19
CA GLN B 103 17.46 -42.96 -14.19
C GLN B 103 17.76 -44.44 -14.49
N TRP B 104 18.27 -44.77 -15.69
CA TRP B 104 18.50 -43.95 -16.87
C TRP B 104 17.92 -44.68 -18.10
N TYR B 105 16.63 -44.50 -18.35
CA TYR B 105 15.89 -45.15 -19.45
C TYR B 105 14.49 -44.53 -19.49
N TRP B 106 13.78 -44.75 -20.59
CA TRP B 106 12.42 -44.28 -20.78
C TRP B 106 11.47 -45.47 -20.68
N SER B 107 10.32 -45.28 -20.05
CA SER B 107 9.22 -46.28 -20.21
C SER B 107 8.09 -45.63 -21.03
N TYR B 108 7.31 -46.47 -21.68
CA TYR B 108 6.21 -46.05 -22.59
C TYR B 108 4.95 -46.81 -22.19
N GLU B 109 3.84 -46.09 -22.22
CA GLU B 109 2.53 -46.64 -21.83
C GLU B 109 1.55 -46.28 -22.95
N TYR B 110 0.91 -47.29 -23.50
CA TYR B 110 -0.13 -47.08 -24.53
C TYR B 110 -1.42 -47.65 -23.95
N THR B 111 -2.19 -46.84 -23.23
CA THR B 111 -3.31 -47.39 -22.39
C THR B 111 -4.68 -46.88 -22.88
N ASP B 112 -4.81 -46.48 -24.15
CA ASP B 112 -6.14 -46.13 -24.71
C ASP B 112 -7.09 -47.33 -24.63
N TYR B 113 -6.61 -48.55 -24.85
CA TYR B 113 -7.46 -49.78 -25.07
C TYR B 113 -7.02 -50.94 -24.20
N GLU B 114 -5.75 -51.26 -24.20
CA GLU B 114 -5.15 -52.39 -23.45
C GLU B 114 -4.04 -51.86 -22.54
N ASP B 115 -3.53 -52.72 -21.67
CA ASP B 115 -2.44 -52.32 -20.76
C ASP B 115 -1.10 -52.68 -21.41
N LEU B 116 -0.64 -51.82 -22.29
CA LEU B 116 0.67 -51.99 -22.95
C LEU B 116 1.67 -51.01 -22.33
N SER B 117 2.74 -51.54 -21.76
CA SER B 117 3.87 -50.71 -21.32
C SER B 117 5.17 -51.51 -21.41
N PHE B 118 6.25 -50.79 -21.58
CA PHE B 118 7.59 -51.41 -21.65
C PHE B 118 8.64 -50.36 -21.39
N ASP B 119 9.84 -50.85 -21.13
CA ASP B 119 11.05 -50.06 -20.87
C ASP B 119 11.89 -50.02 -22.14
N SER B 120 12.62 -48.92 -22.33
CA SER B 120 13.42 -48.62 -23.53
C SER B 120 14.79 -48.18 -23.08
N TYR B 121 15.79 -49.06 -23.24
CA TYR B 121 17.17 -48.84 -22.79
C TYR B 121 18.11 -48.70 -23.98
N MET B 122 19.15 -47.89 -23.79
CA MET B 122 20.28 -47.78 -24.74
C MET B 122 20.89 -49.17 -25.02
N ILE B 123 21.17 -49.47 -26.28
CA ILE B 123 21.98 -50.65 -26.66
C ILE B 123 23.42 -50.35 -26.26
N PRO B 124 24.07 -51.16 -25.39
CA PRO B 124 25.46 -50.95 -25.08
C PRO B 124 26.34 -51.01 -26.34
N THR B 125 27.41 -50.21 -26.34
CA THR B 125 28.32 -50.11 -27.51
C THR B 125 28.82 -51.51 -27.90
N SER B 126 29.16 -52.35 -26.94
CA SER B 126 29.72 -53.72 -27.18
C SER B 126 28.65 -54.65 -27.77
N GLU B 127 27.35 -54.30 -27.69
CA GLU B 127 26.26 -55.18 -28.20
C GLU B 127 25.59 -54.64 -29.47
N LEU B 128 26.06 -53.52 -30.01
CA LEU B 128 25.54 -52.98 -31.29
C LEU B 128 25.68 -54.04 -32.38
N LYS B 129 24.64 -54.15 -33.17
CA LYS B 129 24.66 -54.96 -34.40
C LYS B 129 25.34 -54.15 -35.49
N PRO B 130 26.00 -54.81 -36.48
CA PRO B 130 26.71 -54.05 -37.51
C PRO B 130 25.81 -53.00 -38.18
N GLY B 131 26.30 -51.75 -38.26
CA GLY B 131 25.58 -50.65 -38.91
C GLY B 131 24.74 -49.83 -37.93
N GLU B 132 24.60 -50.29 -36.68
CA GLU B 132 23.81 -49.56 -35.68
C GLU B 132 24.61 -48.39 -35.10
N LEU B 133 23.89 -47.44 -34.54
CA LEU B 133 24.49 -46.17 -34.11
C LEU B 133 24.84 -46.17 -32.62
N ARG B 134 26.09 -45.86 -32.33
CA ARG B 134 26.60 -45.69 -30.95
C ARG B 134 25.79 -44.60 -30.21
N LEU B 135 25.33 -44.97 -29.03
CA LEU B 135 24.64 -44.16 -28.02
C LEU B 135 23.21 -43.83 -28.43
N LEU B 136 22.71 -44.32 -29.57
CA LEU B 136 21.38 -43.87 -30.08
C LEU B 136 20.38 -45.00 -30.16
N GLU B 137 20.81 -46.25 -30.37
CA GLU B 137 19.83 -47.36 -30.52
C GLU B 137 19.25 -47.73 -29.14
N VAL B 138 18.02 -48.20 -29.15
CA VAL B 138 17.38 -48.78 -27.95
C VAL B 138 16.95 -50.22 -28.24
N ASP B 139 16.73 -50.98 -27.19
CA ASP B 139 16.21 -52.38 -27.33
C ASP B 139 14.76 -52.36 -27.87
N ASN B 140 13.91 -51.49 -27.32
CA ASN B 140 12.47 -51.45 -27.61
C ASN B 140 12.13 -50.05 -28.10
N ARG B 141 11.86 -49.94 -29.38
CA ARG B 141 11.54 -48.62 -29.99
C ARG B 141 10.09 -48.25 -29.69
N VAL B 142 9.85 -46.96 -29.83
CA VAL B 142 8.51 -46.35 -29.65
C VAL B 142 7.81 -46.46 -31.01
N VAL B 143 7.11 -47.57 -31.23
CA VAL B 143 6.40 -47.77 -32.52
C VAL B 143 5.15 -46.86 -32.49
N LEU B 144 4.94 -46.13 -33.58
CA LEU B 144 3.83 -45.18 -33.73
C LEU B 144 3.31 -45.22 -35.15
N PRO B 145 2.01 -44.92 -35.32
CA PRO B 145 1.42 -44.82 -36.65
C PRO B 145 1.84 -43.51 -37.33
N MET B 146 2.35 -43.61 -38.55
CA MET B 146 2.68 -42.44 -39.40
C MET B 146 1.41 -41.69 -39.86
N GLU B 147 1.55 -40.40 -40.18
CA GLU B 147 0.49 -39.56 -40.81
C GLU B 147 -0.72 -39.47 -39.87
N MET B 148 -0.49 -39.56 -38.58
CA MET B 148 -1.59 -39.47 -37.58
C MET B 148 -1.18 -38.53 -36.44
N THR B 149 -2.13 -37.72 -35.99
CA THR B 149 -1.92 -36.81 -34.84
C THR B 149 -1.90 -37.65 -33.55
N ILE B 150 -0.79 -37.59 -32.82
CA ILE B 150 -0.56 -38.37 -31.58
C ILE B 150 -0.34 -37.41 -30.42
N ARG B 151 -1.03 -37.65 -29.33
CA ARG B 151 -0.82 -36.92 -28.07
C ARG B 151 0.25 -37.67 -27.27
N MET B 152 1.39 -37.03 -27.01
CA MET B 152 2.45 -37.61 -26.14
C MET B 152 2.31 -36.90 -24.80
N LEU B 153 2.19 -37.65 -23.72
CA LEU B 153 2.22 -37.12 -22.35
C LEU B 153 3.52 -37.56 -21.69
N VAL B 154 4.18 -36.63 -21.03
CA VAL B 154 5.54 -36.80 -20.52
C VAL B 154 5.56 -36.52 -19.02
N SER B 155 6.13 -37.44 -18.27
CA SER B 155 6.43 -37.25 -16.84
C SER B 155 7.70 -38.02 -16.47
N SER B 156 8.03 -38.02 -15.18
CA SER B 156 9.19 -38.69 -14.61
C SER B 156 8.76 -39.42 -13.33
N GLU B 157 9.42 -40.54 -13.03
CA GLU B 157 9.27 -41.20 -11.70
C GLU B 157 10.47 -40.94 -10.80
N ASP B 158 11.39 -40.03 -11.15
CA ASP B 158 12.50 -39.73 -10.21
C ASP B 158 12.92 -38.26 -10.36
N VAL B 159 14.00 -37.98 -11.07
CA VAL B 159 14.53 -36.61 -11.24
C VAL B 159 13.98 -35.99 -12.53
N LEU B 160 14.39 -34.75 -12.84
CA LEU B 160 14.02 -34.19 -14.17
C LEU B 160 14.71 -34.98 -15.30
N HIS B 161 13.97 -35.21 -16.38
CA HIS B 161 14.50 -35.58 -17.68
C HIS B 161 13.87 -34.66 -18.71
N SER B 162 14.19 -34.86 -19.97
CA SER B 162 13.50 -34.10 -21.02
C SER B 162 13.44 -34.95 -22.29
N TRP B 163 12.23 -35.11 -22.80
CA TRP B 163 11.95 -36.03 -23.93
C TRP B 163 12.05 -35.23 -25.24
N ALA B 164 13.07 -35.49 -26.05
CA ALA B 164 13.38 -34.68 -27.26
C ALA B 164 13.47 -35.57 -28.49
N VAL B 165 12.95 -35.07 -29.61
CA VAL B 165 13.11 -35.66 -30.95
C VAL B 165 13.30 -34.51 -31.91
N PRO B 166 14.56 -34.08 -32.15
CA PRO B 166 14.81 -32.88 -32.95
C PRO B 166 14.13 -32.87 -34.32
N SER B 167 14.09 -34.01 -35.02
CA SER B 167 13.57 -33.94 -36.41
C SER B 167 12.05 -33.72 -36.40
N LEU B 168 11.37 -33.93 -35.28
CA LEU B 168 9.92 -33.64 -35.21
C LEU B 168 9.68 -32.28 -34.51
N GLY B 169 10.74 -31.59 -34.10
CA GLY B 169 10.61 -30.30 -33.41
C GLY B 169 10.13 -30.48 -31.99
N LEU B 170 10.47 -31.57 -31.32
CA LEU B 170 9.87 -31.89 -29.99
C LEU B 170 10.90 -31.80 -28.88
N LYS B 171 10.51 -31.16 -27.77
CA LYS B 171 11.27 -31.20 -26.51
C LYS B 171 10.32 -30.84 -25.38
N THR B 172 10.01 -31.81 -24.54
CA THR B 172 9.08 -31.63 -23.42
C THR B 172 9.75 -32.15 -22.14
N ASP B 173 9.86 -31.29 -21.14
CA ASP B 173 10.45 -31.70 -19.86
C ASP B 173 9.59 -32.76 -19.18
N ALA B 174 10.28 -33.69 -18.52
CA ALA B 174 9.75 -34.84 -17.79
C ALA B 174 9.94 -34.52 -16.29
N ILE B 175 8.85 -34.08 -15.65
CA ILE B 175 8.87 -33.54 -14.27
C ILE B 175 8.02 -34.46 -13.40
N PRO B 176 8.56 -34.98 -12.28
CA PRO B 176 7.75 -35.84 -11.42
C PRO B 176 6.57 -35.02 -10.87
N GLY B 177 5.42 -35.67 -10.80
CA GLY B 177 4.19 -35.02 -10.27
C GLY B 177 3.47 -34.17 -11.31
N ARG B 178 3.99 -34.12 -12.55
CA ARG B 178 3.44 -33.28 -13.65
C ARG B 178 3.28 -34.11 -14.93
N LEU B 179 2.18 -33.88 -15.64
CA LEU B 179 1.92 -34.58 -16.92
C LEU B 179 1.95 -33.53 -18.03
N ASN B 180 3.06 -33.42 -18.75
CA ASN B 180 3.19 -32.40 -19.82
C ASN B 180 2.74 -33.02 -21.14
N GLN B 181 1.98 -32.26 -21.91
CA GLN B 181 1.45 -32.69 -23.22
C GLN B 181 2.22 -32.05 -24.37
N THR B 182 2.43 -32.83 -25.42
CA THR B 182 2.84 -32.28 -26.73
C THR B 182 2.14 -33.13 -27.80
N THR B 183 2.20 -32.67 -29.04
CA THR B 183 1.62 -33.42 -30.18
C THR B 183 2.74 -33.77 -31.14
N LEU B 184 2.59 -34.93 -31.75
CA LEU B 184 3.60 -35.55 -32.64
C LEU B 184 2.81 -35.90 -33.90
N MET B 185 3.30 -35.55 -35.07
CA MET B 185 2.69 -36.05 -36.33
C MET B 185 3.85 -36.22 -37.33
N SER B 186 4.15 -37.45 -37.72
CA SER B 186 5.20 -37.72 -38.74
C SER B 186 4.59 -37.78 -40.15
N SER B 187 5.15 -37.01 -41.08
CA SER B 187 4.80 -37.00 -42.53
C SER B 187 5.34 -38.27 -43.20
N ARG B 188 6.25 -38.96 -42.54
CA ARG B 188 7.00 -40.09 -43.18
C ARG B 188 7.16 -41.28 -42.24
N PRO B 189 7.27 -42.50 -42.82
CA PRO B 189 7.72 -43.64 -42.05
C PRO B 189 9.21 -43.41 -41.72
N GLY B 190 9.72 -44.21 -40.81
CA GLY B 190 11.16 -44.36 -40.57
C GLY B 190 11.51 -44.39 -39.10
N LEU B 191 12.77 -44.07 -38.82
CA LEU B 191 13.34 -44.12 -37.46
C LEU B 191 13.80 -42.69 -37.14
N TYR B 192 13.34 -42.18 -36.03
CA TYR B 192 13.61 -40.77 -35.63
C TYR B 192 14.15 -40.81 -34.19
N TYR B 193 15.32 -40.19 -34.00
CA TYR B 193 16.12 -40.35 -32.78
C TYR B 193 16.13 -39.05 -31.98
N GLY B 194 16.20 -39.19 -30.65
CA GLY B 194 16.43 -38.10 -29.71
C GLY B 194 17.19 -38.57 -28.47
N GLN B 195 17.51 -37.64 -27.59
CA GLN B 195 18.36 -37.92 -26.42
C GLN B 195 17.80 -37.14 -25.21
N CYS B 196 17.96 -37.71 -24.03
CA CYS B 196 17.50 -37.04 -22.80
C CYS B 196 18.12 -35.61 -22.73
N SER B 197 17.28 -34.62 -22.45
CA SER B 197 17.66 -33.21 -22.58
C SER B 197 17.45 -32.44 -21.26
N GLU B 198 17.59 -33.13 -20.13
CA GLU B 198 17.76 -32.48 -18.80
C GLU B 198 18.69 -33.36 -17.95
N ILE B 199 19.77 -32.65 -17.46
CA ILE B 199 20.80 -33.31 -16.63
C ILE B 199 20.10 -34.14 -15.54
N CYS B 200 20.40 -35.44 -15.52
CA CYS B 200 19.64 -36.41 -14.67
C CYS B 200 20.59 -37.38 -13.98
N GLY B 201 21.89 -37.08 -13.94
CA GLY B 201 22.83 -37.90 -13.17
C GLY B 201 23.76 -38.72 -14.07
N SER B 202 24.24 -39.84 -13.53
CA SER B 202 25.40 -40.64 -14.04
C SER B 202 25.28 -41.01 -15.50
N ASN B 203 24.06 -41.30 -16.00
CA ASN B 203 23.91 -41.82 -17.39
C ASN B 203 22.92 -40.96 -18.19
N HIS B 204 22.95 -39.66 -17.92
CA HIS B 204 22.24 -38.61 -18.72
C HIS B 204 22.54 -38.74 -20.20
N SER B 205 23.80 -39.05 -20.56
CA SER B 205 24.26 -39.11 -21.98
C SER B 205 23.73 -40.37 -22.67
N PHE B 206 23.12 -41.30 -21.93
CA PHE B 206 22.98 -42.73 -22.33
C PHE B 206 21.54 -43.21 -22.14
N MET B 207 20.54 -42.34 -22.38
CA MET B 207 19.12 -42.76 -22.34
C MET B 207 18.37 -42.14 -23.51
N PRO B 208 18.61 -42.67 -24.72
CA PRO B 208 18.03 -42.10 -25.93
C PRO B 208 16.59 -42.56 -26.19
N ILE B 209 16.05 -41.93 -27.21
CA ILE B 209 14.67 -42.09 -27.69
C ILE B 209 14.72 -42.48 -29.15
N VAL B 210 14.04 -43.56 -29.50
CA VAL B 210 13.88 -43.96 -30.92
C VAL B 210 12.40 -44.18 -31.22
N LEU B 211 11.88 -43.39 -32.14
CA LEU B 211 10.51 -43.55 -32.70
C LEU B 211 10.60 -44.37 -33.96
N GLU B 212 9.67 -45.30 -34.10
CA GLU B 212 9.55 -46.13 -35.32
C GLU B 212 8.17 -45.85 -35.91
N LEU B 213 8.13 -45.15 -37.06
CA LEU B 213 6.89 -44.66 -37.68
C LEU B 213 6.53 -45.60 -38.81
N VAL B 214 5.35 -46.24 -38.71
CA VAL B 214 4.88 -47.27 -39.66
C VAL B 214 3.40 -47.08 -39.92
N PRO B 215 2.84 -47.77 -40.93
CA PRO B 215 1.40 -47.74 -41.18
C PRO B 215 0.59 -48.23 -39.97
N LEU B 216 -0.59 -47.62 -39.80
CA LEU B 216 -1.51 -47.97 -38.70
C LEU B 216 -1.61 -49.50 -38.54
N LYS B 217 -1.82 -50.26 -39.62
CA LYS B 217 -2.09 -51.73 -39.48
C LYS B 217 -0.87 -52.41 -38.83
N TYR B 218 0.35 -51.99 -39.18
CA TYR B 218 1.55 -52.55 -38.54
C TYR B 218 1.60 -52.17 -37.07
N PHE B 219 1.29 -50.91 -36.76
CA PHE B 219 1.27 -50.41 -35.37
C PHE B 219 0.26 -51.24 -34.55
N GLU B 220 -0.91 -51.52 -35.12
CA GLU B 220 -1.97 -52.27 -34.40
C GLU B 220 -1.46 -53.70 -34.05
N LYS B 221 -0.83 -54.39 -35.01
CA LYS B 221 -0.36 -55.77 -34.79
C LYS B 221 0.80 -55.74 -33.80
N TRP B 222 1.71 -54.78 -33.96
CA TRP B 222 2.82 -54.64 -33.00
C TRP B 222 2.25 -54.46 -31.58
N SER B 223 1.27 -53.57 -31.41
CA SER B 223 0.65 -53.25 -30.12
C SER B 223 0.11 -54.55 -29.52
N ALA B 224 -0.61 -55.31 -30.34
CA ALA B 224 -1.23 -56.56 -29.87
C ALA B 224 -0.14 -57.53 -29.41
N SER B 225 0.97 -57.61 -30.15
CA SER B 225 2.05 -58.58 -29.90
C SER B 225 2.88 -58.17 -28.66
N MET B 226 2.77 -56.92 -28.20
CA MET B 226 3.56 -56.39 -27.08
C MET B 226 2.79 -56.47 -25.75
N LEU B 227 1.58 -56.97 -25.74
CA LEU B 227 0.79 -57.06 -24.50
C LEU B 227 1.43 -58.02 -23.49
N GLN C 4 42.68 15.95 6.54
CA GLN C 4 41.52 15.89 5.61
C GLN C 4 40.69 17.18 5.66
N THR C 5 40.15 17.57 4.52
CA THR C 5 39.19 18.71 4.40
C THR C 5 37.92 18.25 3.70
N HIS C 6 37.62 16.95 3.80
CA HIS C 6 36.25 16.45 3.54
C HIS C 6 35.63 15.99 4.87
N ALA C 7 34.33 15.64 4.85
CA ALA C 7 33.55 15.30 6.06
C ALA C 7 33.46 13.78 6.29
N TYR C 8 34.12 12.95 5.49
CA TYR C 8 33.89 11.48 5.51
C TYR C 8 34.85 10.81 6.50
N HIS C 9 34.51 9.57 6.86
CA HIS C 9 35.18 8.83 7.94
C HIS C 9 36.19 7.84 7.35
N MET C 10 37.48 8.10 7.56
CA MET C 10 38.56 7.15 7.29
C MET C 10 38.68 6.21 8.51
N VAL C 11 38.23 4.98 8.33
CA VAL C 11 38.09 3.99 9.40
C VAL C 11 39.46 3.39 9.74
N ASN C 12 39.73 3.24 11.02
CA ASN C 12 40.98 2.58 11.47
C ASN C 12 41.01 1.14 10.96
N PRO C 13 42.18 0.63 10.55
CA PRO C 13 42.28 -0.77 10.14
C PRO C 13 41.68 -1.66 11.25
N SER C 14 40.87 -2.64 10.83
CA SER C 14 40.00 -3.40 11.73
C SER C 14 40.11 -4.89 11.46
N PRO C 15 40.15 -5.73 12.52
CA PRO C 15 40.09 -7.18 12.37
C PRO C 15 38.69 -7.77 12.22
N TRP C 16 37.63 -6.98 12.42
CA TRP C 16 36.28 -7.60 12.52
C TRP C 16 35.78 -8.10 11.18
N PRO C 17 36.11 -7.47 10.02
CA PRO C 17 35.72 -8.05 8.74
C PRO C 17 36.24 -9.49 8.60
N LEU C 18 37.52 -9.70 8.91
CA LEU C 18 38.09 -11.05 8.82
C LEU C 18 37.42 -12.00 9.84
N THR C 19 37.22 -11.58 11.11
CA THR C 19 36.61 -12.48 12.11
C THR C 19 35.16 -12.76 11.68
N GLY C 20 34.50 -11.80 11.09
CA GLY C 20 33.14 -12.00 10.57
C GLY C 20 33.11 -13.03 9.44
N ALA C 21 34.03 -12.87 8.48
CA ALA C 21 34.10 -13.79 7.33
C ALA C 21 34.41 -15.20 7.84
N LEU C 22 35.34 -15.32 8.77
CA LEU C 22 35.67 -16.69 9.29
C LEU C 22 34.49 -17.24 10.10
N SER C 23 33.78 -16.40 10.84
N SER C 23 33.78 -16.40 10.85
CA SER C 23 32.57 -16.85 11.59
CA SER C 23 32.56 -16.82 11.59
C SER C 23 31.55 -17.42 10.59
C SER C 23 31.59 -17.43 10.58
N ALA C 24 31.45 -16.83 9.39
CA ALA C 24 30.52 -17.32 8.35
C ALA C 24 30.99 -18.72 7.86
N LEU C 25 32.28 -18.90 7.67
CA LEU C 25 32.83 -20.23 7.31
C LEU C 25 32.49 -21.24 8.43
N LEU C 26 32.72 -20.87 9.67
CA LEU C 26 32.51 -21.81 10.81
C LEU C 26 31.01 -22.13 10.95
N MET C 27 30.12 -21.16 10.75
CA MET C 27 28.66 -21.44 10.86
C MET C 27 28.20 -22.37 9.73
N THR C 28 28.64 -22.14 8.50
CA THR C 28 28.19 -22.95 7.34
C THR C 28 28.81 -24.35 7.39
N SER C 29 30.12 -24.45 7.59
CA SER C 29 30.79 -25.75 7.73
C SER C 29 30.21 -26.42 8.98
N GLY C 30 29.83 -25.65 10.01
CA GLY C 30 29.24 -26.19 11.24
C GLY C 30 27.86 -26.78 10.98
N LEU C 31 27.02 -26.08 10.20
CA LEU C 31 25.69 -26.62 9.83
C LEU C 31 25.88 -27.90 9.03
N THR C 32 26.90 -27.94 8.16
CA THR C 32 27.19 -29.15 7.34
C THR C 32 27.52 -30.31 8.29
N MET C 33 28.37 -30.03 9.29
N MET C 33 28.39 -30.09 9.29
CA MET C 33 28.86 -31.02 10.28
CA MET C 33 28.75 -31.20 10.20
C MET C 33 27.66 -31.50 11.13
C MET C 33 27.51 -31.60 10.99
N TRP C 34 26.69 -30.64 11.41
CA TRP C 34 25.48 -30.99 12.19
C TRP C 34 24.53 -31.85 11.36
N PHE C 35 24.25 -31.46 10.13
CA PHE C 35 23.31 -32.16 9.23
C PHE C 35 23.84 -33.55 8.80
N HIS C 36 25.16 -33.73 8.69
CA HIS C 36 25.77 -34.93 8.04
C HIS C 36 26.72 -35.73 8.92
N PHE C 37 27.33 -35.15 9.95
CA PHE C 37 28.40 -35.81 10.73
C PHE C 37 28.06 -35.75 12.22
N ASN C 38 26.79 -35.50 12.53
CA ASN C 38 26.18 -35.68 13.86
C ASN C 38 26.96 -34.88 14.92
N SER C 39 27.41 -33.67 14.63
CA SER C 39 28.26 -32.88 15.55
C SER C 39 27.94 -31.38 15.46
N MET C 40 27.80 -30.76 16.64
CA MET C 40 27.44 -29.33 16.75
C MET C 40 28.68 -28.47 17.04
N THR C 41 29.87 -29.05 17.17
CA THR C 41 31.03 -28.36 17.73
C THR C 41 31.41 -27.14 16.86
N LEU C 42 31.64 -27.34 15.57
CA LEU C 42 32.02 -26.26 14.64
C LEU C 42 30.94 -25.16 14.69
N LEU C 43 29.69 -25.57 14.62
CA LEU C 43 28.58 -24.59 14.60
C LEU C 43 28.63 -23.73 15.86
N MET C 44 28.84 -24.34 17.03
N MET C 44 28.82 -24.35 17.03
CA MET C 44 28.85 -23.56 18.30
CA MET C 44 28.89 -23.59 18.32
C MET C 44 30.05 -22.62 18.33
C MET C 44 30.03 -22.57 18.23
N ILE C 45 31.18 -22.97 17.71
CA ILE C 45 32.35 -22.05 17.62
C ILE C 45 31.95 -20.90 16.70
N GLY C 46 31.35 -21.21 15.56
CA GLY C 46 30.95 -20.18 14.60
C GLY C 46 29.95 -19.19 15.17
N LEU C 47 28.92 -19.67 15.87
CA LEU C 47 27.92 -18.77 16.50
C LEU C 47 28.63 -17.88 17.52
N THR C 48 29.56 -18.44 18.29
CA THR C 48 30.28 -17.66 19.34
C THR C 48 31.13 -16.56 18.68
N THR C 49 31.88 -16.88 17.63
CA THR C 49 32.77 -15.89 16.96
C THR C 49 31.90 -14.87 16.23
N ASN C 50 30.74 -15.30 15.73
CA ASN C 50 29.82 -14.37 15.05
C ASN C 50 29.34 -13.32 16.09
N MET C 51 28.93 -13.76 17.27
N MET C 51 28.93 -13.77 17.27
CA MET C 51 28.42 -12.84 18.31
CA MET C 51 28.44 -12.86 18.32
C MET C 51 29.55 -11.94 18.80
C MET C 51 29.57 -11.93 18.77
N LEU C 52 30.76 -12.48 18.98
CA LEU C 52 31.92 -11.66 19.39
C LEU C 52 32.20 -10.61 18.32
N THR C 53 32.13 -10.99 17.04
CA THR C 53 32.42 -10.05 15.94
C THR C 53 31.40 -8.90 15.96
N MET C 54 30.11 -9.23 15.97
N MET C 54 30.12 -9.24 15.99
CA MET C 54 29.02 -8.23 15.96
CA MET C 54 29.02 -8.24 15.94
C MET C 54 29.23 -7.29 17.15
C MET C 54 29.16 -7.31 17.15
N TYR C 55 29.47 -7.85 18.33
CA TYR C 55 29.61 -7.04 19.56
C TYR C 55 30.74 -6.02 19.36
N GLN C 56 31.92 -6.48 18.93
CA GLN C 56 33.10 -5.58 18.86
C GLN C 56 32.95 -4.58 17.71
N TRP C 57 32.41 -5.01 16.56
CA TRP C 57 32.22 -4.13 15.40
C TRP C 57 31.28 -2.97 15.77
N TRP C 58 30.11 -3.28 16.31
CA TRP C 58 29.12 -2.24 16.65
C TRP C 58 29.57 -1.40 17.87
N ARG C 59 30.28 -2.01 18.82
CA ARG C 59 30.96 -1.26 19.89
C ARG C 59 31.86 -0.21 19.25
N ASP C 60 32.65 -0.60 18.24
CA ASP C 60 33.59 0.35 17.58
C ASP C 60 32.83 1.47 16.85
N VAL C 61 31.69 1.16 16.24
CA VAL C 61 30.85 2.21 15.58
C VAL C 61 30.37 3.23 16.63
N ILE C 62 30.00 2.75 17.81
CA ILE C 62 29.60 3.66 18.93
C ILE C 62 30.83 4.50 19.36
N ARG C 63 32.00 3.88 19.47
CA ARG C 63 33.21 4.62 19.87
C ARG C 63 33.48 5.72 18.83
N GLU C 64 33.32 5.39 17.55
CA GLU C 64 33.68 6.29 16.44
C GLU C 64 32.72 7.52 16.42
N SER C 65 31.49 7.33 16.87
CA SER C 65 30.39 8.29 16.67
C SER C 65 30.17 9.06 17.98
N THR C 66 29.63 8.40 18.98
CA THR C 66 29.35 9.03 20.29
C THR C 66 30.66 9.56 20.90
N PHE C 67 31.77 8.77 20.86
CA PHE C 67 32.94 9.11 21.67
C PHE C 67 33.96 9.90 20.85
N GLN C 68 34.05 9.67 19.54
CA GLN C 68 35.10 10.32 18.71
C GLN C 68 34.56 11.41 17.78
N GLY C 69 33.25 11.46 17.49
CA GLY C 69 32.65 12.54 16.69
C GLY C 69 32.83 12.39 15.19
N HIS C 70 33.06 11.18 14.66
CA HIS C 70 33.28 11.00 13.20
C HIS C 70 31.96 11.07 12.40
N HIS C 71 30.80 11.01 13.05
CA HIS C 71 29.52 10.96 12.30
C HIS C 71 29.05 12.38 12.04
N THR C 72 29.71 13.02 11.08
CA THR C 72 29.22 14.25 10.42
C THR C 72 27.88 14.00 9.71
N PRO C 73 27.15 15.08 9.34
CA PRO C 73 25.89 14.89 8.59
C PRO C 73 26.11 14.03 7.34
N ALA C 74 27.24 14.20 6.63
CA ALA C 74 27.50 13.43 5.40
C ALA C 74 27.58 11.92 5.72
N VAL C 75 28.25 11.57 6.81
CA VAL C 75 28.42 10.18 7.27
C VAL C 75 27.04 9.62 7.66
N GLN C 76 26.27 10.43 8.38
CA GLN C 76 24.93 9.99 8.84
C GLN C 76 24.05 9.72 7.61
N LYS C 77 24.12 10.59 6.58
CA LYS C 77 23.31 10.44 5.35
C LYS C 77 23.70 9.10 4.69
N GLY C 78 24.99 8.76 4.65
CA GLY C 78 25.41 7.45 4.10
C GLY C 78 24.81 6.30 4.87
N LEU C 79 24.86 6.37 6.21
CA LEU C 79 24.27 5.29 7.04
C LEU C 79 22.76 5.14 6.79
N ARG C 80 22.08 6.26 6.56
CA ARG C 80 20.63 6.25 6.26
C ARG C 80 20.42 5.41 4.99
N TYR C 81 21.18 5.75 3.95
CA TYR C 81 21.07 4.98 2.68
C TYR C 81 21.39 3.51 2.93
N GLY C 82 22.47 3.23 3.66
CA GLY C 82 22.85 1.83 3.88
C GLY C 82 21.74 1.04 4.53
N MET C 83 21.10 1.60 5.56
CA MET C 83 20.05 0.87 6.30
C MET C 83 18.80 0.68 5.38
N ILE C 84 18.44 1.70 4.61
CA ILE C 84 17.32 1.58 3.66
C ILE C 84 17.59 0.44 2.65
N LEU C 85 18.81 0.40 2.11
CA LEU C 85 19.18 -0.62 1.11
C LEU C 85 19.17 -2.01 1.75
N PHE C 86 19.69 -2.10 2.97
CA PHE C 86 19.65 -3.38 3.70
C PHE C 86 18.19 -3.85 3.86
N ILE C 87 17.31 -2.95 4.31
CA ILE C 87 15.87 -3.32 4.48
C ILE C 87 15.28 -3.80 3.13
N ILE C 88 15.56 -3.09 2.04
CA ILE C 88 15.11 -3.53 0.70
C ILE C 88 15.56 -4.97 0.46
N SER C 89 16.82 -5.29 0.69
CA SER C 89 17.31 -6.67 0.42
C SER C 89 16.50 -7.67 1.27
N GLU C 90 16.16 -7.31 2.51
CA GLU C 90 15.41 -8.20 3.40
C GLU C 90 13.96 -8.35 2.88
N VAL C 91 13.40 -7.29 2.31
CA VAL C 91 12.06 -7.41 1.70
C VAL C 91 12.10 -8.44 0.58
N LEU C 92 13.10 -8.38 -0.30
CA LEU C 92 13.17 -9.30 -1.45
C LEU C 92 13.40 -10.72 -0.95
N PHE C 93 14.13 -10.91 0.15
CA PHE C 93 14.32 -12.27 0.74
C PHE C 93 12.95 -12.84 1.13
N PHE C 94 12.15 -12.05 1.85
CA PHE C 94 10.77 -12.51 2.21
C PHE C 94 9.91 -12.70 0.97
N THR C 95 10.06 -11.87 -0.07
CA THR C 95 9.29 -12.02 -1.32
C THR C 95 9.43 -13.46 -1.84
N GLY C 96 10.63 -14.05 -1.76
CA GLY C 96 10.82 -15.42 -2.24
C GLY C 96 9.94 -16.42 -1.48
N PHE C 97 9.80 -16.26 -0.18
CA PHE C 97 8.96 -17.14 0.65
C PHE C 97 7.47 -16.91 0.34
N PHE C 98 7.05 -15.67 0.13
CA PHE C 98 5.64 -15.38 -0.25
C PHE C 98 5.37 -15.99 -1.62
N TRP C 99 6.31 -15.86 -2.55
CA TRP C 99 6.16 -16.51 -3.88
C TRP C 99 5.94 -18.02 -3.69
N ALA C 100 6.78 -18.67 -2.89
CA ALA C 100 6.65 -20.14 -2.64
C ALA C 100 5.25 -20.44 -2.07
N PHE C 101 4.80 -19.62 -1.13
CA PHE C 101 3.47 -19.81 -0.48
C PHE C 101 2.35 -19.70 -1.54
N TYR C 102 2.32 -18.61 -2.31
CA TYR C 102 1.24 -18.39 -3.31
C TYR C 102 1.31 -19.48 -4.39
N HIS C 103 2.52 -19.85 -4.81
CA HIS C 103 2.68 -20.89 -5.83
C HIS C 103 1.98 -22.18 -5.40
N SER C 104 2.21 -22.60 -4.17
CA SER C 104 1.74 -23.90 -3.65
C SER C 104 0.24 -23.82 -3.36
N SER C 105 -0.25 -22.69 -2.87
CA SER C 105 -1.63 -22.57 -2.32
C SER C 105 -2.63 -22.24 -3.43
N LEU C 106 -2.17 -21.55 -4.48
CA LEU C 106 -3.06 -21.18 -5.59
C LEU C 106 -3.23 -22.35 -6.53
N ALA C 107 -2.36 -23.34 -6.50
CA ALA C 107 -2.46 -24.47 -7.46
C ALA C 107 -2.22 -25.76 -6.71
N PRO C 108 -3.07 -26.11 -5.72
CA PRO C 108 -2.78 -27.24 -4.85
C PRO C 108 -2.76 -28.51 -5.70
N THR C 109 -1.74 -29.32 -5.49
CA THR C 109 -1.52 -30.55 -6.29
C THR C 109 -2.38 -31.70 -5.81
N PRO C 110 -2.51 -32.76 -6.62
CA PRO C 110 -3.28 -33.94 -6.21
C PRO C 110 -2.84 -34.58 -4.88
N GLU C 111 -1.54 -34.53 -4.59
CA GLU C 111 -1.00 -35.13 -3.34
C GLU C 111 -1.67 -34.47 -2.12
N LEU C 112 -2.10 -33.20 -2.25
CA LEU C 112 -2.71 -32.44 -1.14
C LEU C 112 -4.20 -32.77 -1.04
N GLY C 113 -4.77 -33.48 -2.01
CA GLY C 113 -6.23 -33.56 -2.22
C GLY C 113 -6.72 -32.55 -3.26
N GLY C 114 -5.82 -31.77 -3.89
CA GLY C 114 -6.21 -30.76 -4.90
C GLY C 114 -6.91 -29.57 -4.30
N CYS C 115 -6.72 -29.30 -3.01
CA CYS C 115 -7.42 -28.24 -2.24
C CYS C 115 -6.39 -27.55 -1.33
N TRP C 116 -6.74 -26.37 -0.84
CA TRP C 116 -5.96 -25.65 0.17
C TRP C 116 -6.96 -25.14 1.17
N PRO C 117 -6.73 -25.31 2.48
CA PRO C 117 -5.58 -26.04 2.98
C PRO C 117 -5.64 -27.53 2.60
N PRO C 118 -4.50 -28.23 2.60
CA PRO C 118 -4.48 -29.65 2.25
C PRO C 118 -5.36 -30.51 3.15
N THR C 119 -5.81 -31.61 2.59
CA THR C 119 -6.47 -32.66 3.39
C THR C 119 -5.59 -32.99 4.60
N GLY C 120 -6.19 -33.07 5.78
CA GLY C 120 -5.45 -33.47 7.00
C GLY C 120 -4.74 -32.33 7.69
N ILE C 121 -4.79 -31.10 7.16
CA ILE C 121 -4.27 -29.89 7.84
C ILE C 121 -5.44 -29.18 8.53
N HIS C 122 -5.24 -28.84 9.80
CA HIS C 122 -6.21 -28.11 10.65
C HIS C 122 -5.51 -26.79 11.00
N PRO C 123 -5.72 -25.74 10.18
CA PRO C 123 -5.05 -24.46 10.46
C PRO C 123 -5.41 -23.91 11.84
N LEU C 124 -4.52 -23.05 12.34
CA LEU C 124 -4.79 -22.22 13.55
C LEU C 124 -5.95 -21.28 13.22
N ASN C 125 -6.74 -20.96 14.24
CA ASN C 125 -7.81 -19.95 14.12
C ASN C 125 -7.15 -18.56 14.09
N PRO C 126 -7.22 -17.84 12.95
CA PRO C 126 -6.55 -16.55 12.81
C PRO C 126 -7.11 -15.46 13.72
N LEU C 127 -8.26 -15.72 14.31
CA LEU C 127 -8.89 -14.75 15.24
C LEU C 127 -8.43 -14.95 16.69
N GLU C 128 -7.56 -15.90 16.98
CA GLU C 128 -7.14 -16.19 18.38
C GLU C 128 -5.74 -15.62 18.53
N VAL C 129 -4.71 -16.46 18.72
CA VAL C 129 -3.36 -15.90 19.04
C VAL C 129 -2.83 -15.11 17.84
N PRO C 130 -3.06 -15.52 16.57
CA PRO C 130 -2.55 -14.73 15.45
C PRO C 130 -3.06 -13.28 15.43
N LEU C 131 -4.33 -13.07 15.76
CA LEU C 131 -4.89 -11.72 15.89
C LEU C 131 -4.23 -10.97 17.06
N LEU C 132 -4.02 -11.65 18.18
CA LEU C 132 -3.35 -11.03 19.35
C LEU C 132 -1.93 -10.61 18.94
N ASN C 133 -1.20 -11.47 18.22
CA ASN C 133 0.15 -11.11 17.74
C ASN C 133 0.10 -9.85 16.87
N THR C 134 -0.92 -9.77 16.02
CA THR C 134 -1.09 -8.59 15.13
C THR C 134 -1.27 -7.35 16.02
N SER C 135 -2.17 -7.41 17.00
CA SER C 135 -2.41 -6.24 17.90
C SER C 135 -1.09 -5.84 18.60
N VAL C 136 -0.32 -6.83 19.00
CA VAL C 136 0.94 -6.62 19.74
C VAL C 136 1.95 -5.88 18.84
N LEU C 137 2.20 -6.36 17.63
CA LEU C 137 3.18 -5.67 16.77
C LEU C 137 2.67 -4.29 16.33
N LEU C 138 1.39 -4.15 16.00
CA LEU C 138 0.85 -2.81 15.69
C LEU C 138 1.04 -1.88 16.89
N ALA C 139 0.70 -2.34 18.11
CA ALA C 139 0.83 -1.52 19.34
C ALA C 139 2.32 -1.10 19.48
N SER C 140 3.25 -1.99 19.16
CA SER C 140 4.68 -1.70 19.33
C SER C 140 5.13 -0.64 18.29
N GLY C 141 4.44 -0.57 17.14
CA GLY C 141 4.71 0.47 16.11
C GLY C 141 4.27 1.82 16.65
N VAL C 142 3.18 1.86 17.42
CA VAL C 142 2.72 3.11 18.07
C VAL C 142 3.70 3.51 19.20
N SER C 143 4.08 2.59 20.07
CA SER C 143 4.94 2.92 21.21
C SER C 143 6.32 3.36 20.72
N ILE C 144 6.84 2.76 19.65
N ILE C 144 6.85 2.75 19.65
CA ILE C 144 8.20 3.18 19.17
CA ILE C 144 8.21 3.16 19.17
C ILE C 144 8.11 4.60 18.62
C ILE C 144 8.12 4.59 18.60
N THR C 145 6.97 4.98 18.05
CA THR C 145 6.75 6.33 17.50
C THR C 145 6.74 7.33 18.67
N TRP C 146 6.04 6.97 19.74
CA TRP C 146 6.08 7.76 20.99
C TRP C 146 7.54 7.92 21.43
N ALA C 147 8.30 6.83 21.43
CA ALA C 147 9.70 6.90 21.92
C ALA C 147 10.49 7.88 21.05
N HIS C 148 10.29 7.80 19.74
CA HIS C 148 11.02 8.67 18.78
C HIS C 148 10.72 10.15 19.09
N HIS C 149 9.44 10.49 19.23
CA HIS C 149 9.04 11.89 19.48
C HIS C 149 9.57 12.34 20.86
N SER C 150 9.54 11.49 21.88
CA SER C 150 10.07 11.85 23.21
C SER C 150 11.55 12.21 23.07
N LEU C 151 12.29 11.40 22.33
CA LEU C 151 13.75 11.63 22.15
C LEU C 151 13.96 12.97 21.42
N MET C 152 13.20 13.24 20.35
CA MET C 152 13.35 14.52 19.61
C MET C 152 12.99 15.71 20.51
N GLU C 153 12.05 15.53 21.43
CA GLU C 153 11.58 16.60 22.35
C GLU C 153 12.50 16.70 23.58
N GLY C 154 13.51 15.85 23.68
CA GLY C 154 14.46 15.94 24.80
C GLY C 154 14.00 15.31 26.10
N ASP C 155 13.02 14.41 26.04
CA ASP C 155 12.37 13.83 27.24
C ASP C 155 12.96 12.44 27.52
N ARG C 156 13.93 12.34 28.42
CA ARG C 156 14.65 11.06 28.67
C ARG C 156 13.69 10.02 29.28
N LYS C 157 12.90 10.41 30.28
CA LYS C 157 12.06 9.44 31.02
C LYS C 157 11.03 8.81 30.07
N HIS C 158 10.34 9.63 29.28
CA HIS C 158 9.28 9.10 28.39
C HIS C 158 9.90 8.30 27.24
N MET C 159 11.07 8.70 26.72
CA MET C 159 11.76 7.88 25.69
C MET C 159 11.95 6.49 26.29
N LEU C 160 12.53 6.42 27.50
CA LEU C 160 12.84 5.10 28.12
C LEU C 160 11.56 4.30 28.37
N GLN C 161 10.50 4.94 28.83
N GLN C 161 10.51 4.94 28.87
CA GLN C 161 9.24 4.21 29.10
CA GLN C 161 9.20 4.28 29.10
C GLN C 161 8.65 3.66 27.79
C GLN C 161 8.68 3.67 27.79
N ALA C 162 8.60 4.47 26.74
CA ALA C 162 8.02 4.08 25.44
C ALA C 162 8.86 2.95 24.82
N LEU C 163 10.19 3.08 24.92
CA LEU C 163 11.08 2.06 24.31
C LEU C 163 10.97 0.76 25.11
N PHE C 164 10.84 0.85 26.44
CA PHE C 164 10.64 -0.34 27.29
C PHE C 164 9.33 -1.03 26.91
N ILE C 165 8.27 -0.26 26.70
CA ILE C 165 6.97 -0.85 26.27
C ILE C 165 7.15 -1.56 24.92
N THR C 166 7.89 -0.94 24.01
CA THR C 166 8.09 -1.48 22.64
C THR C 166 8.79 -2.86 22.77
N ILE C 167 9.85 -2.90 23.56
CA ILE C 167 10.64 -4.16 23.75
C ILE C 167 9.75 -5.21 24.41
N THR C 168 8.97 -4.83 25.42
CA THR C 168 8.08 -5.77 26.15
C THR C 168 7.11 -6.38 25.13
N LEU C 169 6.56 -5.56 24.24
CA LEU C 169 5.63 -6.11 23.21
C LEU C 169 6.38 -7.08 22.26
N GLY C 170 7.59 -6.73 21.81
CA GLY C 170 8.41 -7.64 20.99
C GLY C 170 8.63 -8.98 21.70
N VAL C 171 8.94 -8.94 22.99
CA VAL C 171 9.12 -10.17 23.79
C VAL C 171 7.78 -10.93 23.89
N TYR C 172 6.67 -10.24 24.14
CA TYR C 172 5.32 -10.87 24.20
C TYR C 172 5.05 -11.61 22.88
N PHE C 173 5.31 -10.97 21.74
CA PHE C 173 5.07 -11.58 20.40
C PHE C 173 5.88 -12.88 20.32
N THR C 174 7.16 -12.79 20.70
CA THR C 174 8.11 -13.95 20.62
C THR C 174 7.60 -15.10 21.49
N LEU C 175 7.21 -14.83 22.74
CA LEU C 175 6.68 -15.86 23.66
C LEU C 175 5.39 -16.44 23.08
N LEU C 176 4.49 -15.61 22.56
CA LEU C 176 3.21 -16.11 21.98
C LEU C 176 3.53 -17.02 20.79
N GLN C 177 4.44 -16.58 19.93
CA GLN C 177 4.81 -17.38 18.74
C GLN C 177 5.43 -18.73 19.19
N ALA C 178 6.30 -18.72 20.20
CA ALA C 178 6.92 -19.96 20.72
C ALA C 178 5.83 -20.92 21.20
N SER C 179 4.86 -20.38 21.94
CA SER C 179 3.72 -21.17 22.46
C SER C 179 2.91 -21.73 21.28
N GLU C 180 2.64 -20.90 20.26
N GLU C 180 2.63 -20.87 20.30
CA GLU C 180 1.82 -21.32 19.10
CA GLU C 180 1.89 -21.27 19.07
C GLU C 180 2.57 -22.39 18.29
C GLU C 180 2.60 -22.43 18.39
N TYR C 181 3.90 -22.30 18.20
CA TYR C 181 4.73 -23.35 17.55
C TYR C 181 4.53 -24.67 18.31
N TYR C 182 4.66 -24.65 19.63
CA TYR C 182 4.52 -25.88 20.44
C TYR C 182 3.10 -26.43 20.30
N GLU C 183 2.08 -25.59 20.33
CA GLU C 183 0.67 -26.03 20.31
C GLU C 183 0.22 -26.46 18.90
N ALA C 184 0.90 -26.04 17.84
CA ALA C 184 0.42 -26.29 16.47
C ALA C 184 0.32 -27.81 16.25
N PRO C 185 -0.83 -28.29 15.72
CA PRO C 185 -1.02 -29.72 15.44
C PRO C 185 -0.32 -30.17 14.16
N PHE C 186 0.19 -29.21 13.38
CA PHE C 186 0.98 -29.46 12.16
C PHE C 186 2.44 -29.03 12.42
N THR C 187 3.35 -29.60 11.64
CA THR C 187 4.81 -29.43 11.82
C THR C 187 5.41 -28.96 10.50
N ILE C 188 6.72 -28.72 10.52
CA ILE C 188 7.46 -28.33 9.32
C ILE C 188 7.45 -29.50 8.31
N SER C 189 7.28 -30.74 8.78
CA SER C 189 7.30 -31.95 7.92
C SER C 189 5.90 -32.23 7.37
N ASP C 190 4.90 -31.38 7.64
CA ASP C 190 3.52 -31.61 7.12
C ASP C 190 3.35 -30.96 5.74
N GLY C 191 4.14 -31.46 4.78
CA GLY C 191 4.10 -31.07 3.39
C GLY C 191 4.34 -29.58 3.22
N VAL C 192 3.85 -29.08 2.10
CA VAL C 192 4.17 -27.69 1.71
C VAL C 192 3.40 -26.71 2.63
N TYR C 193 2.30 -27.13 3.25
CA TYR C 193 1.61 -26.26 4.24
C TYR C 193 2.56 -25.98 5.42
N GLY C 194 3.09 -27.04 6.04
CA GLY C 194 4.02 -26.88 7.16
C GLY C 194 5.29 -26.17 6.73
N SER C 195 5.77 -26.49 5.52
CA SER C 195 7.06 -25.94 5.00
C SER C 195 6.92 -24.41 4.92
N THR C 196 5.88 -23.98 4.21
CA THR C 196 5.64 -22.53 4.00
C THR C 196 5.38 -21.86 5.35
N PHE C 197 4.48 -22.44 6.15
CA PHE C 197 4.12 -21.82 7.44
C PHE C 197 5.34 -21.62 8.34
N PHE C 198 6.13 -22.67 8.58
CA PHE C 198 7.21 -22.58 9.58
C PHE C 198 8.42 -21.82 9.01
N VAL C 199 8.77 -22.00 7.73
CA VAL C 199 9.98 -21.29 7.24
C VAL C 199 9.69 -19.78 7.17
N ALA C 200 8.52 -19.38 6.66
CA ALA C 200 8.18 -17.95 6.49
C ALA C 200 8.00 -17.33 7.88
N THR C 201 7.15 -17.92 8.74
CA THR C 201 6.96 -17.35 10.08
C THR C 201 8.26 -17.49 10.89
N GLY C 202 9.06 -18.52 10.64
CA GLY C 202 10.30 -18.72 11.41
C GLY C 202 11.32 -17.66 11.07
N PHE C 203 11.51 -17.37 9.78
CA PHE C 203 12.45 -16.27 9.44
C PHE C 203 11.90 -14.95 10.03
N HIS C 204 10.58 -14.76 9.98
CA HIS C 204 9.97 -13.55 10.57
C HIS C 204 10.32 -13.49 12.08
N GLY C 205 10.15 -14.60 12.80
CA GLY C 205 10.42 -14.68 14.25
C GLY C 205 11.89 -14.34 14.52
N LEU C 206 12.79 -14.84 13.66
CA LEU C 206 14.22 -14.50 13.80
C LEU C 206 14.39 -12.98 13.65
N HIS C 207 13.72 -12.37 12.69
CA HIS C 207 13.83 -10.89 12.48
C HIS C 207 13.25 -10.16 13.70
N VAL C 208 12.17 -10.66 14.30
CA VAL C 208 11.64 -10.05 15.55
C VAL C 208 12.69 -10.10 16.66
N ILE C 209 13.38 -11.23 16.79
CA ILE C 209 14.42 -11.37 17.83
C ILE C 209 15.57 -10.40 17.52
N ILE C 210 15.97 -10.30 16.26
CA ILE C 210 17.06 -9.37 15.86
C ILE C 210 16.62 -7.93 16.16
N GLY C 211 15.39 -7.60 15.78
CA GLY C 211 14.92 -6.21 15.98
C GLY C 211 14.77 -5.90 17.46
N SER C 212 14.32 -6.87 18.26
CA SER C 212 14.16 -6.68 19.73
C SER C 212 15.54 -6.45 20.30
N THR C 213 16.52 -7.22 19.86
CA THR C 213 17.93 -7.07 20.34
C THR C 213 18.40 -5.65 20.01
N PHE C 214 18.14 -5.18 18.78
CA PHE C 214 18.58 -3.83 18.36
C PHE C 214 17.92 -2.78 19.26
N LEU C 215 16.62 -2.95 19.54
CA LEU C 215 15.92 -2.01 20.46
C LEU C 215 16.55 -2.06 21.86
N ILE C 216 16.94 -3.23 22.35
CA ILE C 216 17.55 -3.34 23.69
C ILE C 216 18.91 -2.65 23.68
N VAL C 217 19.69 -2.78 22.59
CA VAL C 217 20.95 -2.00 22.46
C VAL C 217 20.62 -0.51 22.58
N CYS C 218 19.62 -0.04 21.84
CA CYS C 218 19.20 1.40 21.91
C CYS C 218 18.78 1.78 23.34
N PHE C 219 18.06 0.90 24.02
CA PHE C 219 17.63 1.16 25.42
C PHE C 219 18.87 1.38 26.33
N PHE C 220 19.89 0.52 26.27
CA PHE C 220 21.10 0.70 27.10
C PHE C 220 21.88 1.94 26.67
N ARG C 221 21.99 2.19 25.37
CA ARG C 221 22.68 3.42 24.91
C ARG C 221 21.94 4.68 25.43
N GLN C 222 20.60 4.69 25.40
CA GLN C 222 19.80 5.79 25.96
C GLN C 222 20.06 5.92 27.47
N LEU C 223 20.08 4.81 28.20
CA LEU C 223 20.35 4.86 29.66
C LEU C 223 21.71 5.55 29.87
N LYS C 224 22.69 5.31 28.98
CA LYS C 224 24.06 5.86 29.12
C LYS C 224 24.19 7.25 28.45
N PHE C 225 23.08 7.86 28.00
CA PHE C 225 23.01 9.26 27.48
C PHE C 225 23.72 9.38 26.11
N HIS C 226 23.82 8.32 25.32
CA HIS C 226 24.57 8.39 24.04
C HIS C 226 23.83 9.29 23.03
N PHE C 227 22.50 9.26 23.06
CA PHE C 227 21.69 9.94 22.02
C PHE C 227 21.50 11.41 22.39
N THR C 228 21.63 12.27 21.39
CA THR C 228 21.16 13.66 21.55
C THR C 228 19.77 13.77 20.93
N SER C 229 19.11 14.87 21.21
CA SER C 229 17.74 15.12 20.70
C SER C 229 17.76 15.21 19.17
N ASN C 230 18.92 15.49 18.53
CA ASN C 230 19.03 15.60 17.07
C ASN C 230 19.84 14.47 16.41
N HIS C 231 20.63 13.74 17.18
CA HIS C 231 21.61 12.77 16.62
C HIS C 231 21.39 11.43 17.32
N HIS C 232 20.84 10.47 16.59
CA HIS C 232 20.39 9.20 17.19
C HIS C 232 20.09 8.22 16.07
N PHE C 233 21.04 8.05 15.15
CA PHE C 233 20.80 7.21 13.96
C PHE C 233 20.55 5.75 14.38
N GLY C 234 21.23 5.24 15.41
CA GLY C 234 21.01 3.83 15.81
C GLY C 234 19.55 3.59 16.19
N PHE C 235 18.95 4.57 16.86
CA PHE C 235 17.50 4.52 17.22
C PHE C 235 16.67 4.59 15.95
N GLU C 236 16.98 5.50 15.02
CA GLU C 236 16.19 5.61 13.75
C GLU C 236 16.25 4.27 13.00
N ALA C 237 17.45 3.71 12.87
CA ALA C 237 17.68 2.47 12.13
C ALA C 237 16.87 1.33 12.82
N ALA C 238 16.90 1.27 14.15
CA ALA C 238 16.18 0.22 14.89
C ALA C 238 14.67 0.39 14.65
N ALA C 239 14.19 1.64 14.61
CA ALA C 239 12.75 1.95 14.40
C ALA C 239 12.36 1.55 12.98
N TRP C 240 13.19 1.87 11.97
CA TRP C 240 12.88 1.49 10.57
C TRP C 240 12.84 -0.05 10.47
N TYR C 241 13.81 -0.71 11.10
CA TYR C 241 13.85 -2.18 11.08
C TYR C 241 12.58 -2.74 11.74
N TRP C 242 12.18 -2.14 12.84
CA TRP C 242 11.01 -2.58 13.62
C TRP C 242 9.72 -2.40 12.79
N HIS C 243 9.58 -1.29 12.06
CA HIS C 243 8.43 -1.09 11.16
C HIS C 243 8.45 -2.17 10.07
N PHE C 244 9.62 -2.48 9.51
CA PHE C 244 9.78 -3.55 8.51
C PHE C 244 9.23 -4.86 9.09
N VAL C 245 9.68 -5.24 10.28
CA VAL C 245 9.18 -6.47 10.97
C VAL C 245 7.63 -6.43 11.10
N ASP C 246 7.06 -5.27 11.44
CA ASP C 246 5.58 -5.14 11.60
CA ASP C 246 5.73 -5.05 11.71
C ASP C 246 4.94 -5.44 10.24
C ASP C 246 4.96 -5.28 10.37
N VAL C 247 5.47 -4.78 9.22
CA VAL C 247 4.83 -4.88 7.88
C VAL C 247 4.93 -6.32 7.36
N VAL C 248 6.07 -6.97 7.53
CA VAL C 248 6.18 -8.37 7.11
C VAL C 248 5.09 -9.20 7.84
N TRP C 249 4.93 -9.00 9.15
CA TRP C 249 3.89 -9.70 9.93
C TRP C 249 2.52 -9.49 9.30
N LEU C 250 2.17 -8.25 8.95
CA LEU C 250 0.81 -7.99 8.41
C LEU C 250 0.62 -8.80 7.13
N PHE C 251 1.64 -8.86 6.28
CA PHE C 251 1.55 -9.66 5.03
C PHE C 251 1.43 -11.14 5.37
N LEU C 252 2.19 -11.63 6.35
CA LEU C 252 2.09 -13.06 6.76
C LEU C 252 0.69 -13.36 7.29
N TYR C 253 0.19 -12.48 8.13
CA TYR C 253 -1.14 -12.64 8.76
C TYR C 253 -2.19 -12.75 7.66
N VAL C 254 -2.22 -11.79 6.75
CA VAL C 254 -3.27 -11.78 5.70
C VAL C 254 -3.09 -12.98 4.77
N SER C 255 -1.86 -13.29 4.42
CA SER C 255 -1.56 -14.33 3.38
C SER C 255 -1.73 -15.73 3.97
N ILE C 256 -0.90 -16.05 4.94
CA ILE C 256 -0.77 -17.45 5.45
C ILE C 256 -1.89 -17.75 6.44
N TYR C 257 -2.09 -16.89 7.41
CA TYR C 257 -3.01 -17.21 8.54
C TYR C 257 -4.46 -17.03 8.14
N TRP C 258 -4.78 -15.99 7.37
CA TRP C 258 -6.19 -15.63 7.08
C TRP C 258 -6.60 -16.20 5.71
N TRP C 259 -6.14 -15.61 4.63
CA TRP C 259 -6.44 -16.08 3.25
C TRP C 259 -6.06 -17.58 3.09
N GLY C 260 -4.94 -18.04 3.67
CA GLY C 260 -4.47 -19.42 3.54
C GLY C 260 -5.18 -20.42 4.46
N SER C 261 -6.13 -20.00 5.27
CA SER C 261 -6.81 -20.87 6.28
C SER C 261 -7.98 -21.58 5.62
N SER D 4 65.50 16.84 -21.72
CA SER D 4 64.22 17.02 -21.02
C SER D 4 63.86 15.76 -20.22
N VAL D 5 64.40 15.63 -19.02
CA VAL D 5 64.14 14.46 -18.14
C VAL D 5 62.78 14.67 -17.45
N VAL D 6 61.87 13.74 -17.67
CA VAL D 6 60.56 13.79 -17.00
C VAL D 6 60.62 12.89 -15.76
N LYS D 7 60.18 13.41 -14.62
CA LYS D 7 60.33 12.79 -13.28
C LYS D 7 58.93 12.34 -12.84
N SER D 8 58.86 11.23 -12.11
CA SER D 8 57.62 10.72 -11.46
C SER D 8 56.98 11.84 -10.64
N GLU D 9 57.81 12.60 -9.89
CA GLU D 9 57.31 13.59 -8.89
C GLU D 9 56.67 14.78 -9.64
N ASP D 10 56.68 14.80 -11.00
CA ASP D 10 56.15 15.90 -11.85
C ASP D 10 54.70 15.62 -12.32
N TYR D 11 54.03 14.56 -11.86
CA TYR D 11 52.75 14.11 -12.44
C TYR D 11 51.67 15.20 -12.39
N ALA D 12 51.71 16.13 -11.45
CA ALA D 12 50.62 17.14 -11.27
C ALA D 12 50.89 18.40 -12.11
N LEU D 13 52.05 18.48 -12.76
CA LEU D 13 52.41 19.67 -13.56
C LEU D 13 51.99 19.45 -15.00
N PRO D 14 51.73 20.57 -15.71
CA PRO D 14 51.53 20.51 -17.16
C PRO D 14 52.71 19.76 -17.79
N SER D 15 52.37 18.92 -18.75
CA SER D 15 53.34 18.00 -19.39
C SER D 15 53.30 18.15 -20.91
N TYR D 16 54.35 17.63 -21.51
CA TYR D 16 54.54 17.62 -22.97
C TYR D 16 53.92 16.35 -23.54
N VAL D 17 53.26 16.48 -24.70
N VAL D 17 53.28 16.47 -24.70
CA VAL D 17 52.74 15.33 -25.49
CA VAL D 17 52.84 15.25 -25.45
C VAL D 17 53.03 15.57 -26.97
C VAL D 17 52.88 15.52 -26.95
N ASP D 18 53.30 14.49 -27.71
CA ASP D 18 53.25 14.50 -29.20
C ASP D 18 51.96 13.77 -29.57
N ARG D 19 50.97 14.51 -30.03
CA ARG D 19 49.64 13.98 -30.41
C ARG D 19 49.16 14.79 -31.62
N ARG D 20 48.81 14.16 -32.73
CA ARG D 20 48.50 14.93 -33.97
C ARG D 20 47.23 15.76 -33.77
N ASP D 21 46.35 15.36 -32.84
CA ASP D 21 45.05 15.98 -32.41
C ASP D 21 45.31 17.04 -31.31
N TYR D 22 46.57 17.28 -30.89
CA TYR D 22 46.91 18.27 -29.82
C TYR D 22 48.24 18.90 -30.21
N PRO D 23 48.26 19.62 -31.36
CA PRO D 23 49.51 19.99 -31.99
C PRO D 23 50.39 20.91 -31.14
N LEU D 24 49.78 21.78 -30.32
CA LEU D 24 50.53 22.78 -29.52
C LEU D 24 50.38 22.40 -28.03
N PRO D 25 51.32 21.61 -27.50
CA PRO D 25 51.21 21.16 -26.13
C PRO D 25 51.45 22.26 -25.11
N ASP D 26 51.14 21.91 -23.87
CA ASP D 26 51.01 22.89 -22.77
C ASP D 26 52.39 23.46 -22.39
N VAL D 27 53.46 22.76 -22.69
CA VAL D 27 54.83 23.23 -22.30
C VAL D 27 55.76 22.99 -23.50
N ALA D 28 56.87 23.71 -23.55
CA ALA D 28 57.97 23.44 -24.49
C ALA D 28 58.61 22.09 -24.15
N HIS D 29 59.10 21.41 -25.17
CA HIS D 29 59.91 20.17 -25.01
C HIS D 29 61.15 20.48 -24.16
N VAL D 30 61.79 21.61 -24.44
CA VAL D 30 63.06 22.00 -23.77
C VAL D 30 62.81 23.30 -23.03
N LYS D 31 62.90 23.26 -21.70
CA LYS D 31 62.64 24.48 -20.86
C LYS D 31 63.93 25.22 -20.55
N ASN D 32 64.98 24.50 -20.28
CA ASN D 32 66.27 25.11 -19.88
C ASN D 32 67.10 25.41 -21.14
N LEU D 33 67.68 26.60 -21.23
CA LEU D 33 68.41 27.11 -22.41
C LEU D 33 69.88 27.37 -22.06
N SER D 34 70.76 26.88 -22.89
CA SER D 34 72.20 27.21 -22.83
C SER D 34 72.43 28.68 -23.25
N ALA D 35 73.64 29.18 -23.08
CA ALA D 35 73.96 30.52 -23.62
C ALA D 35 73.58 30.60 -25.10
N SER D 36 74.00 29.64 -25.95
CA SER D 36 73.74 29.79 -27.42
C SER D 36 72.23 29.69 -27.67
N GLN D 37 71.50 28.85 -26.91
CA GLN D 37 70.04 28.70 -27.13
C GLN D 37 69.33 29.98 -26.70
N LYS D 38 69.80 30.64 -25.64
CA LYS D 38 69.26 31.96 -25.21
C LYS D 38 69.47 32.98 -26.33
N ALA D 39 70.64 32.96 -26.98
CA ALA D 39 70.96 33.93 -28.06
C ALA D 39 70.02 33.66 -29.23
N LEU D 40 69.74 32.37 -29.47
CA LEU D 40 68.86 31.95 -30.59
C LEU D 40 67.43 32.45 -30.33
N LYS D 41 66.93 32.34 -29.10
CA LYS D 41 65.58 32.85 -28.75
C LYS D 41 65.55 34.39 -28.88
N GLU D 42 66.65 35.11 -28.58
CA GLU D 42 66.69 36.57 -28.84
C GLU D 42 66.65 36.82 -30.34
N LYS D 43 67.36 36.04 -31.15
CA LYS D 43 67.40 36.26 -32.61
C LYS D 43 65.99 36.01 -33.21
N GLU D 44 65.25 35.07 -32.65
CA GLU D 44 63.86 34.75 -33.06
C GLU D 44 62.95 35.98 -32.94
N LYS D 45 63.31 36.97 -32.12
CA LYS D 45 62.49 38.22 -31.98
C LYS D 45 62.67 39.15 -33.19
N ALA D 46 63.72 38.95 -33.98
CA ALA D 46 63.96 39.68 -35.24
C ALA D 46 63.40 38.86 -36.43
N SER D 47 63.60 39.36 -37.65
CA SER D 47 63.07 38.73 -38.87
C SER D 47 63.47 37.23 -38.95
N TRP D 48 62.50 36.36 -39.18
CA TRP D 48 62.77 34.92 -39.37
C TRP D 48 63.54 34.67 -40.66
N SER D 49 63.51 35.63 -41.59
CA SER D 49 64.28 35.58 -42.86
C SER D 49 65.78 35.54 -42.57
N SER D 50 66.20 36.05 -41.41
CA SER D 50 67.62 36.16 -41.00
C SER D 50 68.05 34.90 -40.26
N LEU D 51 67.13 34.02 -39.89
CA LEU D 51 67.52 32.71 -39.29
C LEU D 51 67.99 31.75 -40.40
N SER D 52 69.05 30.99 -40.13
CA SER D 52 69.50 29.89 -41.01
C SER D 52 68.51 28.72 -40.89
N ILE D 53 68.56 27.81 -41.86
CA ILE D 53 67.80 26.54 -41.81
C ILE D 53 68.15 25.82 -40.50
N ASP D 54 69.43 25.77 -40.13
CA ASP D 54 69.85 25.04 -38.90
C ASP D 54 69.24 25.71 -37.66
N GLU D 55 69.20 27.04 -37.65
CA GLU D 55 68.64 27.78 -36.50
C GLU D 55 67.13 27.52 -36.40
N LYS D 56 66.43 27.48 -37.54
CA LYS D 56 64.98 27.18 -37.60
C LYS D 56 64.72 25.77 -37.07
N VAL D 57 65.53 24.81 -37.50
CA VAL D 57 65.40 23.41 -36.99
C VAL D 57 65.64 23.42 -35.48
N GLU D 58 66.65 24.13 -34.99
CA GLU D 58 66.98 24.14 -33.54
C GLU D 58 65.79 24.75 -32.78
N LEU D 59 65.17 25.82 -33.29
CA LEU D 59 63.96 26.41 -32.62
C LEU D 59 62.81 25.40 -32.59
N TYR D 60 62.61 24.66 -33.66
CA TYR D 60 61.54 23.63 -33.71
C TYR D 60 61.84 22.59 -32.63
N ARG D 61 63.09 22.14 -32.55
CA ARG D 61 63.46 21.03 -31.62
C ARG D 61 63.51 21.50 -30.15
N LEU D 62 63.62 22.81 -29.88
CA LEU D 62 63.44 23.31 -28.49
C LEU D 62 61.95 23.23 -28.11
N LYS D 63 61.07 23.54 -29.04
CA LYS D 63 59.62 23.60 -28.76
C LYS D 63 59.01 22.19 -28.74
N PHE D 64 59.42 21.34 -29.66
CA PHE D 64 58.80 20.01 -29.88
C PHE D 64 59.84 18.91 -29.82
N LYS D 65 59.40 17.72 -29.46
CA LYS D 65 60.24 16.51 -29.45
C LYS D 65 60.23 15.91 -30.84
N GLU D 66 59.13 15.30 -31.24
CA GLU D 66 59.00 14.67 -32.58
C GLU D 66 58.16 15.54 -33.51
N SER D 67 58.54 15.56 -34.77
CA SER D 67 57.74 16.11 -35.89
C SER D 67 56.51 15.23 -36.09
N PHE D 68 55.53 15.75 -36.82
CA PHE D 68 54.35 14.94 -37.25
C PHE D 68 54.84 13.69 -37.97
N ALA D 69 55.76 13.82 -38.94
CA ALA D 69 56.24 12.64 -39.71
C ALA D 69 56.78 11.57 -38.74
N GLU D 70 57.56 11.96 -37.74
CA GLU D 70 58.18 11.03 -36.78
C GLU D 70 57.11 10.40 -35.89
N MET D 71 56.20 11.21 -35.33
CA MET D 71 55.23 10.66 -34.36
C MET D 71 54.25 9.70 -35.08
N ASN D 72 54.02 9.87 -36.38
CA ASN D 72 52.98 9.14 -37.15
C ASN D 72 53.63 7.94 -37.87
N ARG D 73 54.93 7.69 -37.70
CA ARG D 73 55.61 6.69 -38.55
C ARG D 73 54.96 5.31 -38.32
N SER D 74 54.98 4.48 -39.33
CA SER D 74 54.61 3.06 -39.26
C SER D 74 55.80 2.24 -38.74
N THR D 75 55.50 1.04 -38.29
CA THR D 75 56.51 0.16 -37.69
C THR D 75 56.35 -1.23 -38.26
N ASN D 76 57.34 -2.05 -38.01
CA ASN D 76 57.34 -3.49 -38.38
C ASN D 76 56.76 -4.35 -37.25
N GLU D 77 56.19 -3.76 -36.19
CA GLU D 77 55.66 -4.52 -35.04
C GLU D 77 54.69 -5.63 -35.51
N TRP D 78 53.89 -5.43 -36.54
CA TRP D 78 52.87 -6.41 -36.96
C TRP D 78 53.55 -7.75 -37.28
N LYS D 79 54.77 -7.72 -37.84
CA LYS D 79 55.47 -8.97 -38.21
C LYS D 79 55.77 -9.77 -36.95
N THR D 80 56.24 -9.10 -35.91
CA THR D 80 56.57 -9.75 -34.63
C THR D 80 55.29 -10.30 -34.01
N VAL D 81 54.22 -9.51 -34.03
CA VAL D 81 52.96 -9.95 -33.37
C VAL D 81 52.39 -11.17 -34.11
N VAL D 82 52.27 -11.08 -35.43
CA VAL D 82 51.66 -12.19 -36.19
C VAL D 82 52.57 -13.42 -36.07
N GLY D 83 53.88 -13.26 -36.29
CA GLY D 83 54.83 -14.40 -36.21
C GLY D 83 54.80 -15.06 -34.84
N ALA D 84 54.81 -14.27 -33.77
CA ALA D 84 54.83 -14.82 -32.40
C ALA D 84 53.50 -15.53 -32.12
N ALA D 85 52.39 -14.93 -32.54
CA ALA D 85 51.05 -15.57 -32.35
C ALA D 85 51.03 -16.93 -33.07
N MET D 86 51.57 -17.00 -34.27
CA MET D 86 51.60 -18.27 -35.02
C MET D 86 52.56 -19.23 -34.31
N PHE D 87 53.66 -18.75 -33.73
CA PHE D 87 54.55 -19.64 -32.95
C PHE D 87 53.76 -20.29 -31.81
N PHE D 88 53.06 -19.48 -31.02
CA PHE D 88 52.38 -20.01 -29.81
C PHE D 88 51.20 -20.92 -30.22
N ILE D 89 50.54 -20.62 -31.32
CA ILE D 89 49.46 -21.51 -31.84
C ILE D 89 50.12 -22.83 -32.30
N GLY D 90 51.29 -22.76 -32.95
CA GLY D 90 52.03 -23.98 -33.28
C GLY D 90 52.39 -24.76 -32.02
N PHE D 91 52.87 -24.07 -30.98
CA PHE D 91 53.19 -24.73 -29.71
C PHE D 91 51.96 -25.49 -29.19
N THR D 92 50.77 -24.89 -29.32
CA THR D 92 49.52 -25.54 -28.86
C THR D 92 49.36 -26.92 -29.51
N ALA D 93 49.69 -27.04 -30.79
CA ALA D 93 49.60 -28.32 -31.52
C ALA D 93 50.54 -29.35 -30.85
N LEU D 94 51.69 -28.96 -30.32
CA LEU D 94 52.55 -29.92 -29.55
C LEU D 94 51.77 -30.47 -28.34
N LEU D 95 51.04 -29.63 -27.62
CA LEU D 95 50.22 -30.09 -26.46
C LEU D 95 49.18 -31.09 -26.94
N LEU D 96 48.56 -30.83 -28.09
CA LEU D 96 47.51 -31.74 -28.62
C LEU D 96 48.13 -33.06 -29.07
N ILE D 97 49.34 -33.02 -29.61
CA ILE D 97 50.06 -34.26 -30.02
C ILE D 97 50.33 -35.07 -28.75
N TRP D 98 50.83 -34.39 -27.71
CA TRP D 98 51.12 -35.03 -26.41
C TRP D 98 49.84 -35.68 -25.87
N GLU D 99 48.74 -34.93 -25.90
CA GLU D 99 47.46 -35.45 -25.36
C GLU D 99 47.03 -36.71 -26.14
N LYS D 100 47.10 -36.68 -27.46
CA LYS D 100 46.69 -37.85 -28.27
C LYS D 100 47.59 -39.03 -27.91
N HIS D 101 48.89 -38.82 -27.75
CA HIS D 101 49.85 -39.94 -27.56
C HIS D 101 49.68 -40.52 -26.15
N TYR D 102 49.54 -39.70 -25.11
CA TYR D 102 49.67 -40.16 -23.70
C TYR D 102 48.35 -40.15 -22.92
N VAL D 103 47.32 -39.47 -23.40
CA VAL D 103 46.07 -39.35 -22.59
C VAL D 103 44.95 -40.15 -23.25
N TYR D 104 44.71 -39.91 -24.52
CA TYR D 104 43.59 -40.56 -25.22
C TYR D 104 43.94 -42.02 -25.54
N GLY D 105 43.01 -42.90 -25.19
CA GLY D 105 43.04 -44.31 -25.60
C GLY D 105 42.29 -44.48 -26.91
N PRO D 106 42.07 -45.73 -27.34
CA PRO D 106 41.46 -46.00 -28.64
C PRO D 106 40.06 -45.40 -28.74
N ILE D 107 39.69 -44.97 -29.93
CA ILE D 107 38.29 -44.52 -30.06
C ILE D 107 37.41 -45.75 -30.30
N PRO D 108 36.10 -45.58 -30.15
CA PRO D 108 35.19 -46.71 -30.26
C PRO D 108 35.24 -47.44 -31.61
N HIS D 109 34.84 -48.71 -31.59
CA HIS D 109 34.90 -49.62 -32.76
C HIS D 109 33.96 -49.15 -33.88
N THR D 110 32.99 -48.27 -33.59
CA THR D 110 32.00 -47.77 -34.57
C THR D 110 32.65 -46.81 -35.58
N PHE D 111 33.90 -46.41 -35.37
CA PHE D 111 34.66 -45.59 -36.35
C PHE D 111 35.51 -46.47 -37.28
N GLU D 112 35.53 -47.79 -37.12
CA GLU D 112 36.25 -48.70 -38.06
C GLU D 112 35.66 -48.50 -39.46
N GLU D 113 36.49 -48.59 -40.51
CA GLU D 113 36.04 -48.35 -41.91
C GLU D 113 34.84 -49.26 -42.24
N GLU D 114 34.90 -50.54 -41.89
CA GLU D 114 33.80 -51.47 -42.28
C GLU D 114 32.52 -51.08 -41.52
N TRP D 115 32.62 -50.75 -40.23
CA TRP D 115 31.44 -50.27 -39.47
C TRP D 115 30.81 -49.07 -40.20
N VAL D 116 31.61 -48.07 -40.53
CA VAL D 116 31.12 -46.81 -41.15
C VAL D 116 30.46 -47.14 -42.49
N ALA D 117 30.99 -48.09 -43.27
CA ALA D 117 30.40 -48.45 -44.57
C ALA D 117 29.01 -49.06 -44.35
N LYS D 118 28.88 -49.93 -43.37
CA LYS D 118 27.57 -50.57 -43.05
C LYS D 118 26.61 -49.54 -42.46
N GLN D 119 27.09 -48.72 -41.55
CA GLN D 119 26.25 -47.68 -40.90
C GLN D 119 25.76 -46.70 -41.98
N THR D 120 26.62 -46.36 -42.94
CA THR D 120 26.24 -45.47 -44.06
C THR D 120 25.10 -46.11 -44.85
N LYS D 121 25.22 -47.39 -45.20
CA LYS D 121 24.13 -48.04 -45.94
C LYS D 121 22.85 -48.05 -45.08
N ARG D 122 22.95 -48.39 -43.80
CA ARG D 122 21.75 -48.39 -42.94
C ARG D 122 21.11 -46.99 -42.89
N MET D 123 21.91 -45.93 -42.78
CA MET D 123 21.37 -44.55 -42.78
C MET D 123 20.64 -44.29 -44.12
N LEU D 124 21.19 -44.74 -45.27
CA LEU D 124 20.52 -44.60 -46.58
C LEU D 124 19.26 -45.46 -46.63
N ASP D 125 19.25 -46.64 -46.00
CA ASP D 125 18.06 -47.54 -46.00
C ASP D 125 16.93 -46.90 -45.17
N MET D 126 17.28 -46.17 -44.10
CA MET D 126 16.26 -45.51 -43.26
C MET D 126 16.01 -44.10 -43.82
N LYS D 127 16.66 -43.73 -44.92
CA LYS D 127 16.45 -42.42 -45.61
C LYS D 127 16.67 -41.28 -44.58
N VAL D 128 17.80 -41.34 -43.86
CA VAL D 128 18.24 -40.21 -43.00
C VAL D 128 18.34 -38.94 -43.86
N ALA D 129 17.69 -37.85 -43.41
CA ALA D 129 17.75 -36.50 -44.06
C ALA D 129 17.61 -36.65 -45.59
N PRO D 130 16.42 -37.09 -46.03
CA PRO D 130 16.16 -37.38 -47.44
C PRO D 130 15.80 -36.16 -48.29
N ILE D 131 15.52 -35.03 -47.64
CA ILE D 131 15.09 -33.81 -48.37
C ILE D 131 16.32 -32.99 -48.77
N GLN D 132 17.29 -32.83 -47.88
CA GLN D 132 18.54 -32.05 -48.19
C GLN D 132 19.81 -32.69 -47.59
N GLY D 133 19.78 -33.16 -46.32
CA GLY D 133 21.00 -33.31 -45.52
C GLY D 133 21.92 -34.47 -45.91
N PHE D 134 21.38 -35.64 -46.25
CA PHE D 134 22.18 -36.89 -46.25
C PHE D 134 21.69 -37.80 -47.39
N SER D 135 20.55 -38.48 -47.21
CA SER D 135 20.01 -39.40 -48.24
C SER D 135 19.68 -38.62 -49.52
N ALA D 136 19.35 -37.34 -49.42
CA ALA D 136 19.15 -36.44 -50.58
C ALA D 136 20.38 -36.47 -51.51
N LYS D 137 21.56 -36.78 -50.99
CA LYS D 137 22.84 -36.70 -51.76
C LYS D 137 23.16 -38.05 -52.38
N TRP D 138 22.32 -39.04 -52.16
CA TRP D 138 22.48 -40.40 -52.74
C TRP D 138 21.50 -40.59 -53.88
N ASP D 139 21.99 -41.18 -54.96
CA ASP D 139 21.18 -41.52 -56.15
C ASP D 139 20.73 -42.98 -55.97
N TYR D 140 19.47 -43.16 -55.58
CA TYR D 140 18.88 -44.49 -55.32
C TYR D 140 18.73 -45.23 -56.65
N ASP D 141 18.66 -44.52 -57.78
CA ASP D 141 18.47 -45.17 -59.11
C ASP D 141 19.82 -45.69 -59.60
N LYS D 142 20.90 -44.94 -59.40
CA LYS D 142 22.22 -45.34 -59.94
C LYS D 142 23.05 -46.01 -58.86
N ASN D 143 22.61 -45.99 -57.59
CA ASN D 143 23.34 -46.71 -56.52
C ASN D 143 24.73 -46.07 -56.33
N GLU D 144 24.79 -44.73 -56.31
CA GLU D 144 26.06 -44.00 -56.14
C GLU D 144 25.74 -42.63 -55.57
N TRP D 145 26.73 -41.95 -55.02
CA TRP D 145 26.58 -40.54 -54.57
C TRP D 145 26.28 -39.68 -55.81
N LYS D 146 25.36 -38.71 -55.71
CA LYS D 146 25.07 -37.76 -56.82
C LYS D 146 26.34 -36.95 -57.14
N THR E 7 26.85 29.53 -41.12
CA THR E 7 27.48 29.39 -42.53
C THR E 7 29.03 29.29 -42.52
N ASP E 8 29.57 28.73 -43.60
CA ASP E 8 31.04 28.55 -43.76
C ASP E 8 31.77 29.89 -43.60
N GLU E 9 31.29 30.96 -44.23
CA GLU E 9 32.00 32.27 -44.28
C GLU E 9 32.02 32.86 -42.86
N GLU E 10 30.93 32.67 -42.12
CA GLU E 10 30.76 33.18 -40.72
C GLU E 10 31.72 32.45 -39.78
N PHE E 11 31.81 31.13 -39.92
CA PHE E 11 32.76 30.31 -39.13
C PHE E 11 34.19 30.80 -39.42
N ASP E 12 34.56 30.87 -40.69
CA ASP E 12 35.93 31.28 -41.10
C ASP E 12 36.22 32.68 -40.55
N ALA E 13 35.27 33.60 -40.64
CA ALA E 13 35.45 35.01 -40.18
C ALA E 13 35.68 35.04 -38.66
N ARG E 14 35.00 34.17 -37.88
CA ARG E 14 35.12 34.13 -36.39
C ARG E 14 36.57 33.71 -36.07
N TRP E 15 37.09 32.75 -36.83
CA TRP E 15 38.43 32.17 -36.58
C TRP E 15 39.52 33.15 -37.02
N VAL E 16 39.34 33.85 -38.13
CA VAL E 16 40.29 34.93 -38.55
C VAL E 16 40.35 36.00 -37.45
N THR E 17 39.19 36.44 -36.95
CA THR E 17 39.11 37.49 -35.90
C THR E 17 39.84 36.99 -34.66
N TYR E 18 39.66 35.72 -34.32
CA TYR E 18 40.26 35.12 -33.12
C TYR E 18 41.80 35.28 -33.19
N PHE E 19 42.40 34.83 -34.29
CA PHE E 19 43.87 34.83 -34.42
C PHE E 19 44.40 36.26 -34.68
N ASN E 20 43.58 37.17 -35.21
CA ASN E 20 44.01 38.55 -35.56
C ASN E 20 44.06 39.45 -34.32
N LYS E 21 43.56 39.03 -33.17
CA LYS E 21 43.60 39.92 -31.98
C LYS E 21 45.03 40.35 -31.72
N PRO E 22 45.37 41.64 -31.79
CA PRO E 22 46.77 42.07 -31.71
C PRO E 22 47.53 41.49 -30.51
N ASP E 23 46.93 41.54 -29.31
CA ASP E 23 47.59 41.13 -28.05
C ASP E 23 47.20 39.68 -27.69
N ILE E 24 46.87 38.84 -28.67
CA ILE E 24 46.64 37.39 -28.43
C ILE E 24 47.82 36.85 -27.63
N ASP E 25 47.56 36.06 -26.60
CA ASP E 25 48.64 35.46 -25.78
C ASP E 25 48.89 34.01 -26.22
N ALA E 26 49.98 33.44 -25.72
CA ALA E 26 50.45 32.09 -26.12
C ALA E 26 49.33 31.09 -25.79
N TRP E 27 48.74 31.18 -24.60
CA TRP E 27 47.60 30.30 -24.21
C TRP E 27 46.50 30.33 -25.26
N GLU E 28 46.06 31.51 -25.69
CA GLU E 28 44.96 31.67 -26.66
C GLU E 28 45.39 31.08 -28.01
N LEU E 29 46.65 31.26 -28.41
CA LEU E 29 47.13 30.68 -29.68
C LEU E 29 46.96 29.14 -29.65
N ARG E 30 47.40 28.52 -28.57
CA ARG E 30 47.35 27.04 -28.44
C ARG E 30 45.88 26.59 -28.35
N LYS E 31 45.11 27.26 -27.50
CA LYS E 31 43.68 26.93 -27.31
C LYS E 31 43.00 26.97 -28.68
N GLY E 32 43.30 28.00 -29.47
CA GLY E 32 42.69 28.16 -30.79
C GLY E 32 43.06 27.02 -31.71
N MET E 33 44.37 26.75 -31.87
CA MET E 33 44.77 25.68 -32.80
C MET E 33 44.28 24.30 -32.30
N ASN E 34 44.39 24.02 -31.01
CA ASN E 34 44.03 22.70 -30.45
C ASN E 34 42.50 22.48 -30.57
N THR E 35 41.70 23.56 -30.51
CA THR E 35 40.23 23.49 -30.69
C THR E 35 39.93 23.30 -32.18
N LEU E 36 40.58 24.11 -33.03
CA LEU E 36 40.27 24.09 -34.48
C LEU E 36 40.48 22.69 -35.07
N VAL E 37 41.54 22.00 -34.66
CA VAL E 37 41.85 20.71 -35.33
C VAL E 37 40.86 19.61 -34.89
N GLY E 38 39.98 19.88 -33.93
CA GLY E 38 38.91 18.94 -33.55
C GLY E 38 37.81 18.87 -34.58
N TYR E 39 37.70 19.85 -35.46
CA TYR E 39 36.57 19.95 -36.40
C TYR E 39 36.82 19.08 -37.64
N ASP E 40 35.72 18.74 -38.32
CA ASP E 40 35.73 17.98 -39.59
C ASP E 40 36.02 18.96 -40.74
N LEU E 41 37.23 19.47 -40.80
CA LEU E 41 37.67 20.41 -41.87
C LEU E 41 39.17 20.60 -41.77
N VAL E 42 39.75 20.96 -42.91
CA VAL E 42 41.10 21.54 -42.97
C VAL E 42 40.90 23.04 -43.00
N PRO E 43 41.51 23.82 -42.07
CA PRO E 43 41.25 25.25 -42.01
C PRO E 43 41.60 25.94 -43.33
N GLU E 44 40.74 26.88 -43.75
CA GLU E 44 40.96 27.73 -44.93
C GLU E 44 42.28 28.48 -44.78
N PRO E 45 43.01 28.71 -45.89
CA PRO E 45 44.23 29.54 -45.84
C PRO E 45 44.09 30.85 -45.07
N LYS E 46 42.94 31.55 -45.17
CA LYS E 46 42.79 32.84 -44.44
C LYS E 46 42.87 32.62 -42.93
N ILE E 47 42.42 31.47 -42.42
CA ILE E 47 42.53 31.20 -40.97
C ILE E 47 44.00 30.90 -40.64
N ILE E 48 44.66 30.06 -41.43
CA ILE E 48 46.08 29.69 -41.18
C ILE E 48 46.93 30.97 -41.26
N ASP E 49 46.69 31.85 -42.22
CA ASP E 49 47.42 33.14 -42.40
C ASP E 49 47.32 33.92 -41.06
N ALA E 50 46.12 34.03 -40.51
CA ALA E 50 45.90 34.80 -39.26
C ALA E 50 46.62 34.11 -38.09
N ALA E 51 46.63 32.78 -38.01
CA ALA E 51 47.32 32.02 -36.95
C ALA E 51 48.85 32.20 -37.10
N LEU E 52 49.38 32.14 -38.32
CA LEU E 52 50.83 32.32 -38.55
C LEU E 52 51.25 33.74 -38.13
N ARG E 53 50.43 34.76 -38.41
CA ARG E 53 50.76 36.15 -38.00
C ARG E 53 50.68 36.29 -36.48
N ALA E 54 49.78 35.56 -35.82
CA ALA E 54 49.77 35.49 -34.33
C ALA E 54 51.10 34.89 -33.83
N CYS E 55 51.60 33.83 -34.47
CA CYS E 55 52.91 33.24 -34.10
C CYS E 55 54.00 34.33 -34.20
N ARG E 56 53.94 35.16 -35.25
CA ARG E 56 54.96 36.22 -35.43
C ARG E 56 54.86 37.22 -34.26
N ARG E 57 53.65 37.63 -33.88
CA ARG E 57 53.48 38.62 -32.79
C ARG E 57 53.98 38.02 -31.48
N LEU E 58 53.86 36.70 -31.33
CA LEU E 58 54.30 35.93 -30.14
C LEU E 58 55.76 35.45 -30.25
N ASN E 59 56.49 35.85 -31.30
CA ASN E 59 57.93 35.52 -31.48
C ASN E 59 58.11 34.00 -31.41
N ASP E 60 57.21 33.25 -32.05
CA ASP E 60 57.18 31.77 -31.93
C ASP E 60 57.24 31.18 -33.34
N PHE E 61 58.46 30.99 -33.84
CA PHE E 61 58.72 30.38 -35.16
C PHE E 61 58.26 28.91 -35.15
N ALA E 62 58.56 28.18 -34.09
CA ALA E 62 58.33 26.72 -34.04
C ALA E 62 56.82 26.45 -34.18
N SER E 63 55.97 27.21 -33.49
CA SER E 63 54.51 26.98 -33.56
C SER E 63 54.01 27.24 -34.99
N ALA E 64 54.61 28.17 -35.73
CA ALA E 64 54.23 28.42 -37.14
C ALA E 64 54.47 27.16 -37.99
N VAL E 65 55.63 26.54 -37.83
CA VAL E 65 55.94 25.29 -38.57
C VAL E 65 54.93 24.19 -38.16
N ARG E 66 54.63 24.07 -36.88
CA ARG E 66 53.72 23.02 -36.35
C ARG E 66 52.32 23.21 -36.95
N ILE E 67 51.87 24.46 -37.09
CA ILE E 67 50.55 24.77 -37.70
C ILE E 67 50.56 24.23 -39.14
N LEU E 68 51.65 24.43 -39.87
CA LEU E 68 51.66 23.89 -41.25
C LEU E 68 51.61 22.36 -41.21
N GLU E 69 52.29 21.73 -40.27
CA GLU E 69 52.22 20.25 -40.18
C GLU E 69 50.77 19.82 -39.91
N VAL E 70 50.06 20.51 -39.02
CA VAL E 70 48.72 19.99 -38.63
C VAL E 70 47.73 20.23 -39.79
N VAL E 71 47.97 21.20 -40.65
CA VAL E 71 47.15 21.36 -41.91
C VAL E 71 47.31 20.11 -42.78
N LYS E 72 48.54 19.71 -43.02
CA LYS E 72 48.80 18.47 -43.77
C LYS E 72 48.09 17.31 -43.06
N ASP E 73 48.20 17.23 -41.74
CA ASP E 73 47.69 16.03 -41.01
C ASP E 73 46.15 15.98 -41.15
N LYS E 74 45.48 17.12 -41.01
CA LYS E 74 44.00 17.17 -41.07
C LYS E 74 43.45 16.76 -42.45
N ALA E 75 44.25 16.84 -43.52
CA ALA E 75 43.83 16.46 -44.89
C ALA E 75 43.78 14.94 -45.00
N GLY E 76 44.43 14.20 -44.10
CA GLY E 76 44.37 12.73 -44.18
C GLY E 76 44.89 12.25 -45.54
N PRO E 77 44.15 11.40 -46.27
CA PRO E 77 44.66 10.84 -47.53
C PRO E 77 44.50 11.79 -48.72
N HIS E 78 43.86 12.94 -48.49
CA HIS E 78 43.60 13.96 -49.55
C HIS E 78 44.89 14.76 -49.75
N LYS E 79 45.82 14.19 -50.52
CA LYS E 79 47.19 14.73 -50.76
C LYS E 79 47.16 16.07 -51.53
N GLU E 80 46.04 16.47 -52.14
CA GLU E 80 45.93 17.70 -52.96
C GLU E 80 45.80 18.90 -52.02
N ILE E 81 45.34 18.72 -50.78
CA ILE E 81 44.94 19.88 -49.94
C ILE E 81 46.17 20.65 -49.46
N TYR E 82 47.13 19.98 -48.86
CA TYR E 82 48.29 20.67 -48.27
C TYR E 82 49.03 21.51 -49.32
N PRO E 83 49.43 20.95 -50.49
CA PRO E 83 50.14 21.76 -51.49
C PRO E 83 49.31 22.98 -51.94
N TYR E 84 47.99 22.86 -51.99
CA TYR E 84 47.09 23.99 -52.31
C TYR E 84 47.24 25.06 -51.21
N VAL E 85 47.16 24.64 -49.94
CA VAL E 85 47.21 25.60 -48.82
C VAL E 85 48.58 26.33 -48.83
N ILE E 86 49.66 25.59 -49.05
CA ILE E 86 51.02 26.19 -49.09
C ILE E 86 51.08 27.20 -50.25
N GLN E 87 50.59 26.83 -51.43
CA GLN E 87 50.50 27.76 -52.57
C GLN E 87 49.85 29.07 -52.14
N GLU E 88 48.69 29.00 -51.49
CA GLU E 88 47.91 30.19 -51.07
C GLU E 88 48.68 30.99 -50.02
N LEU E 89 49.48 30.34 -49.18
CA LEU E 89 50.21 31.00 -48.07
C LEU E 89 51.59 31.54 -48.51
N ARG E 90 52.07 31.20 -49.70
CA ARG E 90 53.46 31.53 -50.14
C ARG E 90 53.74 33.02 -49.88
N PRO E 91 52.85 33.99 -50.25
CA PRO E 91 53.15 35.41 -49.95
C PRO E 91 53.40 35.66 -48.44
N THR E 92 52.59 35.07 -47.56
CA THR E 92 52.77 35.21 -46.11
C THR E 92 54.06 34.51 -45.67
N LEU E 93 54.34 33.31 -46.15
CA LEU E 93 55.56 32.56 -45.75
C LEU E 93 56.79 33.40 -46.14
N ASN E 94 56.78 33.98 -47.32
CA ASN E 94 57.90 34.83 -47.82
C ASN E 94 58.01 36.09 -46.95
N GLU E 95 56.90 36.76 -46.68
CA GLU E 95 56.90 38.02 -45.89
C GLU E 95 57.47 37.74 -44.50
N LEU E 96 57.05 36.66 -43.85
CA LEU E 96 57.40 36.37 -42.44
C LEU E 96 58.66 35.49 -42.33
N GLY E 97 59.20 34.99 -43.44
CA GLY E 97 60.38 34.09 -43.40
C GLY E 97 60.04 32.75 -42.74
N ILE E 98 58.82 32.25 -42.96
CA ILE E 98 58.44 30.95 -42.38
C ILE E 98 58.88 29.88 -43.38
N SER E 99 59.76 29.00 -42.99
CA SER E 99 60.12 27.80 -43.79
C SER E 99 59.07 26.71 -43.56
N THR E 100 58.71 25.98 -44.62
CA THR E 100 57.78 24.84 -44.51
C THR E 100 58.49 23.67 -43.82
N PRO E 101 57.72 22.73 -43.23
CA PRO E 101 58.31 21.51 -42.69
C PRO E 101 59.21 20.79 -43.71
N GLU E 102 58.79 20.78 -44.98
CA GLU E 102 59.54 20.13 -46.08
C GLU E 102 60.90 20.85 -46.25
N GLU E 103 60.90 22.17 -46.23
CA GLU E 103 62.14 22.99 -46.38
C GLU E 103 63.07 22.73 -45.18
N LEU E 104 62.53 22.36 -44.02
CA LEU E 104 63.36 22.09 -42.81
C LEU E 104 63.70 20.60 -42.66
N GLY E 105 63.27 19.73 -43.58
CA GLY E 105 63.50 18.29 -43.46
C GLY E 105 62.63 17.61 -42.42
N LEU E 106 61.62 18.31 -41.87
CA LEU E 106 60.80 17.77 -40.77
C LEU E 106 59.68 16.84 -41.31
N ASP E 107 59.63 16.61 -42.63
CA ASP E 107 58.74 15.59 -43.24
C ASP E 107 59.42 14.20 -43.31
N LYS E 108 60.67 14.03 -42.89
CA LYS E 108 61.39 12.73 -43.03
C LYS E 108 61.08 11.83 -41.81
N GLY F 3 10.14 17.94 31.44
CA GLY F 3 10.56 16.58 31.14
C GLY F 3 11.78 16.64 30.22
N GLY F 4 12.99 16.69 30.80
CA GLY F 4 14.29 16.87 30.11
C GLY F 4 15.24 15.66 30.20
N GLY F 5 16.58 15.88 30.19
CA GLY F 5 17.56 14.80 30.46
C GLY F 5 18.20 14.21 29.20
N VAL F 6 17.84 14.70 28.01
CA VAL F 6 18.49 14.29 26.75
C VAL F 6 19.50 15.39 26.39
N PRO F 7 20.78 15.03 26.21
CA PRO F 7 21.78 16.01 25.81
C PRO F 7 21.44 16.57 24.41
N THR F 8 21.90 17.80 24.16
CA THR F 8 21.87 18.44 22.83
C THR F 8 23.23 18.25 22.13
N ASP F 9 23.22 18.39 20.82
CA ASP F 9 24.47 18.46 20.00
C ASP F 9 25.36 19.57 20.57
N GLU F 10 24.78 20.72 20.92
CA GLU F 10 25.59 21.83 21.48
C GLU F 10 26.37 21.34 22.70
N GLU F 11 25.74 20.53 23.57
CA GLU F 11 26.37 20.03 24.80
C GLU F 11 27.36 18.91 24.49
N GLN F 12 27.08 18.02 23.57
CA GLN F 12 27.75 16.68 23.57
C GLN F 12 28.41 16.34 22.23
N ALA F 13 28.10 17.03 21.13
CA ALA F 13 28.81 16.74 19.86
C ALA F 13 30.30 16.99 20.07
N THR F 14 31.13 16.19 19.43
CA THR F 14 32.60 16.23 19.64
C THR F 14 33.30 16.04 18.29
N GLY F 15 34.65 16.10 18.29
CA GLY F 15 35.46 15.80 17.11
C GLY F 15 34.98 16.52 15.85
N LEU F 16 35.04 15.85 14.71
CA LEU F 16 34.78 16.51 13.41
C LEU F 16 33.29 16.96 13.34
N GLU F 17 32.39 16.16 13.88
CA GLU F 17 30.96 16.52 13.93
C GLU F 17 30.82 17.92 14.55
N ARG F 18 31.50 18.14 15.67
CA ARG F 18 31.40 19.44 16.38
C ARG F 18 32.06 20.52 15.51
N GLU F 19 33.18 20.22 14.87
CA GLU F 19 33.86 21.26 14.05
C GLU F 19 32.93 21.71 12.92
N VAL F 20 32.25 20.76 12.27
CA VAL F 20 31.33 21.07 11.16
C VAL F 20 30.17 21.94 11.70
N MET F 21 29.63 21.55 12.85
N MET F 21 29.60 21.57 12.83
CA MET F 21 28.48 22.20 13.53
CA MET F 21 28.42 22.30 13.39
C MET F 21 28.82 23.67 13.81
C MET F 21 28.85 23.74 13.73
N LEU F 22 29.99 23.91 14.39
CA LEU F 22 30.40 25.27 14.85
C LEU F 22 30.74 26.13 13.62
N ALA F 23 31.37 25.56 12.61
CA ALA F 23 31.70 26.30 11.37
C ALA F 23 30.43 26.73 10.64
N ALA F 24 29.42 25.85 10.48
CA ALA F 24 28.13 26.15 9.83
C ALA F 24 27.45 27.33 10.54
N ARG F 25 27.50 27.40 11.86
CA ARG F 25 26.91 28.54 12.61
C ARG F 25 27.52 29.85 12.15
N LYS F 26 28.79 29.82 11.77
CA LYS F 26 29.56 31.02 11.37
C LYS F 26 29.47 31.23 9.85
N GLY F 27 28.66 30.44 9.16
CA GLY F 27 28.56 30.46 7.68
C GLY F 27 29.84 30.01 7.00
N GLN F 28 30.65 29.16 7.63
CA GLN F 28 31.95 28.72 7.03
C GLN F 28 31.88 27.25 6.66
N ASP F 29 32.67 26.83 5.67
CA ASP F 29 32.60 25.46 5.11
C ASP F 29 34.01 24.87 4.96
N PRO F 30 34.76 24.70 6.08
CA PRO F 30 36.13 24.18 6.02
C PRO F 30 36.17 22.72 5.54
N TYR F 31 35.07 21.97 5.61
CA TYR F 31 35.08 20.53 5.22
C TYR F 31 34.28 20.31 3.94
N ASN F 32 34.09 21.36 3.13
CA ASN F 32 33.69 21.24 1.71
C ASN F 32 32.36 20.48 1.58
N ILE F 33 31.38 20.83 2.40
CA ILE F 33 30.03 20.19 2.34
C ILE F 33 29.24 20.86 1.21
N LEU F 34 29.50 22.12 0.95
CA LEU F 34 28.72 22.91 -0.03
C LEU F 34 29.48 23.03 -1.35
N ALA F 35 28.73 23.10 -2.44
CA ALA F 35 29.25 23.46 -3.77
C ALA F 35 29.54 24.96 -3.76
N PRO F 36 30.78 25.38 -4.10
CA PRO F 36 31.08 26.79 -4.29
C PRO F 36 30.36 27.40 -5.48
N LYS F 37 29.95 28.64 -5.30
CA LYS F 37 29.25 29.44 -6.36
C LYS F 37 30.32 30.06 -7.25
N ALA F 38 30.18 29.96 -8.57
CA ALA F 38 31.14 30.52 -9.55
C ALA F 38 31.10 32.05 -9.52
N THR F 39 32.22 32.67 -9.80
CA THR F 39 32.32 34.11 -10.19
C THR F 39 32.12 34.19 -11.70
N SER F 40 32.33 35.35 -12.32
CA SER F 40 32.28 35.49 -13.80
C SER F 40 33.43 34.70 -14.44
N GLY F 41 34.47 34.38 -13.67
CA GLY F 41 35.63 33.59 -14.11
C GLY F 41 36.54 34.30 -15.09
N THR F 42 36.53 35.62 -15.14
CA THR F 42 37.47 36.42 -15.99
C THR F 42 38.85 36.49 -15.29
N LYS F 43 39.88 37.01 -15.98
CA LYS F 43 41.21 37.18 -15.32
C LYS F 43 41.07 38.18 -14.17
N GLU F 44 40.18 39.19 -14.30
CA GLU F 44 39.95 40.23 -13.27
C GLU F 44 39.16 39.62 -12.11
N ASP F 45 38.37 38.59 -12.36
CA ASP F 45 37.43 38.07 -11.34
C ASP F 45 37.50 36.54 -11.32
N PRO F 46 38.68 35.95 -11.02
CA PRO F 46 38.83 34.52 -11.11
C PRO F 46 38.03 33.80 -10.03
N ASN F 47 37.69 32.54 -10.29
CA ASN F 47 37.17 31.63 -9.23
C ASN F 47 38.30 31.42 -8.22
N LEU F 48 38.00 31.67 -6.96
CA LEU F 48 38.95 31.57 -5.84
C LEU F 48 38.80 30.19 -5.21
N VAL F 49 39.87 29.41 -5.30
CA VAL F 49 39.90 27.99 -4.88
C VAL F 49 40.75 27.86 -3.62
N PRO F 50 40.10 27.67 -2.45
CA PRO F 50 40.81 27.44 -1.20
C PRO F 50 41.56 26.11 -1.24
N SER F 51 42.70 26.10 -0.60
CA SER F 51 43.49 24.87 -0.40
C SER F 51 44.26 24.95 0.92
N ILE F 52 44.52 23.79 1.53
CA ILE F 52 45.46 23.68 2.67
C ILE F 52 46.83 23.31 2.17
N THR F 53 47.02 23.18 0.86
CA THR F 53 48.36 22.91 0.29
C THR F 53 48.55 23.83 -0.91
N ASN F 54 49.56 23.55 -1.76
CA ASN F 54 49.92 24.48 -2.87
C ASN F 54 49.36 23.98 -4.22
N LYS F 55 48.46 23.00 -4.19
CA LYS F 55 47.74 22.59 -5.41
C LYS F 55 46.45 21.88 -5.02
N ARG F 56 45.47 21.95 -5.89
CA ARG F 56 44.17 21.28 -5.67
C ARG F 56 43.58 20.94 -7.04
N ILE F 57 42.91 19.82 -7.11
CA ILE F 57 42.22 19.44 -8.37
C ILE F 57 40.94 20.26 -8.50
N VAL F 58 40.76 20.85 -9.68
CA VAL F 58 39.52 21.51 -10.11
C VAL F 58 38.83 20.62 -11.11
N GLY F 59 37.52 20.47 -10.94
CA GLY F 59 36.65 20.01 -12.03
C GLY F 59 35.80 21.15 -12.55
N CYS F 60 35.82 21.37 -13.85
CA CYS F 60 35.06 22.45 -14.51
C CYS F 60 33.93 21.83 -15.33
N ILE F 61 32.72 22.15 -14.89
CA ILE F 61 31.49 21.89 -15.68
C ILE F 61 31.28 23.16 -16.52
N CYS F 62 31.76 23.14 -17.75
CA CYS F 62 32.02 24.38 -18.51
C CYS F 62 30.70 25.07 -18.83
N GLU F 63 29.70 24.27 -19.11
CA GLU F 63 28.33 24.78 -19.38
C GLU F 63 27.36 23.92 -18.57
N GLU F 64 26.29 24.56 -18.14
CA GLU F 64 25.25 23.96 -17.32
C GLU F 64 24.81 22.67 -18.03
N ASP F 65 24.75 21.62 -17.27
CA ASP F 65 24.20 20.35 -17.84
C ASP F 65 25.18 19.62 -18.78
N ASN F 66 26.39 20.11 -19.06
CA ASN F 66 27.44 19.22 -19.61
C ASN F 66 27.50 17.95 -18.76
N SER F 67 27.63 16.79 -19.39
CA SER F 67 27.91 15.55 -18.61
C SER F 67 29.42 15.37 -18.40
N THR F 68 30.23 15.96 -19.25
CA THR F 68 31.72 15.86 -19.20
C THR F 68 32.25 16.90 -18.20
N VAL F 69 32.97 16.47 -17.19
CA VAL F 69 33.72 17.34 -16.26
C VAL F 69 35.19 17.39 -16.72
N ILE F 70 35.76 18.57 -16.76
CA ILE F 70 37.18 18.75 -17.17
C ILE F 70 38.02 18.94 -15.90
N TRP F 71 38.98 18.05 -15.68
CA TRP F 71 39.77 17.93 -14.45
C TRP F 71 41.19 18.43 -14.67
N PHE F 72 41.70 19.19 -13.72
CA PHE F 72 43.12 19.62 -13.80
C PHE F 72 43.60 20.05 -12.42
N TRP F 73 44.89 19.96 -12.23
CA TRP F 73 45.59 20.51 -11.03
C TRP F 73 45.71 22.02 -11.18
N LEU F 74 45.27 22.73 -10.15
CA LEU F 74 45.48 24.18 -10.02
C LEU F 74 46.60 24.38 -9.00
N HIS F 75 47.63 25.12 -9.40
CA HIS F 75 48.84 25.36 -8.58
C HIS F 75 48.79 26.78 -8.02
N LYS F 76 49.37 26.98 -6.84
CA LYS F 76 49.66 28.31 -6.29
C LYS F 76 50.37 29.16 -7.34
N GLY F 77 49.95 30.41 -7.51
CA GLY F 77 50.59 31.41 -8.40
C GLY F 77 49.56 32.04 -9.31
N GLU F 78 49.99 32.36 -10.53
CA GLU F 78 49.14 33.03 -11.52
C GLU F 78 47.91 32.15 -11.79
N ALA F 79 46.76 32.79 -11.94
CA ALA F 79 45.50 32.13 -12.33
C ALA F 79 45.73 31.23 -13.55
N GLN F 80 45.09 30.09 -13.54
CA GLN F 80 45.10 29.14 -14.67
C GLN F 80 43.71 29.12 -15.30
N ARG F 81 43.63 28.57 -16.49
CA ARG F 81 42.37 28.55 -17.26
C ARG F 81 41.97 27.10 -17.48
N CYS F 82 40.68 26.86 -17.43
CA CYS F 82 40.10 25.57 -17.88
C CYS F 82 40.52 25.33 -19.32
N PRO F 83 41.14 24.16 -19.63
CA PRO F 83 41.62 23.91 -20.98
C PRO F 83 40.51 23.71 -22.01
N SER F 84 39.26 23.56 -21.57
CA SER F 84 38.10 23.43 -22.48
C SER F 84 37.45 24.80 -22.68
N CYS F 85 37.11 25.56 -21.60
CA CYS F 85 36.27 26.80 -21.76
C CYS F 85 37.04 28.09 -21.42
N GLY F 86 38.25 27.98 -20.89
CA GLY F 86 39.10 29.14 -20.58
C GLY F 86 38.74 29.86 -19.27
N THR F 87 37.74 29.38 -18.51
N THR F 87 37.73 29.40 -18.53
CA THR F 87 37.32 29.91 -17.18
CA THR F 87 37.38 30.11 -17.28
C THR F 87 38.56 30.01 -16.27
C THR F 87 38.57 30.06 -16.33
N HIS F 88 38.72 31.15 -15.57
CA HIS F 88 39.91 31.42 -14.74
C HIS F 88 39.68 30.90 -13.33
N TYR F 89 40.71 30.27 -12.76
CA TYR F 89 40.74 29.77 -11.37
C TYR F 89 42.06 30.21 -10.73
N LYS F 90 41.98 30.65 -9.48
CA LYS F 90 43.17 31.12 -8.71
C LYS F 90 43.19 30.42 -7.35
N LEU F 91 44.31 29.79 -7.01
CA LEU F 91 44.46 29.09 -5.72
C LEU F 91 44.65 30.14 -4.62
N VAL F 92 43.97 29.92 -3.52
CA VAL F 92 44.08 30.75 -2.29
C VAL F 92 44.49 29.78 -1.18
N PRO F 93 45.80 29.47 -0.99
CA PRO F 93 46.20 28.51 0.04
C PRO F 93 45.95 28.99 1.49
N GLY G 12 3.34 15.17 18.08
CA GLY G 12 4.12 15.34 19.20
C GLY G 12 4.18 14.02 20.00
N ALA G 13 5.08 13.98 20.95
CA ALA G 13 5.18 12.86 21.91
C ALA G 13 3.85 12.67 22.67
N ARG G 14 3.20 13.76 23.06
CA ARG G 14 1.98 13.70 23.85
C ARG G 14 0.91 12.92 23.07
N THR G 15 0.78 13.21 21.79
CA THR G 15 -0.24 12.55 20.95
C THR G 15 0.11 11.05 20.80
N TRP G 16 1.38 10.72 20.57
CA TRP G 16 1.72 9.29 20.38
C TRP G 16 1.60 8.51 21.70
N ARG G 17 1.84 9.17 22.84
CA ARG G 17 1.56 8.51 24.15
C ARG G 17 0.04 8.31 24.30
N PHE G 18 -0.75 9.31 23.94
CA PHE G 18 -2.22 9.22 23.99
C PHE G 18 -2.65 8.00 23.15
N LEU G 19 -2.09 7.84 21.94
CA LEU G 19 -2.44 6.68 21.09
C LEU G 19 -1.92 5.37 21.69
N THR G 20 -0.74 5.37 22.31
CA THR G 20 -0.22 4.13 22.92
C THR G 20 -1.19 3.64 24.00
N PHE G 21 -1.54 4.52 24.94
CA PHE G 21 -2.29 4.11 26.14
C PHE G 21 -3.81 4.11 25.86
N GLY G 22 -4.28 4.92 24.89
CA GLY G 22 -5.71 5.12 24.67
C GLY G 22 -6.29 4.20 23.61
N LEU G 23 -5.45 3.71 22.68
CA LEU G 23 -5.91 2.84 21.58
C LEU G 23 -5.10 1.55 21.53
N ALA G 24 -3.76 1.65 21.45
CA ALA G 24 -2.91 0.48 21.14
C ALA G 24 -2.94 -0.53 22.29
N LEU G 25 -2.68 -0.11 23.54
CA LEU G 25 -2.66 -1.09 24.63
C LEU G 25 -4.07 -1.61 24.95
N PRO G 26 -5.13 -0.78 24.93
CA PRO G 26 -6.48 -1.33 25.06
C PRO G 26 -6.77 -2.43 24.03
N SER G 27 -6.32 -2.24 22.78
CA SER G 27 -6.52 -3.25 21.69
C SER G 27 -5.84 -4.55 22.11
N VAL G 28 -4.62 -4.45 22.63
CA VAL G 28 -3.85 -5.65 23.05
C VAL G 28 -4.60 -6.30 24.19
N ALA G 29 -5.12 -5.53 25.12
CA ALA G 29 -5.86 -6.06 26.27
C ALA G 29 -7.10 -6.83 25.77
N LEU G 30 -7.84 -6.26 24.83
CA LEU G 30 -9.08 -6.89 24.30
C LEU G 30 -8.73 -8.18 23.53
N CYS G 31 -7.66 -8.17 22.74
CA CYS G 31 -7.28 -9.38 21.99
C CYS G 31 -6.76 -10.44 22.97
N THR G 32 -6.11 -10.01 24.07
CA THR G 32 -5.59 -10.94 25.11
C THR G 32 -6.80 -11.65 25.73
N LEU G 33 -7.83 -10.87 26.04
CA LEU G 33 -9.12 -11.37 26.60
C LEU G 33 -9.75 -12.39 25.63
N ASN G 34 -9.94 -11.99 24.36
CA ASN G 34 -10.44 -12.86 23.25
C ASN G 34 -9.66 -14.20 23.24
N SER G 35 -8.33 -14.16 23.20
CA SER G 35 -7.48 -15.40 23.11
C SER G 35 -7.69 -16.22 24.37
N TRP G 36 -7.68 -15.55 25.52
CA TRP G 36 -7.86 -16.16 26.85
C TRP G 36 -9.12 -17.04 26.84
N LEU G 37 -10.21 -16.44 26.38
CA LEU G 37 -11.56 -17.06 26.43
C LEU G 37 -11.66 -18.22 25.43
N HIS G 38 -10.81 -18.33 24.42
CA HIS G 38 -10.87 -19.37 23.38
C HIS G 38 -9.69 -20.33 23.55
N SER G 39 -8.99 -20.26 24.68
CA SER G 39 -7.87 -21.18 24.99
C SER G 39 -8.49 -22.50 25.47
N GLY G 40 -7.68 -23.47 25.82
CA GLY G 40 -8.18 -24.80 26.18
C GLY G 40 -8.15 -25.74 24.98
N HIS G 41 -7.81 -26.99 25.23
CA HIS G 41 -7.49 -28.02 24.20
C HIS G 41 -8.77 -28.44 23.47
N ARG G 42 -8.75 -28.42 22.13
CA ARG G 42 -9.78 -29.05 21.24
C ARG G 42 -9.43 -30.54 21.12
N GLU G 43 -10.41 -31.44 20.91
CA GLU G 43 -10.20 -32.91 20.75
C GLU G 43 -9.34 -33.17 19.50
N ARG G 44 -8.24 -33.91 19.61
CA ARG G 44 -7.40 -34.19 18.42
C ARG G 44 -8.13 -35.13 17.47
N PRO G 45 -7.91 -34.93 16.15
CA PRO G 45 -8.56 -35.71 15.09
C PRO G 45 -7.94 -37.10 15.03
N ALA G 46 -8.76 -38.08 14.59
CA ALA G 46 -8.35 -39.44 14.22
C ALA G 46 -7.02 -39.34 13.43
N PHE G 47 -6.05 -40.17 13.78
CA PHE G 47 -4.79 -40.27 13.00
C PHE G 47 -5.06 -40.97 11.67
N ILE G 48 -4.63 -40.40 10.57
CA ILE G 48 -4.65 -41.04 9.22
C ILE G 48 -3.28 -40.88 8.63
N PRO G 49 -2.60 -41.99 8.25
CA PRO G 49 -1.21 -41.89 7.76
C PRO G 49 -1.08 -41.36 6.32
N TYR G 50 -1.61 -40.16 6.08
CA TYR G 50 -1.51 -39.47 4.78
C TYR G 50 -0.02 -39.37 4.38
N HIS G 51 0.24 -39.60 3.09
CA HIS G 51 1.62 -39.69 2.53
C HIS G 51 2.15 -38.28 2.26
N HIS G 52 1.29 -37.26 2.24
CA HIS G 52 1.75 -35.86 2.03
C HIS G 52 2.09 -35.17 3.37
N LEU G 53 1.90 -35.86 4.50
CA LEU G 53 2.18 -35.36 5.86
C LEU G 53 3.24 -36.22 6.55
N ARG G 54 3.80 -35.74 7.65
CA ARG G 54 4.80 -36.48 8.45
C ARG G 54 5.90 -36.93 7.49
N ILE G 55 6.36 -36.00 6.68
CA ILE G 55 7.40 -36.29 5.65
C ILE G 55 8.69 -36.69 6.34
N ARG G 56 9.32 -37.76 5.86
CA ARG G 56 10.66 -38.20 6.35
C ARG G 56 11.48 -38.61 5.13
N THR G 57 12.25 -37.70 4.56
CA THR G 57 13.19 -38.02 3.45
C THR G 57 14.59 -38.18 4.03
N LYS G 58 14.83 -37.63 5.21
CA LYS G 58 16.14 -37.73 5.91
C LYS G 58 15.86 -37.58 7.40
N PRO G 59 16.53 -38.33 8.25
CA PRO G 59 16.29 -38.18 9.68
C PRO G 59 16.67 -36.76 10.11
N PHE G 60 15.90 -36.20 11.03
CA PHE G 60 16.26 -34.93 11.70
C PHE G 60 17.57 -35.12 12.43
N SER G 61 18.34 -34.03 12.50
CA SER G 61 19.69 -33.99 13.11
C SER G 61 19.65 -33.88 14.62
N TRP G 62 18.58 -34.24 15.30
CA TRP G 62 18.48 -34.21 16.79
C TRP G 62 17.61 -35.40 17.21
N GLY G 63 17.63 -35.72 18.50
CA GLY G 63 16.72 -36.70 19.12
C GLY G 63 16.95 -38.03 18.45
N ASP G 64 15.88 -38.75 18.14
CA ASP G 64 15.95 -40.07 17.51
C ASP G 64 15.83 -39.92 15.99
N GLY G 65 15.85 -38.70 15.45
CA GLY G 65 15.72 -38.44 14.01
C GLY G 65 14.28 -38.42 13.52
N ASN G 66 13.30 -38.72 14.37
CA ASN G 66 11.90 -38.93 13.92
C ASN G 66 10.94 -37.94 14.57
N HIS G 67 11.44 -37.03 15.42
CA HIS G 67 10.63 -36.04 16.18
C HIS G 67 10.98 -34.66 15.64
N THR G 68 9.95 -33.89 15.29
CA THR G 68 10.15 -32.49 14.88
C THR G 68 10.69 -31.70 16.06
N PHE G 69 11.19 -30.50 15.78
CA PHE G 69 11.97 -29.70 16.73
C PHE G 69 11.15 -29.24 17.94
N PHE G 70 9.88 -28.94 17.72
N PHE G 70 9.89 -28.84 17.70
CA PHE G 70 8.97 -28.51 18.80
CA PHE G 70 8.88 -28.44 18.73
C PHE G 70 7.80 -29.50 18.84
C PHE G 70 7.78 -29.51 18.84
N HIS G 71 8.17 -30.78 18.73
CA HIS G 71 7.25 -31.94 18.90
C HIS G 71 6.43 -31.80 20.18
N ASN G 72 5.11 -31.86 20.01
CA ASN G 72 4.13 -31.87 21.11
C ASN G 72 3.44 -33.21 21.08
N PRO G 73 3.74 -34.14 21.99
CA PRO G 73 3.14 -35.48 21.94
C PRO G 73 1.60 -35.49 21.89
N ARG G 74 0.97 -34.48 22.48
CA ARG G 74 -0.51 -34.41 22.54
C ARG G 74 -1.10 -34.23 21.13
N VAL G 75 -0.47 -33.45 20.23
CA VAL G 75 -1.16 -33.06 18.96
C VAL G 75 -0.33 -33.38 17.71
N ASN G 76 0.91 -33.85 17.85
CA ASN G 76 1.78 -34.14 16.67
C ASN G 76 2.01 -35.63 16.60
N PRO G 77 1.28 -36.37 15.76
CA PRO G 77 1.56 -37.80 15.58
C PRO G 77 2.87 -37.97 14.81
N LEU G 78 3.53 -39.08 15.08
CA LEU G 78 4.68 -39.58 14.30
C LEU G 78 4.13 -40.23 13.03
N PRO G 79 4.99 -40.57 12.06
CA PRO G 79 4.54 -41.30 10.88
C PRO G 79 3.68 -42.53 11.21
N THR G 80 3.92 -43.15 12.37
CA THR G 80 3.22 -44.41 12.75
C THR G 80 2.03 -44.10 13.66
N GLY G 81 1.78 -42.82 13.94
CA GLY G 81 0.61 -42.42 14.75
C GLY G 81 0.99 -41.69 16.03
N TYR G 82 0.02 -41.44 16.89
CA TYR G 82 0.24 -40.69 18.16
C TYR G 82 1.07 -41.57 19.09
N GLU G 83 1.94 -40.94 19.87
CA GLU G 83 2.76 -41.64 20.89
C GLU G 83 1.94 -42.22 22.05
N TYR H 11 -14.88 -45.00 -29.38
CA TYR H 11 -13.74 -44.31 -28.48
C TYR H 11 -12.35 -44.67 -29.04
N GLN H 12 -11.54 -43.66 -29.40
CA GLN H 12 -10.13 -43.82 -29.81
C GLN H 12 -9.23 -43.35 -28.66
N THR H 13 -9.27 -42.08 -28.30
CA THR H 13 -8.53 -41.58 -27.14
C THR H 13 -9.36 -40.46 -26.54
N ALA H 14 -8.84 -39.88 -25.46
CA ALA H 14 -9.53 -38.81 -24.72
C ALA H 14 -9.57 -37.59 -25.63
N PRO H 15 -10.74 -36.98 -25.84
CA PRO H 15 -10.79 -35.77 -26.65
C PRO H 15 -10.21 -34.58 -25.87
N PHE H 16 -9.90 -33.55 -26.62
CA PHE H 16 -9.67 -32.16 -26.15
C PHE H 16 -10.78 -31.83 -25.15
N ASP H 17 -10.38 -31.22 -24.04
CA ASP H 17 -11.32 -30.78 -22.97
C ASP H 17 -10.97 -29.33 -22.66
N SER H 18 -11.92 -28.44 -22.91
CA SER H 18 -11.72 -26.97 -22.82
C SER H 18 -11.36 -26.56 -21.39
N ARG H 19 -11.63 -27.41 -20.40
CA ARG H 19 -11.27 -27.14 -18.99
C ARG H 19 -9.77 -27.27 -18.81
N PHE H 20 -9.11 -28.05 -19.67
CA PHE H 20 -7.67 -28.39 -19.54
C PHE H 20 -6.98 -28.14 -20.87
N PRO H 21 -6.83 -26.88 -21.31
CA PRO H 21 -6.35 -26.61 -22.66
C PRO H 21 -4.84 -26.44 -22.80
N ASN H 22 -4.11 -26.55 -21.71
CA ASN H 22 -2.68 -26.16 -21.69
C ASN H 22 -1.76 -27.40 -21.65
N GLN H 23 -0.46 -27.18 -21.69
CA GLN H 23 0.54 -28.27 -21.72
C GLN H 23 0.39 -29.12 -20.44
N ASN H 24 0.10 -28.50 -19.30
CA ASN H 24 0.01 -29.23 -18.03
C ASN H 24 -1.35 -29.92 -17.97
N GLN H 25 -1.35 -31.27 -18.10
CA GLN H 25 -2.56 -32.11 -18.14
C GLN H 25 -2.74 -32.86 -16.81
N THR H 26 -1.98 -32.50 -15.77
CA THR H 26 -2.07 -33.18 -14.47
C THR H 26 -3.53 -33.22 -13.99
N ARG H 27 -4.21 -32.08 -14.00
CA ARG H 27 -5.55 -31.98 -13.38
C ARG H 27 -6.56 -32.75 -14.20
N ASN H 28 -6.33 -32.89 -15.51
CA ASN H 28 -7.21 -33.66 -16.42
C ASN H 28 -7.22 -35.13 -15.96
N CYS H 29 -6.05 -35.74 -15.83
CA CYS H 29 -5.94 -37.09 -15.28
C CYS H 29 -6.65 -37.16 -13.91
N TRP H 30 -6.33 -36.25 -13.02
CA TRP H 30 -6.83 -36.27 -11.63
C TRP H 30 -8.36 -36.19 -11.65
N GLN H 31 -8.91 -35.24 -12.40
CA GLN H 31 -10.36 -34.96 -12.38
C GLN H 31 -11.10 -36.21 -12.89
N ASN H 32 -10.60 -36.81 -13.95
CA ASN H 32 -11.29 -37.99 -14.53
C ASN H 32 -11.18 -39.21 -13.59
N TYR H 33 -10.08 -39.36 -12.86
CA TYR H 33 -9.92 -40.46 -11.87
C TYR H 33 -10.93 -40.26 -10.73
N LEU H 34 -11.01 -39.03 -10.19
CA LEU H 34 -12.02 -38.67 -9.17
C LEU H 34 -13.42 -38.95 -9.72
N ASP H 35 -13.72 -38.46 -10.93
CA ASP H 35 -15.09 -38.56 -11.50
C ASP H 35 -15.45 -40.05 -11.64
N PHE H 36 -14.54 -40.90 -12.12
CA PHE H 36 -14.82 -42.33 -12.26
C PHE H 36 -15.18 -42.89 -10.88
N HIS H 37 -14.32 -42.67 -9.89
CA HIS H 37 -14.48 -43.29 -8.55
C HIS H 37 -15.72 -42.73 -7.85
N ARG H 38 -16.04 -41.43 -8.03
CA ARG H 38 -17.27 -40.85 -7.41
C ARG H 38 -18.50 -41.53 -8.02
N CYS H 39 -18.51 -41.64 -9.34
CA CYS H 39 -19.61 -42.28 -10.10
C CYS H 39 -19.75 -43.74 -9.65
N GLU H 40 -18.64 -44.45 -9.55
CA GLU H 40 -18.62 -45.89 -9.19
C GLU H 40 -19.20 -46.04 -7.78
N LYS H 41 -18.82 -45.15 -6.86
CA LYS H 41 -19.34 -45.22 -5.47
C LYS H 41 -20.85 -44.97 -5.52
N ALA H 42 -21.31 -43.96 -6.26
CA ALA H 42 -22.73 -43.56 -6.38
C ALA H 42 -23.52 -44.74 -6.94
N MET H 43 -22.96 -45.49 -7.90
CA MET H 43 -23.69 -46.58 -8.62
C MET H 43 -23.70 -47.86 -7.79
N THR H 44 -22.70 -48.11 -6.95
CA THR H 44 -22.58 -49.40 -6.19
C THR H 44 -23.37 -49.31 -4.90
N ALA H 45 -23.35 -48.13 -4.27
CA ALA H 45 -24.15 -47.80 -3.07
C ALA H 45 -25.60 -48.21 -3.34
N LYS H 46 -26.27 -47.66 -4.38
CA LYS H 46 -27.67 -48.05 -4.68
C LYS H 46 -27.67 -49.41 -5.39
N GLY H 47 -26.50 -50.04 -5.59
CA GLY H 47 -26.36 -51.21 -6.46
C GLY H 47 -26.87 -50.91 -7.87
N GLY H 48 -26.82 -49.63 -8.28
CA GLY H 48 -27.07 -49.10 -9.65
C GLY H 48 -26.15 -49.77 -10.66
N ASP H 49 -25.80 -49.14 -11.79
CA ASP H 49 -24.91 -49.80 -12.79
C ASP H 49 -23.63 -49.00 -13.11
N VAL H 50 -22.45 -49.57 -12.86
CA VAL H 50 -21.13 -48.87 -13.02
C VAL H 50 -20.84 -48.62 -14.51
N SER H 51 -21.53 -49.27 -15.44
CA SER H 51 -21.41 -49.00 -16.90
C SER H 51 -21.69 -47.52 -17.20
N VAL H 52 -22.47 -46.77 -16.39
CA VAL H 52 -22.73 -45.32 -16.68
C VAL H 52 -21.44 -44.50 -16.41
N CYS H 53 -20.50 -45.07 -15.66
CA CYS H 53 -19.21 -44.41 -15.30
C CYS H 53 -18.12 -44.59 -16.38
N GLU H 54 -18.40 -45.38 -17.42
CA GLU H 54 -17.42 -45.89 -18.41
C GLU H 54 -16.62 -44.76 -19.08
N TRP H 55 -17.24 -43.62 -19.38
CA TRP H 55 -16.52 -42.53 -20.09
C TRP H 55 -15.34 -42.04 -19.24
N TYR H 56 -15.56 -41.78 -17.96
CA TYR H 56 -14.49 -41.31 -17.04
C TYR H 56 -13.39 -42.37 -16.94
N ARG H 57 -13.80 -43.64 -16.90
CA ARG H 57 -12.83 -44.76 -16.79
C ARG H 57 -11.89 -44.72 -18.01
N ARG H 58 -12.43 -44.61 -19.22
CA ARG H 58 -11.63 -44.67 -20.48
C ARG H 58 -10.68 -43.48 -20.48
N VAL H 59 -11.19 -42.30 -20.13
CA VAL H 59 -10.40 -41.04 -20.16
C VAL H 59 -9.25 -41.14 -19.16
N TYR H 60 -9.50 -41.53 -17.91
CA TYR H 60 -8.39 -41.53 -16.92
C TYR H 60 -7.38 -42.63 -17.30
N LYS H 61 -7.85 -43.75 -17.80
CA LYS H 61 -6.94 -44.86 -18.22
C LYS H 61 -6.06 -44.39 -19.37
N SER H 62 -6.61 -43.61 -20.32
CA SER H 62 -5.86 -43.04 -21.49
C SER H 62 -4.79 -42.08 -20.97
N LEU H 63 -5.14 -41.17 -20.05
CA LEU H 63 -4.28 -40.00 -19.70
C LEU H 63 -3.33 -40.31 -18.57
N CYS H 64 -3.73 -41.08 -17.57
CA CYS H 64 -3.02 -41.14 -16.27
C CYS H 64 -1.88 -42.14 -16.38
N PRO H 65 -0.66 -41.77 -15.95
CA PRO H 65 0.39 -42.76 -15.76
C PRO H 65 -0.07 -43.93 -14.87
N ILE H 66 0.30 -45.13 -15.30
CA ILE H 66 0.04 -46.39 -14.57
C ILE H 66 0.45 -46.26 -13.09
N SER H 67 1.62 -45.69 -12.79
CA SER H 67 2.11 -45.61 -11.39
C SER H 67 1.22 -44.64 -10.59
N TRP H 68 0.67 -43.60 -11.20
CA TRP H 68 -0.24 -42.65 -10.48
C TRP H 68 -1.50 -43.43 -10.10
N VAL H 69 -2.09 -44.12 -11.07
CA VAL H 69 -3.36 -44.86 -10.83
C VAL H 69 -3.10 -45.89 -9.73
N SER H 70 -1.99 -46.62 -9.87
CA SER H 70 -1.61 -47.70 -8.94
C SER H 70 -1.45 -47.11 -7.53
N THR H 71 -0.77 -45.97 -7.41
CA THR H 71 -0.56 -45.30 -6.09
C THR H 71 -1.90 -44.85 -5.51
N TRP H 72 -2.72 -44.18 -6.32
CA TRP H 72 -4.05 -43.68 -5.89
C TRP H 72 -4.92 -44.87 -5.46
N ASP H 73 -4.91 -45.96 -6.22
CA ASP H 73 -5.72 -47.16 -5.84
C ASP H 73 -5.26 -47.69 -4.47
N ASP H 74 -3.95 -47.81 -4.27
CA ASP H 74 -3.36 -48.31 -3.02
C ASP H 74 -3.84 -47.40 -1.86
N ARG H 75 -3.79 -46.09 -2.07
CA ARG H 75 -4.16 -45.13 -1.02
C ARG H 75 -5.68 -45.21 -0.74
N ARG H 76 -6.52 -45.38 -1.74
CA ARG H 76 -7.98 -45.60 -1.50
C ARG H 76 -8.19 -46.84 -0.62
N ALA H 77 -7.49 -47.93 -0.90
CA ALA H 77 -7.56 -49.18 -0.08
C ALA H 77 -7.06 -48.90 1.34
N GLU H 78 -6.00 -48.12 1.52
CA GLU H 78 -5.34 -47.87 2.83
C GLU H 78 -6.18 -46.91 3.68
N GLY H 79 -7.02 -46.10 3.04
CA GLY H 79 -7.77 -44.99 3.66
C GLY H 79 -6.94 -43.71 3.72
N THR H 80 -5.95 -43.55 2.84
CA THR H 80 -5.05 -42.37 2.85
C THR H 80 -5.20 -41.55 1.56
N PHE H 81 -6.22 -41.81 0.75
CA PHE H 81 -6.42 -41.01 -0.47
C PHE H 81 -6.92 -39.63 -0.07
N PRO H 82 -6.24 -38.54 -0.48
CA PRO H 82 -6.59 -37.21 0.01
C PRO H 82 -7.70 -36.46 -0.74
N GLY H 83 -8.08 -36.98 -1.90
CA GLY H 83 -9.22 -36.44 -2.64
C GLY H 83 -10.54 -36.96 -2.06
N LYS H 84 -11.59 -36.20 -2.28
CA LYS H 84 -12.95 -36.52 -1.81
C LYS H 84 -13.61 -37.42 -2.85
N ILE H 85 -13.99 -38.62 -2.44
CA ILE H 85 -14.82 -39.56 -3.26
C ILE H 85 -16.12 -39.81 -2.52
N ALA I 3 49.44 26.69 -61.01
CA ALA I 3 48.57 26.89 -59.85
C ALA I 3 47.63 25.69 -59.73
N LEU I 4 47.41 25.29 -58.48
CA LEU I 4 46.57 24.13 -58.10
C LEU I 4 45.15 24.64 -57.84
N ALA I 5 44.15 23.85 -58.23
CA ALA I 5 42.72 24.13 -57.95
C ALA I 5 42.45 23.97 -56.45
N LYS I 6 41.53 24.80 -55.93
CA LYS I 6 41.00 24.66 -54.56
C LYS I 6 40.21 23.36 -54.49
N PRO I 7 40.65 22.43 -53.64
CA PRO I 7 39.92 21.19 -53.40
C PRO I 7 38.85 21.44 -52.34
N GLN I 8 37.96 20.46 -52.19
CA GLN I 8 37.02 20.41 -51.07
C GLN I 8 37.87 20.25 -49.81
N MET I 9 37.65 21.12 -48.84
CA MET I 9 38.42 21.13 -47.56
C MET I 9 37.54 20.86 -46.36
N ARG I 10 36.21 20.91 -46.48
CA ARG I 10 35.27 20.82 -45.31
C ARG I 10 34.44 19.55 -45.39
N GLY I 11 34.18 18.93 -44.23
CA GLY I 11 33.22 17.83 -44.10
C GLY I 11 33.72 16.57 -44.78
N LEU I 12 35.04 16.37 -44.89
CA LEU I 12 35.54 15.16 -45.60
C LEU I 12 35.17 13.87 -44.84
N LEU I 13 35.21 13.88 -43.52
CA LEU I 13 34.86 12.67 -42.73
C LEU I 13 33.37 12.33 -42.89
N ALA I 14 32.52 13.34 -42.79
CA ALA I 14 31.05 13.22 -42.93
C ALA I 14 30.74 12.69 -44.34
N ARG I 15 31.41 13.25 -45.35
CA ARG I 15 31.17 12.82 -46.77
C ARG I 15 31.53 11.33 -46.92
N ARG I 16 32.68 10.92 -46.40
CA ARG I 16 33.11 9.49 -46.44
C ARG I 16 32.06 8.61 -45.75
N LEU I 17 31.58 9.03 -44.57
CA LEU I 17 30.57 8.26 -43.79
C LEU I 17 29.31 8.07 -44.64
N ARG I 18 28.75 9.18 -45.14
CA ARG I 18 27.49 9.19 -45.91
C ARG I 18 27.64 8.20 -47.09
N PHE I 19 28.72 8.33 -47.87
CA PHE I 19 28.94 7.47 -49.05
C PHE I 19 28.94 5.99 -48.63
N HIS I 20 29.65 5.63 -47.57
CA HIS I 20 29.84 4.20 -47.23
C HIS I 20 28.64 3.61 -46.48
N ILE I 21 27.86 4.42 -45.77
CA ILE I 21 26.62 3.87 -45.13
C ILE I 21 25.63 3.57 -46.25
N VAL I 22 25.54 4.40 -47.27
CA VAL I 22 24.66 4.16 -48.44
C VAL I 22 25.14 2.87 -49.14
N GLY I 23 26.45 2.76 -49.38
CA GLY I 23 27.11 1.54 -49.91
C GLY I 23 26.75 0.31 -49.10
N ALA I 24 26.84 0.39 -47.78
CA ALA I 24 26.49 -0.76 -46.92
C ALA I 24 25.01 -1.13 -47.09
N PHE I 25 24.14 -0.14 -47.14
CA PHE I 25 22.69 -0.39 -47.36
C PHE I 25 22.51 -1.17 -48.66
N MET I 26 23.14 -0.71 -49.75
CA MET I 26 22.96 -1.31 -51.10
C MET I 26 23.47 -2.75 -51.05
N VAL I 27 24.62 -2.99 -50.39
CA VAL I 27 25.19 -4.36 -50.26
C VAL I 27 24.24 -5.23 -49.42
N SER I 28 23.68 -4.68 -48.33
CA SER I 28 22.73 -5.41 -47.42
C SER I 28 21.55 -5.94 -48.26
N LEU I 29 21.00 -5.09 -49.12
CA LEU I 29 19.88 -5.46 -50.04
C LEU I 29 20.31 -6.58 -51.01
N GLY I 30 21.50 -6.49 -51.60
CA GLY I 30 22.07 -7.56 -52.46
C GLY I 30 22.23 -8.85 -51.68
N PHE I 31 22.71 -8.79 -50.43
CA PHE I 31 22.89 -10.01 -49.60
C PHE I 31 21.52 -10.66 -49.30
N ALA I 32 20.53 -9.84 -48.92
CA ALA I 32 19.17 -10.34 -48.59
C ALA I 32 18.53 -11.01 -49.82
N THR I 33 18.75 -10.46 -51.03
CA THR I 33 18.24 -11.06 -52.29
C THR I 33 18.99 -12.37 -52.52
N PHE I 34 20.32 -12.37 -52.40
CA PHE I 34 21.16 -13.58 -52.59
C PHE I 34 20.68 -14.67 -51.62
N TYR I 35 20.46 -14.29 -50.36
CA TYR I 35 20.17 -15.27 -49.30
C TYR I 35 18.77 -15.86 -49.50
N LYS I 36 17.80 -15.04 -49.89
CA LYS I 36 16.42 -15.44 -50.28
C LYS I 36 16.53 -16.60 -51.28
N PHE I 37 17.42 -16.45 -52.27
CA PHE I 37 17.62 -17.32 -53.45
C PHE I 37 18.47 -18.54 -53.07
N ALA I 38 19.62 -18.38 -52.42
CA ALA I 38 20.58 -19.46 -52.15
C ALA I 38 20.15 -20.32 -50.95
N VAL I 39 19.33 -19.79 -50.04
CA VAL I 39 19.01 -20.50 -48.76
C VAL I 39 17.50 -20.62 -48.60
N ALA I 40 16.76 -19.53 -48.42
CA ALA I 40 15.37 -19.58 -47.91
C ALA I 40 14.45 -20.21 -48.96
N GLU I 41 14.46 -19.71 -50.19
CA GLU I 41 13.62 -20.23 -51.30
C GLU I 41 14.10 -21.61 -51.71
N LYS I 42 15.42 -21.82 -51.73
CA LYS I 42 15.96 -23.15 -52.10
C LYS I 42 15.35 -24.18 -51.14
N ARG I 43 15.31 -23.86 -49.85
CA ARG I 43 14.76 -24.80 -48.86
C ARG I 43 13.26 -25.04 -49.12
N LYS I 44 12.49 -23.98 -49.29
CA LYS I 44 11.04 -24.08 -49.59
C LYS I 44 10.86 -25.03 -50.78
N LYS I 45 11.65 -24.80 -51.83
CA LYS I 45 11.52 -25.56 -53.11
C LYS I 45 11.94 -27.03 -52.89
N ALA I 46 13.01 -27.28 -52.11
CA ALA I 46 13.46 -28.66 -51.82
C ALA I 46 12.33 -29.43 -51.12
N TYR I 47 11.70 -28.85 -50.08
CA TYR I 47 10.59 -29.53 -49.36
C TYR I 47 9.38 -29.70 -50.31
N ALA I 48 9.00 -28.65 -51.04
CA ALA I 48 7.82 -28.69 -51.93
C ALA I 48 8.03 -29.78 -53.00
N ASP I 49 9.24 -29.85 -53.55
CA ASP I 49 9.57 -30.80 -54.65
C ASP I 49 9.61 -32.22 -54.08
N PHE I 50 10.15 -32.39 -52.88
CA PHE I 50 10.19 -33.72 -52.23
C PHE I 50 8.76 -34.25 -52.08
N TYR I 51 7.82 -33.45 -51.56
CA TYR I 51 6.50 -33.95 -51.13
C TYR I 51 5.49 -33.96 -52.29
N ARG I 52 5.77 -33.28 -53.40
CA ARG I 52 4.78 -33.09 -54.51
C ARG I 52 4.23 -34.44 -54.98
N ASN I 53 5.11 -35.44 -55.19
CA ASN I 53 4.67 -36.79 -55.66
C ASN I 53 5.13 -37.87 -54.67
N TYR I 54 5.40 -37.50 -53.43
CA TYR I 54 5.89 -38.42 -52.39
C TYR I 54 4.82 -39.47 -52.11
N ASP I 55 5.24 -40.73 -52.09
CA ASP I 55 4.37 -41.89 -51.80
C ASP I 55 4.88 -42.50 -50.49
N SER I 56 4.22 -42.17 -49.37
CA SER I 56 4.63 -42.62 -48.02
C SER I 56 4.63 -44.15 -47.92
N MET I 57 3.64 -44.83 -48.53
CA MET I 57 3.54 -46.31 -48.46
C MET I 57 4.71 -46.93 -49.25
N LYS I 58 5.05 -46.35 -50.41
CA LYS I 58 6.22 -46.85 -51.18
C LYS I 58 7.49 -46.68 -50.35
N ASP I 59 7.68 -45.50 -49.75
CA ASP I 59 8.82 -45.24 -48.84
C ASP I 59 8.85 -46.31 -47.75
N PHE I 60 7.73 -46.55 -47.07
CA PHE I 60 7.67 -47.57 -46.00
C PHE I 60 8.10 -48.93 -46.58
N GLU I 61 7.52 -49.35 -47.71
CA GLU I 61 7.81 -50.69 -48.30
C GLU I 61 9.32 -50.84 -48.56
N GLU I 62 9.95 -49.81 -49.06
CA GLU I 62 11.42 -49.80 -49.32
C GLU I 62 12.14 -50.01 -47.99
N MET I 63 11.75 -49.27 -46.96
CA MET I 63 12.39 -49.39 -45.64
C MET I 63 12.15 -50.80 -45.06
N ARG I 64 10.91 -51.29 -45.17
CA ARG I 64 10.57 -52.63 -44.62
C ARG I 64 11.46 -53.69 -45.29
N LYS I 65 11.57 -53.64 -46.62
CA LYS I 65 12.33 -54.65 -47.41
C LYS I 65 13.84 -54.56 -47.10
N ALA I 66 14.31 -53.37 -46.71
CA ALA I 66 15.70 -53.17 -46.29
C ALA I 66 15.94 -53.74 -44.88
N GLY I 67 14.90 -54.10 -44.12
CA GLY I 67 14.99 -54.76 -42.82
C GLY I 67 15.18 -53.76 -41.69
N ILE I 68 14.73 -52.52 -41.85
CA ILE I 68 15.08 -51.53 -40.81
C ILE I 68 14.19 -51.62 -39.57
N PHE I 69 12.97 -52.16 -39.67
CA PHE I 69 11.95 -52.04 -38.59
C PHE I 69 11.89 -53.24 -37.65
N GLN I 70 11.60 -52.93 -36.37
CA GLN I 70 11.20 -53.93 -35.34
C GLN I 70 9.77 -54.42 -35.59
N SER I 71 8.89 -53.56 -36.09
CA SER I 71 7.42 -53.85 -36.15
C SER I 71 6.98 -54.38 -37.52
N ALA I 72 7.87 -54.51 -38.51
CA ALA I 72 7.50 -54.96 -39.88
C ALA I 72 8.59 -55.86 -40.52
N PHE J 1 21.28 6.92 36.68
CA PHE J 1 22.51 6.99 35.86
C PHE J 1 22.88 8.47 35.68
N GLU J 2 24.18 8.73 35.61
CA GLU J 2 24.74 10.08 35.31
C GLU J 2 25.36 10.05 33.91
N ASN J 3 25.42 11.23 33.29
CA ASN J 3 25.93 11.32 31.90
C ASN J 3 27.46 11.35 31.98
N ARG J 4 28.11 10.24 31.63
CA ARG J 4 29.59 10.12 31.66
C ARG J 4 30.14 10.07 30.22
N VAL J 5 29.41 10.57 29.23
CA VAL J 5 29.89 10.56 27.83
C VAL J 5 31.18 11.39 27.71
N ALA J 6 31.27 12.57 28.36
CA ALA J 6 32.47 13.44 28.24
C ALA J 6 33.73 12.63 28.63
N GLU J 7 33.67 11.81 29.68
CA GLU J 7 34.85 11.05 30.17
C GLU J 7 35.20 9.98 29.10
N LYS J 8 34.23 9.37 28.42
CA LYS J 8 34.51 8.39 27.35
C LYS J 8 35.04 9.14 26.11
N GLN J 9 34.56 10.35 25.82
CA GLN J 9 35.13 11.15 24.70
C GLN J 9 36.62 11.40 24.96
N LYS J 10 36.98 11.80 26.17
CA LYS J 10 38.40 12.06 26.49
C LYS J 10 39.21 10.76 26.27
N LEU J 11 38.71 9.62 26.79
CA LEU J 11 39.44 8.32 26.69
C LEU J 11 39.65 7.98 25.22
N PHE J 12 38.59 8.04 24.40
CA PHE J 12 38.70 7.56 22.99
C PHE J 12 39.37 8.59 22.08
N GLN J 13 39.61 9.83 22.55
CA GLN J 13 40.34 10.84 21.73
C GLN J 13 41.79 10.98 22.20
N GLU J 14 42.23 10.23 23.22
CA GLU J 14 43.62 10.30 23.74
C GLU J 14 44.56 10.05 22.56
N ASP J 15 45.60 10.86 22.46
CA ASP J 15 46.59 10.79 21.35
C ASP J 15 47.63 9.70 21.65
N ASN J 16 47.25 8.42 21.57
CA ASN J 16 48.11 7.28 21.97
C ASN J 16 48.36 6.35 20.77
N GLY J 17 47.92 6.75 19.57
CA GLY J 17 48.11 5.97 18.32
C GLY J 17 47.36 4.64 18.29
N LEU J 18 46.53 4.31 19.28
CA LEU J 18 45.81 3.00 19.26
C LEU J 18 44.66 3.05 18.28
N PRO J 19 44.43 1.93 17.56
CA PRO J 19 43.22 1.85 16.73
C PRO J 19 42.00 1.73 17.64
N VAL J 20 40.84 2.04 17.07
CA VAL J 20 39.61 2.19 17.87
C VAL J 20 39.29 0.87 18.58
N HIS J 21 39.57 -0.27 17.97
CA HIS J 21 39.20 -1.57 18.58
C HIS J 21 40.05 -1.93 19.80
N LEU J 22 41.13 -1.19 20.11
CA LEU J 22 42.00 -1.45 21.27
C LEU J 22 42.03 -0.25 22.20
N LYS J 23 41.33 0.84 21.89
CA LYS J 23 41.55 2.14 22.59
C LYS J 23 40.86 2.15 23.97
N GLY J 24 40.04 1.16 24.27
CA GLY J 24 39.33 1.06 25.57
C GLY J 24 40.27 0.57 26.65
N GLY J 25 41.36 -0.07 26.25
CA GLY J 25 42.39 -0.59 27.17
C GLY J 25 42.49 -2.11 27.14
N ALA J 26 43.12 -2.65 28.18
CA ALA J 26 43.62 -4.04 28.26
C ALA J 26 42.48 -5.03 27.97
N THR J 27 41.22 -4.73 28.34
CA THR J 27 40.08 -5.67 28.11
C THR J 27 39.88 -5.83 26.60
N ASP J 28 40.10 -4.77 25.81
CA ASP J 28 39.92 -4.88 24.35
C ASP J 28 40.93 -5.89 23.78
N ASN J 29 42.16 -5.86 24.26
CA ASN J 29 43.23 -6.79 23.75
C ASN J 29 42.80 -8.22 24.06
N ILE J 30 42.29 -8.45 25.28
CA ILE J 30 41.89 -9.82 25.71
C ILE J 30 40.76 -10.30 24.78
N LEU J 31 39.71 -9.49 24.63
CA LEU J 31 38.56 -9.91 23.80
C LEU J 31 39.00 -10.10 22.33
N TYR J 32 39.89 -9.25 21.80
CA TYR J 32 40.47 -9.42 20.45
C TYR J 32 41.18 -10.79 20.38
N ARG J 33 42.05 -11.08 21.36
CA ARG J 33 42.84 -12.33 21.34
C ARG J 33 41.91 -13.55 21.41
N VAL J 34 40.88 -13.51 22.25
CA VAL J 34 39.92 -14.63 22.33
C VAL J 34 39.24 -14.79 20.96
N THR J 35 38.78 -13.69 20.36
CA THR J 35 38.01 -13.75 19.11
C THR J 35 38.90 -14.36 18.01
N MET J 36 40.07 -13.79 17.84
CA MET J 36 40.98 -14.21 16.75
C MET J 36 41.45 -15.66 16.97
N THR J 37 41.65 -16.08 18.22
CA THR J 37 42.10 -17.46 18.56
C THR J 37 40.98 -18.45 18.19
N LEU J 38 39.74 -18.16 18.61
CA LEU J 38 38.57 -19.00 18.22
C LEU J 38 38.41 -19.02 16.69
N CYS J 39 38.53 -17.89 16.00
CA CYS J 39 38.38 -17.85 14.53
C CYS J 39 39.46 -18.72 13.87
N LEU J 40 40.73 -18.49 14.21
CA LEU J 40 41.83 -19.17 13.48
C LEU J 40 41.87 -20.66 13.87
N GLY J 41 41.71 -20.96 15.15
CA GLY J 41 41.59 -22.33 15.65
C GLY J 41 40.39 -23.05 15.03
N GLY J 42 39.25 -22.38 14.99
CA GLY J 42 38.05 -22.95 14.39
C GLY J 42 38.26 -23.22 12.91
N THR J 43 38.96 -22.32 12.22
CA THR J 43 39.25 -22.47 10.77
C THR J 43 40.14 -23.70 10.57
N LEU J 44 41.18 -23.87 11.40
CA LEU J 44 42.06 -25.06 11.29
C LEU J 44 41.23 -26.31 11.51
N TYR J 45 40.30 -26.27 12.46
CA TYR J 45 39.41 -27.43 12.78
C TYR J 45 38.47 -27.68 11.59
N SER J 46 37.95 -26.64 10.98
CA SER J 46 37.08 -26.80 9.78
C SER J 46 37.88 -27.50 8.66
N LEU J 47 39.17 -27.15 8.50
CA LEU J 47 40.03 -27.80 7.47
C LEU J 47 40.24 -29.27 7.81
N TYR J 48 40.51 -29.58 9.08
CA TYR J 48 40.63 -30.99 9.53
C TYR J 48 39.35 -31.75 9.17
N CYS J 49 38.19 -31.17 9.49
CA CYS J 49 36.85 -31.77 9.23
C CYS J 49 36.68 -32.02 7.73
N LEU J 50 37.11 -31.12 6.86
CA LEU J 50 37.13 -31.36 5.37
C LEU J 50 37.99 -32.57 4.99
N GLY J 51 39.25 -32.59 5.44
CA GLY J 51 40.19 -33.72 5.28
C GLY J 51 39.45 -35.00 5.59
N TRP J 52 38.86 -35.07 6.79
CA TRP J 52 38.14 -36.26 7.28
C TRP J 52 36.96 -36.59 6.35
N ALA J 53 36.15 -35.59 6.00
CA ALA J 53 34.92 -35.83 5.20
C ALA J 53 35.23 -36.14 3.72
N SER J 54 36.47 -35.93 3.28
CA SER J 54 36.89 -36.08 1.86
C SER J 54 37.15 -37.55 1.52
N PHE J 55 37.19 -38.40 2.54
CA PHE J 55 37.45 -39.86 2.40
C PHE J 55 36.34 -40.65 3.08
N PRO J 56 36.06 -41.87 2.58
CA PRO J 56 34.97 -42.70 3.12
C PRO J 56 35.20 -43.18 4.57
N ALA K 6 67.15 4.81 -34.86
CA ALA K 6 67.96 3.54 -35.03
C ALA K 6 67.04 2.30 -35.01
N PRO K 7 67.43 1.17 -35.64
CA PRO K 7 66.55 0.01 -35.80
C PRO K 7 66.12 -0.66 -34.48
N ASP K 8 64.85 -1.01 -34.37
CA ASP K 8 64.30 -1.64 -33.14
C ASP K 8 64.22 -3.15 -33.38
N PHE K 9 63.71 -3.84 -32.38
CA PHE K 9 63.53 -5.30 -32.37
C PHE K 9 62.80 -5.74 -33.66
N HIS K 10 61.75 -5.00 -34.06
CA HIS K 10 60.86 -5.40 -35.20
C HIS K 10 61.62 -5.26 -36.53
N ASP K 11 62.39 -4.18 -36.67
CA ASP K 11 63.23 -3.90 -37.86
C ASP K 11 64.27 -5.04 -38.00
N LYS K 12 64.86 -5.47 -36.90
CA LYS K 12 65.96 -6.46 -36.90
C LYS K 12 65.39 -7.87 -37.08
N TYR K 13 64.31 -8.21 -36.36
CA TYR K 13 63.90 -9.63 -36.20
C TYR K 13 62.51 -9.92 -36.77
N GLY K 14 61.73 -8.90 -37.13
CA GLY K 14 60.31 -9.10 -37.49
C GLY K 14 60.17 -10.09 -38.66
N ASN K 15 60.95 -9.89 -39.71
CA ASN K 15 60.94 -10.80 -40.90
C ASN K 15 61.14 -12.26 -40.47
N ALA K 16 62.15 -12.53 -39.63
CA ALA K 16 62.51 -13.90 -39.20
C ALA K 16 61.40 -14.45 -38.30
N VAL K 17 60.88 -13.63 -37.38
CA VAL K 17 59.79 -14.08 -36.48
C VAL K 17 58.55 -14.47 -37.33
N LEU K 18 58.16 -13.60 -38.29
CA LEU K 18 56.98 -13.88 -39.15
C LEU K 18 57.20 -15.17 -39.96
N ALA K 19 58.34 -15.32 -40.65
CA ALA K 19 58.58 -16.50 -41.53
C ALA K 19 58.63 -17.79 -40.68
N SER K 20 59.40 -17.79 -39.59
CA SER K 20 59.65 -18.97 -38.73
C SER K 20 58.36 -19.37 -38.00
N GLY K 21 57.64 -18.40 -37.45
CA GLY K 21 56.35 -18.63 -36.78
C GLY K 21 55.36 -19.30 -37.72
N ALA K 22 55.18 -18.76 -38.93
CA ALA K 22 54.26 -19.27 -39.96
C ALA K 22 54.65 -20.69 -40.34
N THR K 23 55.94 -20.92 -40.63
CA THR K 23 56.45 -22.23 -41.09
C THR K 23 56.20 -23.28 -40.01
N PHE K 24 56.60 -22.95 -38.78
CA PHE K 24 56.42 -23.83 -37.62
C PHE K 24 54.93 -24.15 -37.44
N CYS K 25 54.09 -23.12 -37.42
CA CYS K 25 52.65 -23.30 -37.13
C CYS K 25 52.04 -24.25 -38.16
N VAL K 26 52.28 -24.01 -39.42
CA VAL K 26 51.70 -24.84 -40.51
C VAL K 26 52.23 -26.28 -40.38
N ALA K 27 53.53 -26.44 -40.17
CA ALA K 27 54.16 -27.78 -40.13
C ALA K 27 53.53 -28.60 -38.99
N VAL K 28 53.39 -28.01 -37.80
CA VAL K 28 53.01 -28.79 -36.59
C VAL K 28 51.51 -29.10 -36.67
N TRP K 29 50.71 -28.15 -37.16
CA TRP K 29 49.24 -28.38 -37.28
C TRP K 29 48.99 -29.44 -38.37
N VAL K 30 49.69 -29.38 -39.50
CA VAL K 30 49.52 -30.40 -40.57
C VAL K 30 49.92 -31.77 -40.00
N TYR K 31 51.03 -31.87 -39.27
CA TYR K 31 51.45 -33.17 -38.67
C TYR K 31 50.37 -33.67 -37.68
N MET K 32 49.93 -32.83 -36.73
CA MET K 32 48.91 -33.19 -35.72
C MET K 32 47.67 -33.69 -36.46
N ALA K 33 47.24 -32.99 -37.51
CA ALA K 33 45.96 -33.26 -38.19
C ALA K 33 46.00 -34.56 -38.98
N THR K 34 47.17 -34.99 -39.45
CA THR K 34 47.26 -36.04 -40.50
C THR K 34 48.07 -37.27 -40.07
N GLN K 35 48.92 -37.20 -39.06
CA GLN K 35 49.96 -38.24 -38.88
C GLN K 35 49.80 -38.98 -37.56
N ILE K 36 48.85 -38.63 -36.70
CA ILE K 36 48.87 -39.21 -35.32
C ILE K 36 47.56 -39.95 -35.02
N GLY K 37 46.74 -40.23 -36.03
CA GLY K 37 45.53 -41.08 -35.84
C GLY K 37 44.34 -40.35 -35.29
N ILE K 38 44.29 -39.00 -35.31
CA ILE K 38 43.06 -38.28 -34.90
C ILE K 38 41.90 -38.72 -35.80
N GLU K 39 40.74 -38.99 -35.19
CA GLU K 39 39.53 -39.37 -35.92
C GLU K 39 38.71 -38.11 -36.16
N TRP K 40 38.64 -37.63 -37.41
CA TRP K 40 37.92 -36.37 -37.68
C TRP K 40 36.47 -36.69 -37.98
N ASN K 41 36.21 -37.92 -38.42
CA ASN K 41 34.86 -38.38 -38.83
C ASN K 41 34.25 -37.41 -39.85
N PRO K 42 34.87 -37.27 -41.03
CA PRO K 42 34.28 -36.46 -42.09
C PRO K 42 32.99 -37.12 -42.61
N SER K 43 32.24 -36.39 -43.42
CA SER K 43 31.02 -36.88 -44.10
C SER K 43 31.38 -38.08 -44.96
N PRO K 44 30.56 -39.17 -44.93
CA PRO K 44 30.71 -40.26 -45.88
C PRO K 44 30.36 -39.85 -47.31
N VAL K 45 29.63 -38.76 -47.48
CA VAL K 45 29.12 -38.35 -48.82
C VAL K 45 30.29 -38.21 -49.78
N GLY K 46 30.24 -38.92 -50.91
CA GLY K 46 31.26 -38.88 -51.98
C GLY K 46 32.55 -39.55 -51.54
N ARG K 47 32.58 -40.23 -50.40
CA ARG K 47 33.82 -40.78 -49.78
C ARG K 47 33.61 -42.27 -49.49
N VAL K 48 32.49 -42.66 -48.88
CA VAL K 48 32.30 -44.05 -48.40
C VAL K 48 31.44 -44.84 -49.39
N THR K 49 31.85 -46.08 -49.68
CA THR K 49 31.01 -47.01 -50.46
C THR K 49 30.15 -47.76 -49.45
N PRO K 50 28.81 -47.55 -49.47
CA PRO K 50 27.93 -48.27 -48.53
C PRO K 50 28.05 -49.78 -48.71
N LYS K 51 27.94 -50.50 -47.60
CA LYS K 51 28.10 -51.98 -47.58
C LYS K 51 26.92 -52.62 -46.86
N GLU K 52 26.50 -53.78 -47.35
CA GLU K 52 25.39 -54.57 -46.73
C GLU K 52 25.67 -54.71 -45.24
N TRP K 53 24.65 -54.49 -44.43
CA TRP K 53 24.71 -54.54 -42.95
C TRP K 53 23.77 -55.62 -42.41
N ARG K 54 22.66 -55.89 -43.06
CA ARG K 54 21.68 -56.91 -42.54
C ARG K 54 22.19 -58.38 -42.79
N TYR L 3 52.61 3.53 5.85
CA TYR L 3 52.80 2.45 4.85
C TYR L 3 53.66 2.92 3.65
N GLU L 4 54.32 1.97 3.01
CA GLU L 4 55.15 2.22 1.80
C GLU L 4 54.21 2.56 0.65
N GLU L 5 54.64 3.52 -0.15
CA GLU L 5 53.87 4.08 -1.26
C GLU L 5 54.75 3.87 -2.50
N GLY L 6 54.12 3.80 -3.63
CA GLY L 6 54.84 3.80 -4.89
C GLY L 6 54.89 2.43 -5.54
N PRO L 7 55.41 2.43 -6.76
CA PRO L 7 55.48 1.20 -7.57
C PRO L 7 56.22 0.10 -6.81
N GLY L 8 55.64 -1.10 -6.83
CA GLY L 8 56.14 -2.30 -6.16
C GLY L 8 55.88 -2.34 -4.67
N LYS L 9 55.25 -1.32 -4.10
CA LYS L 9 55.05 -1.22 -2.64
C LYS L 9 53.56 -1.31 -2.24
N ASN L 10 52.64 -1.18 -3.20
CA ASN L 10 51.19 -1.12 -2.94
C ASN L 10 50.58 -2.51 -3.21
N ILE L 11 51.33 -3.56 -2.92
CA ILE L 11 50.96 -4.96 -3.26
C ILE L 11 51.39 -5.84 -2.09
N PRO L 12 50.68 -6.97 -1.89
CA PRO L 12 50.97 -7.85 -0.76
C PRO L 12 52.12 -8.85 -1.01
N PHE L 13 52.72 -8.76 -2.18
CA PHE L 13 53.84 -9.62 -2.61
C PHE L 13 55.03 -8.73 -2.96
N SER L 14 56.24 -9.25 -2.78
CA SER L 14 57.47 -8.51 -3.13
C SER L 14 57.78 -8.67 -4.62
N VAL L 15 58.22 -7.57 -5.23
CA VAL L 15 58.80 -7.58 -6.60
C VAL L 15 60.26 -7.10 -6.51
N GLU L 16 60.90 -7.21 -5.35
CA GLU L 16 62.32 -6.76 -5.19
C GLU L 16 63.27 -7.63 -6.02
N ASN L 17 62.98 -8.92 -6.12
CA ASN L 17 63.81 -9.88 -6.87
C ASN L 17 62.92 -10.61 -7.89
N LYS L 18 63.22 -10.48 -9.20
CA LYS L 18 62.34 -10.99 -10.28
C LYS L 18 62.30 -12.51 -10.23
N TRP L 19 63.32 -13.18 -9.69
CA TRP L 19 63.38 -14.66 -9.70
C TRP L 19 62.57 -15.18 -8.51
N ARG L 20 62.68 -14.54 -7.36
CA ARG L 20 61.78 -14.87 -6.23
C ARG L 20 60.33 -14.62 -6.67
N LEU L 21 60.09 -13.53 -7.37
CA LEU L 21 58.72 -13.23 -7.86
C LEU L 21 58.23 -14.33 -8.81
N LEU L 22 59.06 -14.76 -9.74
CA LEU L 22 58.69 -15.86 -10.66
C LEU L 22 58.29 -17.09 -9.84
N ALA L 23 59.05 -17.45 -8.82
CA ALA L 23 58.73 -18.62 -7.96
C ALA L 23 57.35 -18.39 -7.34
N MET L 24 57.15 -17.21 -6.76
CA MET L 24 55.88 -16.94 -6.02
C MET L 24 54.72 -16.99 -7.03
N MET L 25 54.90 -16.40 -8.21
CA MET L 25 53.79 -16.37 -9.21
C MET L 25 53.47 -17.78 -9.73
N THR L 26 54.51 -18.58 -9.94
CA THR L 26 54.49 -20.03 -10.35
C THR L 26 53.63 -20.80 -9.34
N LEU L 27 53.92 -20.61 -8.06
CA LEU L 27 53.21 -21.34 -6.99
C LEU L 27 51.76 -20.86 -6.95
N PHE L 28 51.55 -19.56 -7.10
CA PHE L 28 50.21 -18.95 -6.96
C PHE L 28 49.33 -19.42 -8.12
N PHE L 29 49.67 -19.06 -9.36
CA PHE L 29 48.82 -19.43 -10.53
C PHE L 29 48.85 -20.93 -10.76
N GLY L 30 50.02 -21.55 -10.59
CA GLY L 30 50.16 -23.02 -10.76
C GLY L 30 49.25 -23.78 -9.81
N SER L 31 49.14 -23.33 -8.56
CA SER L 31 48.31 -24.06 -7.57
C SER L 31 46.83 -23.99 -8.01
N GLY L 32 46.37 -22.84 -8.47
CA GLY L 32 44.98 -22.71 -8.96
C GLY L 32 44.73 -23.59 -10.16
N PHE L 33 45.62 -23.58 -11.12
CA PHE L 33 45.45 -24.41 -12.33
C PHE L 33 45.52 -25.91 -11.95
N ALA L 34 46.40 -26.30 -11.03
CA ALA L 34 46.59 -27.72 -10.68
C ALA L 34 45.36 -28.25 -9.91
N ALA L 35 44.72 -27.43 -9.09
CA ALA L 35 43.74 -27.93 -8.11
C ALA L 35 42.71 -28.85 -8.77
N PRO L 36 42.04 -28.46 -9.88
CA PRO L 36 40.99 -29.31 -10.43
C PRO L 36 41.50 -30.67 -10.92
N PHE L 37 42.73 -30.74 -11.43
CA PHE L 37 43.31 -32.03 -11.85
C PHE L 37 43.44 -32.92 -10.62
N PHE L 38 43.88 -32.36 -9.49
CA PHE L 38 44.10 -33.18 -8.27
C PHE L 38 42.77 -33.54 -7.62
N ILE L 39 41.73 -32.72 -7.79
CA ILE L 39 40.39 -33.08 -7.29
C ILE L 39 39.83 -34.23 -8.15
N VAL L 40 39.99 -34.15 -9.46
CA VAL L 40 39.57 -35.25 -10.36
C VAL L 40 40.33 -36.52 -9.94
N ARG L 41 41.66 -36.43 -9.74
CA ARG L 41 42.44 -37.62 -9.32
C ARG L 41 41.82 -38.19 -8.03
N HIS L 42 41.52 -37.33 -7.08
CA HIS L 42 40.93 -37.70 -5.77
C HIS L 42 39.60 -38.44 -5.99
N GLN L 43 38.71 -37.91 -6.83
CA GLN L 43 37.39 -38.53 -7.09
C GLN L 43 37.60 -39.87 -7.80
N LEU L 44 38.51 -39.97 -8.77
CA LEU L 44 38.77 -41.24 -9.49
C LEU L 44 39.34 -42.30 -8.54
N LEU L 45 40.17 -41.89 -7.58
CA LEU L 45 40.78 -42.87 -6.65
C LEU L 45 39.79 -43.38 -5.62
N LYS L 46 38.65 -42.78 -5.31
CA LYS L 46 37.70 -43.44 -4.36
C LYS L 46 37.09 -44.70 -4.99
N ILE M 1 50.84 6.43 -23.56
CA ILE M 1 51.52 6.59 -22.25
C ILE M 1 53.02 6.75 -22.54
N THR M 2 53.74 7.49 -21.72
CA THR M 2 55.23 7.41 -21.72
C THR M 2 55.68 6.79 -20.41
N ALA M 3 56.89 6.25 -20.40
CA ALA M 3 57.44 5.51 -19.26
C ALA M 3 58.95 5.63 -19.29
N LYS M 4 59.56 5.43 -18.15
CA LYS M 4 61.02 5.33 -18.05
C LYS M 4 61.47 4.02 -18.66
N PRO M 5 62.72 3.95 -19.08
CA PRO M 5 63.37 2.67 -19.33
C PRO M 5 63.34 1.80 -18.07
N ALA M 6 63.29 0.49 -18.30
CA ALA M 6 63.25 -0.54 -17.25
C ALA M 6 64.33 -0.26 -16.19
N LYS M 7 63.94 -0.30 -14.92
CA LYS M 7 64.95 -0.22 -13.82
C LYS M 7 65.76 -1.51 -13.71
N THR M 8 65.18 -2.64 -14.09
CA THR M 8 65.83 -3.97 -14.03
C THR M 8 65.51 -4.71 -15.33
N PRO M 9 66.12 -4.31 -16.46
CA PRO M 9 65.77 -4.89 -17.77
C PRO M 9 65.77 -6.42 -17.72
N THR M 10 64.80 -6.99 -18.44
CA THR M 10 64.59 -8.45 -18.63
C THR M 10 65.02 -8.79 -20.06
N SER M 11 66.24 -9.30 -20.19
CA SER M 11 66.87 -9.67 -21.48
C SER M 11 66.05 -10.77 -22.15
N PRO M 12 66.21 -10.96 -23.48
CA PRO M 12 65.58 -12.08 -24.16
C PRO M 12 65.83 -13.45 -23.48
N LYS M 13 67.05 -13.71 -23.03
CA LYS M 13 67.33 -14.97 -22.30
C LYS M 13 66.47 -15.05 -21.02
N GLU M 14 66.38 -13.95 -20.29
CA GLU M 14 65.63 -13.91 -19.00
C GLU M 14 64.17 -14.14 -19.31
N GLN M 15 63.68 -13.58 -20.42
CA GLN M 15 62.26 -13.75 -20.84
C GLN M 15 62.02 -15.22 -21.20
N ALA M 16 62.93 -15.86 -21.92
CA ALA M 16 62.79 -17.29 -22.27
C ALA M 16 62.69 -18.13 -20.98
N ILE M 17 63.49 -17.81 -19.96
CA ILE M 17 63.46 -18.56 -18.67
C ILE M 17 62.08 -18.33 -18.01
N GLY M 18 61.61 -17.09 -17.91
CA GLY M 18 60.33 -16.83 -17.23
C GLY M 18 59.17 -17.49 -17.97
N LEU M 19 59.20 -17.41 -19.31
CA LEU M 19 58.11 -18.00 -20.13
C LEU M 19 58.15 -19.53 -19.94
N SER M 20 59.35 -20.11 -19.97
CA SER M 20 59.52 -21.59 -19.85
C SER M 20 58.99 -22.06 -18.48
N VAL M 21 59.44 -21.37 -17.43
CA VAL M 21 59.04 -21.71 -16.04
C VAL M 21 57.52 -21.55 -15.92
N THR M 22 56.98 -20.45 -16.44
CA THR M 22 55.51 -20.21 -16.36
C THR M 22 54.76 -21.38 -17.03
N PHE M 23 55.11 -21.72 -18.26
CA PHE M 23 54.40 -22.78 -19.03
C PHE M 23 54.56 -24.11 -18.30
N LEU M 24 55.75 -24.42 -17.79
CA LEU M 24 55.95 -25.71 -17.08
C LEU M 24 55.10 -25.75 -15.82
N SER M 25 54.87 -24.63 -15.14
CA SER M 25 54.13 -24.63 -13.87
C SER M 25 52.66 -25.00 -14.13
N PHE M 26 52.16 -24.74 -15.33
CA PHE M 26 50.79 -25.14 -15.74
C PHE M 26 50.82 -26.58 -16.27
N LEU M 27 51.83 -26.89 -17.08
CA LEU M 27 51.77 -28.11 -17.91
C LEU M 27 52.21 -29.36 -17.12
N LEU M 28 53.19 -29.28 -16.24
CA LEU M 28 53.71 -30.54 -15.61
C LEU M 28 52.70 -31.16 -14.66
N PRO M 29 52.03 -30.43 -13.74
CA PRO M 29 51.16 -31.09 -12.76
C PRO M 29 49.93 -31.69 -13.49
N ALA M 30 49.30 -30.92 -14.38
CA ALA M 30 48.13 -31.41 -15.16
C ALA M 30 48.58 -32.62 -16.00
N GLY M 31 49.75 -32.48 -16.64
CA GLY M 31 50.27 -33.57 -17.49
C GLY M 31 50.49 -34.84 -16.68
N TRP M 32 51.03 -34.71 -15.47
CA TRP M 32 51.22 -35.86 -14.56
C TRP M 32 49.86 -36.51 -14.29
N VAL M 33 48.84 -35.73 -13.94
CA VAL M 33 47.51 -36.34 -13.63
C VAL M 33 46.97 -37.04 -14.86
N LEU M 34 46.97 -36.38 -16.00
CA LEU M 34 46.29 -36.93 -17.20
C LEU M 34 47.06 -38.16 -17.69
N TYR M 35 48.38 -38.16 -17.57
CA TYR M 35 49.20 -39.33 -17.96
C TYR M 35 48.80 -40.53 -17.12
N HIS M 36 48.47 -40.29 -15.85
CA HIS M 36 48.23 -41.38 -14.87
C HIS M 36 46.72 -41.72 -14.74
N LEU M 37 45.83 -41.18 -15.58
CA LEU M 37 44.35 -41.46 -15.45
C LEU M 37 44.10 -42.96 -15.39
N ASP M 38 44.63 -43.74 -16.32
CA ASP M 38 44.40 -45.20 -16.37
C ASP M 38 44.70 -45.77 -14.97
N ASN M 39 45.84 -45.38 -14.37
CA ASN M 39 46.31 -45.86 -13.05
C ASN M 39 45.24 -45.54 -11.99
N TYR M 40 44.68 -44.34 -12.05
CA TYR M 40 43.54 -43.95 -11.20
C TYR M 40 42.33 -44.74 -11.72
N FME N 1 -28.62 45.83 0.85
CN FME N 1 -28.66 45.07 -0.23
O1 FME N 1 -28.33 43.90 -0.28
CA FME N 1 -27.93 45.49 2.08
CB FME N 1 -27.90 46.67 3.06
CG FME N 1 -26.48 47.25 3.36
SD FME N 1 -25.11 47.07 2.12
CE FME N 1 -23.71 47.52 3.12
C FME N 1 -28.52 44.24 2.72
O FME N 1 -27.76 43.43 3.22
N PHE N 2 -29.85 44.08 2.73
CA PHE N 2 -30.47 42.92 3.35
C PHE N 2 -30.12 41.63 2.60
N ILE N 3 -30.21 41.67 1.28
CA ILE N 3 -29.81 40.50 0.43
C ILE N 3 -28.31 40.23 0.61
N ASN N 4 -27.47 41.26 0.57
CA ASN N 4 -26.00 41.05 0.72
C ASN N 4 -25.71 40.32 2.06
N ARG N 5 -26.35 40.77 3.15
CA ARG N 5 -26.10 40.23 4.50
C ARG N 5 -26.65 38.80 4.63
N TRP N 6 -27.87 38.53 4.16
CA TRP N 6 -28.60 37.29 4.57
C TRP N 6 -28.64 36.26 3.46
N LEU N 7 -28.39 36.63 2.18
CA LEU N 7 -28.38 35.65 1.07
C LEU N 7 -26.93 35.41 0.60
N PHE N 8 -26.05 36.41 0.78
CA PHE N 8 -24.67 36.37 0.26
C PHE N 8 -23.68 36.33 1.42
N SER N 9 -24.08 35.86 2.61
CA SER N 9 -23.24 35.87 3.82
C SER N 9 -21.90 35.17 3.62
N THR N 10 -20.87 35.76 4.23
CA THR N 10 -19.55 35.13 4.46
C THR N 10 -19.20 35.26 5.94
N ASN N 11 -20.20 35.32 6.81
CA ASN N 11 -20.04 35.60 8.26
C ASN N 11 -20.53 34.38 9.07
N HIS N 12 -19.66 33.85 9.92
CA HIS N 12 -19.96 32.62 10.71
C HIS N 12 -21.17 32.82 11.63
N LYS N 13 -21.36 34.02 12.15
CA LYS N 13 -22.45 34.28 13.13
C LYS N 13 -23.78 34.31 12.36
N ASP N 14 -23.83 35.11 11.29
CA ASP N 14 -25.07 35.21 10.49
C ASP N 14 -25.45 33.84 9.91
N ILE N 15 -24.48 33.06 9.45
CA ILE N 15 -24.77 31.71 8.91
C ILE N 15 -25.28 30.82 10.05
N GLY N 16 -24.70 30.92 11.25
CA GLY N 16 -25.18 30.16 12.41
C GLY N 16 -26.62 30.56 12.73
N THR N 17 -26.92 31.84 12.65
CA THR N 17 -28.30 32.33 12.86
C THR N 17 -29.24 31.72 11.80
N LEU N 18 -28.88 31.75 10.51
CA LEU N 18 -29.71 31.11 9.47
C LEU N 18 -29.97 29.64 9.81
N TYR N 19 -28.94 28.89 10.19
CA TYR N 19 -29.12 27.48 10.56
C TYR N 19 -30.09 27.36 11.74
N LEU N 20 -29.95 28.18 12.78
CA LEU N 20 -30.86 28.07 13.93
C LEU N 20 -32.33 28.33 13.52
N LEU N 21 -32.58 29.33 12.69
CA LEU N 21 -33.94 29.64 12.17
C LEU N 21 -34.45 28.46 11.35
N PHE N 22 -33.62 27.93 10.44
CA PHE N 22 -34.00 26.76 9.62
C PHE N 22 -34.37 25.59 10.52
N GLY N 23 -33.49 25.28 11.46
CA GLY N 23 -33.75 24.12 12.33
C GLY N 23 -34.99 24.30 13.18
N ALA N 24 -35.24 25.52 13.69
CA ALA N 24 -36.44 25.81 14.50
C ALA N 24 -37.70 25.54 13.66
N TRP N 25 -37.70 25.98 12.41
CA TRP N 25 -38.83 25.77 11.48
C TRP N 25 -39.00 24.25 11.27
N ALA N 26 -37.91 23.57 10.93
CA ALA N 26 -37.88 22.10 10.73
C ALA N 26 -38.44 21.39 11.97
N GLY N 27 -38.08 21.87 13.14
CA GLY N 27 -38.57 21.26 14.38
C GLY N 27 -40.11 21.34 14.50
N MET N 28 -40.72 22.40 13.98
CA MET N 28 -42.21 22.51 13.99
C MET N 28 -42.80 21.46 13.02
N VAL N 29 -42.22 21.32 11.83
CA VAL N 29 -42.63 20.27 10.88
C VAL N 29 -42.52 18.89 11.54
N GLY N 30 -41.36 18.59 12.16
CA GLY N 30 -41.13 17.26 12.75
C GLY N 30 -42.09 16.98 13.88
N THR N 31 -42.40 18.02 14.64
CA THR N 31 -43.34 17.90 15.79
C THR N 31 -44.74 17.57 15.23
N ALA N 32 -45.17 18.30 14.20
CA ALA N 32 -46.49 18.07 13.58
C ALA N 32 -46.55 16.63 13.08
N LEU N 33 -45.47 16.14 12.45
CA LEU N 33 -45.46 14.75 11.97
C LEU N 33 -45.56 13.77 13.17
N SER N 34 -44.84 14.04 14.27
CA SER N 34 -44.86 13.21 15.49
C SER N 34 -46.31 13.16 16.04
N LEU N 35 -47.04 14.27 15.94
CA LEU N 35 -48.42 14.33 16.48
C LEU N 35 -49.37 13.52 15.60
N LEU N 36 -49.18 13.56 14.28
CA LEU N 36 -49.95 12.73 13.33
C LEU N 36 -49.71 11.23 13.61
N ILE N 37 -48.46 10.81 13.85
CA ILE N 37 -48.17 9.41 14.25
C ILE N 37 -49.02 9.07 15.48
N ARG N 38 -48.93 9.86 16.53
CA ARG N 38 -49.54 9.55 17.85
C ARG N 38 -51.07 9.71 17.79
N ALA N 39 -51.57 10.56 16.89
CA ALA N 39 -53.05 10.64 16.64
C ALA N 39 -53.53 9.33 16.03
N GLU N 40 -52.83 8.81 15.03
CA GLU N 40 -53.21 7.51 14.40
C GLU N 40 -53.23 6.39 15.45
N LEU N 41 -52.25 6.40 16.37
CA LEU N 41 -52.07 5.28 17.35
C LEU N 41 -52.85 5.53 18.65
N GLY N 42 -53.44 6.72 18.81
CA GLY N 42 -54.01 7.15 20.11
C GLY N 42 -55.29 6.44 20.48
N GLN N 43 -55.93 5.80 19.53
CA GLN N 43 -57.05 4.84 19.82
C GLN N 43 -56.96 3.72 18.78
N PRO N 44 -57.45 2.52 19.14
CA PRO N 44 -57.43 1.39 18.20
C PRO N 44 -58.30 1.70 16.98
N GLY N 45 -57.94 1.13 15.84
CA GLY N 45 -58.60 1.35 14.53
C GLY N 45 -57.77 2.26 13.64
N THR N 46 -58.41 2.74 12.58
CA THR N 46 -57.69 3.52 11.53
C THR N 46 -58.21 4.96 11.58
N LEU N 47 -57.31 5.94 11.67
CA LEU N 47 -57.67 7.37 11.62
C LEU N 47 -57.46 7.93 10.21
N LEU N 48 -56.27 7.80 9.65
CA LEU N 48 -55.89 8.54 8.41
C LEU N 48 -56.14 7.66 7.19
N GLY N 49 -55.55 6.48 7.19
CA GLY N 49 -55.60 5.53 6.06
C GLY N 49 -54.78 4.33 6.44
N ASP N 50 -54.34 3.60 5.42
CA ASP N 50 -53.63 2.31 5.62
C ASP N 50 -52.18 2.67 5.92
N ASP N 51 -51.30 1.70 5.84
CA ASP N 51 -49.88 1.90 6.28
C ASP N 51 -49.12 2.83 5.30
N GLN N 52 -49.65 3.10 4.09
CA GLN N 52 -48.89 3.93 3.10
C GLN N 52 -48.87 5.37 3.60
N ILE N 53 -50.03 5.99 3.81
CA ILE N 53 -50.04 7.40 4.30
C ILE N 53 -49.34 7.46 5.67
N TYR N 54 -49.62 6.49 6.54
CA TYR N 54 -49.03 6.42 7.90
C TYR N 54 -47.50 6.42 7.79
N ASN N 55 -46.95 5.54 6.95
CA ASN N 55 -45.48 5.38 6.92
C ASN N 55 -44.84 6.49 6.08
N VAL N 56 -45.60 7.21 5.25
CA VAL N 56 -45.08 8.47 4.64
C VAL N 56 -44.86 9.45 5.78
N VAL N 57 -45.81 9.53 6.72
CA VAL N 57 -45.65 10.43 7.89
C VAL N 57 -44.46 9.99 8.74
N VAL N 58 -44.35 8.70 9.03
CA VAL N 58 -43.26 8.21 9.90
C VAL N 58 -41.90 8.52 9.23
N THR N 59 -41.79 8.25 7.95
CA THR N 59 -40.54 8.43 7.18
C THR N 59 -40.15 9.91 7.21
N ALA N 60 -41.10 10.80 6.92
CA ALA N 60 -40.83 12.25 6.88
C ALA N 60 -40.46 12.73 8.29
N HIS N 61 -41.14 12.22 9.31
CA HIS N 61 -40.87 12.60 10.72
C HIS N 61 -39.38 12.41 11.02
N ALA N 62 -38.87 11.23 10.69
CA ALA N 62 -37.46 10.88 10.98
C ALA N 62 -36.52 11.78 10.17
N PHE N 63 -36.73 11.89 8.85
CA PHE N 63 -35.80 12.67 8.01
C PHE N 63 -35.78 14.13 8.50
N VAL N 64 -36.95 14.67 8.82
CA VAL N 64 -37.02 16.09 9.24
C VAL N 64 -36.29 16.25 10.57
N MET N 65 -36.58 15.39 11.54
CA MET N 65 -35.99 15.56 12.89
C MET N 65 -34.46 15.38 12.82
N ILE N 66 -33.95 14.47 12.01
CA ILE N 66 -32.49 14.16 11.96
C ILE N 66 -31.75 15.19 11.09
N PHE N 67 -32.12 15.29 9.83
CA PHE N 67 -31.37 16.08 8.82
C PHE N 67 -31.74 17.55 8.85
N PHE N 68 -32.96 17.91 9.23
CA PHE N 68 -33.36 19.34 9.14
C PHE N 68 -33.47 20.00 10.50
N MET N 69 -33.61 19.25 11.61
CA MET N 69 -33.68 19.89 12.95
C MET N 69 -32.37 19.66 13.71
N VAL N 70 -32.00 18.43 14.02
CA VAL N 70 -30.84 18.23 14.93
C VAL N 70 -29.53 18.67 14.27
N MET N 71 -29.21 18.17 13.08
CA MET N 71 -27.87 18.47 12.52
C MET N 71 -27.73 19.97 12.20
N PRO N 72 -28.74 20.63 11.58
CA PRO N 72 -28.63 22.08 11.36
C PRO N 72 -28.47 22.87 12.66
N ILE N 73 -29.20 22.53 13.70
CA ILE N 73 -29.10 23.28 14.98
C ILE N 73 -27.73 23.06 15.62
N MET N 74 -27.35 21.80 15.78
CA MET N 74 -26.14 21.49 16.54
C MET N 74 -24.88 21.91 15.77
N ILE N 75 -24.78 21.49 14.52
CA ILE N 75 -23.54 21.65 13.75
C ILE N 75 -23.57 22.98 13.01
N GLY N 76 -24.60 23.23 12.20
CA GLY N 76 -24.67 24.49 11.43
C GLY N 76 -24.87 25.68 12.35
N GLY N 77 -25.69 25.54 13.40
CA GLY N 77 -26.07 26.67 14.26
C GLY N 77 -25.07 26.90 15.39
N PHE N 78 -25.09 26.03 16.40
CA PHE N 78 -24.13 26.20 17.52
C PHE N 78 -22.69 26.09 16.99
N GLY N 79 -22.43 25.18 16.07
CA GLY N 79 -21.07 25.03 15.54
C GLY N 79 -20.57 26.31 14.89
N ASN N 80 -21.33 26.90 13.97
CA ASN N 80 -20.87 28.11 13.25
C ASN N 80 -20.80 29.27 14.22
N TRP N 81 -21.73 29.38 15.15
CA TRP N 81 -21.70 30.51 16.13
C TRP N 81 -20.47 30.38 17.05
N LEU N 82 -20.31 29.20 17.67
CA LEU N 82 -19.41 29.04 18.82
C LEU N 82 -17.98 28.68 18.41
N VAL N 83 -17.79 27.86 17.36
CA VAL N 83 -16.44 27.30 17.18
C VAL N 83 -15.43 28.43 16.96
N PRO N 84 -15.68 29.37 16.04
CA PRO N 84 -14.70 30.43 15.82
C PRO N 84 -14.48 31.28 17.07
N LEU N 85 -15.55 31.54 17.82
CA LEU N 85 -15.41 32.38 19.03
C LEU N 85 -14.56 31.64 20.08
N MET N 86 -14.74 30.33 20.23
CA MET N 86 -14.06 29.53 21.26
C MET N 86 -12.56 29.36 20.93
N ILE N 87 -12.16 29.57 19.68
CA ILE N 87 -10.71 29.51 19.34
C ILE N 87 -10.17 30.89 18.94
N GLY N 88 -10.91 31.96 19.15
CA GLY N 88 -10.42 33.32 18.84
C GLY N 88 -10.14 33.52 17.35
N ALA N 89 -10.84 32.80 16.48
CA ALA N 89 -10.66 32.86 15.01
C ALA N 89 -11.59 33.95 14.46
N PRO N 90 -11.16 34.64 13.39
CA PRO N 90 -11.97 35.71 12.83
C PRO N 90 -13.17 35.26 12.00
N ASP N 91 -13.17 33.99 11.56
CA ASP N 91 -14.30 33.36 10.86
C ASP N 91 -13.94 31.88 10.66
N MET N 92 -14.73 31.18 9.83
CA MET N 92 -14.41 29.81 9.34
C MET N 92 -13.33 29.90 8.21
N ALA N 93 -12.64 28.78 7.96
CA ALA N 93 -11.59 28.71 6.91
C ALA N 93 -12.18 29.07 5.54
N PHE N 94 -13.38 28.57 5.25
CA PHE N 94 -14.03 28.68 3.91
C PHE N 94 -15.38 29.35 4.09
N PRO N 95 -15.38 30.69 4.30
CA PRO N 95 -16.58 31.40 4.72
C PRO N 95 -17.65 31.40 3.64
N ARG N 96 -17.24 31.34 2.36
CA ARG N 96 -18.19 31.35 1.26
C ARG N 96 -18.72 29.92 1.05
N MET N 97 -17.88 28.87 1.14
CA MET N 97 -18.39 27.49 1.11
C MET N 97 -19.36 27.23 2.27
N ASN N 98 -19.10 27.83 3.42
CA ASN N 98 -19.99 27.74 4.60
C ASN N 98 -21.41 28.15 4.19
N ASN N 99 -21.54 29.23 3.43
CA ASN N 99 -22.86 29.78 3.03
C ASN N 99 -23.57 28.76 2.13
N MET N 100 -22.82 28.01 1.31
CA MET N 100 -23.48 27.04 0.41
C MET N 100 -23.94 25.83 1.25
N SER N 101 -23.21 25.42 2.28
CA SER N 101 -23.69 24.38 3.22
C SER N 101 -25.08 24.78 3.68
N PHE N 102 -25.27 26.02 4.09
CA PHE N 102 -26.59 26.48 4.55
C PHE N 102 -27.61 26.43 3.38
N TRP N 103 -27.31 27.06 2.24
CA TRP N 103 -28.32 27.25 1.20
C TRP N 103 -28.70 25.94 0.50
N LEU N 104 -27.94 24.87 0.67
CA LEU N 104 -28.39 23.56 0.15
C LEU N 104 -29.58 23.02 0.96
N LEU N 105 -29.80 23.47 2.18
CA LEU N 105 -30.80 22.79 3.03
C LEU N 105 -32.21 23.18 2.61
N PRO N 106 -32.55 24.46 2.32
CA PRO N 106 -33.93 24.72 1.88
C PRO N 106 -34.27 23.89 0.63
N PRO N 107 -33.42 23.82 -0.42
CA PRO N 107 -33.71 22.93 -1.54
C PRO N 107 -33.88 21.44 -1.15
N SER N 108 -33.01 20.97 -0.27
CA SER N 108 -33.12 19.59 0.28
C SER N 108 -34.53 19.38 0.89
N PHE N 109 -34.95 20.30 1.72
CA PHE N 109 -36.28 20.23 2.39
C PHE N 109 -37.38 20.28 1.32
N LEU N 110 -37.26 21.15 0.33
CA LEU N 110 -38.27 21.25 -0.74
C LEU N 110 -38.40 19.88 -1.42
N LEU N 111 -37.29 19.21 -1.71
CA LEU N 111 -37.37 17.89 -2.37
C LEU N 111 -38.09 16.89 -1.47
N LEU N 112 -37.81 16.91 -0.16
CA LEU N 112 -38.52 16.01 0.76
C LEU N 112 -40.03 16.37 0.73
N LEU N 113 -40.39 17.63 0.79
N LEU N 113 -40.40 17.66 0.80
CA LEU N 113 -41.83 17.98 0.81
CA LEU N 113 -41.83 18.09 0.67
C LEU N 113 -42.45 17.64 -0.58
C LEU N 113 -42.39 17.43 -0.60
N ALA N 114 -41.70 17.68 -1.70
CA ALA N 114 -42.16 17.24 -3.03
C ALA N 114 -42.43 15.71 -3.02
N SER N 115 -41.55 14.93 -2.37
N SER N 115 -41.53 14.94 -2.40
CA SER N 115 -41.67 13.45 -2.26
CA SER N 115 -41.65 13.47 -2.27
C SER N 115 -43.05 13.10 -1.70
C SER N 115 -43.03 13.11 -1.71
N SER N 116 -43.51 13.87 -0.72
CA SER N 116 -44.75 13.57 0.05
C SER N 116 -45.99 14.03 -0.70
N MET N 117 -45.83 14.91 -1.69
N MET N 117 -45.84 14.96 -1.65
CA MET N 117 -46.96 15.58 -2.41
CA MET N 117 -46.96 15.58 -2.41
C MET N 117 -47.24 14.90 -3.77
C MET N 117 -47.27 14.76 -3.67
N VAL N 118 -46.24 14.24 -4.34
CA VAL N 118 -46.37 13.50 -5.64
C VAL N 118 -46.75 12.06 -5.33
N GLU N 119 -47.48 11.42 -6.23
CA GLU N 119 -47.91 10.01 -6.10
C GLU N 119 -48.46 9.77 -4.70
N ALA N 120 -48.06 8.70 -4.05
CA ALA N 120 -48.54 8.28 -2.70
C ALA N 120 -47.45 8.49 -1.65
N GLY N 121 -46.43 9.30 -1.97
CA GLY N 121 -45.31 9.55 -1.08
C GLY N 121 -44.33 8.39 -0.97
N ALA N 122 -43.27 8.60 -0.19
CA ALA N 122 -42.24 7.57 0.08
C ALA N 122 -42.54 6.96 1.45
N GLY N 123 -43.31 5.87 1.46
CA GLY N 123 -43.67 5.16 2.69
C GLY N 123 -42.71 4.02 2.93
N THR N 124 -41.43 4.34 3.17
CA THR N 124 -40.36 3.35 3.10
C THR N 124 -39.69 3.11 4.45
N GLY N 125 -39.92 3.95 5.46
CA GLY N 125 -38.97 4.07 6.57
C GLY N 125 -37.80 4.97 6.17
N TRP N 126 -37.14 5.62 7.14
CA TRP N 126 -36.06 6.58 6.84
C TRP N 126 -34.82 5.80 6.33
N THR N 127 -34.85 4.48 6.45
CA THR N 127 -33.81 3.54 5.99
C THR N 127 -33.93 3.26 4.48
N VAL N 128 -35.12 3.46 3.89
CA VAL N 128 -35.39 3.39 2.43
C VAL N 128 -34.93 2.01 1.90
N TYR N 129 -35.22 0.91 2.59
CA TYR N 129 -34.80 -0.43 2.11
C TYR N 129 -35.52 -0.81 0.82
N PRO N 130 -34.76 -1.34 -0.16
CA PRO N 130 -35.37 -2.08 -1.28
C PRO N 130 -35.71 -3.49 -0.80
N PRO N 131 -36.58 -4.24 -1.50
CA PRO N 131 -37.32 -3.77 -2.69
C PRO N 131 -38.55 -2.88 -2.43
N LEU N 132 -38.98 -2.66 -1.19
CA LEU N 132 -40.16 -1.76 -0.99
C LEU N 132 -39.86 -0.39 -1.61
N ALA N 133 -38.63 0.11 -1.50
CA ALA N 133 -38.26 1.43 -2.06
C ALA N 133 -37.90 1.34 -3.55
N GLY N 134 -37.95 0.17 -4.19
CA GLY N 134 -37.65 0.04 -5.61
C GLY N 134 -38.79 0.48 -6.53
N ASN N 135 -38.57 0.34 -7.84
CA ASN N 135 -39.46 0.94 -8.87
C ASN N 135 -40.71 0.10 -9.13
N LEU N 136 -40.87 -1.09 -8.53
N LEU N 136 -40.90 -1.06 -8.50
CA LEU N 136 -42.13 -1.89 -8.62
CA LEU N 136 -42.13 -1.85 -8.68
C LEU N 136 -43.02 -1.54 -7.43
C LEU N 136 -43.05 -1.71 -7.44
N ALA N 137 -42.49 -1.68 -6.21
CA ALA N 137 -43.28 -1.49 -4.97
C ALA N 137 -43.42 0.01 -4.61
N HIS N 138 -42.58 0.90 -5.16
CA HIS N 138 -42.69 2.38 -5.01
C HIS N 138 -42.44 3.04 -6.37
N ALA N 139 -43.28 2.70 -7.34
CA ALA N 139 -43.20 3.26 -8.70
C ALA N 139 -43.47 4.78 -8.57
N GLY N 140 -42.82 5.56 -9.39
CA GLY N 140 -43.03 6.98 -9.49
C GLY N 140 -41.94 7.79 -8.81
N ALA N 141 -42.10 9.09 -8.76
CA ALA N 141 -41.01 10.02 -8.38
C ALA N 141 -40.73 10.08 -6.86
N SER N 142 -41.63 9.68 -5.96
CA SER N 142 -41.49 9.98 -4.50
C SER N 142 -40.12 9.53 -3.98
N VAL N 143 -39.75 8.27 -4.19
CA VAL N 143 -38.48 7.75 -3.64
C VAL N 143 -37.31 8.48 -4.31
N ASP N 144 -37.38 8.79 -5.61
CA ASP N 144 -36.28 9.52 -6.28
C ASP N 144 -36.11 10.91 -5.64
N LEU N 145 -37.19 11.60 -5.33
CA LEU N 145 -37.09 12.93 -4.68
C LEU N 145 -36.48 12.79 -3.29
N THR N 146 -36.81 11.71 -2.56
CA THR N 146 -36.22 11.43 -1.22
C THR N 146 -34.71 11.22 -1.40
N ILE N 147 -34.31 10.39 -2.38
CA ILE N 147 -32.86 10.17 -2.63
C ILE N 147 -32.20 11.53 -2.90
N PHE N 148 -32.75 12.34 -3.79
CA PHE N 148 -32.12 13.63 -4.12
C PHE N 148 -32.06 14.56 -2.88
N SER N 149 -33.11 14.59 -2.06
CA SER N 149 -33.11 15.35 -0.80
C SER N 149 -31.88 14.93 0.01
N LEU N 150 -31.65 13.61 0.13
CA LEU N 150 -30.51 13.08 0.92
C LEU N 150 -29.20 13.50 0.24
N HIS N 151 -29.12 13.47 -1.10
CA HIS N 151 -27.87 13.91 -1.77
C HIS N 151 -27.56 15.35 -1.38
N LEU N 152 -28.54 16.25 -1.43
CA LEU N 152 -28.25 17.67 -1.15
C LEU N 152 -27.87 17.82 0.31
N ALA N 153 -28.60 17.17 1.22
CA ALA N 153 -28.26 17.25 2.66
C ALA N 153 -26.81 16.73 2.86
N GLY N 154 -26.47 15.64 2.20
CA GLY N 154 -25.13 15.02 2.28
C GLY N 154 -24.06 15.96 1.79
N VAL N 155 -24.24 16.59 0.64
CA VAL N 155 -23.23 17.56 0.15
C VAL N 155 -23.10 18.72 1.16
N SER N 156 -24.22 19.21 1.70
CA SER N 156 -24.20 20.28 2.70
C SER N 156 -23.27 19.89 3.86
N SER N 157 -23.48 18.70 4.44
CA SER N 157 -22.75 18.21 5.62
C SER N 157 -21.30 17.87 5.27
N ILE N 158 -21.02 17.35 4.08
CA ILE N 158 -19.62 17.00 3.70
C ILE N 158 -18.84 18.31 3.60
N LEU N 159 -19.38 19.29 2.91
CA LEU N 159 -18.67 20.58 2.79
C LEU N 159 -18.53 21.24 4.17
N GLY N 160 -19.57 21.17 5.00
CA GLY N 160 -19.50 21.71 6.37
C GLY N 160 -18.43 21.00 7.18
N ALA N 161 -18.31 19.68 7.01
CA ALA N 161 -17.28 18.90 7.75
C ALA N 161 -15.88 19.36 7.34
N ILE N 162 -15.67 19.54 6.03
CA ILE N 162 -14.34 20.00 5.54
C ILE N 162 -14.02 21.37 6.18
N ASN N 163 -15.02 22.24 6.22
CA ASN N 163 -14.89 23.59 6.79
C ASN N 163 -14.54 23.48 8.28
N PHE N 164 -15.28 22.68 9.06
CA PHE N 164 -15.04 22.63 10.51
C PHE N 164 -13.66 22.01 10.79
N ILE N 165 -13.32 20.91 10.12
CA ILE N 165 -12.01 20.25 10.40
C ILE N 165 -10.89 21.26 10.09
N THR N 166 -10.96 21.92 8.94
CA THR N 166 -9.88 22.84 8.52
C THR N 166 -9.81 23.99 9.51
N THR N 167 -10.96 24.56 9.90
CA THR N 167 -10.99 25.71 10.83
C THR N 167 -10.32 25.30 12.16
N ILE N 168 -10.75 24.17 12.69
CA ILE N 168 -10.34 23.73 14.03
C ILE N 168 -8.84 23.36 14.01
N ILE N 169 -8.34 22.74 12.94
CA ILE N 169 -6.90 22.39 12.89
C ILE N 169 -6.04 23.63 12.62
N ASN N 170 -6.50 24.52 11.74
CA ASN N 170 -5.60 25.52 11.14
C ASN N 170 -5.73 26.89 11.80
N MET N 171 -6.83 27.21 12.49
CA MET N 171 -7.12 28.63 12.82
C MET N 171 -7.16 28.90 14.32
N LYS N 172 -6.53 28.07 15.13
CA LYS N 172 -6.34 28.35 16.57
C LYS N 172 -5.20 29.35 16.74
N PRO N 173 -5.08 29.99 17.91
CA PRO N 173 -3.89 30.79 18.19
C PRO N 173 -2.67 29.90 18.08
N PRO N 174 -1.52 30.41 17.62
CA PRO N 174 -0.35 29.55 17.42
C PRO N 174 0.14 28.83 18.68
N ALA N 175 -0.08 29.40 19.86
CA ALA N 175 0.30 28.79 21.13
C ALA N 175 -0.68 27.70 21.59
N MET N 176 -1.89 27.65 21.03
CA MET N 176 -2.97 26.76 21.52
C MET N 176 -2.83 25.42 20.81
N SER N 177 -2.51 24.38 21.54
CA SER N 177 -2.51 23.01 20.98
C SER N 177 -3.95 22.49 20.90
N GLN N 178 -4.11 21.35 20.27
CA GLN N 178 -5.42 20.68 20.27
C GLN N 178 -5.86 20.40 21.71
N TYR N 179 -4.94 20.19 22.65
CA TYR N 179 -5.23 19.83 24.05
C TYR N 179 -5.48 21.10 24.89
N GLN N 180 -5.59 22.26 24.26
CA GLN N 180 -6.06 23.50 24.92
C GLN N 180 -7.31 24.05 24.23
N THR N 181 -8.02 23.21 23.48
CA THR N 181 -9.28 23.65 22.86
C THR N 181 -10.44 23.16 23.70
N PRO N 182 -11.54 23.94 23.76
CA PRO N 182 -12.68 23.49 24.56
C PRO N 182 -13.32 22.22 24.02
N LEU N 183 -13.95 21.48 24.94
CA LEU N 183 -14.60 20.21 24.60
C LEU N 183 -15.66 20.38 23.51
N PHE N 184 -16.37 21.51 23.42
CA PHE N 184 -17.39 21.62 22.36
C PHE N 184 -16.69 21.61 20.99
N VAL N 185 -15.56 22.30 20.90
CA VAL N 185 -14.76 22.35 19.67
C VAL N 185 -14.29 20.91 19.33
N TRP N 186 -13.77 20.16 20.32
CA TRP N 186 -13.44 18.73 20.07
C TRP N 186 -14.67 17.97 19.53
N SER N 187 -15.82 18.15 20.16
CA SER N 187 -17.04 17.39 19.79
C SER N 187 -17.40 17.68 18.31
N VAL N 188 -17.25 18.93 17.85
CA VAL N 188 -17.55 19.32 16.46
C VAL N 188 -16.48 18.73 15.52
N MET N 189 -15.20 18.78 15.87
CA MET N 189 -14.14 18.21 14.97
C MET N 189 -14.43 16.71 14.77
N ILE N 190 -14.73 16.00 15.85
CA ILE N 190 -14.94 14.54 15.78
C ILE N 190 -16.20 14.23 14.96
N THR N 191 -17.27 14.96 15.22
CA THR N 191 -18.51 14.85 14.43
C THR N 191 -18.18 15.06 12.95
N ALA N 192 -17.40 16.08 12.64
CA ALA N 192 -17.06 16.41 11.26
C ALA N 192 -16.30 15.23 10.62
N VAL N 193 -15.34 14.62 11.36
CA VAL N 193 -14.62 13.45 10.79
C VAL N 193 -15.63 12.31 10.49
N LEU N 194 -16.55 12.05 11.41
CA LEU N 194 -17.56 11.01 11.16
C LEU N 194 -18.38 11.33 9.90
N LEU N 195 -18.80 12.58 9.72
CA LEU N 195 -19.60 12.98 8.54
C LEU N 195 -18.79 12.72 7.25
N LEU N 196 -17.53 13.16 7.24
CA LEU N 196 -16.63 13.09 6.08
C LEU N 196 -16.51 11.63 5.61
N LEU N 197 -16.44 10.66 6.56
CA LEU N 197 -16.18 9.25 6.22
C LEU N 197 -17.49 8.49 5.93
N SER N 198 -18.60 8.86 6.58
CA SER N 198 -19.84 8.07 6.54
C SER N 198 -20.74 8.52 5.38
N LEU N 199 -20.92 9.80 5.19
CA LEU N 199 -21.90 10.32 4.17
C LEU N 199 -21.52 9.84 2.78
N PRO N 200 -20.24 9.75 2.38
CA PRO N 200 -19.96 9.24 1.02
C PRO N 200 -20.43 7.78 0.77
N VAL N 201 -20.40 6.97 1.81
CA VAL N 201 -20.89 5.57 1.70
C VAL N 201 -22.41 5.59 1.52
N LEU N 202 -23.12 6.39 2.33
CA LEU N 202 -24.57 6.56 2.07
C LEU N 202 -24.78 7.03 0.61
N ALA N 203 -24.01 8.01 0.16
CA ALA N 203 -24.14 8.57 -1.20
C ALA N 203 -24.03 7.43 -2.21
N ALA N 204 -23.04 6.56 -2.01
CA ALA N 204 -22.86 5.43 -2.95
C ALA N 204 -24.10 4.55 -2.92
N GLY N 205 -24.57 4.17 -1.73
CA GLY N 205 -25.72 3.27 -1.58
C GLY N 205 -27.00 3.84 -2.18
N ILE N 206 -27.32 5.11 -1.92
CA ILE N 206 -28.61 5.65 -2.42
C ILE N 206 -28.48 5.95 -3.93
N THR N 207 -27.26 6.19 -4.41
CA THR N 207 -27.00 6.32 -5.87
C THR N 207 -27.28 4.96 -6.55
N MET N 208 -26.81 3.87 -5.95
N MET N 208 -26.85 3.87 -5.93
CA MET N 208 -27.12 2.51 -6.46
CA MET N 208 -27.09 2.52 -6.48
C MET N 208 -28.64 2.32 -6.48
C MET N 208 -28.61 2.19 -6.39
N LEU N 209 -29.32 2.77 -5.42
CA LEU N 209 -30.80 2.60 -5.39
C LEU N 209 -31.42 3.40 -6.53
N LEU N 210 -30.91 4.62 -6.77
CA LEU N 210 -31.39 5.49 -7.86
C LEU N 210 -31.19 4.77 -9.21
N THR N 211 -30.05 4.15 -9.41
CA THR N 211 -29.76 3.49 -10.71
C THR N 211 -30.60 2.23 -10.81
N ASP N 212 -30.80 1.51 -9.72
CA ASP N 212 -31.73 0.33 -9.78
C ASP N 212 -33.14 0.81 -10.17
N ARG N 213 -33.55 2.00 -9.73
CA ARG N 213 -34.94 2.47 -9.98
C ARG N 213 -35.07 3.04 -11.40
N ASN N 214 -33.99 3.53 -12.03
CA ASN N 214 -34.07 4.39 -13.26
C ASN N 214 -33.13 3.95 -14.40
N LEU N 215 -32.08 3.18 -14.16
CA LEU N 215 -31.12 2.83 -15.22
C LEU N 215 -30.98 1.31 -15.40
N ASN N 216 -31.85 0.52 -14.78
CA ASN N 216 -31.93 -0.95 -14.96
C ASN N 216 -30.65 -1.63 -14.43
N THR N 217 -30.00 -1.05 -13.43
CA THR N 217 -29.02 -1.75 -12.58
C THR N 217 -29.74 -2.70 -11.62
N THR N 218 -28.99 -3.64 -11.08
CA THR N 218 -29.55 -4.68 -10.19
C THR N 218 -28.62 -4.89 -9.00
N PHE N 219 -28.07 -3.81 -8.45
CA PHE N 219 -27.26 -3.90 -7.21
C PHE N 219 -28.04 -4.67 -6.14
N PHE N 220 -29.33 -4.39 -6.02
CA PHE N 220 -30.12 -4.89 -4.86
C PHE N 220 -31.23 -5.83 -5.34
N ASP N 221 -31.20 -6.21 -6.62
CA ASP N 221 -32.28 -6.99 -7.26
C ASP N 221 -31.77 -8.40 -7.52
N PRO N 222 -32.24 -9.42 -6.77
CA PRO N 222 -31.77 -10.80 -6.99
C PRO N 222 -31.90 -11.33 -8.43
N ALA N 223 -32.91 -10.86 -9.19
CA ALA N 223 -33.04 -11.28 -10.61
C ALA N 223 -31.74 -11.02 -11.40
N GLY N 224 -31.02 -9.97 -11.07
CA GLY N 224 -29.76 -9.62 -11.74
C GLY N 224 -28.54 -10.11 -10.97
N GLY N 225 -28.72 -10.87 -9.88
CA GLY N 225 -27.60 -11.29 -9.03
C GLY N 225 -27.29 -10.32 -7.90
N GLY N 226 -28.16 -9.32 -7.70
CA GLY N 226 -27.99 -8.38 -6.60
C GLY N 226 -28.57 -8.90 -5.30
N ASP N 227 -28.54 -8.04 -4.29
CA ASP N 227 -28.85 -8.48 -2.90
C ASP N 227 -29.41 -7.31 -2.13
N PRO N 228 -30.69 -7.38 -1.69
CA PRO N 228 -31.25 -6.33 -0.85
C PRO N 228 -30.40 -6.09 0.40
N ILE N 229 -29.71 -7.12 0.90
CA ILE N 229 -28.94 -6.97 2.16
C ILE N 229 -27.69 -6.11 1.91
N LEU N 230 -27.15 -6.06 0.69
CA LEU N 230 -26.03 -5.14 0.40
C LEU N 230 -26.46 -3.69 0.72
N TYR N 231 -27.68 -3.29 0.34
CA TYR N 231 -28.16 -1.93 0.61
C TYR N 231 -28.09 -1.68 2.13
N GLN N 232 -28.54 -2.66 2.92
CA GLN N 232 -28.61 -2.53 4.40
C GLN N 232 -27.20 -2.29 4.95
N HIS N 233 -26.21 -3.04 4.47
CA HIS N 233 -24.81 -2.84 4.91
C HIS N 233 -24.37 -1.40 4.59
N LEU N 234 -24.60 -0.92 3.37
CA LEU N 234 -24.11 0.40 2.95
C LEU N 234 -24.83 1.48 3.75
N PHE N 235 -26.15 1.29 3.93
CA PHE N 235 -26.96 2.28 4.70
C PHE N 235 -26.41 2.34 6.14
N TRP N 236 -26.29 1.18 6.81
CA TRP N 236 -25.96 1.17 8.25
C TRP N 236 -24.49 1.51 8.47
N PHE N 237 -23.64 1.29 7.48
CA PHE N 237 -22.22 1.74 7.56
C PHE N 237 -22.19 3.27 7.78
N PHE N 238 -23.15 3.97 7.20
CA PHE N 238 -23.41 5.39 7.49
C PHE N 238 -24.25 5.55 8.77
N GLY N 239 -25.33 4.78 8.87
CA GLY N 239 -26.38 5.03 9.87
C GLY N 239 -25.91 4.91 11.29
N HIS N 240 -25.00 3.98 11.62
CA HIS N 240 -24.51 3.94 13.03
C HIS N 240 -23.67 5.21 13.29
N PRO N 241 -22.61 5.53 12.48
CA PRO N 241 -21.91 6.80 12.68
C PRO N 241 -22.91 7.97 12.81
N GLU N 242 -23.96 7.98 11.99
CA GLU N 242 -24.94 9.09 12.01
C GLU N 242 -25.48 9.29 13.43
N VAL N 243 -25.73 8.22 14.20
CA VAL N 243 -26.34 8.47 15.53
C VAL N 243 -25.27 9.09 16.44
N TYR N 244 -24.00 8.76 16.26
CA TYR N 244 -22.90 9.40 17.04
C TYR N 244 -22.77 10.88 16.59
N ILE N 245 -22.95 11.15 15.30
CA ILE N 245 -22.99 12.52 14.76
C ILE N 245 -24.10 13.31 15.46
N LEU N 246 -25.26 12.67 15.73
CA LEU N 246 -26.41 13.37 16.32
C LEU N 246 -26.09 13.72 17.77
N ILE N 247 -25.35 12.87 18.49
CA ILE N 247 -25.17 13.05 19.96
C ILE N 247 -23.87 13.79 20.28
N LEU N 248 -22.80 13.62 19.51
CA LEU N 248 -21.48 14.14 19.96
C LEU N 248 -21.50 15.66 20.21
N PRO N 249 -22.06 16.53 19.34
CA PRO N 249 -22.10 17.96 19.65
C PRO N 249 -22.93 18.21 20.93
N GLY N 250 -23.94 17.36 21.17
CA GLY N 250 -24.72 17.41 22.40
C GLY N 250 -23.82 17.13 23.60
N PHE N 251 -23.00 16.07 23.53
CA PHE N 251 -22.02 15.82 24.59
C PHE N 251 -21.13 17.06 24.81
N GLY N 252 -20.65 17.68 23.73
CA GLY N 252 -19.83 18.88 23.90
C GLY N 252 -20.56 20.00 24.61
N MET N 253 -21.83 20.25 24.23
CA MET N 253 -22.59 21.35 24.86
C MET N 253 -22.84 21.01 26.34
N ILE N 254 -23.18 19.75 26.62
CA ILE N 254 -23.42 19.28 28.01
C ILE N 254 -22.16 19.54 28.84
N SER N 255 -20.98 19.21 28.33
CA SER N 255 -19.73 19.47 29.09
C SER N 255 -19.66 20.97 29.44
N HIS N 256 -19.92 21.88 28.48
CA HIS N 256 -19.83 23.34 28.76
C HIS N 256 -20.89 23.76 29.79
N ILE N 257 -22.10 23.29 29.62
CA ILE N 257 -23.25 23.71 30.48
C ILE N 257 -23.04 23.22 31.93
N VAL N 258 -22.66 21.97 32.11
CA VAL N 258 -22.44 21.39 33.45
C VAL N 258 -21.27 22.13 34.12
N THR N 259 -20.20 22.41 33.36
CA THR N 259 -19.03 23.13 33.92
C THR N 259 -19.50 24.52 34.37
N TYR N 260 -20.22 25.23 33.52
CA TYR N 260 -20.61 26.65 33.74
C TYR N 260 -21.52 26.77 34.98
N TYR N 261 -22.57 25.96 35.06
CA TYR N 261 -23.57 26.09 36.12
C TYR N 261 -23.12 25.35 37.39
N SER N 262 -22.00 24.62 37.35
CA SER N 262 -21.37 24.09 38.57
C SER N 262 -20.41 25.14 39.15
N GLY N 263 -20.24 26.27 38.46
CA GLY N 263 -19.32 27.35 38.89
C GLY N 263 -17.88 26.91 38.77
N LYS N 264 -17.58 25.98 37.87
CA LYS N 264 -16.20 25.44 37.70
C LYS N 264 -15.49 26.16 36.54
N LYS N 265 -14.16 26.20 36.61
CA LYS N 265 -13.35 26.78 35.52
C LYS N 265 -13.19 25.75 34.41
N GLU N 266 -13.45 24.47 34.67
CA GLU N 266 -13.07 23.38 33.75
C GLU N 266 -13.87 22.13 34.05
N PRO N 267 -14.13 21.33 32.99
CA PRO N 267 -14.75 20.03 33.19
C PRO N 267 -13.78 19.09 33.91
N PHE N 268 -14.33 18.11 34.62
CA PHE N 268 -13.53 17.06 35.23
C PHE N 268 -12.89 16.17 34.15
N GLY N 269 -11.58 15.92 34.25
CA GLY N 269 -10.90 14.89 33.40
C GLY N 269 -10.99 15.23 31.90
N TYR N 270 -10.52 16.40 31.54
CA TYR N 270 -10.49 16.92 30.16
C TYR N 270 -9.95 15.87 29.19
N MET N 271 -8.78 15.28 29.48
CA MET N 271 -8.16 14.38 28.48
C MET N 271 -8.98 13.08 28.39
N GLY N 272 -9.59 12.64 29.50
CA GLY N 272 -10.52 11.51 29.43
C GLY N 272 -11.76 11.82 28.56
N MET N 273 -12.25 13.05 28.59
CA MET N 273 -13.42 13.44 27.76
C MET N 273 -13.02 13.38 26.28
N VAL N 274 -11.82 13.88 25.94
CA VAL N 274 -11.30 13.83 24.55
C VAL N 274 -11.17 12.37 24.14
N TRP N 275 -10.52 11.58 24.99
CA TRP N 275 -10.33 10.13 24.72
C TRP N 275 -11.70 9.49 24.47
N ALA N 276 -12.68 9.81 25.32
CA ALA N 276 -13.98 9.11 25.24
C ALA N 276 -14.64 9.48 23.90
N MET N 277 -14.61 10.76 23.51
CA MET N 277 -15.28 11.14 22.25
C MET N 277 -14.56 10.49 21.06
N MET N 278 -13.23 10.42 21.09
N MET N 278 -13.22 10.44 21.10
CA MET N 278 -12.50 9.83 19.93
CA MET N 278 -12.44 9.84 20.00
C MET N 278 -12.76 8.31 19.92
C MET N 278 -12.79 8.34 19.93
N SER N 279 -12.84 7.70 21.09
CA SER N 279 -13.12 6.25 21.22
C SER N 279 -14.52 5.94 20.65
N ILE N 280 -15.50 6.76 21.01
CA ILE N 280 -16.90 6.53 20.56
C ILE N 280 -16.90 6.71 19.04
N GLY N 281 -16.21 7.73 18.53
CA GLY N 281 -16.19 7.97 17.08
C GLY N 281 -15.60 6.80 16.32
N PHE N 282 -14.51 6.24 16.85
CA PHE N 282 -13.83 5.09 16.21
C PHE N 282 -14.71 3.85 16.28
N LEU N 283 -15.18 3.51 17.48
CA LEU N 283 -16.02 2.30 17.67
C LEU N 283 -17.31 2.38 16.86
N GLY N 284 -17.82 3.58 16.66
CA GLY N 284 -19.02 3.80 15.87
C GLY N 284 -18.93 3.36 14.44
N PHE N 285 -17.73 3.10 13.90
CA PHE N 285 -17.55 2.65 12.50
C PHE N 285 -17.53 1.12 12.42
N ILE N 286 -17.48 0.40 13.54
CA ILE N 286 -17.20 -1.06 13.47
C ILE N 286 -18.35 -1.89 14.06
N VAL N 287 -19.55 -1.31 14.12
CA VAL N 287 -20.67 -1.92 14.85
C VAL N 287 -21.97 -2.00 14.04
N TRP N 288 -21.97 -1.58 12.77
CA TRP N 288 -23.21 -1.21 12.04
C TRP N 288 -24.18 -2.40 11.98
N ALA N 289 -23.66 -3.64 11.91
CA ALA N 289 -24.52 -4.80 11.64
C ALA N 289 -25.39 -5.15 12.85
N HIS N 290 -25.32 -4.43 13.98
CA HIS N 290 -26.32 -4.62 15.07
C HIS N 290 -27.71 -4.12 14.61
N HIS N 291 -27.80 -3.44 13.47
CA HIS N 291 -29.11 -3.11 12.82
C HIS N 291 -29.62 -4.26 11.94
N MET N 292 -28.92 -5.39 11.93
CA MET N 292 -29.18 -6.48 10.95
C MET N 292 -29.14 -7.87 11.62
N PHE N 293 -29.40 -7.95 12.91
CA PHE N 293 -29.33 -9.24 13.63
C PHE N 293 -30.39 -10.25 13.19
N THR N 294 -31.44 -9.84 12.49
CA THR N 294 -32.50 -10.80 12.04
C THR N 294 -32.39 -11.10 10.54
N VAL N 295 -31.38 -10.64 9.81
CA VAL N 295 -31.36 -10.75 8.32
C VAL N 295 -30.81 -12.13 7.89
N GLY N 296 -30.22 -12.87 8.84
CA GLY N 296 -29.61 -14.17 8.53
C GLY N 296 -28.11 -14.16 8.36
N MET N 297 -27.35 -13.27 8.97
N MET N 297 -27.54 -13.70 9.44
CA MET N 297 -25.84 -13.33 8.94
CA MET N 297 -26.11 -13.41 9.70
C MET N 297 -25.36 -14.55 9.76
C MET N 297 -25.47 -14.66 10.31
N ASP N 298 -24.07 -14.90 9.68
N ASP N 298 -24.34 -15.12 9.77
CA ASP N 298 -23.44 -16.06 10.39
CA ASP N 298 -23.60 -16.21 10.45
C ASP N 298 -23.37 -15.80 11.92
C ASP N 298 -23.49 -15.82 11.93
N VAL N 299 -23.46 -16.85 12.75
CA VAL N 299 -23.41 -16.73 14.23
C VAL N 299 -22.12 -16.02 14.70
N ASP N 300 -20.97 -16.26 14.11
CA ASP N 300 -19.71 -15.64 14.65
C ASP N 300 -19.77 -14.12 14.39
N THR N 301 -20.34 -13.72 13.24
CA THR N 301 -20.56 -12.33 12.86
C THR N 301 -21.48 -11.69 13.93
N ARG N 302 -22.56 -12.34 14.30
CA ARG N 302 -23.48 -11.82 15.30
C ARG N 302 -22.75 -11.69 16.63
N ALA N 303 -21.87 -12.65 16.95
CA ALA N 303 -21.10 -12.62 18.22
C ALA N 303 -20.18 -11.39 18.23
N TYR N 304 -19.48 -11.16 17.12
CA TYR N 304 -18.54 -10.02 16.99
C TYR N 304 -19.35 -8.73 17.18
N PHE N 305 -20.46 -8.59 16.46
CA PHE N 305 -21.19 -7.29 16.47
C PHE N 305 -21.83 -7.04 17.83
N THR N 306 -22.25 -8.10 18.53
CA THR N 306 -22.71 -7.99 19.95
C THR N 306 -21.58 -7.38 20.81
N SER N 307 -20.41 -7.98 20.73
CA SER N 307 -19.25 -7.65 21.60
C SER N 307 -18.75 -6.23 21.33
N ALA N 308 -18.57 -5.91 20.04
CA ALA N 308 -18.01 -4.61 19.61
C ALA N 308 -18.98 -3.52 20.03
N THR N 309 -20.27 -3.76 19.92
CA THR N 309 -21.29 -2.75 20.24
C THR N 309 -21.23 -2.46 21.77
N MET N 310 -21.13 -3.50 22.58
CA MET N 310 -21.15 -3.31 24.04
C MET N 310 -19.94 -2.49 24.52
N ILE N 311 -18.80 -2.54 23.81
N ILE N 311 -18.77 -2.59 23.92
CA ILE N 311 -17.54 -1.81 24.16
CA ILE N 311 -17.58 -1.94 24.55
C ILE N 311 -17.82 -0.31 24.29
C ILE N 311 -17.72 -0.41 24.47
N ILE N 312 -18.73 0.23 23.48
N ILE N 312 -18.59 0.13 23.61
CA ILE N 312 -19.02 1.69 23.45
CA ILE N 312 -18.79 1.61 23.53
C ILE N 312 -19.47 2.18 24.85
C ILE N 312 -19.37 2.14 24.85
N ALA N 313 -20.01 1.31 25.68
CA ALA N 313 -20.46 1.68 27.05
C ALA N 313 -19.29 2.20 27.87
N ILE N 314 -18.06 1.70 27.61
CA ILE N 314 -16.93 2.07 28.47
C ILE N 314 -16.58 3.55 28.32
N PRO N 315 -16.23 4.05 27.11
CA PRO N 315 -15.91 5.47 26.99
C PRO N 315 -17.14 6.33 27.31
N THR N 316 -18.36 5.84 26.98
CA THR N 316 -19.58 6.62 27.26
C THR N 316 -19.71 6.81 28.79
N GLY N 317 -19.48 5.75 29.56
CA GLY N 317 -19.56 5.80 31.02
C GLY N 317 -18.52 6.75 31.59
N VAL N 318 -17.34 6.82 30.97
CA VAL N 318 -16.34 7.81 31.43
C VAL N 318 -16.92 9.24 31.30
N LYS N 319 -17.67 9.53 30.22
CA LYS N 319 -18.25 10.89 30.05
C LYS N 319 -19.31 11.09 31.14
N VAL N 320 -20.19 10.11 31.33
CA VAL N 320 -21.30 10.30 32.30
C VAL N 320 -20.70 10.57 33.69
N PHE N 321 -19.75 9.75 34.11
CA PHE N 321 -19.13 9.88 35.43
C PHE N 321 -18.34 11.20 35.51
N SER N 322 -17.76 11.66 34.41
CA SER N 322 -17.00 12.92 34.38
C SER N 322 -17.97 14.10 34.53
N TRP N 323 -19.17 14.01 33.97
CA TRP N 323 -20.17 15.10 34.17
C TRP N 323 -20.58 15.12 35.64
N LEU N 324 -20.79 13.94 36.23
CA LEU N 324 -21.13 13.87 37.67
C LEU N 324 -19.99 14.48 38.51
N ALA N 325 -18.75 14.16 38.17
CA ALA N 325 -17.58 14.67 38.92
C ALA N 325 -17.36 16.16 38.67
N THR N 326 -17.92 16.74 37.61
CA THR N 326 -17.88 18.20 37.36
C THR N 326 -18.88 18.88 38.32
N LEU N 327 -20.08 18.29 38.49
CA LEU N 327 -21.05 18.80 39.47
C LEU N 327 -20.44 18.76 40.87
N HIS N 328 -19.72 17.67 41.18
CA HIS N 328 -19.14 17.41 42.52
C HIS N 328 -18.40 18.64 43.04
N GLY N 329 -18.86 19.20 44.15
CA GLY N 329 -18.18 20.35 44.76
C GLY N 329 -18.54 21.69 44.17
N GLY N 330 -19.50 21.68 43.25
CA GLY N 330 -19.93 22.90 42.56
C GLY N 330 -20.69 23.84 43.47
N ASN N 331 -20.60 25.12 43.19
CA ASN N 331 -21.58 26.13 43.65
C ASN N 331 -22.70 26.07 42.58
N ILE N 332 -23.72 25.25 42.79
CA ILE N 332 -24.66 24.90 41.69
C ILE N 332 -25.64 26.07 41.45
N LYS N 333 -25.73 26.51 40.22
CA LYS N 333 -26.75 27.48 39.77
C LYS N 333 -27.86 26.69 39.10
N TRP N 334 -29.05 26.73 39.66
CA TRP N 334 -30.20 25.91 39.16
C TRP N 334 -30.90 26.69 38.04
N SER N 335 -30.12 27.06 37.05
CA SER N 335 -30.62 27.74 35.82
C SER N 335 -31.45 26.73 35.02
N PRO N 336 -32.32 27.22 34.12
CA PRO N 336 -33.02 26.33 33.19
C PRO N 336 -32.04 25.49 32.36
N ALA N 337 -30.93 26.06 31.89
CA ALA N 337 -29.95 25.27 31.09
C ALA N 337 -29.40 24.09 31.93
N MET N 338 -29.11 24.32 33.20
CA MET N 338 -28.65 23.24 34.10
C MET N 338 -29.74 22.17 34.22
N MET N 339 -31.00 22.55 34.32
CA MET N 339 -32.09 21.54 34.36
C MET N 339 -32.07 20.65 33.11
N TRP N 340 -31.97 21.26 31.91
CA TRP N 340 -31.89 20.50 30.65
C TRP N 340 -30.69 19.53 30.74
N ALA N 341 -29.55 19.99 31.23
CA ALA N 341 -28.33 19.17 31.25
C ALA N 341 -28.46 18.02 32.25
N LEU N 342 -29.07 18.24 33.41
CA LEU N 342 -29.24 17.15 34.40
C LEU N 342 -30.24 16.14 33.82
N GLY N 343 -31.30 16.62 33.17
CA GLY N 343 -32.26 15.71 32.51
C GLY N 343 -31.53 14.89 31.47
N PHE N 344 -30.67 15.55 30.69
CA PHE N 344 -29.84 14.84 29.68
C PHE N 344 -29.07 13.69 30.35
N ILE N 345 -28.32 13.97 31.42
CA ILE N 345 -27.39 12.95 31.97
C ILE N 345 -28.22 11.71 32.34
N PHE N 346 -29.34 11.89 33.01
CA PHE N 346 -30.13 10.73 33.47
C PHE N 346 -30.79 10.03 32.27
N LEU N 347 -31.51 10.78 31.45
CA LEU N 347 -32.35 10.16 30.39
C LEU N 347 -31.47 9.59 29.28
N PHE N 348 -30.34 10.24 28.95
CA PHE N 348 -29.39 9.67 28.00
C PHE N 348 -28.87 8.33 28.56
N THR N 349 -28.57 8.28 29.87
CA THR N 349 -28.11 7.03 30.51
C THR N 349 -29.16 5.92 30.31
N VAL N 350 -30.44 6.20 30.57
CA VAL N 350 -31.49 5.17 30.42
C VAL N 350 -31.48 4.69 28.98
N GLY N 351 -31.45 5.62 28.00
CA GLY N 351 -31.53 5.18 26.61
C GLY N 351 -30.28 4.42 26.18
N GLY N 352 -29.11 4.81 26.71
CA GLY N 352 -27.87 4.10 26.40
C GLY N 352 -27.95 2.68 26.93
N LEU N 353 -28.51 2.53 28.13
CA LEU N 353 -28.64 1.18 28.74
C LEU N 353 -29.60 0.29 27.92
N THR N 354 -30.70 0.82 27.40
CA THR N 354 -31.60 -0.02 26.56
C THR N 354 -30.89 -0.33 25.24
N GLY N 355 -29.98 0.55 24.80
CA GLY N 355 -29.10 0.22 23.64
C GLY N 355 -28.24 -1.01 23.95
N ILE N 356 -27.68 -1.10 25.16
CA ILE N 356 -26.82 -2.24 25.55
C ILE N 356 -27.70 -3.51 25.60
N VAL N 357 -28.94 -3.41 26.02
CA VAL N 357 -29.87 -4.58 25.94
C VAL N 357 -29.99 -5.06 24.49
N LEU N 358 -30.26 -4.14 23.56
CA LEU N 358 -30.44 -4.43 22.12
C LEU N 358 -29.16 -4.96 21.48
N ALA N 359 -27.98 -4.61 22.00
CA ALA N 359 -26.68 -5.05 21.45
C ALA N 359 -26.55 -6.58 21.53
N ASN N 360 -27.33 -7.21 22.39
CA ASN N 360 -27.30 -8.67 22.53
C ASN N 360 -28.11 -9.31 21.40
N SER N 361 -27.44 -9.78 20.36
N SER N 361 -27.44 -9.85 20.39
CA SER N 361 -28.08 -10.32 19.13
CA SER N 361 -28.07 -10.46 19.17
C SER N 361 -29.21 -11.30 19.53
C SER N 361 -29.10 -11.53 19.56
N SER N 362 -28.95 -12.22 20.45
N SER N 362 -28.93 -12.19 20.70
CA SER N 362 -29.97 -13.22 20.89
CA SER N 362 -29.82 -13.30 21.13
C SER N 362 -31.26 -12.52 21.33
C SER N 362 -31.19 -12.71 21.55
N LEU N 363 -31.17 -11.62 22.31
CA LEU N 363 -32.41 -10.96 22.80
C LEU N 363 -32.94 -10.02 21.70
N ASP N 364 -32.08 -9.42 20.90
CA ASP N 364 -32.52 -8.58 19.77
C ASP N 364 -33.45 -9.35 18.82
N ILE N 365 -33.35 -10.68 18.70
CA ILE N 365 -34.29 -11.40 17.81
C ILE N 365 -35.70 -10.99 18.21
N VAL N 366 -35.97 -10.94 19.52
CA VAL N 366 -37.33 -10.69 20.02
C VAL N 366 -37.61 -9.19 20.04
N LEU N 367 -36.61 -8.35 20.19
CA LEU N 367 -36.83 -6.88 20.35
C LEU N 367 -36.76 -6.15 19.00
N HIS N 368 -36.07 -6.74 18.01
CA HIS N 368 -35.87 -6.07 16.70
C HIS N 368 -37.23 -5.73 16.06
N ASP N 369 -37.36 -4.55 15.46
CA ASP N 369 -38.57 -4.19 14.71
C ASP N 369 -39.77 -4.17 15.68
N THR N 370 -39.52 -3.86 16.95
CA THR N 370 -40.56 -3.60 17.95
C THR N 370 -40.39 -2.21 18.55
N TYR N 371 -41.38 -1.80 19.36
CA TYR N 371 -41.36 -0.49 20.04
C TYR N 371 -40.26 -0.49 21.11
N TYR N 372 -39.58 -1.60 21.47
CA TYR N 372 -38.44 -1.47 22.40
C TYR N 372 -37.34 -0.60 21.75
N VAL N 373 -37.12 -0.80 20.46
CA VAL N 373 -36.10 -0.02 19.71
C VAL N 373 -36.54 1.45 19.71
N VAL N 374 -37.81 1.68 19.44
CA VAL N 374 -38.38 3.06 19.38
C VAL N 374 -38.17 3.75 20.74
N ALA N 375 -38.34 3.02 21.86
CA ALA N 375 -38.14 3.57 23.20
C ALA N 375 -36.64 3.91 23.37
N HIS N 376 -35.76 2.98 23.02
CA HIS N 376 -34.31 3.22 23.12
C HIS N 376 -33.96 4.54 22.41
N PHE N 377 -34.31 4.68 21.13
CA PHE N 377 -33.76 5.80 20.35
C PHE N 377 -34.44 7.11 20.71
N HIS N 378 -35.67 7.09 21.21
CA HIS N 378 -36.30 8.36 21.64
C HIS N 378 -35.74 8.85 22.97
N TYR N 379 -35.30 7.95 23.85
CA TYR N 379 -34.60 8.38 25.09
C TYR N 379 -33.31 9.09 24.67
N VAL N 380 -32.59 8.55 23.69
CA VAL N 380 -31.28 9.18 23.34
C VAL N 380 -31.50 10.39 22.41
N LEU N 381 -32.57 10.43 21.57
CA LEU N 381 -32.80 11.54 20.62
C LEU N 381 -33.77 12.59 21.16
N SER N 382 -34.98 12.20 21.55
CA SER N 382 -36.02 13.16 21.96
C SER N 382 -35.76 13.60 23.42
N MET N 383 -34.94 12.88 24.15
CA MET N 383 -34.50 13.32 25.50
C MET N 383 -33.02 13.70 25.46
N GLY N 384 -32.12 12.96 24.87
CA GLY N 384 -30.70 13.36 24.89
C GLY N 384 -30.42 14.50 23.91
N ALA N 385 -30.42 14.24 22.60
CA ALA N 385 -30.11 15.28 21.60
C ALA N 385 -30.96 16.53 21.88
N VAL N 386 -32.27 16.38 22.00
CA VAL N 386 -33.17 17.54 22.18
C VAL N 386 -32.85 18.26 23.51
N PHE N 387 -32.59 17.55 24.61
CA PHE N 387 -32.31 18.25 25.89
C PHE N 387 -30.99 19.03 25.76
N ALA N 388 -29.99 18.48 25.07
CA ALA N 388 -28.72 19.20 24.87
C ALA N 388 -29.00 20.46 24.02
N ILE N 389 -29.84 20.35 22.99
CA ILE N 389 -30.22 21.50 22.14
C ILE N 389 -30.92 22.53 23.01
N MET N 390 -31.87 22.12 23.84
CA MET N 390 -32.65 23.13 24.61
C MET N 390 -31.74 23.75 25.67
N GLY N 391 -30.85 22.97 26.28
CA GLY N 391 -29.90 23.54 27.25
C GLY N 391 -28.95 24.53 26.59
N GLY N 392 -28.39 24.18 25.44
CA GLY N 392 -27.52 25.11 24.70
C GLY N 392 -28.29 26.35 24.26
N PHE N 393 -29.54 26.15 23.81
CA PHE N 393 -30.33 27.29 23.35
C PHE N 393 -30.55 28.28 24.51
N VAL N 394 -30.97 27.81 25.68
N VAL N 394 -30.98 27.76 25.65
CA VAL N 394 -31.29 28.76 26.78
CA VAL N 394 -31.27 28.61 26.83
C VAL N 394 -29.97 29.32 27.36
C VAL N 394 -29.96 29.31 27.24
N HIS N 395 -28.87 28.54 27.35
CA HIS N 395 -27.57 29.08 27.83
C HIS N 395 -27.05 30.18 26.89
N TRP N 396 -27.05 29.94 25.57
CA TRP N 396 -26.37 30.85 24.62
C TRP N 396 -27.32 31.83 23.94
N PHE N 397 -28.64 31.70 24.12
CA PHE N 397 -29.57 32.69 23.54
C PHE N 397 -29.13 34.11 23.86
N PRO N 398 -28.74 34.44 25.12
CA PRO N 398 -28.34 35.82 25.42
C PRO N 398 -27.07 36.26 24.67
N LEU N 399 -26.17 35.33 24.37
CA LEU N 399 -24.95 35.67 23.61
C LEU N 399 -25.38 36.01 22.18
N PHE N 400 -26.23 35.16 21.59
CA PHE N 400 -26.55 35.30 20.16
C PHE N 400 -27.43 36.55 19.94
N SER N 401 -28.34 36.84 20.88
CA SER N 401 -29.42 37.86 20.68
C SER N 401 -29.07 39.18 21.37
N GLY N 402 -28.32 39.14 22.47
CA GLY N 402 -28.11 40.29 23.38
C GLY N 402 -29.22 40.43 24.40
N TYR N 403 -30.24 39.56 24.41
CA TYR N 403 -31.40 39.65 25.33
C TYR N 403 -31.48 38.44 26.27
N THR N 404 -32.06 38.65 27.43
CA THR N 404 -32.27 37.55 28.39
C THR N 404 -33.67 36.94 28.21
N LEU N 405 -33.76 35.64 28.48
CA LEU N 405 -35.05 34.93 28.59
C LEU N 405 -35.62 35.21 29.97
N ASN N 406 -36.90 34.93 30.13
CA ASN N 406 -37.52 34.87 31.48
C ASN N 406 -37.19 33.48 32.06
N ASP N 407 -36.36 33.42 33.12
CA ASP N 407 -35.90 32.10 33.63
C ASP N 407 -37.08 31.32 34.21
N THR N 408 -38.05 31.97 34.82
CA THR N 408 -39.20 31.21 35.38
C THR N 408 -39.96 30.53 34.25
N TRP N 409 -40.25 31.26 33.16
CA TRP N 409 -40.92 30.63 31.99
C TRP N 409 -40.08 29.46 31.48
N ALA N 410 -38.76 29.62 31.38
CA ALA N 410 -37.90 28.55 30.82
C ALA N 410 -37.96 27.32 31.73
N LYS N 411 -38.11 27.52 33.05
CA LYS N 411 -38.21 26.38 34.00
C LYS N 411 -39.55 25.67 33.81
N ILE N 412 -40.62 26.43 33.60
CA ILE N 412 -41.97 25.88 33.34
C ILE N 412 -41.88 25.04 32.05
N HIS N 413 -41.26 25.59 31.01
CA HIS N 413 -41.08 24.88 29.73
C HIS N 413 -40.39 23.52 29.96
N PHE N 414 -39.26 23.52 30.66
CA PHE N 414 -38.53 22.28 31.02
C PHE N 414 -39.44 21.24 31.70
N ALA N 415 -40.19 21.69 32.70
CA ALA N 415 -41.05 20.81 33.52
C ALA N 415 -42.10 20.14 32.61
N ILE N 416 -42.74 20.93 31.73
CA ILE N 416 -43.78 20.40 30.83
C ILE N 416 -43.15 19.37 29.89
N MET N 417 -42.04 19.74 29.28
N MET N 417 -42.04 19.74 29.27
CA MET N 417 -41.37 18.85 28.27
CA MET N 417 -41.37 18.83 28.28
C MET N 417 -40.91 17.55 28.95
C MET N 417 -40.96 17.53 28.98
N PHE N 418 -40.39 17.62 30.18
CA PHE N 418 -39.90 16.45 30.93
C PHE N 418 -41.06 15.45 31.11
N VAL N 419 -42.22 15.94 31.55
CA VAL N 419 -43.41 15.08 31.75
C VAL N 419 -43.83 14.50 30.39
N GLY N 420 -43.97 15.34 29.36
CA GLY N 420 -44.46 14.90 28.04
C GLY N 420 -43.58 13.81 27.43
N VAL N 421 -42.25 13.96 27.41
CA VAL N 421 -41.42 12.96 26.69
C VAL N 421 -41.43 11.65 27.47
N ASN N 422 -41.42 11.72 28.81
CA ASN N 422 -41.40 10.50 29.67
C ASN N 422 -42.74 9.77 29.51
N MET N 423 -43.86 10.51 29.49
N MET N 423 -43.86 10.50 29.48
CA MET N 423 -45.20 9.88 29.31
CA MET N 423 -45.19 9.85 29.31
C MET N 423 -45.31 9.28 27.91
C MET N 423 -45.29 9.26 27.90
N THR N 424 -44.71 9.92 26.91
CA THR N 424 -44.72 9.41 25.52
C THR N 424 -43.96 8.08 25.45
N PHE N 425 -42.71 8.06 25.91
CA PHE N 425 -41.77 6.97 25.50
C PHE N 425 -41.63 5.89 26.58
N PHE N 426 -41.81 6.19 27.86
CA PHE N 426 -41.59 5.14 28.86
C PHE N 426 -42.46 3.93 28.57
N PRO N 427 -43.78 4.10 28.30
CA PRO N 427 -44.63 2.93 28.08
C PRO N 427 -44.28 2.15 26.81
N GLN N 428 -43.51 2.76 25.90
CA GLN N 428 -43.17 2.04 24.65
C GLN N 428 -42.22 0.88 24.98
N HIS N 429 -41.53 0.89 26.12
CA HIS N 429 -40.75 -0.31 26.54
C HIS N 429 -41.70 -1.52 26.67
N PHE N 430 -42.87 -1.33 27.27
CA PHE N 430 -43.80 -2.42 27.57
C PHE N 430 -44.36 -2.94 26.23
N LEU N 431 -44.73 -2.01 25.35
CA LEU N 431 -45.24 -2.33 24.01
C LEU N 431 -44.20 -3.17 23.25
N GLY N 432 -42.92 -2.80 23.31
CA GLY N 432 -41.83 -3.57 22.72
C GLY N 432 -41.70 -4.97 23.30
N LEU N 433 -41.53 -5.08 24.61
CA LEU N 433 -41.33 -6.40 25.26
C LEU N 433 -42.52 -7.30 24.91
N SER N 434 -43.73 -6.74 24.85
CA SER N 434 -44.97 -7.52 24.62
C SER N 434 -45.21 -7.75 23.11
N GLY N 435 -44.38 -7.18 22.21
CA GLY N 435 -44.32 -7.64 20.82
C GLY N 435 -44.97 -6.69 19.81
N MET N 436 -45.22 -5.42 20.18
CA MET N 436 -45.82 -4.47 19.20
C MET N 436 -44.77 -4.11 18.16
N PRO N 437 -45.01 -4.41 16.85
CA PRO N 437 -44.07 -4.06 15.79
C PRO N 437 -44.00 -2.56 15.48
N ARG N 438 -42.86 -2.18 14.88
CA ARG N 438 -42.64 -0.84 14.32
C ARG N 438 -43.43 -0.67 13.03
N ARG N 439 -43.75 0.59 12.73
CA ARG N 439 -44.26 1.03 11.41
C ARG N 439 -45.67 0.48 11.18
N TYR N 440 -46.42 0.29 12.26
CA TYR N 440 -47.84 -0.15 12.28
C TYR N 440 -48.77 1.06 12.47
N SER N 441 -49.79 1.16 11.63
CA SER N 441 -50.86 2.19 11.74
C SER N 441 -51.93 1.75 12.75
N ASP N 442 -51.96 0.47 13.10
CA ASP N 442 -52.95 -0.10 14.04
C ASP N 442 -52.36 -1.35 14.71
N TYR N 443 -52.93 -1.74 15.84
CA TYR N 443 -52.37 -2.74 16.73
C TYR N 443 -53.48 -3.62 17.27
N PRO N 444 -53.14 -4.88 17.58
CA PRO N 444 -54.06 -5.73 18.34
C PRO N 444 -54.53 -5.06 19.62
N ASP N 445 -55.73 -5.44 20.06
CA ASP N 445 -56.49 -4.71 21.09
C ASP N 445 -55.67 -4.65 22.39
N ALA N 446 -54.92 -5.71 22.69
CA ALA N 446 -54.14 -5.80 23.95
C ALA N 446 -53.22 -4.58 24.15
N TYR N 447 -52.74 -3.96 23.09
CA TYR N 447 -51.72 -2.88 23.15
C TYR N 447 -52.39 -1.52 23.41
N THR N 448 -53.72 -1.44 23.58
CA THR N 448 -54.48 -0.15 23.62
C THR N 448 -54.00 0.75 24.79
N MET N 449 -53.91 0.24 26.01
CA MET N 449 -53.67 1.13 27.18
C MET N 449 -52.36 1.91 27.00
N TRP N 450 -51.28 1.25 26.62
CA TRP N 450 -49.98 1.97 26.56
C TRP N 450 -49.93 2.88 25.33
N ASN N 451 -50.54 2.50 24.21
CA ASN N 451 -50.62 3.44 23.05
C ASN N 451 -51.42 4.69 23.42
N THR N 452 -52.51 4.52 24.17
CA THR N 452 -53.36 5.65 24.62
C THR N 452 -52.51 6.60 25.46
N ILE N 453 -51.80 6.07 26.46
CA ILE N 453 -50.96 6.91 27.36
C ILE N 453 -49.86 7.59 26.54
N SER N 454 -49.19 6.83 25.67
CA SER N 454 -48.07 7.40 24.85
C SER N 454 -48.59 8.60 24.04
N SER N 455 -49.78 8.46 23.42
CA SER N 455 -50.36 9.56 22.60
C SER N 455 -50.70 10.77 23.49
N MET N 456 -51.21 10.55 24.69
CA MET N 456 -51.47 11.67 25.62
C MET N 456 -50.16 12.41 25.94
N GLY N 457 -49.06 11.67 26.16
CA GLY N 457 -47.75 12.28 26.40
C GLY N 457 -47.37 13.19 25.24
N SER N 458 -47.63 12.76 24.00
CA SER N 458 -47.16 13.53 22.81
C SER N 458 -47.86 14.89 22.81
N PHE N 459 -49.11 14.95 23.29
CA PHE N 459 -49.84 16.24 23.35
C PHE N 459 -49.19 17.14 24.42
N ILE N 460 -48.71 16.58 25.52
CA ILE N 460 -48.05 17.41 26.56
C ILE N 460 -46.77 18.00 25.93
N SER N 461 -46.04 17.22 25.16
CA SER N 461 -44.82 17.72 24.46
C SER N 461 -45.23 18.83 23.50
N LEU N 462 -46.36 18.68 22.81
CA LEU N 462 -46.83 19.78 21.92
C LEU N 462 -47.00 21.06 22.72
N THR N 463 -47.64 20.96 23.90
CA THR N 463 -47.88 22.16 24.73
C THR N 463 -46.52 22.82 25.04
N ALA N 464 -45.52 22.03 25.39
CA ALA N 464 -44.15 22.59 25.66
C ALA N 464 -43.62 23.29 24.38
N VAL N 465 -43.75 22.69 23.21
CA VAL N 465 -43.23 23.33 21.98
C VAL N 465 -43.92 24.68 21.76
N MET N 466 -45.23 24.74 21.93
CA MET N 466 -45.97 26.01 21.73
C MET N 466 -45.45 27.03 22.76
N LEU N 467 -45.26 26.60 24.01
CA LEU N 467 -44.83 27.53 25.07
C LEU N 467 -43.43 28.09 24.69
N MET N 468 -42.55 27.24 24.15
CA MET N 468 -41.19 27.67 23.78
C MET N 468 -41.26 28.87 22.83
N VAL N 469 -42.15 28.81 21.84
CA VAL N 469 -42.28 29.90 20.83
C VAL N 469 -42.68 31.19 21.58
N PHE N 470 -43.62 31.09 22.52
CA PHE N 470 -44.08 32.25 23.30
C PHE N 470 -42.88 32.83 24.10
N ILE N 471 -42.09 31.94 24.70
CA ILE N 471 -40.96 32.37 25.57
C ILE N 471 -39.94 33.15 24.73
N ILE N 472 -39.65 32.69 23.53
CA ILE N 472 -38.71 33.40 22.63
C ILE N 472 -39.33 34.76 22.26
N TRP N 473 -40.61 34.78 21.92
CA TRP N 473 -41.30 36.07 21.62
C TRP N 473 -41.16 37.02 22.82
N GLU N 474 -41.41 36.53 24.03
CA GLU N 474 -41.41 37.41 25.22
C GLU N 474 -40.01 38.03 25.41
N ALA N 475 -38.93 37.30 25.13
CA ALA N 475 -37.56 37.81 25.28
C ALA N 475 -37.36 38.94 24.25
N PHE N 476 -37.69 38.71 22.97
CA PHE N 476 -37.55 39.75 21.94
C PHE N 476 -38.50 40.93 22.17
N ALA N 477 -39.66 40.67 22.77
CA ALA N 477 -40.71 41.68 23.02
C ALA N 477 -40.28 42.63 24.14
N SER N 478 -39.62 42.11 25.18
CA SER N 478 -39.29 42.86 26.42
C SER N 478 -37.94 43.59 26.26
N LYS N 479 -36.97 43.02 25.56
CA LYS N 479 -35.67 43.68 25.27
C LYS N 479 -34.94 44.03 26.59
N ARG N 480 -34.65 42.99 27.38
CA ARG N 480 -33.71 43.08 28.54
C ARG N 480 -32.29 42.83 27.98
N GLU N 481 -31.50 43.88 27.80
CA GLU N 481 -30.14 43.80 27.20
C GLU N 481 -29.12 43.31 28.23
N VAL N 482 -28.34 42.35 27.82
CA VAL N 482 -27.32 41.72 28.70
C VAL N 482 -26.30 42.79 29.02
N LEU N 483 -25.89 42.85 30.26
CA LEU N 483 -24.66 43.61 30.64
C LEU N 483 -23.45 42.68 30.80
N THR N 484 -23.48 41.81 31.82
CA THR N 484 -22.33 40.93 32.14
C THR N 484 -22.77 39.49 32.36
N VAL N 485 -21.83 38.57 32.18
CA VAL N 485 -21.99 37.17 32.62
C VAL N 485 -20.73 36.83 33.42
N ASP N 486 -20.88 35.87 34.32
CA ASP N 486 -19.78 35.32 35.12
C ASP N 486 -18.96 34.33 34.30
N LEU N 487 -17.78 34.02 34.82
CA LEU N 487 -16.88 32.95 34.31
C LEU N 487 -16.41 33.26 32.88
N THR N 488 -16.26 34.55 32.50
CA THR N 488 -15.72 34.82 31.13
C THR N 488 -14.28 34.30 31.03
N THR N 489 -13.54 34.20 32.13
CA THR N 489 -12.13 33.76 32.08
C THR N 489 -12.06 32.35 31.46
N THR N 490 -13.11 31.55 31.52
CA THR N 490 -13.05 30.19 30.97
C THR N 490 -14.19 29.97 29.95
N ASN N 491 -14.72 31.03 29.36
CA ASN N 491 -15.81 30.94 28.37
C ASN N 491 -15.59 32.09 27.37
N LEU N 492 -14.59 31.94 26.50
CA LEU N 492 -14.11 33.01 25.62
C LEU N 492 -15.25 33.52 24.73
N GLU N 493 -16.21 32.68 24.37
CA GLU N 493 -17.25 33.09 23.40
C GLU N 493 -18.06 34.29 23.93
N TRP N 494 -18.06 34.56 25.24
CA TRP N 494 -18.84 35.67 25.84
C TRP N 494 -18.01 36.96 25.86
N LEU N 495 -16.69 36.90 25.65
CA LEU N 495 -15.82 38.05 26.04
C LEU N 495 -15.90 39.21 25.04
N ASN N 496 -16.64 39.10 23.94
CA ASN N 496 -16.86 40.21 22.96
C ASN N 496 -18.26 40.82 23.15
N GLY N 497 -18.94 40.48 24.24
CA GLY N 497 -20.25 41.04 24.57
C GLY N 497 -21.38 40.32 23.86
N CYS N 498 -22.57 40.86 24.02
CA CYS N 498 -23.83 40.20 23.63
C CYS N 498 -24.72 41.16 22.89
N PRO N 499 -24.96 40.95 21.59
CA PRO N 499 -24.26 39.96 20.78
C PRO N 499 -22.89 40.50 20.44
N PRO N 500 -21.93 39.64 20.04
CA PRO N 500 -20.62 40.13 19.64
C PRO N 500 -20.77 40.91 18.33
N PRO N 501 -19.83 41.83 18.05
CA PRO N 501 -19.79 42.57 16.80
C PRO N 501 -19.71 41.62 15.59
N TYR N 502 -20.18 42.08 14.44
CA TYR N 502 -20.19 41.29 13.19
C TYR N 502 -18.78 40.67 12.99
N HIS N 503 -17.75 41.51 13.05
CA HIS N 503 -16.35 41.04 13.02
C HIS N 503 -15.83 40.96 14.45
N THR N 504 -15.35 39.79 14.86
CA THR N 504 -14.62 39.58 16.12
C THR N 504 -13.23 39.04 15.81
N PHE N 505 -12.30 39.29 16.74
CA PHE N 505 -10.88 38.84 16.68
C PHE N 505 -10.20 39.37 15.41
N GLU N 506 -10.55 40.58 14.98
CA GLU N 506 -9.78 41.27 13.93
C GLU N 506 -8.31 41.39 14.39
N GLU N 507 -8.13 41.79 15.64
CA GLU N 507 -6.88 41.63 16.37
C GLU N 507 -7.03 40.32 17.15
N PRO N 508 -6.19 39.33 16.82
CA PRO N 508 -6.28 38.04 17.48
C PRO N 508 -5.92 38.16 18.97
N THR N 509 -6.29 37.13 19.70
CA THR N 509 -5.86 36.99 21.11
C THR N 509 -4.32 36.90 21.14
N TYR N 510 -3.79 37.26 22.29
CA TYR N 510 -2.38 37.06 22.66
C TYR N 510 -2.32 35.85 23.59
N VAL N 511 -1.58 34.82 23.15
CA VAL N 511 -1.35 33.61 23.96
C VAL N 511 0.13 33.27 23.83
N ASN N 512 0.85 33.29 24.94
CA ASN N 512 2.30 33.01 24.83
C ASN N 512 2.57 31.53 25.17
N LEU N 513 3.78 31.09 24.84
CA LEU N 513 4.30 29.76 25.30
C LEU N 513 5.22 29.96 26.50
N FME O 1 -50.02 -14.84 22.87
CN FME O 1 -49.64 -15.86 22.11
O1 FME O 1 -49.51 -15.80 20.90
CA FME O 1 -50.32 -13.52 22.37
CB FME O 1 -51.76 -13.47 21.84
CG FME O 1 -52.71 -13.81 23.00
SD FME O 1 -54.34 -13.71 22.52
CE FME O 1 -54.42 -12.01 22.02
C FME O 1 -50.15 -12.54 23.53
O FME O 1 -50.11 -12.98 24.68
N ALA O 2 -50.03 -11.25 23.23
CA ALA O 2 -50.05 -10.25 24.28
C ALA O 2 -51.46 -10.10 24.90
N TYR O 3 -51.51 -9.67 26.14
CA TYR O 3 -52.76 -9.44 26.91
C TYR O 3 -52.76 -7.99 27.39
N PRO O 4 -53.95 -7.45 27.76
CA PRO O 4 -54.05 -6.04 28.16
C PRO O 4 -53.16 -5.70 29.35
N MET O 5 -52.50 -4.52 29.24
CA MET O 5 -51.66 -3.88 30.28
C MET O 5 -50.39 -4.71 30.53
N GLN O 6 -49.99 -5.50 29.55
CA GLN O 6 -48.79 -6.34 29.69
C GLN O 6 -47.53 -5.47 29.81
N LEU O 7 -46.62 -5.82 30.74
CA LEU O 7 -45.38 -5.06 30.98
C LEU O 7 -44.17 -5.72 30.29
N GLY O 8 -44.11 -7.05 30.31
CA GLY O 8 -42.93 -7.82 29.91
C GLY O 8 -43.20 -8.68 28.68
N PHE O 9 -42.37 -9.70 28.54
CA PHE O 9 -42.46 -10.64 27.41
C PHE O 9 -43.70 -11.50 27.57
N GLN O 10 -44.20 -11.94 26.43
CA GLN O 10 -45.18 -13.04 26.35
C GLN O 10 -44.57 -14.28 27.05
N ASP O 11 -45.40 -15.05 27.73
CA ASP O 11 -44.93 -16.29 28.40
C ASP O 11 -44.14 -17.13 27.36
N ALA O 12 -43.01 -17.67 27.76
CA ALA O 12 -42.14 -18.49 26.89
C ALA O 12 -42.85 -19.80 26.55
N THR O 13 -42.83 -20.14 25.27
CA THR O 13 -43.42 -21.40 24.78
C THR O 13 -42.31 -22.37 24.35
N SER O 14 -41.08 -21.89 24.19
CA SER O 14 -39.92 -22.70 23.71
C SER O 14 -38.83 -22.61 24.76
N PRO O 15 -37.95 -23.62 24.85
CA PRO O 15 -36.77 -23.54 25.73
C PRO O 15 -35.93 -22.29 25.46
N ILE O 16 -35.68 -21.89 24.21
N ILE O 16 -35.69 -21.95 24.17
CA ILE O 16 -34.83 -20.70 23.94
CA ILE O 16 -34.93 -20.74 23.73
C ILE O 16 -35.56 -19.43 24.43
C ILE O 16 -35.56 -19.49 24.39
N MET O 17 -36.89 -19.35 24.30
CA MET O 17 -37.59 -18.15 24.84
C MET O 17 -37.44 -18.13 26.37
N GLU O 18 -37.50 -19.29 27.04
N GLU O 18 -37.45 -19.28 27.05
CA GLU O 18 -37.27 -19.33 28.50
CA GLU O 18 -37.27 -19.24 28.53
C GLU O 18 -35.87 -18.75 28.80
C GLU O 18 -35.84 -18.80 28.87
N GLU O 19 -34.84 -19.21 28.08
CA GLU O 19 -33.44 -18.73 28.28
C GLU O 19 -33.42 -17.20 28.12
N LEU O 20 -34.11 -16.68 27.11
CA LEU O 20 -34.13 -15.23 26.84
C LEU O 20 -34.78 -14.51 28.02
N LEU O 21 -35.86 -15.05 28.61
CA LEU O 21 -36.56 -14.40 29.73
C LEU O 21 -35.58 -14.26 30.91
N HIS O 22 -34.84 -15.32 31.26
N HIS O 22 -34.86 -15.35 31.22
CA HIS O 22 -33.92 -15.28 32.42
CA HIS O 22 -33.88 -15.40 32.33
C HIS O 22 -32.77 -14.31 32.08
C HIS O 22 -32.78 -14.36 32.07
N PHE O 23 -32.27 -14.34 30.83
CA PHE O 23 -31.20 -13.43 30.39
C PHE O 23 -31.72 -11.97 30.50
N HIS O 24 -32.94 -11.70 30.03
CA HIS O 24 -33.54 -10.34 30.18
C HIS O 24 -33.67 -9.95 31.66
N ASP O 25 -34.12 -10.83 32.53
CA ASP O 25 -34.21 -10.54 33.99
C ASP O 25 -32.83 -10.11 34.53
N HIS O 26 -31.77 -10.83 34.19
CA HIS O 26 -30.37 -10.52 34.56
C HIS O 26 -30.00 -9.13 34.04
N THR O 27 -30.26 -8.85 32.77
CA THR O 27 -29.82 -7.60 32.14
C THR O 27 -30.65 -6.43 32.67
N LEU O 28 -31.93 -6.64 32.89
CA LEU O 28 -32.80 -5.55 33.40
C LEU O 28 -32.37 -5.18 34.83
N MET O 29 -31.95 -6.14 35.65
CA MET O 29 -31.46 -5.81 37.00
C MET O 29 -30.30 -4.82 36.87
N ILE O 30 -29.41 -5.05 35.93
CA ILE O 30 -28.26 -4.13 35.73
C ILE O 30 -28.74 -2.76 35.23
N VAL O 31 -29.60 -2.72 34.22
CA VAL O 31 -30.19 -1.45 33.71
C VAL O 31 -30.76 -0.66 34.90
N PHE O 32 -31.59 -1.29 35.73
N PHE O 32 -31.57 -1.28 35.75
CA PHE O 32 -32.23 -0.66 36.91
CA PHE O 32 -32.21 -0.56 36.88
C PHE O 32 -31.13 -0.10 37.84
C PHE O 32 -31.15 -0.11 37.89
N LEU O 33 -30.16 -0.94 38.18
CA LEU O 33 -29.10 -0.58 39.17
C LEU O 33 -28.29 0.62 38.63
N ILE O 34 -27.88 0.58 37.36
CA ILE O 34 -27.02 1.67 36.82
C ILE O 34 -27.82 2.97 36.72
N SER O 35 -29.03 2.91 36.19
CA SER O 35 -29.98 4.05 36.06
C SER O 35 -30.17 4.66 37.45
N SER O 36 -30.46 3.82 38.45
CA SER O 36 -30.69 4.24 39.86
C SER O 36 -29.44 4.88 40.47
N LEU O 37 -28.27 4.28 40.21
CA LEU O 37 -27.00 4.83 40.73
C LEU O 37 -26.77 6.21 40.13
N VAL O 38 -26.97 6.37 38.82
CA VAL O 38 -26.73 7.68 38.19
C VAL O 38 -27.70 8.72 38.78
N LEU O 39 -28.97 8.39 38.91
CA LEU O 39 -29.98 9.33 39.49
C LEU O 39 -29.58 9.65 40.94
N TYR O 40 -29.18 8.64 41.72
CA TYR O 40 -28.79 8.86 43.13
C TYR O 40 -27.58 9.81 43.18
N ILE O 41 -26.56 9.54 42.37
CA ILE O 41 -25.32 10.35 42.42
C ILE O 41 -25.65 11.78 41.98
N ILE O 42 -26.49 11.98 40.97
CA ILE O 42 -26.95 13.35 40.60
C ILE O 42 -27.50 14.00 41.88
N SER O 43 -28.41 13.32 42.56
CA SER O 43 -29.04 13.92 43.76
C SER O 43 -27.96 14.24 44.80
N LEU O 44 -26.99 13.35 44.98
CA LEU O 44 -25.90 13.55 45.97
C LEU O 44 -25.05 14.77 45.59
N MET O 45 -24.69 14.92 44.32
CA MET O 45 -23.85 16.07 43.90
C MET O 45 -24.61 17.39 44.15
N LEU O 46 -25.96 17.37 44.14
CA LEU O 46 -26.77 18.60 44.10
C LEU O 46 -27.26 19.01 45.50
N THR O 47 -26.90 18.29 46.55
CA THR O 47 -27.62 18.44 47.86
C THR O 47 -26.64 18.85 48.97
N THR O 48 -25.55 19.54 48.65
CA THR O 48 -24.60 20.02 49.67
C THR O 48 -24.16 21.45 49.36
N LYS O 49 -24.03 22.24 50.43
CA LYS O 49 -23.47 23.61 50.44
C LYS O 49 -21.94 23.52 50.46
N LEU O 50 -21.36 22.36 50.73
CA LEU O 50 -19.89 22.19 50.69
C LEU O 50 -19.40 22.33 49.26
N THR O 51 -18.23 22.95 49.09
CA THR O 51 -17.68 23.19 47.75
C THR O 51 -16.20 22.78 47.65
N HIS O 52 -15.82 22.48 46.43
CA HIS O 52 -14.44 22.16 46.01
C HIS O 52 -14.39 22.48 44.51
N THR O 53 -13.88 23.64 44.15
CA THR O 53 -13.93 24.20 42.77
C THR O 53 -12.54 24.29 42.15
N SER O 54 -11.51 23.94 42.90
CA SER O 54 -10.14 23.90 42.35
C SER O 54 -9.98 22.63 41.50
N THR O 55 -8.88 22.52 40.77
CA THR O 55 -8.62 21.40 39.84
C THR O 55 -8.63 20.08 40.60
N MET O 56 -9.32 19.06 40.10
CA MET O 56 -9.34 17.71 40.71
C MET O 56 -8.55 16.74 39.82
N ASP O 57 -7.76 15.86 40.43
CA ASP O 57 -7.02 14.78 39.71
C ASP O 57 -8.01 13.67 39.34
N ALA O 58 -8.00 13.24 38.09
CA ALA O 58 -8.97 12.28 37.52
C ALA O 58 -8.38 10.86 37.38
N GLN O 59 -7.06 10.70 37.53
CA GLN O 59 -6.41 9.42 37.10
C GLN O 59 -6.94 8.23 37.92
N GLU O 60 -6.85 8.30 39.23
CA GLU O 60 -7.25 7.17 40.13
C GLU O 60 -8.71 6.79 39.80
N VAL O 61 -9.62 7.75 39.74
CA VAL O 61 -11.06 7.41 39.68
C VAL O 61 -11.36 6.85 38.31
N GLU O 62 -10.57 7.18 37.27
CA GLU O 62 -10.93 6.65 35.94
C GLU O 62 -10.63 5.16 35.84
N THR O 63 -9.73 4.61 36.65
CA THR O 63 -9.55 3.14 36.71
C THR O 63 -10.87 2.47 37.10
N ILE O 64 -11.51 2.97 38.15
CA ILE O 64 -12.78 2.38 38.65
C ILE O 64 -13.84 2.47 37.54
N TRP O 65 -13.93 3.64 36.92
CA TRP O 65 -14.93 4.00 35.88
C TRP O 65 -14.79 3.20 34.61
N THR O 66 -13.64 2.58 34.36
CA THR O 66 -13.42 1.77 33.13
C THR O 66 -13.47 0.27 33.51
N ILE O 67 -12.84 -0.12 34.62
CA ILE O 67 -12.74 -1.56 34.99
C ILE O 67 -14.12 -2.09 35.40
N LEU O 68 -14.85 -1.36 36.22
CA LEU O 68 -16.13 -1.93 36.75
C LEU O 68 -17.11 -2.06 35.57
N PRO O 69 -17.31 -1.05 34.68
CA PRO O 69 -18.13 -1.28 33.48
C PRO O 69 -17.64 -2.41 32.58
N ALA O 70 -16.33 -2.56 32.41
CA ALA O 70 -15.78 -3.67 31.60
C ALA O 70 -16.22 -5.01 32.22
N ILE O 71 -16.12 -5.13 33.54
CA ILE O 71 -16.51 -6.40 34.21
C ILE O 71 -18.01 -6.63 33.96
N ILE O 72 -18.82 -5.60 34.13
CA ILE O 72 -20.30 -5.73 33.95
C ILE O 72 -20.58 -6.20 32.51
N LEU O 73 -19.96 -5.58 31.53
CA LEU O 73 -20.19 -5.95 30.12
C LEU O 73 -19.83 -7.42 29.90
N ILE O 74 -18.74 -7.90 30.48
CA ILE O 74 -18.33 -9.33 30.34
C ILE O 74 -19.43 -10.21 30.97
N LEU O 75 -19.98 -9.79 32.11
CA LEU O 75 -21.01 -10.57 32.83
C LEU O 75 -22.32 -10.58 32.03
N ILE O 76 -22.54 -9.63 31.14
CA ILE O 76 -23.71 -9.66 30.21
C ILE O 76 -23.37 -10.51 28.99
N ALA O 77 -22.19 -10.30 28.41
CA ALA O 77 -21.80 -10.96 27.14
C ALA O 77 -21.70 -12.48 27.31
N LEU O 78 -21.19 -13.01 28.43
CA LEU O 78 -20.98 -14.46 28.59
C LEU O 78 -22.32 -15.20 28.42
N PRO O 79 -23.36 -14.91 29.22
CA PRO O 79 -24.66 -15.59 29.01
C PRO O 79 -25.32 -15.23 27.66
N SER O 80 -25.20 -13.98 27.19
CA SER O 80 -25.73 -13.54 25.88
C SER O 80 -25.23 -14.45 24.74
N LEU O 81 -23.93 -14.68 24.72
CA LEU O 81 -23.26 -15.45 23.66
C LEU O 81 -23.51 -16.95 23.87
N ARG O 82 -23.64 -17.41 25.10
CA ARG O 82 -24.04 -18.83 25.37
C ARG O 82 -25.38 -19.07 24.67
N ILE O 83 -26.35 -18.16 24.86
CA ILE O 83 -27.69 -18.35 24.22
C ILE O 83 -27.56 -18.23 22.70
N LEU O 84 -26.78 -17.28 22.21
CA LEU O 84 -26.55 -17.11 20.74
C LEU O 84 -26.10 -18.45 20.12
N TYR O 85 -25.08 -19.08 20.69
CA TYR O 85 -24.56 -20.37 20.19
C TYR O 85 -25.59 -21.49 20.39
N MET O 86 -26.34 -21.52 21.49
CA MET O 86 -27.46 -22.50 21.66
C MET O 86 -28.47 -22.39 20.50
N MET O 87 -28.84 -21.17 20.10
N MET O 87 -28.95 -21.18 20.18
CA MET O 87 -29.85 -20.90 19.04
CA MET O 87 -29.86 -20.93 19.02
C MET O 87 -29.26 -21.21 17.65
C MET O 87 -29.27 -21.66 17.79
N ASP O 88 -27.96 -21.53 17.57
CA ASP O 88 -27.29 -21.97 16.31
C ASP O 88 -26.93 -23.47 16.34
N GLU O 89 -26.91 -24.13 17.50
CA GLU O 89 -26.49 -25.56 17.68
C GLU O 89 -27.18 -26.47 16.66
N ILE O 90 -26.45 -27.45 16.12
CA ILE O 90 -26.98 -28.48 15.20
C ILE O 90 -28.11 -29.16 15.96
N ASN O 91 -29.27 -29.29 15.33
CA ASN O 91 -30.20 -30.33 15.76
C ASN O 91 -30.61 -31.09 14.51
N ASN O 92 -31.32 -32.20 14.74
CA ASN O 92 -31.91 -33.05 13.68
C ASN O 92 -33.39 -32.71 13.68
N PRO O 93 -33.85 -31.81 12.79
CA PRO O 93 -35.29 -31.56 12.67
C PRO O 93 -35.92 -32.82 12.10
N SER O 94 -37.19 -33.03 12.42
CA SER O 94 -37.96 -34.16 11.88
C SER O 94 -38.93 -33.66 10.82
N LEU O 95 -38.99 -32.35 10.59
CA LEU O 95 -39.94 -31.66 9.68
C LEU O 95 -39.31 -30.37 9.17
N THR O 96 -39.49 -30.07 7.89
CA THR O 96 -39.17 -28.75 7.29
C THR O 96 -40.46 -28.15 6.73
N VAL O 97 -40.70 -26.91 7.09
CA VAL O 97 -41.80 -26.08 6.55
C VAL O 97 -41.16 -24.80 6.02
N LYS O 98 -41.58 -24.40 4.81
CA LYS O 98 -41.27 -23.09 4.22
C LYS O 98 -42.43 -22.12 4.42
N THR O 99 -42.09 -20.84 4.63
CA THR O 99 -43.05 -19.74 4.55
C THR O 99 -42.51 -18.73 3.57
N MET O 100 -43.41 -18.27 2.69
CA MET O 100 -43.07 -17.16 1.76
C MET O 100 -43.92 -15.96 2.15
N GLY O 101 -43.28 -14.83 2.39
CA GLY O 101 -43.92 -13.53 2.50
C GLY O 101 -44.43 -13.01 1.17
N HIS O 102 -45.59 -12.37 1.21
CA HIS O 102 -46.23 -11.65 0.10
C HIS O 102 -46.88 -10.37 0.64
N GLN O 103 -47.05 -9.40 -0.25
CA GLN O 103 -47.98 -8.26 -0.02
C GLN O 103 -49.43 -8.72 -0.18
N TRP O 104 -50.22 -8.91 0.88
CA TRP O 104 -49.92 -8.86 2.30
C TRP O 104 -50.55 -10.12 2.97
N TYR O 105 -49.82 -11.22 2.92
CA TYR O 105 -50.23 -12.51 3.49
C TYR O 105 -49.02 -13.43 3.46
N TRP O 106 -49.12 -14.55 4.14
CA TRP O 106 -48.04 -15.57 4.15
C TRP O 106 -48.56 -16.80 3.41
N SER O 107 -47.66 -17.46 2.70
CA SER O 107 -47.95 -18.83 2.20
C SER O 107 -47.01 -19.82 2.88
N TYR O 108 -47.46 -21.06 3.01
CA TYR O 108 -46.74 -22.15 3.71
C TYR O 108 -46.62 -23.35 2.76
N GLU O 109 -45.48 -24.01 2.82
CA GLU O 109 -45.17 -25.18 1.97
C GLU O 109 -44.65 -26.30 2.86
N TYR O 110 -45.29 -27.46 2.81
CA TYR O 110 -44.87 -28.68 3.54
C TYR O 110 -44.53 -29.68 2.45
N THR O 111 -43.28 -29.73 2.02
CA THR O 111 -42.90 -30.48 0.78
C THR O 111 -41.91 -31.59 1.13
N ASP O 112 -41.86 -32.00 2.40
CA ASP O 112 -41.05 -33.20 2.79
C ASP O 112 -41.52 -34.44 2.03
N TYR O 113 -42.83 -34.68 1.91
CA TYR O 113 -43.40 -35.93 1.35
C TYR O 113 -44.47 -35.58 0.32
N GLU O 114 -45.41 -34.73 0.68
CA GLU O 114 -46.53 -34.32 -0.20
C GLU O 114 -46.19 -32.91 -0.69
N ASP O 115 -46.78 -32.47 -1.78
CA ASP O 115 -46.65 -31.07 -2.21
C ASP O 115 -47.84 -30.33 -1.61
N LEU O 116 -47.81 -30.07 -0.31
CA LEU O 116 -48.92 -29.32 0.34
C LEU O 116 -48.52 -27.85 0.41
N SER O 117 -49.39 -26.96 -0.03
CA SER O 117 -49.15 -25.52 0.18
C SER O 117 -50.47 -24.82 0.29
N PHE O 118 -50.45 -23.67 0.96
CA PHE O 118 -51.68 -22.87 1.15
C PHE O 118 -51.28 -21.47 1.53
N ASP O 119 -52.24 -20.59 1.41
CA ASP O 119 -52.12 -19.15 1.74
C ASP O 119 -52.80 -18.90 3.08
N SER O 120 -52.34 -17.88 3.80
CA SER O 120 -52.75 -17.56 5.19
C SER O 120 -52.99 -16.05 5.27
N TYR O 121 -54.27 -15.69 5.27
CA TYR O 121 -54.72 -14.29 5.22
C TYR O 121 -55.36 -13.91 6.56
N MET O 122 -55.16 -12.66 6.95
CA MET O 122 -55.81 -12.09 8.13
C MET O 122 -57.34 -12.22 7.99
N ILE O 123 -58.03 -12.53 9.07
CA ILE O 123 -59.52 -12.40 9.09
C ILE O 123 -59.87 -10.93 9.29
N PRO O 124 -60.55 -10.28 8.30
CA PRO O 124 -61.06 -8.93 8.48
C PRO O 124 -61.92 -8.82 9.73
N THR O 125 -61.86 -7.65 10.37
CA THR O 125 -62.59 -7.35 11.61
C THR O 125 -64.09 -7.63 11.40
N SER O 126 -64.63 -7.31 10.24
CA SER O 126 -66.08 -7.48 9.94
C SER O 126 -66.45 -8.98 9.82
N GLU O 127 -65.47 -9.91 9.71
CA GLU O 127 -65.70 -11.37 9.53
C GLU O 127 -65.30 -12.17 10.77
N LEU O 128 -64.78 -11.53 11.82
CA LEU O 128 -64.31 -12.26 13.02
C LEU O 128 -65.50 -12.98 13.64
N LYS O 129 -65.27 -14.21 14.05
CA LYS O 129 -66.27 -15.00 14.80
C LYS O 129 -66.22 -14.51 16.24
N PRO O 130 -67.34 -14.54 16.96
CA PRO O 130 -67.37 -14.02 18.33
C PRO O 130 -66.24 -14.54 19.23
N GLY O 131 -65.53 -13.62 19.90
CA GLY O 131 -64.40 -13.96 20.78
C GLY O 131 -63.08 -14.09 20.02
N GLU O 132 -63.04 -13.95 18.70
CA GLU O 132 -61.78 -14.04 17.91
C GLU O 132 -61.06 -12.69 17.99
N LEU O 133 -59.77 -12.67 17.69
CA LEU O 133 -58.91 -11.50 18.00
C LEU O 133 -58.72 -10.59 16.79
N ARG O 134 -59.00 -9.31 16.97
CA ARG O 134 -58.82 -8.27 15.93
C ARG O 134 -57.33 -8.23 15.50
N LEU O 135 -57.11 -8.30 14.19
CA LEU O 135 -55.82 -8.16 13.48
C LEU O 135 -54.93 -9.40 13.63
N LEU O 136 -55.35 -10.46 14.33
CA LEU O 136 -54.43 -11.57 14.66
C LEU O 136 -54.86 -12.89 14.03
N GLU O 137 -56.15 -13.09 13.77
CA GLU O 137 -56.59 -14.41 13.25
C GLU O 137 -56.29 -14.51 11.75
N VAL O 138 -56.10 -15.74 11.31
CA VAL O 138 -55.95 -16.08 9.88
C VAL O 138 -56.94 -17.20 9.55
N ASP O 139 -57.14 -17.35 8.26
CA ASP O 139 -58.05 -18.37 7.69
C ASP O 139 -57.42 -19.76 7.81
N ASN O 140 -56.13 -19.87 7.50
CA ASN O 140 -55.39 -21.15 7.45
C ASN O 140 -54.19 -21.03 8.39
N ARG O 141 -54.26 -21.69 9.55
CA ARG O 141 -53.17 -21.67 10.54
C ARG O 141 -52.04 -22.61 10.13
N VAL O 142 -50.88 -22.38 10.73
CA VAL O 142 -49.67 -23.19 10.47
C VAL O 142 -49.73 -24.37 11.43
N VAL O 143 -50.28 -25.49 10.96
CA VAL O 143 -50.40 -26.71 11.80
C VAL O 143 -49.01 -27.34 11.90
N LEU O 144 -48.59 -27.62 13.14
CA LEU O 144 -47.25 -28.16 13.47
C LEU O 144 -47.37 -29.12 14.64
N PRO O 145 -46.48 -30.13 14.68
CA PRO O 145 -46.38 -31.01 15.84
C PRO O 145 -45.64 -30.33 17.00
N MET O 146 -46.21 -30.43 18.19
CA MET O 146 -45.57 -29.99 19.45
C MET O 146 -44.41 -30.95 19.85
N GLU O 147 -43.52 -30.44 20.69
CA GLU O 147 -42.43 -31.19 21.36
C GLU O 147 -41.54 -31.83 20.29
N MET O 148 -41.45 -31.21 19.12
CA MET O 148 -40.57 -31.71 18.05
C MET O 148 -39.79 -30.55 17.42
N THR O 149 -38.55 -30.85 17.07
CA THR O 149 -37.66 -29.88 16.41
C THR O 149 -38.12 -29.72 14.96
N ILE O 150 -38.49 -28.49 14.59
CA ILE O 150 -38.95 -28.14 13.21
C ILE O 150 -38.00 -27.10 12.59
N ARG O 151 -37.61 -27.37 11.35
CA ARG O 151 -36.87 -26.39 10.52
C ARG O 151 -37.87 -25.53 9.78
N MET O 152 -37.87 -24.22 10.07
CA MET O 152 -38.67 -23.23 9.29
C MET O 152 -37.68 -22.55 8.35
N LEU O 153 -38.02 -22.51 7.07
CA LEU O 153 -37.30 -21.75 6.04
C LEU O 153 -38.18 -20.58 5.61
N VAL O 154 -37.58 -19.40 5.54
CA VAL O 154 -38.32 -18.13 5.33
C VAL O 154 -37.75 -17.43 4.09
N SER O 155 -38.63 -17.06 3.17
CA SER O 155 -38.28 -16.17 2.06
C SER O 155 -39.48 -15.29 1.71
N SER O 156 -39.34 -14.54 0.63
CA SER O 156 -40.37 -13.60 0.14
C SER O 156 -40.49 -13.74 -1.37
N GLU O 157 -41.70 -13.53 -1.91
CA GLU O 157 -41.88 -13.42 -3.38
C GLU O 157 -42.01 -11.97 -3.81
N ASP O 158 -41.82 -10.97 -2.93
CA ASP O 158 -41.91 -9.56 -3.40
C ASP O 158 -40.91 -8.72 -2.60
N VAL O 159 -41.37 -8.01 -1.60
CA VAL O 159 -40.54 -7.05 -0.83
C VAL O 159 -40.05 -7.75 0.44
N LEU O 160 -39.33 -7.04 1.30
CA LEU O 160 -38.95 -7.63 2.61
C LEU O 160 -40.22 -7.80 3.47
N HIS O 161 -40.31 -8.91 4.15
CA HIS O 161 -41.19 -9.13 5.31
C HIS O 161 -40.33 -9.66 6.46
N SER O 162 -40.94 -9.96 7.58
CA SER O 162 -40.21 -10.66 8.65
C SER O 162 -41.20 -11.53 9.42
N TRP O 163 -40.84 -12.82 9.55
CA TRP O 163 -41.70 -13.86 10.14
C TRP O 163 -41.40 -13.96 11.63
N ALA O 164 -42.35 -13.53 12.48
CA ALA O 164 -42.12 -13.43 13.92
C ALA O 164 -43.17 -14.22 14.70
N VAL O 165 -42.72 -14.88 15.77
CA VAL O 165 -43.61 -15.48 16.80
C VAL O 165 -42.98 -15.23 18.16
N PRO O 166 -43.34 -14.12 18.83
CA PRO O 166 -42.65 -13.72 20.06
C PRO O 166 -42.63 -14.80 21.13
N SER O 167 -43.73 -15.54 21.31
CA SER O 167 -43.73 -16.48 22.44
C SER O 167 -42.77 -17.65 22.18
N LEU O 168 -42.33 -17.87 20.95
CA LEU O 168 -41.33 -18.92 20.67
C LEU O 168 -39.92 -18.32 20.51
N GLY O 169 -39.76 -16.99 20.62
CA GLY O 169 -38.47 -16.36 20.49
C GLY O 169 -38.03 -16.27 19.05
N LEU O 170 -38.96 -16.18 18.10
CA LEU O 170 -38.64 -16.27 16.66
C LEU O 170 -38.83 -14.93 15.94
N LYS O 171 -37.88 -14.58 15.09
CA LYS O 171 -38.00 -13.46 14.12
C LYS O 171 -36.92 -13.65 13.06
N THR O 172 -37.35 -14.03 11.88
CA THR O 172 -36.46 -14.25 10.74
C THR O 172 -36.95 -13.41 9.54
N ASP O 173 -36.06 -12.59 9.00
CA ASP O 173 -36.42 -11.75 7.84
C ASP O 173 -36.67 -12.66 6.63
N ALA O 174 -37.64 -12.21 5.83
CA ALA O 174 -38.13 -12.83 4.58
C ALA O 174 -37.60 -11.96 3.45
N ILE O 175 -36.57 -12.42 2.77
CA ILE O 175 -35.83 -11.62 1.76
C ILE O 175 -35.93 -12.36 0.44
N PRO O 176 -36.41 -11.71 -0.64
CA PRO O 176 -36.50 -12.39 -1.92
C PRO O 176 -35.10 -12.82 -2.40
N GLY O 177 -35.03 -14.03 -2.93
CA GLY O 177 -33.78 -14.62 -3.42
C GLY O 177 -32.94 -15.25 -2.34
N ARG O 178 -33.42 -15.30 -1.12
CA ARG O 178 -32.66 -15.81 0.05
C ARG O 178 -33.57 -16.76 0.82
N LEU O 179 -33.01 -17.84 1.30
CA LEU O 179 -33.72 -18.83 2.12
C LEU O 179 -33.10 -18.80 3.51
N ASN O 180 -33.76 -18.16 4.46
CA ASN O 180 -33.28 -18.05 5.85
C ASN O 180 -33.87 -19.17 6.71
N GLN O 181 -33.04 -19.77 7.54
CA GLN O 181 -33.43 -20.91 8.39
C GLN O 181 -33.59 -20.46 9.85
N THR O 182 -34.60 -20.98 10.51
CA THR O 182 -34.68 -20.94 11.99
C THR O 182 -35.20 -22.30 12.47
N THR O 183 -35.05 -22.58 13.75
CA THR O 183 -35.56 -23.79 14.41
C THR O 183 -36.73 -23.35 15.31
N LEU O 184 -37.75 -24.15 15.32
CA LEU O 184 -38.99 -23.96 16.08
C LEU O 184 -39.16 -25.22 16.94
N MET O 185 -39.38 -25.07 18.23
CA MET O 185 -39.71 -26.22 19.13
C MET O 185 -40.72 -25.69 20.17
N SER O 186 -41.96 -26.15 20.17
CA SER O 186 -42.97 -25.73 21.17
C SER O 186 -43.08 -26.79 22.26
N SER O 187 -42.97 -26.34 23.51
CA SER O 187 -43.13 -27.17 24.73
C SER O 187 -44.59 -27.53 24.96
N ARG O 188 -45.52 -26.85 24.28
CA ARG O 188 -46.97 -26.95 24.59
C ARG O 188 -47.79 -26.96 23.31
N PRO O 189 -48.99 -27.58 23.36
CA PRO O 189 -49.97 -27.38 22.31
C PRO O 189 -50.52 -25.95 22.41
N GLY O 190 -51.25 -25.52 21.40
CA GLY O 190 -52.07 -24.30 21.50
C GLY O 190 -51.94 -23.46 20.27
N LEU O 191 -52.34 -22.19 20.38
CA LEU O 191 -52.27 -21.21 19.27
C LEU O 191 -51.25 -20.14 19.63
N TYR O 192 -50.29 -19.89 18.74
CA TYR O 192 -49.18 -18.94 19.00
C TYR O 192 -49.15 -17.94 17.84
N TYR O 193 -49.21 -16.67 18.20
CA TYR O 193 -49.46 -15.54 17.27
C TYR O 193 -48.19 -14.72 17.09
N GLY O 194 -48.07 -14.17 15.90
CA GLY O 194 -47.07 -13.16 15.56
C GLY O 194 -47.51 -12.29 14.42
N GLN O 195 -46.70 -11.31 14.07
CA GLN O 195 -47.06 -10.26 13.09
C GLN O 195 -45.86 -9.91 12.20
N CYS O 196 -46.14 -9.52 10.97
CA CYS O 196 -45.10 -9.16 10.01
C CYS O 196 -44.19 -8.09 10.61
N SER O 197 -42.88 -8.32 10.60
CA SER O 197 -41.92 -7.45 11.35
C SER O 197 -40.88 -6.79 10.44
N GLU O 198 -41.24 -6.54 9.18
CA GLU O 198 -40.50 -5.59 8.30
C GLU O 198 -41.51 -4.86 7.41
N ILE O 199 -41.36 -3.51 7.48
CA ILE O 199 -42.25 -2.60 6.72
C ILE O 199 -42.28 -3.06 5.26
N CYS O 200 -43.49 -3.30 4.75
CA CYS O 200 -43.72 -4.02 3.46
C CYS O 200 -44.86 -3.35 2.67
N GLY O 201 -45.27 -2.13 3.07
CA GLY O 201 -46.23 -1.32 2.31
C GLY O 201 -47.60 -1.24 3.00
N SER O 202 -48.63 -1.13 2.18
CA SER O 202 -50.02 -0.73 2.55
C SER O 202 -50.58 -1.52 3.74
N ASN O 203 -50.34 -2.82 3.79
CA ASN O 203 -51.02 -3.73 4.75
C ASN O 203 -50.02 -4.47 5.64
N HIS O 204 -48.86 -3.86 5.90
CA HIS O 204 -47.80 -4.34 6.83
C HIS O 204 -48.43 -4.72 8.18
N SER O 205 -49.39 -3.92 8.68
CA SER O 205 -50.03 -4.12 10.01
C SER O 205 -50.98 -5.34 9.99
N PHE O 206 -51.25 -5.91 8.82
CA PHE O 206 -52.43 -6.77 8.58
C PHE O 206 -52.04 -8.09 7.89
N MET O 207 -50.89 -8.68 8.26
CA MET O 207 -50.54 -10.00 7.72
C MET O 207 -49.90 -10.83 8.82
N PRO O 208 -50.74 -11.29 9.77
CA PRO O 208 -50.28 -12.04 10.93
C PRO O 208 -49.96 -13.51 10.63
N ILE O 209 -49.33 -14.09 11.63
CA ILE O 209 -48.85 -15.49 11.68
C ILE O 209 -49.59 -16.18 12.84
N VAL O 210 -50.18 -17.34 12.57
CA VAL O 210 -50.79 -18.14 13.66
C VAL O 210 -50.31 -19.58 13.52
N LEU O 211 -49.61 -20.08 14.53
CA LEU O 211 -49.19 -21.49 14.64
C LEU O 211 -50.27 -22.23 15.42
N GLU O 212 -50.55 -23.44 14.98
CA GLU O 212 -51.45 -24.35 15.72
C GLU O 212 -50.63 -25.59 16.06
N LEU O 213 -50.27 -25.74 17.32
CA LEU O 213 -49.37 -26.82 17.83
C LEU O 213 -50.25 -27.93 18.40
N VAL O 214 -50.08 -29.13 17.86
CA VAL O 214 -50.94 -30.31 18.18
C VAL O 214 -50.01 -31.52 18.36
N PRO O 215 -50.47 -32.60 19.01
CA PRO O 215 -49.64 -33.80 19.12
C PRO O 215 -49.32 -34.36 17.73
N LEU O 216 -48.18 -35.05 17.62
CA LEU O 216 -47.74 -35.66 16.35
C LEU O 216 -48.88 -36.47 15.68
N LYS O 217 -49.60 -37.33 16.41
CA LYS O 217 -50.69 -38.16 15.81
C LYS O 217 -51.69 -37.25 15.10
N TYR O 218 -52.03 -36.10 15.69
CA TYR O 218 -53.01 -35.15 15.11
C TYR O 218 -52.39 -34.41 13.93
N PHE O 219 -51.10 -34.08 14.00
CA PHE O 219 -50.38 -33.52 12.84
C PHE O 219 -50.40 -34.51 11.67
N GLU O 220 -50.13 -35.79 11.93
CA GLU O 220 -50.15 -36.87 10.88
C GLU O 220 -51.54 -37.01 10.27
N LYS O 221 -52.60 -37.01 11.09
CA LYS O 221 -54.02 -37.14 10.61
C LYS O 221 -54.30 -35.91 9.75
N TRP O 222 -53.90 -34.72 10.20
CA TRP O 222 -54.09 -33.47 9.41
C TRP O 222 -53.35 -33.58 8.06
N SER O 223 -52.07 -33.98 8.06
CA SER O 223 -51.27 -34.19 6.81
C SER O 223 -51.96 -35.19 5.88
N ALA O 224 -52.41 -36.32 6.42
CA ALA O 224 -53.05 -37.40 5.62
C ALA O 224 -54.35 -36.87 4.98
N SER O 225 -55.10 -36.01 5.68
CA SER O 225 -56.40 -35.45 5.22
C SER O 225 -56.19 -34.52 4.03
N MET O 226 -54.95 -34.10 3.78
CA MET O 226 -54.61 -33.06 2.78
C MET O 226 -54.36 -33.70 1.41
N LEU O 227 -54.27 -35.04 1.38
CA LEU O 227 -54.03 -35.86 0.15
C LEU O 227 -55.25 -35.77 -0.77
N GLN P 4 -7.45 44.27 10.18
CA GLN P 4 -7.05 42.96 10.76
C GLN P 4 -5.53 42.89 11.05
N THR P 5 -5.19 42.18 12.10
CA THR P 5 -3.76 41.84 12.38
C THR P 5 -3.62 40.32 12.52
N HIS P 6 -4.51 39.57 11.86
CA HIS P 6 -4.31 38.12 11.53
C HIS P 6 -4.09 37.98 10.02
N ALA P 7 -3.72 36.76 9.60
CA ALA P 7 -3.31 36.45 8.22
C ALA P 7 -4.46 35.80 7.42
N TYR P 8 -5.68 35.77 7.95
CA TYR P 8 -6.79 34.97 7.34
C TYR P 8 -7.64 35.86 6.45
N HIS P 9 -8.42 35.19 5.59
CA HIS P 9 -9.09 35.85 4.46
C HIS P 9 -10.55 36.07 4.81
N MET P 10 -10.95 37.33 4.98
CA MET P 10 -12.37 37.72 5.13
C MET P 10 -12.92 37.94 3.73
N VAL P 11 -13.78 37.03 3.29
CA VAL P 11 -14.24 36.95 1.88
C VAL P 11 -15.38 37.95 1.67
N ASN P 12 -15.35 38.64 0.54
CA ASN P 12 -16.43 39.57 0.16
C ASN P 12 -17.74 38.80 0.07
N PRO P 13 -18.86 39.38 0.54
CA PRO P 13 -20.17 38.76 0.34
C PRO P 13 -20.36 38.35 -1.12
N SER P 14 -20.85 37.13 -1.32
CA SER P 14 -20.84 36.43 -2.62
C SER P 14 -22.19 35.79 -2.92
N PRO P 15 -22.66 35.89 -4.18
CA PRO P 15 -23.88 35.21 -4.64
C PRO P 15 -23.69 33.73 -5.03
N TRP P 16 -22.43 33.27 -5.16
CA TRP P 16 -22.21 31.94 -5.78
C TRP P 16 -22.68 30.81 -4.88
N PRO P 17 -22.59 30.88 -3.53
CA PRO P 17 -23.19 29.82 -2.72
C PRO P 17 -24.68 29.59 -3.03
N LEU P 18 -25.43 30.66 -3.13
CA LEU P 18 -26.88 30.60 -3.41
C LEU P 18 -27.09 30.07 -4.84
N THR P 19 -26.37 30.59 -5.83
CA THR P 19 -26.55 30.09 -7.21
C THR P 19 -26.12 28.62 -7.28
N GLY P 20 -25.10 28.21 -6.51
CA GLY P 20 -24.69 26.78 -6.50
C GLY P 20 -25.78 25.92 -5.88
N ALA P 21 -26.33 26.35 -4.75
CA ALA P 21 -27.41 25.60 -4.06
C ALA P 21 -28.62 25.50 -4.99
N LEU P 22 -29.00 26.58 -5.65
CA LEU P 22 -30.16 26.52 -6.57
C LEU P 22 -29.83 25.63 -7.79
N SER P 23 -28.59 25.64 -8.29
N SER P 23 -28.60 25.66 -8.31
CA SER P 23 -28.17 24.76 -9.41
CA SER P 23 -28.16 24.74 -9.39
C SER P 23 -28.33 23.29 -8.97
C SER P 23 -28.42 23.31 -8.94
N ALA P 24 -28.09 22.97 -7.68
CA ALA P 24 -28.29 21.61 -7.14
C ALA P 24 -29.78 21.26 -7.19
N LEU P 25 -30.65 22.17 -6.78
CA LEU P 25 -32.10 21.96 -6.83
C LEU P 25 -32.54 21.69 -8.28
N LEU P 26 -32.04 22.48 -9.21
CA LEU P 26 -32.45 22.38 -10.64
C LEU P 26 -31.91 21.07 -11.25
N MET P 27 -30.71 20.64 -10.89
CA MET P 27 -30.15 19.39 -11.46
C MET P 27 -30.94 18.19 -10.90
N THR P 28 -31.31 18.21 -9.63
CA THR P 28 -31.98 17.06 -8.98
C THR P 28 -33.46 16.99 -9.40
N SER P 29 -34.18 18.09 -9.28
CA SER P 29 -35.56 18.20 -9.80
C SER P 29 -35.52 17.91 -11.34
N GLY P 30 -34.46 18.35 -12.04
CA GLY P 30 -34.29 18.10 -13.47
C GLY P 30 -34.13 16.61 -13.78
N LEU P 31 -33.31 15.91 -13.01
CA LEU P 31 -33.14 14.44 -13.20
C LEU P 31 -34.48 13.76 -12.95
N THR P 32 -35.23 14.23 -11.96
CA THR P 32 -36.56 13.66 -11.63
C THR P 32 -37.50 13.85 -12.83
N MET P 33 -37.52 15.05 -13.43
N MET P 33 -37.56 15.05 -13.42
CA MET P 33 -38.40 15.43 -14.55
CA MET P 33 -38.43 15.29 -14.59
C MET P 33 -37.96 14.67 -15.83
C MET P 33 -37.99 14.38 -15.73
N TRP P 34 -36.67 14.28 -15.94
CA TRP P 34 -36.14 13.47 -17.04
C TRP P 34 -36.52 11.99 -16.88
N PHE P 35 -36.39 11.44 -15.69
CA PHE P 35 -36.70 10.02 -15.41
C PHE P 35 -38.21 9.77 -15.40
N HIS P 36 -39.04 10.74 -15.06
CA HIS P 36 -40.48 10.48 -14.76
C HIS P 36 -41.46 11.25 -15.64
N PHE P 37 -41.07 12.39 -16.17
CA PHE P 37 -42.02 13.31 -16.85
C PHE P 37 -41.49 13.66 -18.24
N ASN P 38 -40.59 12.83 -18.76
CA ASN P 38 -40.13 12.78 -20.16
C ASN P 38 -39.60 14.16 -20.63
N SER P 39 -38.79 14.86 -19.85
CA SER P 39 -38.40 16.25 -20.19
C SER P 39 -37.02 16.59 -19.63
N MET P 40 -36.18 17.20 -20.46
CA MET P 40 -34.78 17.52 -20.06
C MET P 40 -34.64 19.00 -19.70
N THR P 41 -35.70 19.79 -19.76
CA THR P 41 -35.57 21.26 -19.67
C THR P 41 -34.91 21.72 -18.34
N LEU P 42 -35.48 21.35 -17.21
CA LEU P 42 -35.01 21.77 -15.87
C LEU P 42 -33.56 21.30 -15.73
N LEU P 43 -33.28 20.05 -16.13
CA LEU P 43 -31.92 19.48 -16.04
C LEU P 43 -30.92 20.34 -16.81
N MET P 44 -31.24 20.76 -18.04
N MET P 44 -31.25 20.73 -18.05
CA MET P 44 -30.28 21.57 -18.84
CA MET P 44 -30.37 21.61 -18.88
C MET P 44 -30.10 22.97 -18.19
C MET P 44 -30.10 22.93 -18.14
N ILE P 45 -31.14 23.51 -17.54
CA ILE P 45 -31.01 24.82 -16.84
C ILE P 45 -30.07 24.61 -15.66
N GLY P 46 -30.31 23.53 -14.92
CA GLY P 46 -29.46 23.21 -13.76
C GLY P 46 -28.00 23.02 -14.13
N LEU P 47 -27.73 22.26 -15.19
CA LEU P 47 -26.33 22.02 -15.62
C LEU P 47 -25.71 23.37 -16.00
N THR P 48 -26.47 24.22 -16.70
CA THR P 48 -25.95 25.55 -17.14
C THR P 48 -25.61 26.41 -15.92
N THR P 49 -26.51 26.50 -14.96
CA THR P 49 -26.29 27.35 -13.78
C THR P 49 -25.16 26.78 -12.92
N ASN P 50 -25.00 25.47 -12.89
CA ASN P 50 -23.90 24.83 -12.14
C ASN P 50 -22.56 25.25 -12.76
N MET P 51 -22.44 25.15 -14.09
N MET P 51 -22.45 25.16 -14.09
CA MET P 51 -21.18 25.52 -14.79
CA MET P 51 -21.19 25.52 -14.80
C MET P 51 -20.91 27.02 -14.60
C MET P 51 -20.91 27.01 -14.61
N LEU P 52 -21.93 27.87 -14.71
CA LEU P 52 -21.77 29.32 -14.51
C LEU P 52 -21.28 29.58 -13.07
N THR P 53 -21.86 28.88 -12.09
CA THR P 53 -21.51 29.08 -10.68
C THR P 53 -20.05 28.69 -10.44
N MET P 54 -19.65 27.52 -10.92
N MET P 54 -19.64 27.50 -10.89
CA MET P 54 -18.26 26.99 -10.74
CA MET P 54 -18.24 27.02 -10.73
C MET P 54 -17.26 27.94 -11.44
C MET P 54 -17.29 28.05 -11.40
N TYR P 55 -17.58 28.44 -12.62
CA TYR P 55 -16.71 29.33 -13.38
C TYR P 55 -16.49 30.61 -12.56
N GLN P 56 -17.58 31.22 -12.10
CA GLN P 56 -17.46 32.54 -11.42
C GLN P 56 -16.82 32.36 -10.03
N TRP P 57 -17.16 31.29 -9.30
CA TRP P 57 -16.61 31.07 -7.94
C TRP P 57 -15.08 30.89 -8.02
N TRP P 58 -14.62 30.02 -8.91
CA TRP P 58 -13.16 29.77 -9.03
C TRP P 58 -12.44 30.94 -9.71
N ARG P 59 -13.10 31.64 -10.62
CA ARG P 59 -12.56 32.91 -11.11
C ARG P 59 -12.29 33.85 -9.93
N ASP P 60 -13.26 33.97 -9.01
CA ASP P 60 -13.10 34.90 -7.87
C ASP P 60 -11.94 34.44 -6.98
N VAL P 61 -11.77 33.13 -6.80
CA VAL P 61 -10.65 32.61 -5.95
C VAL P 61 -9.31 33.02 -6.60
N ILE P 62 -9.25 32.96 -7.92
CA ILE P 62 -8.04 33.44 -8.67
C ILE P 62 -7.87 34.95 -8.46
N ARG P 63 -8.94 35.72 -8.60
CA ARG P 63 -8.83 37.18 -8.34
C ARG P 63 -8.29 37.42 -6.92
N GLU P 64 -8.81 36.69 -5.95
CA GLU P 64 -8.49 36.94 -4.52
C GLU P 64 -7.03 36.61 -4.23
N SER P 65 -6.46 35.67 -4.96
CA SER P 65 -5.13 35.10 -4.66
C SER P 65 -4.08 35.73 -5.60
N THR P 66 -4.10 35.39 -6.88
CA THR P 66 -3.11 35.91 -7.87
C THR P 66 -3.21 37.43 -7.94
N PHE P 67 -4.43 38.00 -7.96
CA PHE P 67 -4.58 39.45 -8.26
C PHE P 67 -4.64 40.28 -6.98
N GLN P 68 -5.16 39.76 -5.86
CA GLN P 68 -5.37 40.60 -4.65
C GLN P 68 -4.42 40.24 -3.49
N GLY P 69 -3.73 39.10 -3.54
CA GLY P 69 -2.73 38.74 -2.53
C GLY P 69 -3.29 38.18 -1.22
N HIS P 70 -4.52 37.64 -1.18
CA HIS P 70 -5.13 37.19 0.09
C HIS P 70 -4.60 35.84 0.53
N HIS P 71 -3.88 35.09 -0.31
CA HIS P 71 -3.45 33.72 0.08
C HIS P 71 -2.09 33.82 0.75
N THR P 72 -2.11 34.21 2.02
CA THR P 72 -0.97 34.09 2.95
C THR P 72 -0.66 32.61 3.15
N PRO P 73 0.50 32.31 3.73
CA PRO P 73 0.82 30.93 4.09
C PRO P 73 -0.27 30.23 4.94
N ALA P 74 -0.88 30.94 5.87
CA ALA P 74 -1.92 30.37 6.75
C ALA P 74 -3.13 29.99 5.87
N VAL P 75 -3.52 30.87 4.94
CA VAL P 75 -4.65 30.58 4.03
C VAL P 75 -4.32 29.36 3.17
N GLN P 76 -3.12 29.35 2.61
CA GLN P 76 -2.67 28.24 1.74
C GLN P 76 -2.71 26.90 2.53
N LYS P 77 -2.29 26.90 3.80
CA LYS P 77 -2.26 25.70 4.67
C LYS P 77 -3.70 25.22 4.83
N GLY P 78 -4.65 26.15 5.04
CA GLY P 78 -6.07 25.76 5.10
C GLY P 78 -6.56 25.10 3.82
N LEU P 79 -6.25 25.67 2.67
CA LEU P 79 -6.65 25.09 1.38
C LEU P 79 -6.06 23.69 1.21
N ARG P 80 -4.82 23.46 1.67
CA ARG P 80 -4.19 22.14 1.62
C ARG P 80 -5.05 21.13 2.40
N TYR P 81 -5.40 21.46 3.63
CA TYR P 81 -6.25 20.58 4.44
C TYR P 81 -7.58 20.35 3.70
N GLY P 82 -8.18 21.42 3.18
CA GLY P 82 -9.49 21.31 2.54
C GLY P 82 -9.44 20.32 1.38
N MET P 83 -8.39 20.38 0.56
CA MET P 83 -8.30 19.50 -0.61
C MET P 83 -8.04 18.06 -0.17
N ILE P 84 -7.19 17.84 0.82
CA ILE P 84 -6.94 16.46 1.33
C ILE P 84 -8.25 15.88 1.87
N LEU P 85 -9.00 16.67 2.64
CA LEU P 85 -10.27 16.16 3.21
C LEU P 85 -11.27 15.87 2.09
N PHE P 86 -11.32 16.70 1.06
CA PHE P 86 -12.21 16.47 -0.08
C PHE P 86 -11.85 15.11 -0.74
N ILE P 87 -10.56 14.89 -1.01
CA ILE P 87 -10.10 13.65 -1.65
C ILE P 87 -10.49 12.46 -0.76
N ILE P 88 -10.32 12.57 0.56
CA ILE P 88 -10.72 11.48 1.48
C ILE P 88 -12.21 11.19 1.26
N SER P 89 -13.07 12.20 1.22
CA SER P 89 -14.52 11.92 1.05
C SER P 89 -14.74 11.16 -0.29
N GLU P 90 -13.97 11.51 -1.31
CA GLU P 90 -14.13 10.87 -2.63
C GLU P 90 -13.64 9.41 -2.56
N VAL P 91 -12.57 9.15 -1.81
CA VAL P 91 -12.10 7.76 -1.60
C VAL P 91 -13.26 6.95 -0.99
N LEU P 92 -13.93 7.49 0.02
CA LEU P 92 -14.99 6.73 0.72
C LEU P 92 -16.18 6.54 -0.23
N PHE P 93 -16.46 7.49 -1.11
CA PHE P 93 -17.53 7.31 -2.12
C PHE P 93 -17.18 6.09 -2.98
N PHE P 94 -15.94 6.02 -3.51
CA PHE P 94 -15.53 4.84 -4.32
C PHE P 94 -15.59 3.56 -3.48
N THR P 95 -15.20 3.62 -2.20
CA THR P 95 -15.23 2.43 -1.32
C THR P 95 -16.61 1.77 -1.38
N GLY P 96 -17.67 2.57 -1.36
CA GLY P 96 -19.02 1.98 -1.45
C GLY P 96 -19.21 1.15 -2.72
N PHE P 97 -18.70 1.63 -3.85
CA PHE P 97 -18.84 0.88 -5.13
C PHE P 97 -17.96 -0.38 -5.10
N PHE P 98 -16.75 -0.30 -4.53
CA PHE P 98 -15.91 -1.50 -4.40
C PHE P 98 -16.62 -2.52 -3.50
N TRP P 99 -17.22 -2.07 -2.41
CA TRP P 99 -17.92 -2.98 -1.49
C TRP P 99 -19.01 -3.70 -2.31
N ALA P 100 -19.81 -2.96 -3.10
CA ALA P 100 -20.90 -3.56 -3.90
C ALA P 100 -20.29 -4.62 -4.85
N PHE P 101 -19.18 -4.29 -5.48
CA PHE P 101 -18.51 -5.21 -6.43
C PHE P 101 -18.10 -6.50 -5.71
N TYR P 102 -17.37 -6.39 -4.61
CA TYR P 102 -16.84 -7.58 -3.88
C TYR P 102 -18.03 -8.38 -3.29
N HIS P 103 -19.05 -7.70 -2.79
CA HIS P 103 -20.23 -8.41 -2.24
C HIS P 103 -20.84 -9.34 -3.31
N SER P 104 -21.07 -8.81 -4.51
CA SER P 104 -21.73 -9.51 -5.65
C SER P 104 -20.81 -10.63 -6.20
N SER P 105 -19.51 -10.37 -6.35
CA SER P 105 -18.58 -11.24 -7.08
C SER P 105 -18.07 -12.37 -6.14
N LEU P 106 -17.97 -12.10 -4.84
CA LEU P 106 -17.48 -13.14 -3.90
C LEU P 106 -18.56 -14.13 -3.55
N ALA P 107 -19.83 -13.78 -3.71
CA ALA P 107 -20.95 -14.67 -3.32
C ALA P 107 -21.95 -14.69 -4.44
N PRO P 108 -21.58 -15.16 -5.65
CA PRO P 108 -22.47 -15.08 -6.80
C PRO P 108 -23.73 -15.89 -6.57
N THR P 109 -24.86 -15.30 -6.86
CA THR P 109 -26.16 -15.92 -6.50
C THR P 109 -26.57 -16.89 -7.58
N PRO P 110 -27.57 -17.77 -7.30
CA PRO P 110 -28.07 -18.72 -8.32
C PRO P 110 -28.49 -18.12 -9.65
N GLU P 111 -29.04 -16.89 -9.61
CA GLU P 111 -29.54 -16.22 -10.85
C GLU P 111 -28.38 -16.02 -11.83
N LEU P 112 -27.16 -15.88 -11.32
CA LEU P 112 -25.92 -15.67 -12.15
C LEU P 112 -25.43 -16.99 -12.70
N GLY P 113 -25.92 -18.13 -12.18
CA GLY P 113 -25.30 -19.45 -12.37
C GLY P 113 -24.42 -19.86 -11.20
N GLY P 114 -24.42 -19.08 -10.12
CA GLY P 114 -23.66 -19.37 -8.90
C GLY P 114 -22.18 -19.25 -9.16
N CYS P 115 -21.78 -18.44 -10.13
CA CYS P 115 -20.39 -18.28 -10.62
C CYS P 115 -20.16 -16.80 -10.96
N TRP P 116 -18.90 -16.40 -10.96
CA TRP P 116 -18.39 -15.11 -11.44
C TRP P 116 -17.21 -15.32 -12.37
N PRO P 117 -17.17 -14.66 -13.56
CA PRO P 117 -18.27 -13.83 -14.05
C PRO P 117 -19.54 -14.65 -14.24
N PRO P 118 -20.72 -14.00 -14.25
CA PRO P 118 -21.98 -14.71 -14.48
C PRO P 118 -22.00 -15.45 -15.83
N THR P 119 -22.81 -16.49 -15.88
CA THR P 119 -23.16 -17.15 -17.15
C THR P 119 -23.61 -16.07 -18.15
N GLY P 120 -23.11 -16.13 -19.39
CA GLY P 120 -23.53 -15.21 -20.46
C GLY P 120 -22.77 -13.90 -20.46
N ILE P 121 -21.85 -13.69 -19.53
CA ILE P 121 -21.00 -12.47 -19.51
C ILE P 121 -19.65 -12.83 -20.12
N HIS P 122 -19.22 -12.04 -21.11
CA HIS P 122 -17.88 -12.18 -21.76
C HIS P 122 -17.07 -10.94 -21.42
N PRO P 123 -16.28 -10.99 -20.35
CA PRO P 123 -15.49 -9.82 -19.96
C PRO P 123 -14.53 -9.38 -21.06
N LEU P 124 -14.16 -8.12 -20.97
CA LEU P 124 -13.06 -7.55 -21.78
C LEU P 124 -11.75 -8.27 -21.39
N ASN P 125 -10.88 -8.40 -22.35
CA ASN P 125 -9.50 -8.91 -22.10
C ASN P 125 -8.71 -7.84 -21.36
N PRO P 126 -8.33 -8.06 -20.09
CA PRO P 126 -7.64 -7.02 -19.32
C PRO P 126 -6.24 -6.66 -19.85
N LEU P 127 -5.69 -7.51 -20.72
CA LEU P 127 -4.38 -7.31 -21.36
C LEU P 127 -4.46 -6.42 -22.60
N GLU P 128 -5.64 -5.98 -23.02
CA GLU P 128 -5.77 -5.18 -24.26
C GLU P 128 -6.00 -3.72 -23.86
N VAL P 129 -7.15 -3.14 -24.13
CA VAL P 129 -7.30 -1.68 -23.91
C VAL P 129 -7.20 -1.38 -22.40
N PRO P 130 -7.73 -2.23 -21.48
CA PRO P 130 -7.60 -1.91 -20.06
C PRO P 130 -6.13 -1.79 -19.58
N LEU P 131 -5.22 -2.59 -20.15
CA LEU P 131 -3.78 -2.48 -19.83
C LEU P 131 -3.24 -1.17 -20.41
N LEU P 132 -3.61 -0.86 -21.65
CA LEU P 132 -3.20 0.41 -22.28
C LEU P 132 -3.65 1.59 -21.42
N ASN P 133 -4.91 1.60 -20.98
CA ASN P 133 -5.41 2.67 -20.09
C ASN P 133 -4.55 2.78 -18.82
N THR P 134 -4.11 1.63 -18.28
CA THR P 134 -3.29 1.62 -17.07
C THR P 134 -1.95 2.31 -17.38
N SER P 135 -1.34 1.98 -18.51
CA SER P 135 -0.04 2.57 -18.90
C SER P 135 -0.22 4.08 -19.09
N VAL P 136 -1.35 4.50 -19.63
CA VAL P 136 -1.65 5.92 -19.94
C VAL P 136 -1.75 6.70 -18.62
N LEU P 137 -2.55 6.24 -17.66
CA LEU P 137 -2.69 7.04 -16.42
C LEU P 137 -1.38 6.96 -15.63
N LEU P 138 -0.69 5.82 -15.59
CA LEU P 138 0.62 5.77 -14.85
C LEU P 138 1.60 6.75 -15.51
N ALA P 139 1.65 6.79 -16.84
CA ALA P 139 2.55 7.70 -17.57
C ALA P 139 2.21 9.15 -17.22
N SER P 140 0.92 9.46 -17.09
CA SER P 140 0.45 10.83 -16.81
C SER P 140 0.84 11.22 -15.36
N GLY P 141 0.99 10.25 -14.47
CA GLY P 141 1.46 10.51 -13.10
C GLY P 141 2.96 10.86 -13.12
N VAL P 142 3.71 10.28 -14.07
CA VAL P 142 5.13 10.65 -14.28
C VAL P 142 5.22 12.06 -14.88
N SER P 143 4.46 12.34 -15.94
CA SER P 143 4.56 13.65 -16.63
C SER P 143 4.12 14.77 -15.68
N ILE P 144 3.11 14.54 -14.83
N ILE P 144 3.10 14.55 -14.84
CA ILE P 144 2.63 15.64 -13.95
CA ILE P 144 2.62 15.65 -13.95
C ILE P 144 3.71 15.91 -12.89
C ILE P 144 3.71 15.92 -12.90
N THR P 145 4.50 14.90 -12.53
CA THR P 145 5.59 15.09 -11.56
C THR P 145 6.70 15.90 -12.23
N TRP P 146 7.02 15.59 -13.47
CA TRP P 146 7.95 16.43 -14.25
C TRP P 146 7.43 17.88 -14.26
N ALA P 147 6.12 18.10 -14.54
CA ALA P 147 5.55 19.46 -14.59
C ALA P 147 5.78 20.16 -13.25
N HIS P 148 5.54 19.45 -12.15
CA HIS P 148 5.67 20.02 -10.80
C HIS P 148 7.11 20.50 -10.58
N HIS P 149 8.08 19.64 -10.84
CA HIS P 149 9.51 19.96 -10.64
C HIS P 149 9.92 21.11 -11.58
N SER P 150 9.44 21.13 -12.82
CA SER P 150 9.78 22.24 -13.74
C SER P 150 9.27 23.55 -13.14
N LEU P 151 8.04 23.54 -12.61
CA LEU P 151 7.49 24.78 -12.03
C LEU P 151 8.35 25.23 -10.84
N MET P 152 8.69 24.31 -9.93
CA MET P 152 9.50 24.65 -8.75
C MET P 152 10.88 25.19 -9.18
N GLU P 153 11.43 24.69 -10.28
CA GLU P 153 12.76 25.11 -10.80
C GLU P 153 12.63 26.36 -11.66
N GLY P 154 11.44 26.92 -11.86
CA GLY P 154 11.28 28.20 -12.57
C GLY P 154 11.30 28.04 -14.08
N ASP P 155 11.04 26.84 -14.59
CA ASP P 155 11.15 26.50 -16.03
C ASP P 155 9.75 26.53 -16.67
N ARG P 156 9.39 27.66 -17.29
CA ARG P 156 8.07 27.84 -17.91
C ARG P 156 7.83 26.85 -19.07
N LYS P 157 8.77 26.78 -20.00
CA LYS P 157 8.58 25.97 -21.23
C LYS P 157 8.34 24.50 -20.85
N HIS P 158 9.19 23.94 -19.98
CA HIS P 158 9.11 22.49 -19.65
C HIS P 158 7.89 22.24 -18.75
N MET P 159 7.50 23.17 -17.89
CA MET P 159 6.23 22.99 -17.12
C MET P 159 5.10 22.85 -18.16
N LEU P 160 5.02 23.78 -19.13
CA LEU P 160 3.90 23.74 -20.12
C LEU P 160 3.95 22.43 -20.94
N GLN P 161 5.13 22.00 -21.35
N GLN P 161 5.16 22.03 -21.36
CA GLN P 161 5.23 20.78 -22.19
CA GLN P 161 5.37 20.79 -22.16
C GLN P 161 4.78 19.56 -21.34
C GLN P 161 4.82 19.59 -21.35
N ALA P 162 5.24 19.48 -20.10
CA ALA P 162 4.91 18.32 -19.23
C ALA P 162 3.41 18.31 -18.89
N LEU P 163 2.84 19.48 -18.63
CA LEU P 163 1.38 19.57 -18.32
C LEU P 163 0.56 19.23 -19.58
N PHE P 164 0.98 19.72 -20.76
CA PHE P 164 0.31 19.39 -22.03
C PHE P 164 0.30 17.88 -22.26
N ILE P 165 1.43 17.22 -22.02
CA ILE P 165 1.52 15.75 -22.15
C ILE P 165 0.57 15.07 -21.15
N THR P 166 0.52 15.58 -19.93
CA THR P 166 -0.38 15.01 -18.88
C THR P 166 -1.83 15.10 -19.36
N ILE P 167 -2.23 16.29 -19.84
CA ILE P 167 -3.62 16.49 -20.34
C ILE P 167 -3.91 15.57 -21.53
N THR P 168 -2.96 15.46 -22.44
CA THR P 168 -3.10 14.63 -23.67
C THR P 168 -3.35 13.18 -23.23
N LEU P 169 -2.62 12.71 -22.23
CA LEU P 169 -2.81 11.33 -21.73
C LEU P 169 -4.20 11.18 -21.07
N GLY P 170 -4.66 12.16 -20.27
CA GLY P 170 -6.04 12.13 -19.73
C GLY P 170 -7.09 12.05 -20.83
N VAL P 171 -6.92 12.83 -21.89
CA VAL P 171 -7.86 12.81 -23.04
C VAL P 171 -7.80 11.43 -23.73
N TYR P 172 -6.61 10.89 -23.94
CA TYR P 172 -6.42 9.55 -24.54
C TYR P 172 -7.17 8.52 -23.69
N PHE P 173 -7.03 8.56 -22.36
CA PHE P 173 -7.72 7.59 -21.49
C PHE P 173 -9.23 7.70 -21.76
N THR P 174 -9.72 8.93 -21.79
CA THR P 174 -11.18 9.20 -21.93
C THR P 174 -11.67 8.68 -23.30
N LEU P 175 -10.94 8.93 -24.38
CA LEU P 175 -11.34 8.44 -25.72
C LEU P 175 -11.25 6.92 -25.76
N LEU P 176 -10.25 6.31 -25.13
CA LEU P 176 -10.15 4.83 -25.09
C LEU P 176 -11.33 4.24 -24.31
N GLN P 177 -11.67 4.84 -23.16
CA GLN P 177 -12.79 4.36 -22.31
C GLN P 177 -14.11 4.50 -23.08
N ALA P 178 -14.33 5.63 -23.75
CA ALA P 178 -15.54 5.84 -24.59
C ALA P 178 -15.64 4.75 -25.66
N SER P 179 -14.54 4.48 -26.36
CA SER P 179 -14.46 3.40 -27.37
C SER P 179 -14.80 2.04 -26.71
N GLU P 180 -14.15 1.75 -25.58
N GLU P 180 -14.23 1.73 -25.54
CA GLU P 180 -14.39 0.52 -24.77
CA GLU P 180 -14.45 0.39 -24.97
C GLU P 180 -15.89 0.36 -24.53
C GLU P 180 -15.89 0.30 -24.40
N TYR P 181 -16.51 1.41 -23.98
CA TYR P 181 -17.95 1.41 -23.63
C TYR P 181 -18.79 1.00 -24.84
N TYR P 182 -18.48 1.58 -26.00
CA TYR P 182 -19.26 1.32 -27.23
C TYR P 182 -19.01 -0.13 -27.67
N GLU P 183 -17.78 -0.63 -27.58
CA GLU P 183 -17.46 -1.98 -28.07
C GLU P 183 -17.89 -3.07 -27.08
N ALA P 184 -18.11 -2.74 -25.80
CA ALA P 184 -18.40 -3.75 -24.78
C ALA P 184 -19.64 -4.54 -25.17
N PRO P 185 -19.58 -5.87 -25.15
CA PRO P 185 -20.74 -6.69 -25.52
C PRO P 185 -21.76 -6.82 -24.38
N PHE P 186 -21.41 -6.35 -23.19
CA PHE P 186 -22.32 -6.29 -22.03
C PHE P 186 -22.66 -4.80 -21.79
N THR P 187 -23.77 -4.55 -21.11
CA THR P 187 -24.33 -3.21 -20.84
C THR P 187 -24.57 -3.02 -19.35
N ILE P 188 -24.98 -1.81 -18.99
CA ILE P 188 -25.35 -1.51 -17.57
C ILE P 188 -26.55 -2.39 -17.13
N SER P 189 -27.37 -2.85 -18.07
CA SER P 189 -28.57 -3.66 -17.77
C SER P 189 -28.21 -5.16 -17.68
N ASP P 190 -26.94 -5.53 -17.82
CA ASP P 190 -26.54 -6.96 -17.79
C ASP P 190 -26.25 -7.36 -16.35
N GLY P 191 -27.29 -7.25 -15.54
CA GLY P 191 -27.26 -7.74 -14.17
C GLY P 191 -26.23 -6.99 -13.34
N VAL P 192 -25.82 -7.63 -12.27
CA VAL P 192 -24.93 -6.97 -11.28
C VAL P 192 -23.50 -6.84 -11.91
N TYR P 193 -23.13 -7.71 -12.86
CA TYR P 193 -21.83 -7.54 -13.58
C TYR P 193 -21.80 -6.18 -14.31
N GLY P 194 -22.79 -5.93 -15.16
CA GLY P 194 -22.89 -4.66 -15.88
C GLY P 194 -23.07 -3.49 -14.92
N SER P 195 -23.85 -3.68 -13.84
CA SER P 195 -24.15 -2.60 -12.87
C SER P 195 -22.83 -2.13 -12.24
N THR P 196 -22.09 -3.05 -11.67
CA THR P 196 -20.83 -2.75 -10.96
C THR P 196 -19.80 -2.20 -11.96
N PHE P 197 -19.69 -2.80 -13.14
CA PHE P 197 -18.70 -2.38 -14.15
C PHE P 197 -18.95 -0.92 -14.54
N PHE P 198 -20.16 -0.61 -14.99
CA PHE P 198 -20.43 0.71 -15.61
C PHE P 198 -20.56 1.78 -14.54
N VAL P 199 -21.16 1.49 -13.40
CA VAL P 199 -21.29 2.58 -12.40
C VAL P 199 -19.92 2.90 -11.81
N ALA P 200 -19.09 1.89 -11.49
CA ALA P 200 -17.78 2.17 -10.86
C ALA P 200 -16.81 2.79 -11.88
N THR P 201 -16.70 2.21 -13.09
CA THR P 201 -15.82 2.81 -14.12
C THR P 201 -16.43 4.15 -14.60
N GLY P 202 -17.76 4.32 -14.58
CA GLY P 202 -18.40 5.54 -15.08
C GLY P 202 -18.11 6.69 -14.14
N PHE P 203 -18.25 6.47 -12.82
CA PHE P 203 -17.89 7.52 -11.84
C PHE P 203 -16.40 7.80 -11.96
N HIS P 204 -15.58 6.77 -12.20
CA HIS P 204 -14.12 7.00 -12.39
C HIS P 204 -13.90 7.89 -13.63
N GLY P 205 -14.54 7.59 -14.74
CA GLY P 205 -14.40 8.36 -16.00
C GLY P 205 -14.84 9.80 -15.81
N LEU P 206 -15.91 10.02 -15.03
CA LEU P 206 -16.34 11.39 -14.66
C LEU P 206 -15.20 12.10 -13.90
N HIS P 207 -14.54 11.43 -12.96
CA HIS P 207 -13.43 12.03 -12.16
C HIS P 207 -12.25 12.28 -13.09
N VAL P 208 -12.01 11.42 -14.08
CA VAL P 208 -10.93 11.72 -15.08
C VAL P 208 -11.26 13.03 -15.83
N ILE P 209 -12.52 13.20 -16.25
CA ILE P 209 -12.94 14.41 -16.99
C ILE P 209 -12.78 15.62 -16.08
N ILE P 210 -13.22 15.50 -14.83
CA ILE P 210 -13.06 16.61 -13.84
C ILE P 210 -11.57 16.93 -13.70
N GLY P 211 -10.77 15.89 -13.48
CA GLY P 211 -9.34 16.10 -13.23
C GLY P 211 -8.66 16.72 -14.45
N SER P 212 -9.03 16.29 -15.64
CA SER P 212 -8.47 16.81 -16.91
C SER P 212 -8.83 18.29 -17.04
N THR P 213 -10.07 18.62 -16.74
CA THR P 213 -10.58 20.01 -16.79
C THR P 213 -9.74 20.85 -15.81
N PHE P 214 -9.51 20.35 -14.59
CA PHE P 214 -8.70 21.05 -13.59
C PHE P 214 -7.27 21.27 -14.13
N LEU P 215 -6.67 20.26 -14.74
CA LEU P 215 -5.31 20.41 -15.34
C LEU P 215 -5.33 21.46 -16.46
N ILE P 216 -6.42 21.50 -17.26
CA ILE P 216 -6.54 22.49 -18.36
C ILE P 216 -6.64 23.92 -17.77
N VAL P 217 -7.39 24.11 -16.69
CA VAL P 217 -7.43 25.41 -15.98
C VAL P 217 -6.00 25.75 -15.58
N CYS P 218 -5.26 24.80 -14.98
CA CYS P 218 -3.87 25.08 -14.56
C CYS P 218 -3.01 25.42 -15.78
N PHE P 219 -3.21 24.75 -16.90
CA PHE P 219 -2.42 25.03 -18.14
C PHE P 219 -2.60 26.50 -18.56
N PHE P 220 -3.86 26.95 -18.66
CA PHE P 220 -4.16 28.34 -19.04
C PHE P 220 -3.66 29.33 -17.99
N ARG P 221 -3.77 29.03 -16.69
CA ARG P 221 -3.23 29.94 -15.67
C ARG P 221 -1.72 30.03 -15.83
N GLN P 222 -1.06 28.91 -16.13
CA GLN P 222 0.39 28.91 -16.34
C GLN P 222 0.72 29.75 -17.57
N LEU P 223 -0.01 29.58 -18.67
CA LEU P 223 0.22 30.40 -19.89
C LEU P 223 0.14 31.89 -19.54
N LYS P 224 -0.74 32.28 -18.61
CA LYS P 224 -0.98 33.69 -18.17
C LYS P 224 -0.07 34.09 -16.99
N PHE P 225 0.93 33.26 -16.63
CA PHE P 225 1.97 33.55 -15.62
C PHE P 225 1.41 33.66 -14.20
N HIS P 226 0.28 33.01 -13.88
CA HIS P 226 -0.33 33.16 -12.54
C HIS P 226 0.56 32.52 -11.47
N PHE P 227 1.21 31.42 -11.79
CA PHE P 227 1.94 30.63 -10.78
C PHE P 227 3.34 31.21 -10.58
N THR P 228 3.77 31.26 -9.33
CA THR P 228 5.21 31.49 -9.02
C THR P 228 5.87 30.14 -8.77
N SER P 229 7.20 30.13 -8.73
CA SER P 229 7.98 28.90 -8.47
C SER P 229 7.69 28.37 -7.06
N ASN P 230 7.20 29.21 -6.15
CA ASN P 230 6.88 28.80 -4.75
C ASN P 230 5.40 28.79 -4.42
N HIS P 231 4.54 29.40 -5.22
CA HIS P 231 3.11 29.61 -4.88
C HIS P 231 2.26 29.16 -6.08
N HIS P 232 1.60 28.02 -5.95
CA HIS P 232 0.88 27.39 -7.07
C HIS P 232 -0.03 26.28 -6.51
N PHE P 233 -0.86 26.63 -5.55
CA PHE P 233 -1.67 25.62 -4.84
C PHE P 233 -2.67 24.99 -5.82
N GLY P 234 -3.23 25.75 -6.77
CA GLY P 234 -4.17 25.18 -7.76
C GLY P 234 -3.53 24.05 -8.53
N PHE P 235 -2.25 24.21 -8.88
CA PHE P 235 -1.48 23.14 -9.55
C PHE P 235 -1.29 21.95 -8.59
N GLU P 236 -0.92 22.21 -7.34
CA GLU P 236 -0.70 21.13 -6.33
C GLU P 236 -2.01 20.34 -6.14
N ALA P 237 -3.14 21.04 -5.98
CA ALA P 237 -4.45 20.40 -5.77
C ALA P 237 -4.81 19.55 -6.99
N ALA P 238 -4.59 20.08 -8.19
CA ALA P 238 -4.90 19.37 -9.43
C ALA P 238 -4.03 18.10 -9.53
N ALA P 239 -2.76 18.18 -9.11
CA ALA P 239 -1.82 17.04 -9.12
C ALA P 239 -2.31 16.00 -8.10
N TRP P 240 -2.68 16.41 -6.89
CA TRP P 240 -3.20 15.48 -5.84
C TRP P 240 -4.43 14.77 -6.40
N TYR P 241 -5.33 15.55 -6.98
CA TYR P 241 -6.58 14.98 -7.51
C TYR P 241 -6.26 13.99 -8.63
N TRP P 242 -5.29 14.35 -9.48
CA TRP P 242 -4.88 13.48 -10.59
C TRP P 242 -4.27 12.18 -10.04
N HIS P 243 -3.40 12.25 -9.04
CA HIS P 243 -2.86 11.00 -8.44
C HIS P 243 -4.02 10.16 -7.85
N PHE P 244 -4.99 10.78 -7.22
CA PHE P 244 -6.19 10.09 -6.71
C PHE P 244 -6.87 9.32 -7.84
N VAL P 245 -7.11 9.98 -8.98
CA VAL P 245 -7.78 9.36 -10.15
C VAL P 245 -6.95 8.16 -10.64
N ASP P 246 -5.62 8.28 -10.65
N ASP P 246 -5.63 8.31 -10.60
CA ASP P 246 -4.71 7.17 -11.05
CA ASP P 246 -4.67 7.30 -11.12
C ASP P 246 -4.95 6.01 -10.08
C ASP P 246 -4.75 6.10 -10.12
N VAL P 247 -4.83 6.31 -8.79
CA VAL P 247 -4.91 5.20 -7.80
C VAL P 247 -6.28 4.51 -7.89
N VAL P 248 -7.37 5.27 -8.02
CA VAL P 248 -8.70 4.60 -8.15
C VAL P 248 -8.68 3.67 -9.36
N TRP P 249 -8.08 4.11 -10.47
CA TRP P 249 -7.98 3.28 -11.70
C TRP P 249 -7.25 1.98 -11.37
N LEU P 250 -6.10 2.06 -10.68
CA LEU P 250 -5.30 0.83 -10.39
C LEU P 250 -6.18 -0.15 -9.60
N PHE P 251 -6.95 0.33 -8.63
CA PHE P 251 -7.86 -0.53 -7.85
C PHE P 251 -8.94 -1.09 -8.75
N LEU P 252 -9.52 -0.28 -9.64
CA LEU P 252 -10.54 -0.79 -10.60
C LEU P 252 -9.94 -1.87 -11.50
N TYR P 253 -8.74 -1.61 -12.00
CA TYR P 253 -8.07 -2.53 -12.93
C TYR P 253 -7.87 -3.90 -12.25
N VAL P 254 -7.25 -3.87 -11.07
CA VAL P 254 -6.96 -5.13 -10.35
C VAL P 254 -8.29 -5.82 -9.97
N SER P 255 -9.27 -5.07 -9.48
CA SER P 255 -10.49 -5.66 -8.89
C SER P 255 -11.45 -6.13 -9.98
N ILE P 256 -11.91 -5.19 -10.80
CA ILE P 256 -13.03 -5.44 -11.75
C ILE P 256 -12.49 -6.07 -13.04
N TYR P 257 -11.42 -5.53 -13.61
CA TYR P 257 -10.98 -5.98 -14.94
C TYR P 257 -10.20 -7.28 -14.88
N TRP P 258 -9.37 -7.42 -13.85
CA TRP P 258 -8.40 -8.52 -13.78
C TRP P 258 -8.96 -9.63 -12.87
N TRP P 259 -8.99 -9.41 -11.57
CA TRP P 259 -9.51 -10.41 -10.60
C TRP P 259 -10.97 -10.79 -10.95
N GLY P 260 -11.80 -9.85 -11.39
CA GLY P 260 -13.23 -10.11 -11.68
C GLY P 260 -13.47 -10.70 -13.07
N SER P 261 -12.45 -10.94 -13.87
CA SER P 261 -12.60 -11.45 -15.28
C SER P 261 -12.72 -12.97 -15.27
N ASP Q 10 -18.07 47.64 28.67
CA ASP Q 10 -18.59 47.08 29.97
C ASP Q 10 -18.24 45.59 30.02
N TYR Q 11 -18.51 44.86 28.94
CA TYR Q 11 -18.06 43.46 28.75
C TYR Q 11 -16.53 43.40 28.79
N ALA Q 12 -15.81 44.51 28.55
CA ALA Q 12 -14.33 44.43 28.52
C ALA Q 12 -13.72 44.82 29.86
N LEU Q 13 -14.52 45.24 30.83
CA LEU Q 13 -14.00 45.74 32.13
C LEU Q 13 -14.32 44.75 33.23
N PRO Q 14 -13.48 44.71 34.29
CA PRO Q 14 -13.82 43.95 35.49
C PRO Q 14 -15.20 44.40 35.98
N SER Q 15 -15.94 43.47 36.56
CA SER Q 15 -17.32 43.70 37.05
C SER Q 15 -17.48 43.12 38.45
N TYR Q 16 -18.56 43.50 39.08
CA TYR Q 16 -18.97 43.05 40.41
C TYR Q 16 -19.78 41.77 40.25
N VAL Q 17 -19.58 40.81 41.17
N VAL Q 17 -19.55 40.82 41.16
CA VAL Q 17 -20.36 39.54 41.25
CA VAL Q 17 -20.45 39.64 41.29
C VAL Q 17 -20.50 39.13 42.71
C VAL Q 17 -20.58 39.34 42.77
N ASP Q 18 -21.71 38.74 43.13
CA ASP Q 18 -21.97 38.11 44.45
C ASP Q 18 -22.00 36.61 44.18
N ARG Q 19 -20.92 35.93 44.51
CA ARG Q 19 -20.70 34.48 44.28
C ARG Q 19 -20.04 33.98 45.57
N ARG Q 20 -20.60 32.95 46.20
CA ARG Q 20 -20.09 32.48 47.51
C ARG Q 20 -18.66 31.93 47.31
N ASP Q 21 -18.32 31.47 46.11
CA ASP Q 21 -16.98 30.91 45.78
C ASP Q 21 -16.04 31.98 45.18
N TYR Q 22 -16.44 33.24 45.18
CA TYR Q 22 -15.59 34.38 44.70
C TYR Q 22 -15.91 35.55 45.64
N PRO Q 23 -15.58 35.37 46.93
CA PRO Q 23 -16.04 36.29 47.96
C PRO Q 23 -15.55 37.75 47.83
N LEU Q 24 -14.37 37.96 47.24
CA LEU Q 24 -13.77 39.32 47.10
C LEU Q 24 -13.70 39.66 45.61
N PRO Q 25 -14.78 40.28 45.07
CA PRO Q 25 -14.86 40.58 43.66
C PRO Q 25 -13.83 41.62 43.21
N ASP Q 26 -13.73 41.75 41.90
CA ASP Q 26 -12.66 42.51 41.21
C ASP Q 26 -12.82 44.01 41.47
N VAL Q 27 -14.02 44.50 41.73
CA VAL Q 27 -14.31 45.96 41.95
C VAL Q 27 -15.26 46.10 43.14
N ALA Q 28 -15.29 47.31 43.71
CA ALA Q 28 -16.21 47.68 44.80
C ALA Q 28 -17.61 47.79 44.20
N HIS Q 29 -18.62 47.46 44.98
CA HIS Q 29 -20.03 47.66 44.59
C HIS Q 29 -20.28 49.14 44.19
N VAL Q 30 -19.78 50.08 45.00
CA VAL Q 30 -19.96 51.54 44.81
C VAL Q 30 -18.64 52.12 44.30
N LYS Q 31 -18.66 52.58 43.04
CA LYS Q 31 -17.46 53.02 42.29
C LYS Q 31 -17.13 54.46 42.69
N ASN Q 32 -18.16 55.30 42.82
CA ASN Q 32 -18.02 56.77 42.99
C ASN Q 32 -18.66 57.22 44.31
N LEU Q 33 -17.83 57.72 45.23
CA LEU Q 33 -18.18 58.08 46.62
C LEU Q 33 -18.54 59.57 46.70
N SER Q 34 -19.57 59.91 47.48
CA SER Q 34 -19.84 61.26 48.04
C SER Q 34 -18.69 61.70 48.95
N ALA Q 35 -18.76 62.97 49.40
CA ALA Q 35 -17.89 63.59 50.42
C ALA Q 35 -18.00 62.79 51.74
N SER Q 36 -19.22 62.47 52.20
CA SER Q 36 -19.41 61.72 53.49
C SER Q 36 -18.77 60.33 53.36
N GLN Q 37 -19.13 59.60 52.30
CA GLN Q 37 -18.57 58.25 52.02
C GLN Q 37 -17.04 58.32 51.96
N LYS Q 38 -16.49 59.37 51.34
CA LYS Q 38 -15.01 59.57 51.23
C LYS Q 38 -14.40 59.81 52.61
N ALA Q 39 -15.09 60.57 53.48
CA ALA Q 39 -14.67 60.86 54.88
C ALA Q 39 -14.70 59.56 55.71
N LEU Q 40 -15.72 58.74 55.50
CA LEU Q 40 -15.84 57.43 56.16
C LEU Q 40 -14.66 56.54 55.76
N LYS Q 41 -14.23 56.56 54.49
CA LYS Q 41 -13.04 55.77 54.04
C LYS Q 41 -11.78 56.33 54.71
N GLU Q 42 -11.72 57.64 54.96
CA GLU Q 42 -10.58 58.25 55.67
C GLU Q 42 -10.60 57.76 57.10
N LYS Q 43 -11.79 57.70 57.70
CA LYS Q 43 -11.97 57.25 59.11
C LYS Q 43 -11.52 55.79 59.23
N GLU Q 44 -11.84 54.98 58.22
CA GLU Q 44 -11.47 53.55 58.13
C GLU Q 44 -9.96 53.35 58.30
N LYS Q 45 -9.12 54.37 58.07
CA LYS Q 45 -7.64 54.23 58.16
C LYS Q 45 -7.17 54.33 59.61
N ALA Q 46 -8.05 54.77 60.51
CA ALA Q 46 -7.81 54.78 61.97
C ALA Q 46 -8.38 53.50 62.56
N SER Q 47 -8.34 53.36 63.88
CA SER Q 47 -8.82 52.17 64.63
C SER Q 47 -10.27 51.85 64.27
N TRP Q 48 -10.56 50.60 63.94
CA TRP Q 48 -11.95 50.18 63.61
C TRP Q 48 -12.82 50.14 64.88
N SER Q 49 -12.23 50.02 66.07
CA SER Q 49 -12.94 50.16 67.38
C SER Q 49 -13.62 51.54 67.48
N SER Q 50 -13.10 52.55 66.78
CA SER Q 50 -13.64 53.95 66.76
C SER Q 50 -14.82 54.06 65.78
N LEU Q 51 -14.99 53.08 64.88
CA LEU Q 51 -16.14 52.96 63.95
C LEU Q 51 -17.39 52.55 64.75
N SER Q 52 -18.54 53.20 64.49
CA SER Q 52 -19.85 52.78 65.01
C SER Q 52 -20.37 51.59 64.21
N ILE Q 53 -21.32 50.83 64.76
CA ILE Q 53 -22.02 49.73 64.06
C ILE Q 53 -22.49 50.23 62.68
N ASP Q 54 -23.18 51.37 62.67
CA ASP Q 54 -23.82 51.94 61.45
C ASP Q 54 -22.75 52.21 60.41
N GLU Q 55 -21.58 52.69 60.86
CA GLU Q 55 -20.45 53.07 59.97
C GLU Q 55 -19.83 51.79 59.40
N LYS Q 56 -19.72 50.74 60.21
CA LYS Q 56 -19.17 49.44 59.78
C LYS Q 56 -20.06 48.88 58.67
N VAL Q 57 -21.38 48.91 58.87
CA VAL Q 57 -22.40 48.42 57.89
C VAL Q 57 -22.27 49.26 56.61
N GLU Q 58 -22.07 50.57 56.76
CA GLU Q 58 -21.96 51.47 55.57
C GLU Q 58 -20.70 51.10 54.77
N LEU Q 59 -19.55 50.92 55.43
CA LEU Q 59 -18.30 50.45 54.74
C LEU Q 59 -18.60 49.14 54.00
N TYR Q 60 -19.35 48.20 54.62
CA TYR Q 60 -19.61 46.87 54.03
C TYR Q 60 -20.41 47.06 52.72
N ARG Q 61 -21.39 47.95 52.79
CA ARG Q 61 -22.35 48.23 51.69
C ARG Q 61 -21.71 49.06 50.59
N LEU Q 62 -20.60 49.78 50.83
CA LEU Q 62 -19.81 50.42 49.74
C LEU Q 62 -19.09 49.32 48.95
N LYS Q 63 -18.62 48.26 49.63
CA LYS Q 63 -17.73 47.25 49.05
C LYS Q 63 -18.56 46.16 48.36
N PHE Q 64 -19.67 45.76 48.99
CA PHE Q 64 -20.47 44.59 48.58
C PHE Q 64 -21.92 45.00 48.35
N LYS Q 65 -22.61 44.34 47.41
CA LYS Q 65 -24.06 44.57 47.17
C LYS Q 65 -24.82 43.72 48.19
N GLU Q 66 -24.78 42.38 48.07
CA GLU Q 66 -25.50 41.48 49.00
C GLU Q 66 -24.51 40.81 49.97
N SER Q 67 -24.92 40.60 51.21
CA SER Q 67 -24.20 39.75 52.20
C SER Q 67 -24.38 38.28 51.77
N PHE Q 68 -23.66 37.37 52.43
CA PHE Q 68 -23.78 35.90 52.17
C PHE Q 68 -25.22 35.47 52.45
N ALA Q 69 -25.77 35.90 53.58
CA ALA Q 69 -27.17 35.55 53.95
C ALA Q 69 -28.14 35.95 52.82
N GLU Q 70 -27.98 37.16 52.26
CA GLU Q 70 -28.87 37.68 51.21
C GLU Q 70 -28.68 36.87 49.93
N MET Q 71 -27.46 36.66 49.49
CA MET Q 71 -27.24 36.08 48.14
C MET Q 71 -27.69 34.61 48.19
N ASN Q 72 -27.74 34.02 49.38
CA ASN Q 72 -28.04 32.58 49.58
C ASN Q 72 -29.53 32.35 49.85
N ARG Q 73 -30.38 33.38 49.86
CA ARG Q 73 -31.77 33.14 50.30
C ARG Q 73 -32.53 32.27 49.29
N SER Q 74 -33.47 31.47 49.79
CA SER Q 74 -34.39 30.65 48.95
C SER Q 74 -35.59 31.50 48.55
N THR Q 75 -36.34 31.08 47.56
CA THR Q 75 -37.45 31.89 46.98
C THR Q 75 -38.67 31.00 46.87
N ASN Q 76 -39.80 31.61 46.51
CA ASN Q 76 -41.09 30.92 46.31
C ASN Q 76 -41.25 30.54 44.82
N GLU Q 77 -40.20 30.67 44.00
CA GLU Q 77 -40.30 30.46 42.54
C GLU Q 77 -40.85 29.06 42.23
N TRP Q 78 -40.46 28.04 43.02
CA TRP Q 78 -40.89 26.63 42.79
C TRP Q 78 -42.41 26.58 42.72
N LYS Q 79 -43.10 27.43 43.49
CA LYS Q 79 -44.57 27.38 43.52
C LYS Q 79 -45.13 27.79 42.17
N THR Q 80 -44.61 28.87 41.62
CA THR Q 80 -45.02 29.40 40.30
C THR Q 80 -44.67 28.38 39.22
N VAL Q 81 -43.48 27.76 39.29
CA VAL Q 81 -43.06 26.84 38.21
C VAL Q 81 -43.94 25.59 38.23
N VAL Q 82 -44.07 24.98 39.40
CA VAL Q 82 -44.86 23.73 39.54
C VAL Q 82 -46.34 24.03 39.22
N GLY Q 83 -46.89 25.12 39.73
CA GLY Q 83 -48.31 25.43 39.46
C GLY Q 83 -48.56 25.75 37.98
N ALA Q 84 -47.71 26.56 37.37
CA ALA Q 84 -47.85 26.90 35.93
C ALA Q 84 -47.69 25.61 35.11
N ALA Q 85 -46.75 24.71 35.45
CA ALA Q 85 -46.55 23.47 34.66
C ALA Q 85 -47.85 22.65 34.74
N MET Q 86 -48.42 22.58 35.94
CA MET Q 86 -49.68 21.81 36.13
C MET Q 86 -50.82 22.51 35.36
N PHE Q 87 -50.82 23.83 35.26
CA PHE Q 87 -51.86 24.53 34.44
C PHE Q 87 -51.74 24.09 32.99
N PHE Q 88 -50.52 24.11 32.46
CA PHE Q 88 -50.30 23.81 31.02
C PHE Q 88 -50.58 22.33 30.74
N ILE Q 89 -50.22 21.46 31.67
CA ILE Q 89 -50.55 20.01 31.56
C ILE Q 89 -52.08 19.82 31.60
N GLY Q 90 -52.77 20.57 32.45
CA GLY Q 90 -54.25 20.60 32.45
C GLY Q 90 -54.81 21.06 31.10
N PHE Q 91 -54.26 22.14 30.55
CA PHE Q 91 -54.67 22.66 29.23
C PHE Q 91 -54.53 21.56 28.19
N THR Q 92 -53.48 20.75 28.29
CA THR Q 92 -53.26 19.65 27.33
C THR Q 92 -54.47 18.69 27.33
N ALA Q 93 -55.03 18.40 28.51
CA ALA Q 93 -56.18 17.49 28.60
C ALA Q 93 -57.34 18.13 27.84
N LEU Q 94 -57.45 19.46 27.78
CA LEU Q 94 -58.54 20.08 26.99
C LEU Q 94 -58.36 19.72 25.51
N LEU Q 95 -57.11 19.72 25.03
CA LEU Q 95 -56.85 19.36 23.61
C LEU Q 95 -57.28 17.91 23.39
N LEU Q 96 -57.01 17.03 24.35
CA LEU Q 96 -57.33 15.58 24.21
C LEU Q 96 -58.85 15.37 24.25
N ILE Q 97 -59.56 16.17 25.05
CA ILE Q 97 -61.05 16.11 25.12
C ILE Q 97 -61.57 16.51 23.73
N TRP Q 98 -61.05 17.59 23.16
CA TRP Q 98 -61.38 18.09 21.80
C TRP Q 98 -61.12 17.00 20.76
N GLU Q 99 -59.96 16.36 20.83
CA GLU Q 99 -59.63 15.33 19.82
C GLU Q 99 -60.65 14.19 19.93
N LYS Q 100 -60.93 13.75 21.14
CA LYS Q 100 -61.84 12.61 21.36
C LYS Q 100 -63.22 12.97 20.78
N HIS Q 101 -63.69 14.21 21.01
CA HIS Q 101 -65.05 14.65 20.62
C HIS Q 101 -65.10 14.80 19.10
N TYR Q 102 -64.11 15.44 18.48
CA TYR Q 102 -64.26 15.88 17.08
C TYR Q 102 -63.44 15.08 16.06
N VAL Q 103 -62.47 14.29 16.48
CA VAL Q 103 -61.52 13.67 15.50
C VAL Q 103 -61.76 12.17 15.47
N TYR Q 104 -61.70 11.58 16.65
CA TYR Q 104 -61.83 10.12 16.81
C TYR Q 104 -63.28 9.69 16.58
N GLY Q 105 -63.44 8.66 15.75
CA GLY Q 105 -64.73 7.99 15.53
C GLY Q 105 -64.86 6.81 16.48
N PRO Q 106 -65.86 5.95 16.27
CA PRO Q 106 -66.07 4.82 17.18
C PRO Q 106 -64.89 3.87 17.14
N ILE Q 107 -64.61 3.24 18.28
CA ILE Q 107 -63.57 2.19 18.27
C ILE Q 107 -64.21 0.89 17.81
N PRO Q 108 -63.37 -0.11 17.48
CA PRO Q 108 -63.87 -1.36 16.92
C PRO Q 108 -64.82 -2.11 17.85
N HIS Q 109 -65.69 -2.91 17.26
CA HIS Q 109 -66.75 -3.66 18.01
C HIS Q 109 -66.11 -4.71 18.94
N THR Q 110 -64.84 -5.05 18.76
CA THR Q 110 -64.16 -6.07 19.60
C THR Q 110 -63.94 -5.56 21.02
N PHE Q 111 -64.17 -4.27 21.26
CA PHE Q 111 -64.09 -3.67 22.61
C PHE Q 111 -65.45 -3.69 23.31
N GLU Q 112 -66.51 -4.15 22.66
CA GLU Q 112 -67.83 -4.27 23.36
C GLU Q 112 -67.76 -5.32 24.50
N GLU Q 113 -68.49 -5.07 25.57
CA GLU Q 113 -68.48 -5.92 26.81
C GLU Q 113 -68.67 -7.40 26.43
N GLU Q 114 -69.66 -7.71 25.60
CA GLU Q 114 -70.00 -9.11 25.24
C GLU Q 114 -68.83 -9.74 24.48
N TRP Q 115 -68.28 -9.07 23.47
CA TRP Q 115 -67.09 -9.54 22.70
C TRP Q 115 -65.95 -9.85 23.67
N VAL Q 116 -65.62 -8.90 24.54
CA VAL Q 116 -64.50 -9.05 25.51
C VAL Q 116 -64.77 -10.26 26.41
N ALA Q 117 -66.03 -10.51 26.83
CA ALA Q 117 -66.33 -11.65 27.72
C ALA Q 117 -66.03 -12.97 26.97
N LYS Q 118 -66.43 -13.02 25.72
CA LYS Q 118 -66.24 -14.22 24.86
C LYS Q 118 -64.75 -14.38 24.53
N GLN Q 119 -64.07 -13.28 24.22
CA GLN Q 119 -62.64 -13.28 23.82
C GLN Q 119 -61.79 -13.73 25.01
N THR Q 120 -62.15 -13.24 26.20
CA THR Q 120 -61.50 -13.65 27.47
C THR Q 120 -61.68 -15.16 27.67
N LYS Q 121 -62.90 -15.70 27.49
CA LYS Q 121 -63.05 -17.17 27.63
C LYS Q 121 -62.16 -17.90 26.62
N ARG Q 122 -62.17 -17.48 25.35
CA ARG Q 122 -61.38 -18.15 24.31
C ARG Q 122 -59.87 -18.09 24.67
N MET Q 123 -59.38 -16.98 25.20
CA MET Q 123 -57.99 -16.85 25.65
C MET Q 123 -57.70 -17.87 26.77
N LEU Q 124 -58.64 -18.07 27.69
CA LEU Q 124 -58.46 -19.02 28.82
C LEU Q 124 -58.51 -20.44 28.25
N ASP Q 125 -59.34 -20.66 27.23
CA ASP Q 125 -59.49 -22.03 26.64
C ASP Q 125 -58.21 -22.38 25.87
N MET Q 126 -57.55 -21.38 25.28
CA MET Q 126 -56.26 -21.69 24.60
C MET Q 126 -55.08 -21.47 25.58
N LYS Q 127 -55.34 -21.21 26.85
CA LYS Q 127 -54.32 -21.11 27.94
C LYS Q 127 -53.27 -20.07 27.53
N VAL Q 128 -53.73 -18.89 27.11
CA VAL Q 128 -52.83 -17.73 26.87
C VAL Q 128 -52.03 -17.48 28.14
N ALA Q 129 -50.70 -17.40 28.02
CA ALA Q 129 -49.79 -17.03 29.14
C ALA Q 129 -50.17 -17.81 30.41
N PRO Q 130 -50.00 -19.15 30.37
CA PRO Q 130 -50.47 -20.02 31.47
C PRO Q 130 -49.45 -20.15 32.61
N ILE Q 131 -48.22 -19.62 32.41
CA ILE Q 131 -47.18 -19.76 33.44
C ILE Q 131 -47.27 -18.57 34.38
N GLN Q 132 -47.47 -17.35 33.87
CA GLN Q 132 -47.50 -16.16 34.75
C GLN Q 132 -48.55 -15.12 34.28
N GLY Q 133 -48.62 -14.86 32.97
CA GLY Q 133 -49.17 -13.60 32.43
C GLY Q 133 -50.68 -13.49 32.52
N PHE Q 134 -51.45 -14.55 32.29
CA PHE Q 134 -52.90 -14.40 32.03
C PHE Q 134 -53.67 -15.62 32.54
N SER Q 135 -53.58 -16.77 31.85
CA SER Q 135 -54.32 -17.99 32.25
C SER Q 135 -53.82 -18.46 33.62
N ALA Q 136 -52.58 -18.14 33.99
CA ALA Q 136 -51.98 -18.40 35.32
C ALA Q 136 -52.86 -17.79 36.41
N LYS Q 137 -53.61 -16.73 36.08
CA LYS Q 137 -54.37 -15.97 37.11
C LYS Q 137 -55.81 -16.46 37.15
N TRP Q 138 -56.14 -17.49 36.36
CA TRP Q 138 -57.50 -18.09 36.32
C TRP Q 138 -57.47 -19.41 37.09
N ASP Q 139 -58.45 -19.64 37.96
CA ASP Q 139 -58.57 -20.94 38.66
C ASP Q 139 -59.43 -21.87 37.78
N TYR Q 140 -58.83 -22.87 37.13
CA TYR Q 140 -59.55 -23.79 36.22
C TYR Q 140 -60.35 -24.82 37.01
N ASP Q 141 -60.04 -25.02 38.29
CA ASP Q 141 -60.78 -25.95 39.20
C ASP Q 141 -62.06 -25.27 39.71
N LYS Q 142 -62.03 -23.97 40.04
CA LYS Q 142 -63.18 -23.23 40.64
C LYS Q 142 -63.93 -22.38 39.61
N ASN Q 143 -63.41 -22.25 38.38
CA ASN Q 143 -64.11 -21.49 37.31
C ASN Q 143 -64.25 -20.03 37.76
N GLU Q 144 -63.19 -19.45 38.36
CA GLU Q 144 -63.14 -18.03 38.77
C GLU Q 144 -61.69 -17.49 38.72
N TRP Q 145 -61.51 -16.17 38.75
CA TRP Q 145 -60.16 -15.55 38.87
C TRP Q 145 -59.61 -15.90 40.25
N LYS Q 146 -58.32 -16.24 40.36
CA LYS Q 146 -57.63 -16.46 41.67
C LYS Q 146 -57.72 -15.18 42.52
N THR R 7 2.02 18.20 53.59
CA THR R 7 1.34 18.01 54.92
C THR R 7 0.45 19.20 55.25
N ASP R 8 -0.52 18.98 56.13
CA ASP R 8 -1.50 20.02 56.52
C ASP R 8 -0.73 21.20 57.10
N GLU R 9 0.27 20.93 57.93
CA GLU R 9 1.05 21.96 58.65
C GLU R 9 1.81 22.85 57.64
N GLU R 10 2.34 22.25 56.59
CA GLU R 10 3.15 22.96 55.55
C GLU R 10 2.19 23.81 54.72
N PHE R 11 1.02 23.27 54.41
CA PHE R 11 -0.04 23.99 53.68
C PHE R 11 -0.42 25.24 54.49
N ASP R 12 -0.77 25.06 55.76
CA ASP R 12 -1.21 26.19 56.61
C ASP R 12 -0.09 27.22 56.71
N ALA R 13 1.16 26.80 56.93
CA ALA R 13 2.33 27.70 57.07
C ALA R 13 2.49 28.57 55.81
N ARG R 14 2.40 27.97 54.62
CA ARG R 14 2.51 28.68 53.31
C ARG R 14 1.44 29.78 53.24
N TRP R 15 0.22 29.49 53.70
CA TRP R 15 -0.90 30.46 53.62
C TRP R 15 -0.77 31.56 54.68
N VAL R 16 -0.31 31.21 55.89
CA VAL R 16 0.03 32.24 56.93
C VAL R 16 1.11 33.17 56.36
N THR R 17 2.19 32.63 55.80
CA THR R 17 3.28 33.45 55.23
C THR R 17 2.72 34.37 54.13
N TYR R 18 1.82 33.84 53.28
CA TYR R 18 1.23 34.58 52.16
C TYR R 18 0.54 35.85 52.68
N PHE R 19 -0.33 35.71 53.68
CA PHE R 19 -1.15 36.85 54.17
C PHE R 19 -0.30 37.75 55.08
N ASN R 20 0.80 37.23 55.66
CA ASN R 20 1.64 37.98 56.62
C ASN R 20 2.57 38.95 55.89
N LYS R 21 2.68 38.88 54.57
CA LYS R 21 3.66 39.75 53.86
C LYS R 21 3.30 41.20 54.15
N PRO R 22 4.20 42.01 54.76
CA PRO R 22 3.80 43.34 55.23
C PRO R 22 3.14 44.19 54.12
N ASP R 23 3.73 44.19 52.93
CA ASP R 23 3.30 45.05 51.80
C ASP R 23 2.42 44.23 50.83
N ILE R 24 1.73 43.19 51.30
CA ILE R 24 0.68 42.52 50.50
C ILE R 24 -0.23 43.60 49.91
N ASP R 25 -0.58 43.50 48.63
CA ASP R 25 -1.48 44.51 48.01
C ASP R 25 -2.92 43.96 47.94
N ALA R 26 -3.85 44.82 47.55
CA ALA R 26 -5.29 44.51 47.51
C ALA R 26 -5.52 43.32 46.56
N TRP R 27 -4.91 43.33 45.38
CA TRP R 27 -5.04 42.21 44.41
C TRP R 27 -4.63 40.89 45.07
N GLU R 28 -3.50 40.88 45.76
CA GLU R 28 -2.94 39.66 46.43
C GLU R 28 -3.88 39.17 47.54
N LEU R 29 -4.47 40.10 48.32
CA LEU R 29 -5.46 39.71 49.36
C LEU R 29 -6.61 38.94 48.68
N ARG R 30 -7.16 39.51 47.61
CA ARG R 30 -8.35 38.94 46.95
C ARG R 30 -7.96 37.62 46.30
N LYS R 31 -6.85 37.61 45.58
CA LYS R 31 -6.37 36.38 44.91
C LYS R 31 -6.22 35.29 45.97
N GLY R 32 -5.62 35.62 47.13
CA GLY R 32 -5.42 34.63 48.21
C GLY R 32 -6.76 34.07 48.68
N MET R 33 -7.69 34.94 49.03
CA MET R 33 -8.97 34.46 49.60
C MET R 33 -9.76 33.69 48.53
N ASN R 34 -9.78 34.20 47.29
CA ASN R 34 -10.61 33.60 46.21
C ASN R 34 -10.04 32.24 45.84
N THR R 35 -8.74 32.05 45.95
CA THR R 35 -8.07 30.74 45.69
C THR R 35 -8.36 29.78 46.86
N LEU R 36 -8.17 30.24 48.10
CA LEU R 36 -8.27 29.39 49.29
C LEU R 36 -9.68 28.78 49.38
N VAL R 37 -10.74 29.52 49.04
CA VAL R 37 -12.12 29.01 49.21
C VAL R 37 -12.48 28.02 48.10
N GLY R 38 -11.60 27.80 47.12
CA GLY R 38 -11.81 26.72 46.14
C GLY R 38 -11.47 25.35 46.68
N TYR R 39 -10.73 25.28 47.78
CA TYR R 39 -10.27 23.99 48.34
C TYR R 39 -11.35 23.33 49.19
N ASP R 40 -11.22 22.01 49.34
CA ASP R 40 -12.11 21.22 50.21
C ASP R 40 -11.63 21.34 51.67
N LEU R 41 -11.82 22.52 52.26
CA LEU R 41 -11.45 22.78 53.65
C LEU R 41 -12.02 24.13 54.07
N VAL R 42 -12.17 24.27 55.37
CA VAL R 42 -12.41 25.59 56.01
C VAL R 42 -11.04 26.03 56.52
N PRO R 43 -10.55 27.21 56.14
CA PRO R 43 -9.22 27.61 56.53
C PRO R 43 -9.10 27.62 58.06
N GLU R 44 -7.94 27.13 58.53
CA GLU R 44 -7.54 27.19 59.96
C GLU R 44 -7.56 28.62 60.47
N PRO R 45 -7.97 28.82 61.74
CA PRO R 45 -7.90 30.14 62.35
C PRO R 45 -6.56 30.86 62.13
N LYS R 46 -5.41 30.16 62.15
CA LYS R 46 -4.10 30.87 61.98
C LYS R 46 -4.08 31.54 60.59
N ILE R 47 -4.67 30.90 59.58
CA ILE R 47 -4.70 31.47 58.21
C ILE R 47 -5.62 32.70 58.24
N ILE R 48 -6.81 32.55 58.82
CA ILE R 48 -7.81 33.65 58.82
C ILE R 48 -7.26 34.83 59.62
N ASP R 49 -6.61 34.57 60.75
CA ASP R 49 -5.95 35.61 61.58
C ASP R 49 -5.02 36.43 60.67
N ALA R 50 -4.14 35.76 59.93
CA ALA R 50 -3.17 36.43 59.02
C ALA R 50 -3.93 37.24 57.95
N ALA R 51 -5.01 36.71 57.37
CA ALA R 51 -5.78 37.41 56.33
C ALA R 51 -6.48 38.64 56.90
N LEU R 52 -7.03 38.55 58.11
CA LEU R 52 -7.69 39.72 58.78
C LEU R 52 -6.66 40.84 59.05
N ARG R 53 -5.43 40.50 59.44
CA ARG R 53 -4.36 41.48 59.71
C ARG R 53 -3.94 42.13 58.39
N ALA R 54 -3.93 41.38 57.29
CA ALA R 54 -3.68 41.93 55.93
C ALA R 54 -4.74 42.99 55.65
N CYS R 55 -6.01 42.68 55.93
CA CYS R 55 -7.15 43.61 55.73
C CYS R 55 -6.85 44.89 56.50
N ARG R 56 -6.37 44.77 57.74
CA ARG R 56 -6.04 45.96 58.57
C ARG R 56 -4.94 46.77 57.88
N ARG R 57 -3.87 46.13 57.40
CA ARG R 57 -2.75 46.87 56.76
C ARG R 57 -3.26 47.54 55.48
N LEU R 58 -4.27 46.96 54.81
CA LEU R 58 -4.89 47.49 53.58
C LEU R 58 -6.08 48.39 53.91
N ASN R 59 -6.33 48.77 55.18
CA ASN R 59 -7.42 49.72 55.54
C ASN R 59 -8.74 49.26 54.93
N ASP R 60 -9.01 47.95 54.97
CA ASP R 60 -10.21 47.34 54.34
C ASP R 60 -11.04 46.57 55.38
N PHE R 61 -11.94 47.27 56.07
CA PHE R 61 -12.81 46.68 57.11
C PHE R 61 -13.81 45.72 56.46
N ALA R 62 -14.38 46.11 55.31
CA ALA R 62 -15.45 45.34 54.64
C ALA R 62 -14.93 43.94 54.27
N SER R 63 -13.70 43.84 53.75
CA SER R 63 -13.14 42.54 53.32
C SER R 63 -12.94 41.65 54.55
N ALA R 64 -12.61 42.22 55.72
CA ALA R 64 -12.46 41.45 56.97
C ALA R 64 -13.78 40.76 57.32
N VAL R 65 -14.89 41.49 57.21
CA VAL R 65 -16.22 40.93 57.53
C VAL R 65 -16.51 39.82 56.52
N ARG R 66 -16.25 40.08 55.24
CA ARG R 66 -16.54 39.16 54.11
C ARG R 66 -15.79 37.84 54.34
N ILE R 67 -14.56 37.92 54.85
CA ILE R 67 -13.72 36.71 55.13
C ILE R 67 -14.41 35.89 56.24
N LEU R 68 -14.95 36.52 57.27
CA LEU R 68 -15.69 35.77 58.31
C LEU R 68 -16.90 35.10 57.68
N GLU R 69 -17.61 35.79 56.77
CA GLU R 69 -18.79 35.21 56.11
C GLU R 69 -18.39 33.97 55.32
N VAL R 70 -17.28 34.03 54.59
CA VAL R 70 -16.97 32.89 53.69
C VAL R 70 -16.40 31.72 54.52
N VAL R 71 -15.84 31.97 55.71
CA VAL R 71 -15.46 30.87 56.64
C VAL R 71 -16.73 30.12 57.05
N LYS R 72 -17.76 30.84 57.47
CA LYS R 72 -19.03 30.23 57.86
C LYS R 72 -19.57 29.47 56.65
N ASP R 73 -19.57 30.10 55.48
CA ASP R 73 -20.15 29.50 54.26
C ASP R 73 -19.45 28.17 53.94
N LYS R 74 -18.13 28.13 54.02
CA LYS R 74 -17.33 26.93 53.64
C LYS R 74 -17.67 25.74 54.55
N ALA R 75 -18.17 25.98 55.77
CA ALA R 75 -18.49 24.90 56.73
C ALA R 75 -19.77 24.17 56.30
N GLY R 76 -20.57 24.76 55.43
CA GLY R 76 -21.84 24.15 55.01
C GLY R 76 -22.68 23.81 56.23
N PRO R 77 -23.17 22.57 56.37
CA PRO R 77 -24.06 22.25 57.49
C PRO R 77 -23.32 21.91 58.80
N HIS R 78 -21.99 22.03 58.79
CA HIS R 78 -21.15 21.73 59.98
C HIS R 78 -21.14 22.95 60.89
N LYS R 79 -22.22 23.07 61.67
CA LYS R 79 -22.59 24.23 62.53
C LYS R 79 -21.52 24.54 63.56
N GLU R 80 -20.73 23.55 64.00
CA GLU R 80 -19.76 23.68 65.12
C GLU R 80 -18.51 24.46 64.62
N ILE R 81 -18.25 24.52 63.32
CA ILE R 81 -16.95 25.07 62.85
C ILE R 81 -16.87 26.59 63.10
N TYR R 82 -17.89 27.34 62.68
CA TYR R 82 -17.84 28.82 62.72
C TYR R 82 -17.70 29.29 64.17
N PRO R 83 -18.51 28.82 65.15
CA PRO R 83 -18.33 29.24 66.53
C PRO R 83 -16.92 28.90 67.07
N TYR R 84 -16.34 27.76 66.69
CA TYR R 84 -14.95 27.41 67.08
C TYR R 84 -13.97 28.41 66.48
N VAL R 85 -14.13 28.74 65.20
CA VAL R 85 -13.24 29.74 64.56
C VAL R 85 -13.33 31.09 65.28
N ILE R 86 -14.54 31.55 65.57
CA ILE R 86 -14.77 32.89 66.21
C ILE R 86 -14.13 32.87 67.61
N GLN R 87 -14.27 31.75 68.33
CA GLN R 87 -13.60 31.56 69.64
C GLN R 87 -12.11 31.80 69.46
N GLU R 88 -11.48 31.15 68.47
CA GLU R 88 -10.02 31.20 68.27
C GLU R 88 -9.61 32.62 67.84
N LEU R 89 -10.48 33.35 67.15
CA LEU R 89 -10.12 34.66 66.54
C LEU R 89 -10.43 35.78 67.53
N ARG R 90 -11.14 35.48 68.61
CA ARG R 90 -11.70 36.53 69.48
C ARG R 90 -10.63 37.55 69.86
N PRO R 91 -9.40 37.16 70.31
CA PRO R 91 -8.36 38.13 70.65
C PRO R 91 -8.03 39.10 69.50
N THR R 92 -7.92 38.57 68.27
CA THR R 92 -7.67 39.39 67.07
C THR R 92 -8.86 40.30 66.77
N LEU R 93 -10.09 39.79 66.83
CA LEU R 93 -11.28 40.60 66.51
C LEU R 93 -11.34 41.79 67.48
N ASN R 94 -11.04 41.56 68.76
CA ASN R 94 -11.05 42.60 69.81
C ASN R 94 -9.90 43.61 69.53
N GLU R 95 -8.69 43.10 69.32
CA GLU R 95 -7.50 43.93 69.04
C GLU R 95 -7.77 44.84 67.83
N LEU R 96 -8.37 44.35 66.74
CA LEU R 96 -8.48 45.14 65.48
C LEU R 96 -9.83 45.85 65.38
N GLY R 97 -10.74 45.61 66.32
CA GLY R 97 -12.11 46.16 66.28
C GLY R 97 -12.91 45.64 65.10
N ILE R 98 -12.74 44.36 64.76
CA ILE R 98 -13.57 43.71 63.71
C ILE R 98 -14.86 43.19 64.35
N SER R 99 -16.00 43.71 63.88
CA SER R 99 -17.37 43.21 64.20
C SER R 99 -17.68 42.02 63.29
N THR R 100 -18.30 40.98 63.86
CA THR R 100 -18.70 39.78 63.11
C THR R 100 -19.90 40.15 62.26
N PRO R 101 -20.18 39.39 61.18
CA PRO R 101 -21.39 39.59 60.40
C PRO R 101 -22.64 39.59 61.29
N GLU R 102 -22.67 38.71 62.29
CA GLU R 102 -23.81 38.59 63.24
C GLU R 102 -23.93 39.90 64.03
N GLU R 103 -22.82 40.43 64.58
CA GLU R 103 -22.81 41.72 65.33
C GLU R 103 -23.31 42.84 64.41
N LEU R 104 -23.14 42.73 63.08
CA LEU R 104 -23.53 43.82 62.14
C LEU R 104 -24.93 43.55 61.57
N GLY R 105 -25.59 42.44 61.94
CA GLY R 105 -26.91 42.09 61.36
C GLY R 105 -26.84 41.63 59.92
N LEU R 106 -25.66 41.32 59.40
CA LEU R 106 -25.48 40.92 57.98
C LEU R 106 -25.75 39.42 57.80
N ASP R 107 -26.09 38.70 58.86
CA ASP R 107 -26.52 37.27 58.80
C ASP R 107 -28.04 37.22 58.54
N LYS R 108 -28.71 38.37 58.44
CA LYS R 108 -30.18 38.54 58.21
C LYS R 108 -30.94 37.67 59.22
N GLY S 3 16.58 27.50 -18.78
CA GLY S 3 15.22 27.74 -19.08
C GLY S 3 14.52 28.33 -17.84
N GLY S 4 14.09 29.61 -17.94
CA GLY S 4 13.40 30.48 -16.93
C GLY S 4 11.93 30.79 -17.26
N GLY S 5 11.41 32.00 -16.94
CA GLY S 5 10.07 32.50 -17.36
C GLY S 5 8.97 32.30 -16.30
N VAL S 6 9.27 31.72 -15.15
CA VAL S 6 8.30 31.61 -14.04
C VAL S 6 8.60 32.72 -13.05
N PRO S 7 7.61 33.57 -12.72
CA PRO S 7 7.83 34.63 -11.75
C PRO S 7 8.13 34.05 -10.37
N THR S 8 8.83 34.85 -9.56
CA THR S 8 9.11 34.55 -8.14
C THR S 8 8.09 35.30 -7.26
N ASP S 9 7.92 34.83 -6.03
CA ASP S 9 7.15 35.57 -5.00
C ASP S 9 7.70 37.01 -4.86
N GLU S 10 9.02 37.17 -4.82
CA GLU S 10 9.66 38.50 -4.72
C GLU S 10 9.14 39.39 -5.85
N GLU S 11 8.97 38.86 -7.05
CA GLU S 11 8.58 39.66 -8.23
C GLU S 11 7.08 39.93 -8.20
N GLN S 12 6.26 38.99 -7.73
CA GLN S 12 4.84 38.98 -8.13
C GLN S 12 3.90 38.88 -6.92
N ALA S 13 4.34 38.48 -5.74
CA ALA S 13 3.43 38.45 -4.55
C ALA S 13 2.90 39.86 -4.34
N THR S 14 1.66 39.96 -3.89
CA THR S 14 1.01 41.28 -3.69
C THR S 14 0.15 41.26 -2.41
N GLY S 15 -0.47 42.40 -2.07
CA GLY S 15 -1.46 42.48 -0.99
C GLY S 15 -0.88 41.92 0.31
N LEU S 16 -1.70 41.23 1.08
CA LEU S 16 -1.29 40.77 2.42
C LEU S 16 -0.19 39.70 2.32
N GLU S 17 -0.24 38.83 1.32
CA GLU S 17 0.81 37.81 1.10
C GLU S 17 2.17 38.53 1.06
N ARG S 18 2.27 39.60 0.28
CA ARG S 18 3.54 40.35 0.16
C ARG S 18 3.90 40.98 1.52
N GLU S 19 2.93 41.59 2.21
CA GLU S 19 3.21 42.24 3.52
C GLU S 19 3.82 41.18 4.46
N VAL S 20 3.21 39.99 4.51
CA VAL S 20 3.67 38.91 5.42
C VAL S 20 5.11 38.54 5.03
N MET S 21 5.35 38.41 3.73
N MET S 21 5.39 38.36 3.75
CA MET S 21 6.63 38.00 3.09
CA MET S 21 6.73 37.94 3.30
C MET S 21 7.73 39.01 3.49
C MET S 21 7.75 39.03 3.67
N LEU S 22 7.44 40.31 3.41
CA LEU S 22 8.43 41.39 3.68
C LEU S 22 8.68 41.50 5.19
N ALA S 23 7.63 41.41 6.01
CA ALA S 23 7.78 41.41 7.49
C ALA S 23 8.64 40.22 7.95
N ALA S 24 8.43 39.01 7.40
CA ALA S 24 9.21 37.81 7.80
C ALA S 24 10.71 38.02 7.46
N ARG S 25 11.04 38.67 6.35
CA ARG S 25 12.45 38.97 5.95
C ARG S 25 13.09 39.84 7.06
N LYS S 26 12.33 40.72 7.71
CA LYS S 26 12.80 41.67 8.78
C LYS S 26 12.66 41.05 10.16
N GLY S 27 12.23 39.79 10.28
CA GLY S 27 12.02 39.14 11.60
C GLY S 27 10.90 39.81 12.41
N GLN S 28 9.89 40.40 11.76
CA GLN S 28 8.75 41.03 12.45
C GLN S 28 7.54 40.14 12.22
N ASP S 29 6.54 40.22 13.10
CA ASP S 29 5.34 39.35 13.04
C ASP S 29 4.09 40.21 13.24
N PRO S 30 3.84 41.21 12.37
CA PRO S 30 2.67 42.07 12.54
C PRO S 30 1.34 41.33 12.39
N TYR S 31 1.33 40.17 11.74
CA TYR S 31 0.07 39.44 11.50
C TYR S 31 -0.05 38.21 12.42
N ASN S 32 0.74 38.15 13.50
CA ASN S 32 0.47 37.24 14.64
C ASN S 32 0.50 35.78 14.16
N ILE S 33 1.43 35.46 13.30
CA ILE S 33 1.61 34.08 12.79
C ILE S 33 2.33 33.22 13.85
N LEU S 34 3.17 33.83 14.69
CA LEU S 34 4.06 33.09 15.62
C LEU S 34 3.51 33.25 17.02
N ALA S 35 3.74 32.25 17.87
CA ALA S 35 3.43 32.29 19.30
C ALA S 35 4.52 33.09 19.98
N PRO S 36 4.18 34.16 20.72
CA PRO S 36 5.17 34.89 21.49
C PRO S 36 5.74 34.04 22.64
N LYS S 37 7.01 34.25 22.94
CA LYS S 37 7.73 33.55 24.03
C LYS S 37 7.55 34.41 25.29
N ALA S 38 7.15 33.77 26.37
CA ALA S 38 6.90 34.41 27.67
C ALA S 38 8.20 34.98 28.24
N THR S 39 8.09 36.08 28.97
CA THR S 39 9.14 36.54 29.90
C THR S 39 8.98 35.75 31.22
N SER S 40 9.69 36.13 32.25
CA SER S 40 9.48 35.58 33.62
C SER S 40 8.12 36.04 34.16
N GLY S 41 7.52 37.09 33.61
CA GLY S 41 6.17 37.57 33.98
C GLY S 41 6.10 38.24 35.35
N THR S 42 7.22 38.67 35.94
CA THR S 42 7.26 39.39 37.23
C THR S 42 6.76 40.83 37.00
N LYS S 43 6.50 41.59 38.05
CA LYS S 43 6.17 43.05 37.95
C LYS S 43 7.33 43.78 37.25
N GLU S 44 8.59 43.37 37.46
CA GLU S 44 9.78 44.06 36.87
C GLU S 44 9.96 43.62 35.42
N ASP S 45 9.44 42.46 35.06
CA ASP S 45 9.67 41.85 33.72
C ASP S 45 8.34 41.34 33.15
N PRO S 46 7.35 42.21 32.92
CA PRO S 46 6.03 41.73 32.51
C PRO S 46 6.10 41.21 31.07
N ASN S 47 5.14 40.35 30.73
CA ASN S 47 4.92 39.94 29.33
C ASN S 47 4.44 41.17 28.59
N LEU S 48 5.07 41.50 27.47
CA LEU S 48 4.74 42.71 26.68
C LEU S 48 3.83 42.29 25.53
N VAL S 49 2.59 42.77 25.60
CA VAL S 49 1.49 42.41 24.68
C VAL S 49 1.26 43.57 23.72
N PRO S 50 1.66 43.41 22.44
CA PRO S 50 1.44 44.47 21.45
C PRO S 50 -0.05 44.56 21.13
N SER S 51 -0.49 45.76 20.85
CA SER S 51 -1.86 45.99 20.32
C SER S 51 -1.84 47.19 19.37
N ILE S 52 -2.71 47.15 18.37
CA ILE S 52 -3.00 48.35 17.56
C ILE S 52 -3.97 49.27 18.29
N THR S 53 -4.57 48.83 19.39
CA THR S 53 -5.58 49.62 20.14
C THR S 53 -5.24 49.59 21.62
N ASN S 54 -6.19 49.94 22.47
CA ASN S 54 -5.99 50.23 23.91
C ASN S 54 -6.39 49.01 24.76
N LYS S 55 -6.80 47.91 24.12
CA LYS S 55 -7.07 46.67 24.89
C LYS S 55 -6.96 45.47 23.96
N ARG S 56 -6.59 44.31 24.50
CA ARG S 56 -6.46 43.08 23.72
C ARG S 56 -6.75 41.90 24.65
N ILE S 57 -7.39 40.88 24.11
CA ILE S 57 -7.66 39.65 24.88
C ILE S 57 -6.35 38.86 24.98
N VAL S 58 -6.02 38.54 26.22
CA VAL S 58 -4.94 37.61 26.59
C VAL S 58 -5.58 36.27 26.96
N GLY S 59 -4.98 35.18 26.48
CA GLY S 59 -5.20 33.83 27.01
C GLY S 59 -3.94 33.37 27.71
N CYS S 60 -4.05 33.00 28.97
CA CYS S 60 -2.91 32.54 29.78
C CYS S 60 -3.02 31.01 29.97
N ILE S 61 -2.03 30.32 29.44
CA ILE S 61 -1.77 28.89 29.74
C ILE S 61 -0.83 28.89 30.96
N CYS S 62 -1.37 28.79 32.16
CA CYS S 62 -0.62 29.18 33.38
C CYS S 62 0.60 28.27 33.55
N GLU S 63 0.39 26.99 33.27
CA GLU S 63 1.43 25.95 33.34
C GLU S 63 1.38 25.15 32.05
N GLU S 64 2.55 24.68 31.64
CA GLU S 64 2.71 23.91 30.43
C GLU S 64 1.77 22.72 30.57
N ASP S 65 1.10 22.50 29.51
CA ASP S 65 0.21 21.31 29.42
C ASP S 65 -1.10 21.51 30.18
N ASN S 66 -1.36 22.64 30.87
CA ASN S 66 -2.76 22.95 31.25
C ASN S 66 -3.68 22.89 30.03
N SER S 67 -4.83 22.23 30.14
CA SER S 67 -5.83 22.23 29.06
C SER S 67 -6.71 23.50 29.15
N THR S 68 -6.84 24.08 30.34
CA THR S 68 -7.68 25.28 30.59
C THR S 68 -6.90 26.54 30.27
N VAL S 69 -7.42 27.34 29.36
CA VAL S 69 -6.85 28.67 29.06
C VAL S 69 -7.68 29.74 29.81
N ILE S 70 -7.00 30.70 30.42
CA ILE S 70 -7.63 31.78 31.22
C ILE S 70 -7.64 33.04 30.37
N TRP S 71 -8.84 33.52 30.06
CA TRP S 71 -9.00 34.63 29.08
C TRP S 71 -9.39 35.92 29.82
N PHE S 72 -8.84 37.04 29.39
CA PHE S 72 -9.25 38.35 29.94
C PHE S 72 -8.76 39.45 29.02
N TRP S 73 -9.48 40.57 29.09
CA TRP S 73 -9.06 41.81 28.43
C TRP S 73 -7.89 42.44 29.19
N LEU S 74 -6.83 42.72 28.47
CA LEU S 74 -5.68 43.51 29.01
C LEU S 74 -5.83 44.95 28.48
N HIS S 75 -5.88 45.91 29.38
CA HIS S 75 -6.07 47.35 29.09
C HIS S 75 -4.73 48.09 29.13
N LYS S 76 -4.62 49.15 28.34
CA LYS S 76 -3.49 50.11 28.38
C LYS S 76 -3.38 50.57 29.83
N GLY S 77 -2.17 50.79 30.33
CA GLY S 77 -1.90 51.43 31.62
C GLY S 77 -1.09 50.47 32.46
N GLU S 78 -1.34 50.46 33.77
CA GLU S 78 -0.62 49.60 34.71
C GLU S 78 -0.76 48.14 34.24
N ALA S 79 0.32 47.37 34.35
CA ALA S 79 0.34 45.91 34.10
C ALA S 79 -0.80 45.25 34.90
N GLN S 80 -1.44 44.25 34.29
CA GLN S 80 -2.49 43.42 34.94
C GLN S 80 -1.93 42.02 35.14
N ARG S 81 -2.59 41.24 35.99
CA ARG S 81 -2.14 39.90 36.37
C ARG S 81 -3.20 38.87 35.95
N CYS S 82 -2.73 37.73 35.46
CA CYS S 82 -3.61 36.57 35.23
C CYS S 82 -4.36 36.26 36.52
N PRO S 83 -5.70 36.19 36.48
CA PRO S 83 -6.46 35.94 37.71
C PRO S 83 -6.29 34.50 38.23
N SER S 84 -5.70 33.59 37.47
CA SER S 84 -5.39 32.22 37.94
C SER S 84 -3.97 32.13 38.52
N CYS S 85 -2.93 32.60 37.81
CA CYS S 85 -1.52 32.36 38.25
C CYS S 85 -0.78 33.65 38.66
N GLY S 86 -1.36 34.82 38.42
CA GLY S 86 -0.76 36.12 38.80
C GLY S 86 0.35 36.61 37.87
N THR S 87 0.58 35.94 36.73
N THR S 87 0.70 35.90 36.80
CA THR S 87 1.56 36.34 35.69
CA THR S 87 1.78 36.40 35.92
C THR S 87 1.24 37.77 35.23
C THR S 87 1.30 37.72 35.29
N HIS S 88 2.24 38.62 35.12
CA HIS S 88 2.05 40.04 34.73
C HIS S 88 2.07 40.18 33.21
N TYR S 89 1.16 41.01 32.72
CA TYR S 89 1.04 41.40 31.30
C TYR S 89 0.92 42.91 31.23
N LYS S 90 1.63 43.50 30.26
CA LYS S 90 1.61 44.95 30.04
C LYS S 90 1.30 45.20 28.56
N LEU S 91 0.29 46.02 28.28
CA LEU S 91 -0.06 46.36 26.88
C LEU S 91 0.95 47.40 26.35
N VAL S 92 1.45 47.17 25.16
CA VAL S 92 2.34 48.13 24.45
C VAL S 92 1.61 48.48 23.15
N PRO S 93 0.72 49.50 23.15
CA PRO S 93 0.14 49.98 21.88
C PRO S 93 1.27 50.13 20.82
N GLY T 12 14.76 15.95 -9.36
CA GLY T 12 14.77 17.11 -10.16
C GLY T 12 13.85 16.94 -11.42
N ALA T 13 13.60 18.04 -12.08
CA ALA T 13 12.83 18.10 -13.34
C ALA T 13 13.54 17.25 -14.39
N ARG T 14 14.88 17.32 -14.45
CA ARG T 14 15.62 16.55 -15.47
C ARG T 14 15.34 15.04 -15.32
N THR T 15 15.36 14.55 -14.10
CA THR T 15 15.12 13.12 -13.81
C THR T 15 13.68 12.75 -14.22
N TRP T 16 12.70 13.60 -13.86
CA TRP T 16 11.30 13.26 -14.16
C TRP T 16 11.04 13.36 -15.66
N ARG T 17 11.72 14.24 -16.36
CA ARG T 17 11.58 14.27 -17.83
C ARG T 17 12.20 12.98 -18.41
N PHE T 18 13.36 12.59 -17.89
CA PHE T 18 14.04 11.36 -18.31
C PHE T 18 13.09 10.17 -18.12
N LEU T 19 12.38 10.09 -16.99
CA LEU T 19 11.41 8.97 -16.78
C LEU T 19 10.22 9.10 -17.73
N THR T 20 9.76 10.33 -17.97
CA THR T 20 8.60 10.55 -18.88
C THR T 20 8.93 9.96 -20.27
N PHE T 21 10.05 10.40 -20.85
CA PHE T 21 10.41 10.04 -22.24
C PHE T 21 11.13 8.69 -22.32
N GLY T 22 11.80 8.24 -21.24
CA GLY T 22 12.65 7.04 -21.32
C GLY T 22 11.93 5.78 -20.86
N LEU T 23 10.87 5.93 -20.04
CA LEU T 23 10.12 4.78 -19.47
C LEU T 23 8.62 4.90 -19.75
N ALA T 24 8.00 6.00 -19.36
CA ALA T 24 6.53 6.13 -19.33
C ALA T 24 5.98 6.12 -20.76
N LEU T 25 6.45 7.01 -21.64
CA LEU T 25 5.85 7.09 -22.98
C LEU T 25 6.25 5.85 -23.81
N PRO T 26 7.48 5.31 -23.71
CA PRO T 26 7.74 4.01 -24.33
C PRO T 26 6.75 2.91 -23.90
N SER T 27 6.40 2.84 -22.61
CA SER T 27 5.41 1.88 -22.08
C SER T 27 4.08 2.06 -22.79
N VAL T 28 3.65 3.32 -22.90
CA VAL T 28 2.38 3.63 -23.60
C VAL T 28 2.48 3.17 -25.06
N ALA T 29 3.59 3.46 -25.75
CA ALA T 29 3.79 3.05 -27.14
C ALA T 29 3.68 1.53 -27.27
N LEU T 30 4.33 0.77 -26.39
CA LEU T 30 4.28 -0.73 -26.44
C LEU T 30 2.86 -1.23 -26.16
N CYS T 31 2.14 -0.66 -25.20
CA CYS T 31 0.76 -1.11 -24.90
C CYS T 31 -0.16 -0.74 -26.07
N THR T 32 0.14 0.36 -26.76
CA THR T 32 -0.65 0.85 -27.92
C THR T 32 -0.46 -0.19 -29.05
N LEU T 33 0.79 -0.60 -29.28
CA LEU T 33 1.14 -1.62 -30.29
C LEU T 33 0.41 -2.94 -29.94
N ASN T 34 0.50 -3.38 -28.68
CA ASN T 34 -0.14 -4.62 -28.20
C ASN T 34 -1.65 -4.56 -28.50
N SER T 35 -2.27 -3.44 -28.15
CA SER T 35 -3.74 -3.29 -28.27
C SER T 35 -4.12 -3.33 -29.74
N TRP T 36 -3.37 -2.60 -30.56
CA TRP T 36 -3.67 -2.43 -32.00
C TRP T 36 -3.53 -3.79 -32.69
N LEU T 37 -2.60 -4.65 -32.24
CA LEU T 37 -2.42 -6.00 -32.84
C LEU T 37 -3.60 -6.92 -32.47
N HIS T 38 -4.39 -6.60 -31.45
CA HIS T 38 -5.52 -7.43 -30.96
C HIS T 38 -6.86 -6.70 -31.11
N SER T 39 -6.95 -5.72 -32.01
CA SER T 39 -8.14 -4.83 -32.17
C SER T 39 -9.21 -5.45 -33.08
N GLY T 40 -8.96 -6.62 -33.68
CA GLY T 40 -9.93 -7.28 -34.60
C GLY T 40 -11.25 -7.62 -33.92
N HIS T 41 -12.38 -7.59 -34.63
CA HIS T 41 -13.74 -7.92 -34.08
C HIS T 41 -13.83 -9.43 -33.80
N ARG T 42 -14.29 -9.82 -32.60
CA ARG T 42 -14.54 -11.22 -32.16
C ARG T 42 -15.86 -11.71 -32.78
N GLU T 43 -15.99 -13.03 -33.01
CA GLU T 43 -17.25 -13.73 -33.45
C GLU T 43 -18.31 -13.59 -32.35
N ARG T 44 -19.50 -13.04 -32.61
CA ARG T 44 -20.47 -12.82 -31.50
C ARG T 44 -21.16 -14.14 -31.14
N PRO T 45 -21.41 -14.32 -29.82
CA PRO T 45 -21.94 -15.57 -29.28
C PRO T 45 -23.43 -15.70 -29.61
N ALA T 46 -23.92 -16.94 -29.69
CA ALA T 46 -25.35 -17.20 -29.88
C ALA T 46 -26.10 -16.35 -28.85
N PHE T 47 -27.22 -15.76 -29.25
CA PHE T 47 -28.14 -15.12 -28.28
C PHE T 47 -28.84 -16.19 -27.43
N ILE T 48 -28.85 -16.01 -26.12
CA ILE T 48 -29.67 -16.81 -25.16
C ILE T 48 -30.39 -15.79 -24.27
N PRO T 49 -31.75 -15.85 -24.18
CA PRO T 49 -32.49 -14.82 -23.42
C PRO T 49 -32.47 -15.04 -21.89
N TYR T 50 -31.25 -15.07 -21.33
CA TYR T 50 -31.02 -15.22 -19.89
C TYR T 50 -31.78 -14.13 -19.12
N HIS T 51 -32.42 -14.53 -18.01
CA HIS T 51 -33.31 -13.64 -17.23
C HIS T 51 -32.50 -12.71 -16.34
N HIS T 52 -31.20 -12.98 -16.12
CA HIS T 52 -30.33 -12.13 -15.28
C HIS T 52 -29.63 -11.07 -16.13
N LEU T 53 -29.89 -11.02 -17.43
CA LEU T 53 -29.24 -10.07 -18.36
C LEU T 53 -30.31 -9.30 -19.11
N ARG T 54 -29.94 -8.25 -19.82
CA ARG T 54 -30.92 -7.41 -20.56
C ARG T 54 -32.11 -7.04 -19.65
N ILE T 55 -31.79 -6.61 -18.45
CA ILE T 55 -32.79 -6.26 -17.42
C ILE T 55 -33.59 -5.06 -17.91
N ARG T 56 -34.90 -5.18 -17.75
CA ARG T 56 -35.83 -4.06 -18.03
C ARG T 56 -36.86 -4.02 -16.91
N THR T 57 -36.62 -3.19 -15.89
CA THR T 57 -37.61 -2.95 -14.81
C THR T 57 -38.34 -1.63 -15.05
N LYS T 58 -37.76 -0.74 -15.83
CA LYS T 58 -38.36 0.56 -16.18
C LYS T 58 -37.77 0.95 -17.54
N PRO T 59 -38.55 1.54 -18.48
CA PRO T 59 -37.97 1.92 -19.77
C PRO T 59 -36.89 2.98 -19.48
N PHE T 60 -35.81 2.95 -20.26
CA PHE T 60 -34.79 4.03 -20.23
C PHE T 60 -35.43 5.33 -20.64
N SER T 61 -34.89 6.46 -20.17
CA SER T 61 -35.45 7.82 -20.37
C SER T 61 -34.99 8.44 -21.69
N TRP T 62 -34.66 7.64 -22.69
CA TRP T 62 -34.20 8.10 -24.02
C TRP T 62 -34.61 7.05 -25.07
N GLY T 63 -34.50 7.40 -26.34
CA GLY T 63 -34.84 6.55 -27.50
C GLY T 63 -36.21 5.92 -27.32
N ASP T 64 -36.35 4.62 -27.59
CA ASP T 64 -37.63 3.89 -27.50
C ASP T 64 -37.76 3.29 -26.10
N GLY T 65 -36.87 3.60 -25.15
CA GLY T 65 -36.91 3.02 -23.81
C GLY T 65 -36.26 1.64 -23.68
N ASN T 66 -35.79 1.05 -24.77
CA ASN T 66 -35.36 -0.37 -24.76
C ASN T 66 -33.90 -0.52 -25.21
N HIS T 67 -33.21 0.58 -25.51
CA HIS T 67 -31.80 0.60 -25.99
C HIS T 67 -30.92 1.23 -24.89
N THR T 68 -29.83 0.58 -24.55
CA THR T 68 -28.87 1.15 -23.57
C THR T 68 -28.17 2.38 -24.19
N PHE T 69 -27.61 3.21 -23.32
CA PHE T 69 -27.10 4.55 -23.67
C PHE T 69 -26.03 4.49 -24.79
N PHE T 70 -25.15 3.48 -24.75
N PHE T 70 -25.09 3.51 -24.72
CA PHE T 70 -24.07 3.28 -25.75
CA PHE T 70 -23.99 3.27 -25.70
C PHE T 70 -24.29 1.92 -26.39
C PHE T 70 -24.27 1.99 -26.52
N HIS T 71 -25.54 1.68 -26.77
CA HIS T 71 -25.98 0.48 -27.51
C HIS T 71 -25.16 0.35 -28.80
N ASN T 72 -24.58 -0.81 -29.02
CA ASN T 72 -23.84 -1.16 -30.24
C ASN T 72 -24.62 -2.29 -30.90
N PRO T 73 -25.32 -2.03 -32.02
CA PRO T 73 -26.13 -3.08 -32.66
C PRO T 73 -25.37 -4.39 -32.94
N ARG T 74 -24.08 -4.30 -33.20
CA ARG T 74 -23.29 -5.49 -33.60
C ARG T 74 -23.13 -6.43 -32.39
N VAL T 75 -23.01 -5.91 -31.15
CA VAL T 75 -22.61 -6.78 -30.00
C VAL T 75 -23.58 -6.73 -28.83
N ASN T 76 -24.56 -5.84 -28.84
CA ASN T 76 -25.52 -5.70 -27.72
C ASN T 76 -26.89 -6.13 -28.22
N PRO T 77 -27.33 -7.36 -27.88
CA PRO T 77 -28.68 -7.79 -28.23
C PRO T 77 -29.68 -7.08 -27.31
N LEU T 78 -30.89 -6.91 -27.82
CA LEU T 78 -32.07 -6.48 -27.03
C LEU T 78 -32.58 -7.70 -26.26
N PRO T 79 -33.54 -7.51 -25.32
CA PRO T 79 -34.21 -8.64 -24.67
C PRO T 79 -34.71 -9.72 -25.62
N THR T 80 -35.09 -9.34 -26.85
CA THR T 80 -35.66 -10.25 -27.88
C THR T 80 -34.58 -10.76 -28.83
N GLY T 81 -33.35 -10.28 -28.70
CA GLY T 81 -32.24 -10.76 -29.52
C GLY T 81 -31.53 -9.66 -30.30
N TYR T 82 -30.63 -10.07 -31.21
CA TYR T 82 -29.80 -9.11 -31.98
C TYR T 82 -30.72 -8.40 -32.95
N GLU T 83 -30.50 -7.11 -33.18
CA GLU T 83 -31.25 -6.34 -34.21
C GLU T 83 -30.94 -6.83 -35.64
N TYR U 11 -36.69 -41.69 5.39
CA TYR U 11 -36.50 -40.22 5.09
C TYR U 11 -37.70 -39.46 5.66
N GLN U 12 -37.37 -38.54 6.56
CA GLN U 12 -38.31 -37.58 7.18
C GLN U 12 -38.08 -36.21 6.54
N THR U 13 -36.93 -35.61 6.78
CA THR U 13 -36.58 -34.33 6.13
C THR U 13 -35.09 -34.30 5.87
N ALA U 14 -34.64 -33.23 5.25
CA ALA U 14 -33.22 -33.05 4.89
C ALA U 14 -32.43 -32.94 6.17
N PRO U 15 -31.37 -33.75 6.34
CA PRO U 15 -30.52 -33.66 7.52
C PRO U 15 -29.60 -32.42 7.48
N PHE U 16 -29.09 -32.02 8.64
CA PHE U 16 -27.96 -31.05 8.76
C PHE U 16 -26.90 -31.43 7.72
N ASP U 17 -26.37 -30.45 7.02
CA ASP U 17 -25.28 -30.62 6.03
C ASP U 17 -24.16 -29.66 6.41
N SER U 18 -22.99 -30.18 6.82
CA SER U 18 -21.91 -29.33 7.36
C SER U 18 -21.42 -28.34 6.29
N ARG U 19 -21.76 -28.57 5.00
CA ARG U 19 -21.39 -27.62 3.93
C ARG U 19 -22.18 -26.32 4.08
N PHE U 20 -23.35 -26.39 4.70
CA PHE U 20 -24.31 -25.26 4.79
C PHE U 20 -24.78 -25.14 6.25
N PRO U 21 -23.91 -24.66 7.16
CA PRO U 21 -24.24 -24.68 8.58
C PRO U 21 -24.91 -23.41 9.13
N ASN U 22 -25.18 -22.44 8.28
CA ASN U 22 -25.56 -21.07 8.70
C ASN U 22 -27.04 -20.80 8.36
N GLN U 23 -27.54 -19.66 8.80
CA GLN U 23 -28.97 -19.31 8.63
C GLN U 23 -29.29 -19.22 7.14
N ASN U 24 -28.35 -18.80 6.30
CA ASN U 24 -28.60 -18.67 4.84
C ASN U 24 -28.47 -20.05 4.21
N GLN U 25 -29.61 -20.63 3.82
CA GLN U 25 -29.69 -22.00 3.25
C GLN U 25 -29.86 -21.96 1.71
N THR U 26 -29.71 -20.79 1.10
CA THR U 26 -29.96 -20.61 -0.35
C THR U 26 -29.13 -21.65 -1.14
N ARG U 27 -27.85 -21.73 -0.85
CA ARG U 27 -26.90 -22.58 -1.62
C ARG U 27 -27.20 -24.07 -1.42
N ASN U 28 -27.77 -24.44 -0.27
CA ASN U 28 -28.18 -25.84 0.03
C ASN U 28 -29.28 -26.26 -0.96
N CYS U 29 -30.34 -25.46 -1.06
CA CYS U 29 -31.41 -25.69 -2.05
C CYS U 29 -30.81 -25.78 -3.48
N TRP U 30 -30.01 -24.79 -3.87
CA TRP U 30 -29.43 -24.69 -5.23
C TRP U 30 -28.56 -25.92 -5.52
N GLN U 31 -27.67 -26.29 -4.60
CA GLN U 31 -26.70 -27.40 -4.84
C GLN U 31 -27.46 -28.72 -5.02
N ASN U 32 -28.45 -29.02 -4.17
CA ASN U 32 -29.24 -30.27 -4.28
C ASN U 32 -30.10 -30.27 -5.56
N TYR U 33 -30.59 -29.13 -6.01
CA TYR U 33 -31.35 -29.04 -7.27
C TYR U 33 -30.40 -29.37 -8.43
N LEU U 34 -29.24 -28.74 -8.47
CA LEU U 34 -28.23 -29.03 -9.51
C LEU U 34 -27.86 -30.52 -9.47
N ASP U 35 -27.60 -31.04 -8.28
CA ASP U 35 -27.10 -32.43 -8.05
C ASP U 35 -28.13 -33.41 -8.60
N PHE U 36 -29.40 -33.17 -8.27
CA PHE U 36 -30.51 -34.00 -8.79
C PHE U 36 -30.49 -33.99 -10.31
N HIS U 37 -30.45 -32.82 -10.94
CA HIS U 37 -30.63 -32.68 -12.41
C HIS U 37 -29.36 -33.18 -13.12
N ARG U 38 -28.17 -33.00 -12.52
CA ARG U 38 -26.92 -33.55 -13.10
C ARG U 38 -26.99 -35.09 -13.06
N CYS U 39 -27.38 -35.63 -11.92
CA CYS U 39 -27.50 -37.10 -11.76
C CYS U 39 -28.54 -37.62 -12.76
N GLU U 40 -29.70 -36.97 -12.85
CA GLU U 40 -30.82 -37.42 -13.72
C GLU U 40 -30.32 -37.42 -15.17
N LYS U 41 -29.59 -36.38 -15.59
CA LYS U 41 -29.04 -36.36 -16.97
C LYS U 41 -28.04 -37.51 -17.16
N ALA U 42 -27.13 -37.73 -16.21
CA ALA U 42 -26.12 -38.81 -16.27
C ALA U 42 -26.83 -40.18 -16.37
N MET U 43 -27.92 -40.38 -15.67
CA MET U 43 -28.64 -41.69 -15.68
C MET U 43 -29.48 -41.84 -16.97
N THR U 44 -30.15 -40.79 -17.45
CA THR U 44 -31.01 -40.87 -18.65
C THR U 44 -30.10 -41.04 -19.87
N ALA U 45 -28.90 -40.43 -19.79
CA ALA U 45 -27.80 -40.50 -20.78
C ALA U 45 -27.44 -41.95 -21.08
N LYS U 46 -26.66 -42.65 -20.23
CA LYS U 46 -26.23 -44.04 -20.57
C LYS U 46 -27.43 -45.00 -20.51
N GLY U 47 -28.49 -44.64 -19.79
CA GLY U 47 -29.69 -45.48 -19.62
C GLY U 47 -29.59 -46.31 -18.35
N GLY U 48 -28.67 -45.91 -17.43
CA GLY U 48 -28.68 -46.23 -15.99
C GLY U 48 -30.05 -45.91 -15.45
N ASP U 49 -30.25 -45.66 -14.15
CA ASP U 49 -31.62 -45.50 -13.58
C ASP U 49 -31.72 -44.32 -12.59
N VAL U 50 -32.74 -43.48 -12.76
CA VAL U 50 -32.94 -42.19 -12.04
C VAL U 50 -33.26 -42.47 -10.56
N SER U 51 -33.56 -43.69 -10.10
CA SER U 51 -33.76 -43.98 -8.64
C SER U 51 -32.47 -43.69 -7.85
N VAL U 52 -31.31 -43.82 -8.51
CA VAL U 52 -29.95 -43.45 -8.01
C VAL U 52 -29.91 -41.98 -7.56
N CYS U 53 -30.73 -41.13 -8.16
CA CYS U 53 -30.71 -39.66 -7.92
C CYS U 53 -31.63 -39.27 -6.76
N GLU U 54 -32.27 -40.25 -6.09
CA GLU U 54 -33.48 -40.02 -5.25
C GLU U 54 -33.10 -39.16 -4.04
N TRP U 55 -31.93 -39.36 -3.44
CA TRP U 55 -31.55 -38.56 -2.26
C TRP U 55 -31.62 -37.06 -2.62
N TYR U 56 -31.02 -36.67 -3.74
CA TYR U 56 -30.96 -35.24 -4.10
C TYR U 56 -32.38 -34.72 -4.35
N ARG U 57 -33.25 -35.54 -4.94
CA ARG U 57 -34.63 -35.14 -5.28
C ARG U 57 -35.36 -34.82 -3.97
N ARG U 58 -35.29 -35.73 -2.99
CA ARG U 58 -36.00 -35.54 -1.69
C ARG U 58 -35.45 -34.28 -1.00
N VAL U 59 -34.12 -34.11 -0.96
CA VAL U 59 -33.51 -32.95 -0.24
C VAL U 59 -33.96 -31.64 -0.91
N TYR U 60 -33.86 -31.51 -2.23
CA TYR U 60 -34.19 -30.20 -2.87
C TYR U 60 -35.70 -29.97 -2.72
N LYS U 61 -36.50 -31.03 -2.80
CA LYS U 61 -37.97 -30.88 -2.73
C LYS U 61 -38.31 -30.37 -1.30
N SER U 62 -37.63 -30.89 -0.27
CA SER U 62 -37.81 -30.49 1.15
C SER U 62 -37.45 -29.01 1.35
N LEU U 63 -36.31 -28.56 0.81
CA LEU U 63 -35.71 -27.24 1.16
C LEU U 63 -36.18 -26.13 0.22
N CYS U 64 -36.38 -26.39 -1.07
CA CYS U 64 -36.51 -25.33 -2.09
C CYS U 64 -37.96 -24.83 -2.15
N PRO U 65 -38.16 -23.49 -2.15
CA PRO U 65 -39.48 -22.92 -2.43
C PRO U 65 -40.01 -23.45 -3.77
N ILE U 66 -41.30 -23.78 -3.79
CA ILE U 66 -42.01 -24.27 -5.00
C ILE U 66 -41.75 -23.29 -6.15
N SER U 67 -41.80 -21.99 -5.90
CA SER U 67 -41.72 -20.99 -6.99
C SER U 67 -40.29 -21.01 -7.58
N TRP U 68 -39.28 -21.31 -6.76
CA TRP U 68 -37.87 -21.39 -7.23
C TRP U 68 -37.75 -22.62 -8.14
N VAL U 69 -38.24 -23.76 -7.67
CA VAL U 69 -38.20 -25.03 -8.44
C VAL U 69 -38.93 -24.80 -9.75
N SER U 70 -40.12 -24.22 -9.69
CA SER U 70 -40.96 -23.99 -10.90
C SER U 70 -40.22 -23.05 -11.89
N THR U 71 -39.65 -21.95 -11.41
CA THR U 71 -38.87 -21.00 -12.24
C THR U 71 -37.66 -21.71 -12.88
N TRP U 72 -36.90 -22.45 -12.07
CA TRP U 72 -35.72 -23.19 -12.57
C TRP U 72 -36.16 -24.21 -13.64
N ASP U 73 -37.24 -24.93 -13.40
CA ASP U 73 -37.77 -25.94 -14.35
C ASP U 73 -38.07 -25.26 -15.68
N ASP U 74 -38.76 -24.12 -15.62
CA ASP U 74 -39.19 -23.38 -16.84
C ASP U 74 -37.94 -22.94 -17.60
N ARG U 75 -36.90 -22.47 -16.89
CA ARG U 75 -35.69 -21.96 -17.56
C ARG U 75 -34.91 -23.13 -18.18
N ARG U 76 -34.86 -24.29 -17.53
CA ARG U 76 -34.20 -25.50 -18.13
C ARG U 76 -34.92 -25.84 -19.44
N ALA U 77 -36.25 -25.77 -19.47
CA ALA U 77 -37.06 -26.09 -20.67
C ALA U 77 -36.81 -25.01 -21.74
N GLU U 78 -36.62 -23.75 -21.34
CA GLU U 78 -36.43 -22.61 -22.27
C GLU U 78 -34.99 -22.59 -22.81
N GLY U 79 -34.04 -23.23 -22.13
CA GLY U 79 -32.59 -23.16 -22.45
C GLY U 79 -31.93 -21.91 -21.84
N THR U 80 -32.51 -21.34 -20.79
CA THR U 80 -32.00 -20.13 -20.10
C THR U 80 -31.55 -20.41 -18.66
N PHE U 81 -31.46 -21.67 -18.28
CA PHE U 81 -31.00 -21.98 -16.90
C PHE U 81 -29.50 -21.68 -16.84
N PRO U 82 -29.03 -20.85 -15.90
CA PRO U 82 -27.63 -20.39 -15.93
C PRO U 82 -26.62 -21.27 -15.21
N GLY U 83 -27.12 -22.27 -14.47
CA GLY U 83 -26.24 -23.25 -13.82
C GLY U 83 -25.88 -24.35 -14.80
N LYS U 84 -24.76 -25.00 -14.57
CA LYS U 84 -24.25 -26.04 -15.49
C LYS U 84 -24.88 -27.39 -15.09
N ILE U 85 -25.60 -28.01 -16.01
CA ILE U 85 -26.15 -29.38 -15.82
C ILE U 85 -25.57 -30.28 -16.91
N ALA V 3 -14.97 25.75 76.61
CA ALA V 3 -14.29 26.07 75.37
C ALA V 3 -14.66 24.98 74.37
N LEU V 4 -14.72 25.40 73.13
CA LEU V 4 -15.09 24.53 71.99
C LEU V 4 -13.85 23.78 71.53
N ALA V 5 -13.96 22.47 71.29
CA ALA V 5 -12.86 21.69 70.69
C ALA V 5 -12.86 21.89 69.17
N LYS V 6 -11.72 21.64 68.55
CA LYS V 6 -11.53 21.76 67.10
C LYS V 6 -12.37 20.72 66.37
N PRO V 7 -13.39 21.12 65.58
CA PRO V 7 -14.11 20.19 64.71
C PRO V 7 -13.23 19.87 63.51
N GLN V 8 -13.57 18.79 62.80
CA GLN V 8 -12.93 18.51 61.48
C GLN V 8 -13.20 19.67 60.53
N MET V 9 -12.14 20.21 59.94
CA MET V 9 -12.27 21.39 59.06
C MET V 9 -11.77 21.09 57.65
N ARG V 10 -11.10 19.97 57.42
CA ARG V 10 -10.56 19.58 56.11
C ARG V 10 -11.28 18.37 55.54
N GLY V 11 -11.42 18.36 54.21
CA GLY V 11 -11.91 17.21 53.44
C GLY V 11 -13.38 16.89 53.75
N LEU V 12 -14.19 17.89 54.15
CA LEU V 12 -15.61 17.60 54.48
C LEU V 12 -16.37 17.09 53.24
N LEU V 13 -16.13 17.66 52.06
CA LEU V 13 -16.80 17.19 50.82
C LEU V 13 -16.39 15.74 50.52
N ALA V 14 -15.10 15.43 50.58
CA ALA V 14 -14.56 14.08 50.29
C ALA V 14 -15.15 13.09 51.31
N ARG V 15 -15.24 13.48 52.58
CA ARG V 15 -15.75 12.61 53.66
C ARG V 15 -17.23 12.28 53.37
N ARG V 16 -18.02 13.26 52.98
CA ARG V 16 -19.44 13.06 52.63
C ARG V 16 -19.53 12.13 51.40
N LEU V 17 -18.70 12.33 50.37
CA LEU V 17 -18.76 11.47 49.16
C LEU V 17 -18.47 10.01 49.54
N ARG V 18 -17.41 9.77 50.31
CA ARG V 18 -16.95 8.41 50.69
C ARG V 18 -18.11 7.70 51.39
N PHE V 19 -18.68 8.35 52.40
CA PHE V 19 -19.79 7.82 53.22
C PHE V 19 -20.96 7.40 52.31
N HIS V 20 -21.40 8.27 51.40
CA HIS V 20 -22.59 8.01 50.55
C HIS V 20 -22.30 7.03 49.40
N ILE V 21 -21.09 6.99 48.87
CA ILE V 21 -20.75 5.99 47.81
C ILE V 21 -20.77 4.59 48.45
N VAL V 22 -20.22 4.43 49.65
CA VAL V 22 -20.30 3.16 50.43
C VAL V 22 -21.78 2.84 50.65
N GLY V 23 -22.57 3.81 51.09
CA GLY V 23 -24.03 3.67 51.31
C GLY V 23 -24.69 3.16 50.05
N ALA V 24 -24.40 3.79 48.90
CA ALA V 24 -24.97 3.39 47.59
C ALA V 24 -24.57 1.96 47.23
N PHE V 25 -23.35 1.55 47.53
CA PHE V 25 -22.89 0.16 47.27
C PHE V 25 -23.75 -0.82 48.09
N MET V 26 -23.94 -0.52 49.37
CA MET V 26 -24.69 -1.39 50.32
C MET V 26 -26.13 -1.50 49.82
N VAL V 27 -26.76 -0.38 49.44
CA VAL V 27 -28.17 -0.39 48.93
C VAL V 27 -28.26 -1.21 47.63
N SER V 28 -27.28 -1.09 46.74
CA SER V 28 -27.21 -1.84 45.45
C SER V 28 -27.24 -3.34 45.72
N LEU V 29 -26.40 -3.80 46.65
CA LEU V 29 -26.35 -5.21 47.10
C LEU V 29 -27.74 -5.64 47.57
N GLY V 30 -28.42 -4.82 48.40
CA GLY V 30 -29.76 -5.14 48.90
C GLY V 30 -30.76 -5.20 47.76
N PHE V 31 -30.61 -4.31 46.78
CA PHE V 31 -31.50 -4.32 45.60
C PHE V 31 -31.23 -5.60 44.80
N ALA V 32 -29.97 -5.96 44.58
CA ALA V 32 -29.64 -7.17 43.78
C ALA V 32 -30.26 -8.40 44.47
N THR V 33 -30.21 -8.41 45.83
CA THR V 33 -30.76 -9.54 46.62
C THR V 33 -32.29 -9.56 46.50
N PHE V 34 -32.96 -8.42 46.68
CA PHE V 34 -34.43 -8.27 46.53
C PHE V 34 -34.85 -8.73 45.12
N TYR V 35 -34.11 -8.30 44.11
CA TYR V 35 -34.50 -8.53 42.70
C TYR V 35 -34.37 -10.00 42.32
N LYS V 36 -33.27 -10.65 42.74
CA LYS V 36 -32.97 -12.07 42.45
C LYS V 36 -34.12 -12.92 43.03
N PHE V 37 -34.64 -12.56 44.22
CA PHE V 37 -35.72 -13.30 44.94
C PHE V 37 -37.08 -12.97 44.29
N ALA V 38 -37.46 -11.69 44.23
CA ALA V 38 -38.80 -11.18 43.82
C ALA V 38 -39.03 -11.33 42.31
N VAL V 39 -37.96 -11.45 41.51
CA VAL V 39 -38.10 -11.42 40.03
C VAL V 39 -37.44 -12.65 39.44
N ALA V 40 -36.11 -12.75 39.48
CA ALA V 40 -35.37 -13.71 38.64
C ALA V 40 -35.61 -15.14 39.18
N GLU V 41 -35.51 -15.37 40.49
CA GLU V 41 -35.76 -16.72 41.07
C GLU V 41 -37.25 -17.04 41.03
N LYS V 42 -38.11 -16.07 41.29
CA LYS V 42 -39.57 -16.23 41.19
C LYS V 42 -39.91 -16.79 39.81
N ARG V 43 -39.32 -16.19 38.75
CA ARG V 43 -39.58 -16.57 37.36
C ARG V 43 -39.07 -18.00 37.15
N LYS V 44 -37.84 -18.31 37.59
CA LYS V 44 -37.27 -19.68 37.38
C LYS V 44 -38.21 -20.70 38.03
N LYS V 45 -38.65 -20.41 39.25
CA LYS V 45 -39.49 -21.31 40.07
C LYS V 45 -40.88 -21.45 39.44
N ALA V 46 -41.47 -20.38 38.90
CA ALA V 46 -42.79 -20.43 38.22
C ALA V 46 -42.71 -21.38 37.01
N TYR V 47 -41.69 -21.27 36.17
CA TYR V 47 -41.53 -22.14 34.98
C TYR V 47 -41.25 -23.59 35.43
N ALA V 48 -40.38 -23.80 36.40
CA ALA V 48 -40.00 -25.15 36.88
C ALA V 48 -41.23 -25.83 37.50
N ASP V 49 -42.02 -25.09 38.28
CA ASP V 49 -43.22 -25.63 38.97
C ASP V 49 -44.26 -25.96 37.91
N PHE V 50 -44.44 -25.08 36.93
CA PHE V 50 -45.44 -25.30 35.87
C PHE V 50 -45.12 -26.62 35.17
N TYR V 51 -43.87 -26.86 34.80
CA TYR V 51 -43.51 -28.01 33.92
C TYR V 51 -43.31 -29.28 34.75
N ARG V 52 -43.10 -29.20 36.07
CA ARG V 52 -42.70 -30.38 36.88
C ARG V 52 -43.70 -31.52 36.63
N ASN V 53 -45.01 -31.29 36.75
CA ASN V 53 -46.03 -32.36 36.56
C ASN V 53 -46.86 -32.11 35.30
N TYR V 54 -46.36 -31.30 34.37
CA TYR V 54 -47.14 -30.89 33.18
C TYR V 54 -47.39 -32.08 32.24
N ASP V 55 -48.63 -32.20 31.81
CA ASP V 55 -49.13 -33.29 30.94
C ASP V 55 -49.61 -32.62 29.65
N SER V 56 -48.74 -32.58 28.64
CA SER V 56 -49.01 -31.86 27.37
C SER V 56 -50.21 -32.49 26.64
N MET V 57 -50.41 -33.81 26.70
CA MET V 57 -51.56 -34.48 26.01
C MET V 57 -52.86 -34.05 26.68
N LYS V 58 -52.86 -33.98 28.02
CA LYS V 58 -54.07 -33.55 28.79
C LYS V 58 -54.37 -32.09 28.45
N ASP V 59 -53.35 -31.23 28.40
CA ASP V 59 -53.50 -29.81 28.01
C ASP V 59 -54.16 -29.76 26.62
N PHE V 60 -53.65 -30.52 25.67
CA PHE V 60 -54.17 -30.54 24.28
C PHE V 60 -55.64 -30.98 24.25
N GLU V 61 -55.95 -32.04 24.99
CA GLU V 61 -57.31 -32.63 25.04
C GLU V 61 -58.31 -31.57 25.57
N GLU V 62 -57.92 -30.82 26.59
CA GLU V 62 -58.75 -29.70 27.14
C GLU V 62 -58.98 -28.66 26.03
N MET V 63 -57.93 -28.23 25.35
CA MET V 63 -58.07 -27.22 24.27
C MET V 63 -58.95 -27.77 23.14
N ARG V 64 -58.73 -29.03 22.76
CA ARG V 64 -59.52 -29.65 21.67
C ARG V 64 -60.99 -29.65 22.10
N LYS V 65 -61.32 -30.06 23.33
CA LYS V 65 -62.73 -30.19 23.82
C LYS V 65 -63.38 -28.79 23.85
N ALA V 66 -62.58 -27.75 24.10
CA ALA V 66 -63.07 -26.35 24.10
C ALA V 66 -63.29 -25.82 22.66
N GLY V 67 -62.84 -26.51 21.61
CA GLY V 67 -63.08 -26.14 20.20
C GLY V 67 -62.01 -25.19 19.62
N ILE V 68 -60.84 -25.08 20.21
CA ILE V 68 -59.92 -23.99 19.75
C ILE V 68 -59.24 -24.32 18.43
N PHE V 69 -59.16 -25.60 18.04
CA PHE V 69 -58.30 -26.02 16.90
C PHE V 69 -59.07 -26.15 15.59
N GLN V 70 -58.44 -25.66 14.54
CA GLN V 70 -58.84 -25.86 13.13
C GLN V 70 -58.66 -27.33 12.75
N SER V 71 -57.55 -27.95 13.15
CA SER V 71 -57.12 -29.28 12.63
C SER V 71 -57.63 -30.46 13.46
N ALA V 72 -58.25 -30.24 14.61
CA ALA V 72 -58.70 -31.35 15.49
C ALA V 72 -60.03 -31.00 16.16
N PHE W 1 2.88 34.75 -25.20
CA PHE W 1 2.22 35.45 -24.06
C PHE W 1 3.27 36.29 -23.30
N GLU W 2 2.82 37.43 -22.79
CA GLU W 2 3.60 38.32 -21.90
C GLU W 2 2.96 38.26 -20.50
N ASN W 3 3.74 38.54 -19.47
CA ASN W 3 3.28 38.54 -18.08
C ASN W 3 2.56 39.86 -17.78
N ARG W 4 1.23 39.81 -17.78
CA ARG W 4 0.33 40.97 -17.51
C ARG W 4 -0.34 40.84 -16.14
N VAL W 5 0.24 40.07 -15.22
CA VAL W 5 -0.34 39.88 -13.88
C VAL W 5 -0.33 41.23 -13.13
N ALA W 6 0.72 42.06 -13.23
CA ALA W 6 0.79 43.37 -12.53
C ALA W 6 -0.42 44.24 -12.93
N GLU W 7 -0.82 44.23 -14.21
CA GLU W 7 -1.96 45.03 -14.71
C GLU W 7 -3.26 44.51 -14.06
N LYS W 8 -3.41 43.21 -13.89
CA LYS W 8 -4.61 42.62 -13.27
C LYS W 8 -4.60 42.91 -11.75
N GLN W 9 -3.43 42.92 -11.13
CA GLN W 9 -3.30 43.26 -9.69
C GLN W 9 -3.80 44.68 -9.50
N LYS W 10 -3.37 45.60 -10.35
CA LYS W 10 -3.81 47.01 -10.26
C LYS W 10 -5.35 47.08 -10.41
N LEU W 11 -5.93 46.42 -11.42
CA LEU W 11 -7.41 46.43 -11.64
C LEU W 11 -8.12 45.90 -10.39
N PHE W 12 -7.74 44.72 -9.89
CA PHE W 12 -8.50 44.06 -8.81
C PHE W 12 -8.18 44.70 -7.45
N GLN W 13 -7.21 45.61 -7.33
CA GLN W 13 -6.93 46.31 -6.07
C GLN W 13 -7.41 47.76 -6.15
N GLU W 14 -8.04 48.20 -7.24
CA GLU W 14 -8.59 49.57 -7.34
C GLU W 14 -9.60 49.79 -6.20
N ASP W 15 -9.48 50.89 -5.48
CA ASP W 15 -10.35 51.27 -4.34
C ASP W 15 -11.66 51.84 -4.91
N ASN W 16 -12.53 50.98 -5.41
CA ASN W 16 -13.81 51.39 -6.04
C ASN W 16 -15.00 50.82 -5.26
N GLY W 17 -14.77 50.11 -4.16
CA GLY W 17 -15.84 49.56 -3.30
C GLY W 17 -16.54 48.35 -3.91
N LEU W 18 -16.13 47.86 -5.08
CA LEU W 18 -16.86 46.72 -5.69
C LEU W 18 -16.44 45.44 -5.01
N PRO W 19 -17.41 44.50 -4.83
CA PRO W 19 -17.05 43.17 -4.37
C PRO W 19 -16.31 42.41 -5.49
N VAL W 20 -15.55 41.39 -5.11
CA VAL W 20 -14.60 40.74 -6.05
C VAL W 20 -15.39 40.19 -7.26
N HIS W 21 -16.63 39.75 -7.10
CA HIS W 21 -17.36 39.10 -8.22
C HIS W 21 -17.79 40.11 -9.28
N LEU W 22 -17.67 41.43 -9.02
CA LEU W 22 -18.07 42.51 -9.96
C LEU W 22 -16.87 43.39 -10.32
N LYS W 23 -15.69 43.10 -9.80
CA LYS W 23 -14.56 44.06 -9.90
C LYS W 23 -13.90 44.03 -11.28
N GLY W 24 -14.22 43.06 -12.11
CA GLY W 24 -13.65 42.99 -13.46
C GLY W 24 -14.31 43.96 -14.39
N GLY W 25 -15.52 44.42 -14.07
CA GLY W 25 -16.21 45.39 -14.94
C GLY W 25 -17.56 44.88 -15.42
N ALA W 26 -18.13 45.58 -16.42
CA ALA W 26 -19.52 45.45 -16.92
C ALA W 26 -19.80 43.99 -17.30
N THR W 27 -18.83 43.23 -17.79
CA THR W 27 -19.06 41.82 -18.18
C THR W 27 -19.41 40.99 -16.94
N ASP W 28 -18.82 41.33 -15.81
CA ASP W 28 -19.13 40.61 -14.54
C ASP W 28 -20.62 40.80 -14.24
N ASN W 29 -21.12 42.02 -14.38
CA ASN W 29 -22.54 42.34 -14.09
C ASN W 29 -23.43 41.51 -15.00
N ILE W 30 -23.09 41.42 -16.28
CA ILE W 30 -23.93 40.70 -17.28
C ILE W 30 -23.92 39.22 -16.87
N LEU W 31 -22.75 38.66 -16.59
CA LEU W 31 -22.70 37.22 -16.27
C LEU W 31 -23.47 36.93 -14.97
N TYR W 32 -23.30 37.77 -13.96
CA TYR W 32 -24.08 37.68 -12.68
C TYR W 32 -25.58 37.69 -13.01
N ARG W 33 -26.05 38.65 -13.81
CA ARG W 33 -27.51 38.78 -14.06
C ARG W 33 -28.01 37.56 -14.82
N VAL W 34 -27.24 37.04 -15.77
CA VAL W 34 -27.65 35.81 -16.50
C VAL W 34 -27.79 34.67 -15.49
N THR W 35 -26.79 34.51 -14.66
CA THR W 35 -26.73 33.36 -13.71
C THR W 35 -27.93 33.46 -12.76
N MET W 36 -28.09 34.60 -12.11
CA MET W 36 -29.14 34.74 -11.10
C MET W 36 -30.52 34.62 -11.79
N THR W 37 -30.70 35.18 -12.99
CA THR W 37 -31.99 35.09 -13.73
C THR W 37 -32.29 33.62 -14.00
N LEU W 38 -31.32 32.84 -14.47
CA LEU W 38 -31.54 31.41 -14.78
C LEU W 38 -31.83 30.67 -13.47
N CYS W 39 -31.12 30.99 -12.38
CA CYS W 39 -31.35 30.28 -11.08
C CYS W 39 -32.76 30.57 -10.56
N LEU W 40 -33.15 31.85 -10.52
CA LEU W 40 -34.44 32.23 -9.88
C LEU W 40 -35.60 31.77 -10.76
N GLY W 41 -35.52 32.03 -12.07
CA GLY W 41 -36.49 31.56 -13.08
C GLY W 41 -36.59 30.05 -13.07
N GLY W 42 -35.44 29.34 -13.05
CA GLY W 42 -35.46 27.88 -12.99
C GLY W 42 -36.15 27.38 -11.74
N THR W 43 -35.91 28.04 -10.60
CA THR W 43 -36.50 27.65 -9.30
C THR W 43 -38.02 27.84 -9.40
N LEU W 44 -38.48 28.97 -9.97
CA LEU W 44 -39.94 29.22 -10.15
C LEU W 44 -40.51 28.11 -11.06
N TYR W 45 -39.78 27.73 -12.11
CA TYR W 45 -40.22 26.63 -13.01
C TYR W 45 -40.25 25.30 -12.24
N SER W 46 -39.29 25.03 -11.38
CA SER W 46 -39.25 23.77 -10.57
C SER W 46 -40.51 23.74 -9.69
N LEU W 47 -40.91 24.87 -9.12
CA LEU W 47 -42.11 24.92 -8.23
C LEU W 47 -43.37 24.62 -9.04
N TYR W 48 -43.47 25.20 -10.22
CA TYR W 48 -44.58 24.93 -11.17
C TYR W 48 -44.65 23.42 -11.48
N CYS W 49 -43.49 22.80 -11.74
CA CYS W 49 -43.42 21.37 -12.08
C CYS W 49 -43.90 20.55 -10.88
N LEU W 50 -43.53 20.94 -9.65
CA LEU W 50 -44.03 20.32 -8.39
C LEU W 50 -45.57 20.39 -8.33
N GLY W 51 -46.14 21.57 -8.56
CA GLY W 51 -47.60 21.80 -8.54
C GLY W 51 -48.30 20.90 -9.54
N TRP W 52 -47.72 20.81 -10.75
CA TRP W 52 -48.18 19.89 -11.82
C TRP W 52 -48.08 18.44 -11.35
N ALA W 53 -46.92 18.01 -10.84
CA ALA W 53 -46.67 16.59 -10.51
C ALA W 53 -47.44 16.16 -9.25
N SER W 54 -48.00 17.11 -8.48
CA SER W 54 -48.66 16.85 -7.18
C SER W 54 -50.09 16.37 -7.39
N PHE W 55 -50.59 16.45 -8.62
CA PHE W 55 -51.97 15.99 -8.97
C PHE W 55 -51.92 15.03 -10.14
N PRO W 56 -52.85 14.05 -10.20
CA PRO W 56 -52.93 13.16 -11.35
C PRO W 56 -53.00 13.90 -12.69
N ALA X 6 -39.46 43.59 50.09
CA ALA X 6 -39.55 43.73 48.61
C ALA X 6 -40.16 42.45 48.01
N PRO X 7 -41.47 42.16 48.24
CA PRO X 7 -42.09 40.93 47.72
C PRO X 7 -42.18 40.84 46.19
N ASP X 8 -41.76 39.71 45.64
CA ASP X 8 -41.74 39.51 44.18
C ASP X 8 -43.04 38.82 43.75
N PHE X 9 -43.14 38.49 42.47
CA PHE X 9 -44.32 37.83 41.85
C PHE X 9 -44.61 36.53 42.62
N HIS X 10 -43.58 35.79 43.01
CA HIS X 10 -43.70 34.43 43.62
C HIS X 10 -44.25 34.56 45.05
N ASP X 11 -43.78 35.55 45.77
CA ASP X 11 -44.24 35.82 47.16
C ASP X 11 -45.75 36.15 47.13
N LYS X 12 -46.20 36.92 46.15
CA LYS X 12 -47.57 37.46 46.05
C LYS X 12 -48.51 36.40 45.47
N TYR X 13 -48.11 35.69 44.41
CA TYR X 13 -49.03 34.85 43.62
C TYR X 13 -48.67 33.35 43.64
N GLY X 14 -47.50 32.96 44.15
CA GLY X 14 -47.03 31.57 44.06
C GLY X 14 -48.01 30.59 44.69
N ASN X 15 -48.56 30.94 45.83
CA ASN X 15 -49.46 30.00 46.58
C ASN X 15 -50.70 29.75 45.73
N ALA X 16 -51.24 30.81 45.11
CA ALA X 16 -52.46 30.78 44.28
C ALA X 16 -52.20 30.01 42.97
N VAL X 17 -51.09 30.30 42.31
CA VAL X 17 -50.67 29.59 41.06
C VAL X 17 -50.54 28.08 41.36
N LEU X 18 -49.86 27.72 42.44
CA LEU X 18 -49.68 26.29 42.79
C LEU X 18 -51.04 25.64 43.07
N ALA X 19 -51.89 26.24 43.90
CA ALA X 19 -53.17 25.61 44.29
C ALA X 19 -54.10 25.54 43.07
N SER X 20 -54.24 26.63 42.31
CA SER X 20 -55.17 26.70 41.15
C SER X 20 -54.69 25.76 40.03
N GLY X 21 -53.39 25.73 39.79
CA GLY X 21 -52.81 24.89 38.74
C GLY X 21 -53.06 23.42 39.04
N ALA X 22 -52.77 22.97 40.27
CA ALA X 22 -52.95 21.57 40.71
C ALA X 22 -54.44 21.19 40.63
N THR X 23 -55.31 22.03 41.17
CA THR X 23 -56.79 21.78 41.19
C THR X 23 -57.26 21.60 39.75
N PHE X 24 -56.91 22.52 38.86
CA PHE X 24 -57.36 22.51 37.46
C PHE X 24 -56.85 21.25 36.76
N CYS X 25 -55.56 20.96 36.93
CA CYS X 25 -54.90 19.84 36.24
C CYS X 25 -55.59 18.52 36.64
N VAL X 26 -55.76 18.31 37.95
CA VAL X 26 -56.39 17.05 38.43
C VAL X 26 -57.81 16.99 37.88
N ALA X 27 -58.57 18.07 37.97
CA ALA X 27 -60.00 18.05 37.57
C ALA X 27 -60.11 17.72 36.08
N VAL X 28 -59.32 18.38 35.23
CA VAL X 28 -59.50 18.17 33.76
C VAL X 28 -59.02 16.77 33.36
N TRP X 29 -57.90 16.28 33.91
CA TRP X 29 -57.40 14.92 33.58
C TRP X 29 -58.40 13.86 34.06
N VAL X 30 -58.96 14.00 35.26
CA VAL X 30 -59.97 13.03 35.77
C VAL X 30 -61.17 13.04 34.83
N TYR X 31 -61.66 14.22 34.42
CA TYR X 31 -62.81 14.34 33.49
C TYR X 31 -62.45 13.61 32.19
N MET X 32 -61.30 13.94 31.59
CA MET X 32 -60.88 13.34 30.31
C MET X 32 -60.82 11.82 30.44
N ALA X 33 -60.29 11.31 31.56
CA ALA X 33 -59.99 9.88 31.77
C ALA X 33 -61.30 9.09 31.97
N THR X 34 -62.33 9.73 32.54
CA THR X 34 -63.51 8.98 33.07
C THR X 34 -64.83 9.30 32.36
N GLN X 35 -64.97 10.41 31.65
CA GLN X 35 -66.32 10.97 31.33
C GLN X 35 -66.55 11.08 29.82
N ILE X 36 -65.60 10.78 28.95
CA ILE X 36 -65.79 11.09 27.50
C ILE X 36 -65.67 9.82 26.63
N GLY X 37 -65.66 8.63 27.23
CA GLY X 37 -65.74 7.35 26.49
C GLY X 37 -64.39 6.87 26.00
N ILE X 38 -63.27 7.35 26.54
CA ILE X 38 -61.95 6.79 26.14
C ILE X 38 -61.93 5.32 26.52
N GLU X 39 -61.42 4.50 25.60
CA GLU X 39 -61.23 3.05 25.78
C GLU X 39 -59.85 2.82 26.39
N TRP X 40 -59.76 2.46 27.68
CA TRP X 40 -58.45 2.20 28.32
C TRP X 40 -58.04 0.74 28.09
N ASN X 41 -59.02 -0.14 27.92
CA ASN X 41 -58.83 -1.61 27.75
C ASN X 41 -58.00 -2.16 28.89
N PRO X 42 -58.51 -2.08 30.14
CA PRO X 42 -57.79 -2.63 31.29
C PRO X 42 -57.78 -4.16 31.22
N SER X 43 -57.00 -4.81 32.06
CA SER X 43 -56.95 -6.30 32.16
C SER X 43 -58.33 -6.83 32.46
N PRO X 44 -58.78 -7.94 31.84
CA PRO X 44 -60.01 -8.60 32.28
C PRO X 44 -59.82 -9.36 33.59
N VAL X 45 -58.58 -9.49 34.07
CA VAL X 45 -58.28 -10.28 35.30
C VAL X 45 -59.02 -9.63 36.49
N GLY X 46 -59.86 -10.40 37.16
CA GLY X 46 -60.65 -9.98 38.33
C GLY X 46 -61.78 -9.03 37.97
N ARG X 47 -62.13 -8.86 36.69
CA ARG X 47 -63.12 -7.86 36.19
C ARG X 47 -64.15 -8.53 35.26
N VAL X 48 -63.72 -9.33 34.29
CA VAL X 48 -64.63 -9.87 33.24
C VAL X 48 -65.06 -11.28 33.65
N THR X 49 -66.35 -11.56 33.48
CA THR X 49 -66.94 -12.90 33.54
C THR X 49 -66.82 -13.53 32.14
N PRO X 50 -66.00 -14.59 31.97
CA PRO X 50 -65.82 -15.21 30.67
C PRO X 50 -67.19 -15.75 30.23
N LYS X 51 -67.51 -15.65 28.94
CA LYS X 51 -68.79 -16.13 28.38
C LYS X 51 -68.50 -17.09 27.21
N GLU X 52 -69.30 -18.15 27.10
CA GLU X 52 -69.28 -19.15 26.00
C GLU X 52 -69.19 -18.42 24.64
N TRP X 53 -68.26 -18.84 23.78
CA TRP X 53 -68.01 -18.23 22.45
C TRP X 53 -68.27 -19.27 21.35
N ARG X 54 -68.12 -20.57 21.66
CA ARG X 54 -68.00 -21.61 20.61
C ARG X 54 -69.38 -21.95 20.05
N TYR Y 3 -22.91 47.28 7.99
CA TYR Y 3 -24.12 46.61 8.62
C TYR Y 3 -24.38 47.07 10.06
N GLU Y 4 -25.63 46.97 10.47
CA GLU Y 4 -26.12 47.40 11.80
C GLU Y 4 -25.69 46.35 12.81
N GLU Y 5 -25.35 46.78 14.00
CA GLU Y 5 -24.75 45.93 15.05
C GLU Y 5 -25.62 46.10 16.30
N GLY Y 6 -25.64 45.07 17.12
CA GLY Y 6 -26.20 45.19 18.47
C GLY Y 6 -27.51 44.42 18.58
N PRO Y 7 -28.04 44.35 19.81
CA PRO Y 7 -29.26 43.59 20.08
C PRO Y 7 -30.37 44.05 19.12
N GLY Y 8 -31.07 43.08 18.56
CA GLY Y 8 -32.20 43.32 17.62
C GLY Y 8 -31.73 43.71 16.21
N LYS Y 9 -30.42 43.82 15.97
CA LYS Y 9 -29.89 44.32 14.66
C LYS Y 9 -29.09 43.23 13.93
N ASN Y 10 -28.85 42.07 14.54
CA ASN Y 10 -28.01 40.99 13.97
C ASN Y 10 -28.90 39.83 13.52
N ILE Y 11 -30.11 40.15 13.08
CA ILE Y 11 -31.17 39.14 12.76
C ILE Y 11 -31.86 39.58 11.49
N PRO Y 12 -32.34 38.61 10.68
CA PRO Y 12 -33.02 38.94 9.42
C PRO Y 12 -34.50 39.35 9.59
N PHE Y 13 -34.94 39.48 10.83
CA PHE Y 13 -36.33 39.92 11.12
C PHE Y 13 -36.25 41.10 12.06
N SER Y 14 -37.29 41.93 12.05
CA SER Y 14 -37.39 43.14 12.92
C SER Y 14 -38.01 42.77 14.28
N VAL Y 15 -37.43 43.33 15.32
CA VAL Y 15 -38.03 43.29 16.70
C VAL Y 15 -38.36 44.72 17.15
N GLU Y 16 -38.52 45.65 16.20
CA GLU Y 16 -38.83 47.08 16.53
C GLU Y 16 -40.20 47.19 17.20
N ASN Y 17 -41.15 46.36 16.77
CA ASN Y 17 -42.56 46.35 17.25
C ASN Y 17 -42.91 44.92 17.65
N LYS Y 18 -43.22 44.70 18.92
CA LYS Y 18 -43.46 43.34 19.47
C LYS Y 18 -44.70 42.70 18.84
N TRP Y 19 -45.64 43.48 18.33
CA TRP Y 19 -46.90 42.91 17.78
C TRP Y 19 -46.69 42.50 16.31
N ARG Y 20 -45.95 43.31 15.54
CA ARG Y 20 -45.51 42.91 14.20
C ARG Y 20 -44.65 41.65 14.36
N LEU Y 21 -43.79 41.64 15.39
CA LEU Y 21 -42.95 40.45 15.62
C LEU Y 21 -43.84 39.23 15.86
N LEU Y 22 -44.83 39.36 16.74
CA LEU Y 22 -45.74 38.23 17.06
C LEU Y 22 -46.40 37.70 15.79
N ALA Y 23 -46.83 38.59 14.88
CA ALA Y 23 -47.43 38.19 13.58
C ALA Y 23 -46.40 37.39 12.78
N MET Y 24 -45.17 37.93 12.66
CA MET Y 24 -44.11 37.27 11.86
C MET Y 24 -43.78 35.90 12.48
N MET Y 25 -43.68 35.79 13.80
CA MET Y 25 -43.28 34.52 14.46
C MET Y 25 -44.41 33.49 14.30
N THR Y 26 -45.66 33.95 14.42
CA THR Y 26 -46.91 33.17 14.21
C THR Y 26 -46.92 32.57 12.80
N LEU Y 27 -46.66 33.39 11.79
CA LEU Y 27 -46.62 32.97 10.38
C LEU Y 27 -45.48 31.97 10.20
N PHE Y 28 -44.34 32.23 10.81
CA PHE Y 28 -43.10 31.42 10.64
C PHE Y 28 -43.31 30.02 11.23
N PHE Y 29 -43.47 29.92 12.55
CA PHE Y 29 -43.64 28.63 13.26
C PHE Y 29 -44.97 27.99 12.89
N GLY Y 30 -46.04 28.79 12.70
CA GLY Y 30 -47.37 28.27 12.32
C GLY Y 30 -47.31 27.57 10.98
N SER Y 31 -46.59 28.15 10.01
CA SER Y 31 -46.50 27.60 8.64
C SER Y 31 -45.84 26.23 8.71
N GLY Y 32 -44.78 26.09 9.49
CA GLY Y 32 -44.06 24.81 9.63
C GLY Y 32 -44.93 23.77 10.28
N PHE Y 33 -45.59 24.13 11.38
CA PHE Y 33 -46.47 23.19 12.07
C PHE Y 33 -47.64 22.78 11.17
N ALA Y 34 -48.19 23.71 10.38
CA ALA Y 34 -49.40 23.40 9.58
C ALA Y 34 -49.06 22.48 8.40
N ALA Y 35 -47.86 22.63 7.83
CA ALA Y 35 -47.53 22.04 6.52
C ALA Y 35 -47.91 20.55 6.54
N PRO Y 36 -47.49 19.72 7.52
CA PRO Y 36 -47.81 18.30 7.44
C PRO Y 36 -49.31 17.96 7.44
N PHE Y 37 -50.09 18.71 8.19
CA PHE Y 37 -51.57 18.51 8.19
C PHE Y 37 -52.11 18.73 6.77
N PHE Y 38 -51.65 19.76 6.06
CA PHE Y 38 -52.15 20.11 4.71
C PHE Y 38 -51.61 19.11 3.69
N ILE Y 39 -50.42 18.53 3.92
CA ILE Y 39 -49.94 17.49 2.99
C ILE Y 39 -50.77 16.22 3.20
N VAL Y 40 -51.09 15.86 4.45
CA VAL Y 40 -51.95 14.68 4.72
C VAL Y 40 -53.31 14.93 4.06
N ARG Y 41 -53.87 16.13 4.19
CA ARG Y 41 -55.15 16.48 3.52
C ARG Y 41 -55.04 16.27 2.01
N HIS Y 42 -53.98 16.77 1.40
CA HIS Y 42 -53.67 16.65 -0.05
C HIS Y 42 -53.66 15.16 -0.44
N GLN Y 43 -52.95 14.28 0.29
CA GLN Y 43 -52.88 12.82 -0.03
C GLN Y 43 -54.26 12.15 0.16
N LEU Y 44 -54.98 12.46 1.24
CA LEU Y 44 -56.31 11.88 1.48
C LEU Y 44 -57.30 12.29 0.38
N LEU Y 45 -57.16 13.50 -0.18
CA LEU Y 45 -58.11 14.03 -1.19
C LEU Y 45 -57.81 13.41 -2.57
N LYS Y 46 -56.69 12.71 -2.74
CA LYS Y 46 -56.47 11.81 -3.90
C LYS Y 46 -57.24 10.51 -3.66
N ILE Z 1 -26.20 35.87 35.06
CA ILE Z 1 -26.23 36.95 34.04
C ILE Z 1 -26.91 38.16 34.70
N THR Z 2 -26.43 39.35 34.34
CA THR Z 2 -27.08 40.64 34.68
C THR Z 2 -27.45 41.37 33.38
N ALA Z 3 -28.53 42.13 33.50
CA ALA Z 3 -29.22 42.72 32.34
C ALA Z 3 -29.79 44.06 32.74
N LYS Z 4 -29.94 44.94 31.75
CA LYS Z 4 -30.67 46.21 31.92
C LYS Z 4 -32.14 45.88 32.15
N PRO Z 5 -32.92 46.77 32.81
CA PRO Z 5 -34.37 46.66 32.80
C PRO Z 5 -34.85 46.61 31.35
N ALA Z 6 -35.90 45.86 31.11
CA ALA Z 6 -36.60 45.77 29.80
C ALA Z 6 -36.76 47.17 29.18
N LYS Z 7 -36.39 47.34 27.91
CA LYS Z 7 -36.62 48.60 27.19
C LYS Z 7 -38.13 48.72 26.98
N THR Z 8 -38.82 47.61 26.77
CA THR Z 8 -40.25 47.61 26.37
C THR Z 8 -40.95 46.51 27.13
N PRO Z 9 -41.15 46.69 28.46
CA PRO Z 9 -41.68 45.62 29.32
C PRO Z 9 -43.00 45.04 28.79
N THR Z 10 -43.16 43.74 28.97
CA THR Z 10 -44.32 42.98 28.48
C THR Z 10 -45.12 42.60 29.72
N SER Z 11 -46.19 43.35 29.98
CA SER Z 11 -47.14 43.19 31.12
C SER Z 11 -47.79 41.80 31.07
N PRO Z 12 -48.34 41.34 32.22
CA PRO Z 12 -49.14 40.11 32.26
C PRO Z 12 -50.21 40.05 31.15
N LYS Z 13 -50.90 41.17 30.90
CA LYS Z 13 -51.96 41.23 29.85
C LYS Z 13 -51.31 40.94 28.48
N GLU Z 14 -50.20 41.63 28.18
CA GLU Z 14 -49.47 41.49 26.91
C GLU Z 14 -49.03 40.03 26.78
N GLN Z 15 -48.55 39.41 27.85
CA GLN Z 15 -48.11 37.99 27.81
C GLN Z 15 -49.31 37.06 27.51
N ALA Z 16 -50.48 37.33 28.09
CA ALA Z 16 -51.69 36.53 27.83
C ALA Z 16 -52.01 36.62 26.32
N ILE Z 17 -51.86 37.79 25.72
CA ILE Z 17 -52.17 37.98 24.28
C ILE Z 17 -51.15 37.19 23.46
N GLY Z 18 -49.87 37.37 23.75
CA GLY Z 18 -48.82 36.67 22.98
C GLY Z 18 -48.96 35.16 23.09
N LEU Z 19 -49.23 34.64 24.28
CA LEU Z 19 -49.43 33.20 24.54
C LEU Z 19 -50.65 32.68 23.77
N SER Z 20 -51.75 33.41 23.84
CA SER Z 20 -53.03 33.02 23.19
C SER Z 20 -52.79 32.98 21.69
N VAL Z 21 -52.16 34.03 21.13
CA VAL Z 21 -51.98 34.10 19.66
C VAL Z 21 -51.05 32.94 19.25
N THR Z 22 -50.02 32.69 20.02
CA THR Z 22 -49.03 31.60 19.69
C THR Z 22 -49.78 30.27 19.66
N PHE Z 23 -50.55 29.97 20.71
CA PHE Z 23 -51.24 28.68 20.82
C PHE Z 23 -52.21 28.54 19.66
N LEU Z 24 -52.97 29.59 19.34
CA LEU Z 24 -53.99 29.52 18.27
C LEU Z 24 -53.31 29.27 16.91
N SER Z 25 -52.12 29.83 16.68
CA SER Z 25 -51.41 29.72 15.38
C SER Z 25 -51.07 28.25 15.11
N PHE Z 26 -50.81 27.46 16.16
CA PHE Z 26 -50.55 26.01 16.07
C PHE Z 26 -51.89 25.24 15.96
N LEU Z 27 -52.87 25.59 16.80
CA LEU Z 27 -54.02 24.71 17.06
C LEU Z 27 -55.06 24.87 15.96
N LEU Z 28 -55.31 26.09 15.45
CA LEU Z 28 -56.48 26.31 14.57
C LEU Z 28 -56.28 25.59 13.23
N PRO Z 29 -55.13 25.70 12.54
CA PRO Z 29 -54.99 25.06 11.22
C PRO Z 29 -55.04 23.54 11.35
N ALA Z 30 -54.25 22.96 12.25
CA ALA Z 30 -54.27 21.51 12.50
C ALA Z 30 -55.69 21.09 12.90
N GLY Z 31 -56.37 21.84 13.79
CA GLY Z 31 -57.75 21.49 14.21
C GLY Z 31 -58.69 21.46 13.00
N TRP Z 32 -58.55 22.42 12.10
CA TRP Z 32 -59.40 22.51 10.88
C TRP Z 32 -59.21 21.22 10.07
N VAL Z 33 -57.97 20.82 9.82
CA VAL Z 33 -57.70 19.60 8.99
C VAL Z 33 -58.25 18.38 9.74
N LEU Z 34 -57.96 18.22 11.03
CA LEU Z 34 -58.37 17.01 11.79
C LEU Z 34 -59.89 16.95 11.89
N TYR Z 35 -60.57 18.10 12.07
CA TYR Z 35 -62.04 18.13 12.17
C TYR Z 35 -62.68 17.62 10.85
N HIS Z 36 -62.02 17.91 9.71
CA HIS Z 36 -62.57 17.64 8.36
C HIS Z 36 -62.07 16.31 7.76
N LEU Z 37 -61.39 15.42 8.51
CA LEU Z 37 -60.84 14.14 7.95
C LEU Z 37 -61.99 13.35 7.34
N ASP Z 38 -63.12 13.27 8.08
CA ASP Z 38 -64.49 12.99 7.59
C ASP Z 38 -64.53 13.29 6.08
N ASN Z 39 -64.57 14.58 5.73
CA ASN Z 39 -64.84 15.15 4.38
C ASN Z 39 -63.78 14.68 3.39
N TYR Z 40 -62.50 14.66 3.80
CA TYR Z 40 -61.45 14.03 2.99
C TYR Z 40 -61.76 12.53 2.98
FE HEA AA . 32.26 -22.34 -20.00
CHA HEA AA . 29.62 -24.54 -19.67
CHB HEA AA . 33.93 -24.48 -22.02
CHC HEA AA . 34.80 -20.11 -20.38
CHD HEA AA . 30.61 -20.15 -18.04
NA HEA AA . 31.90 -24.21 -20.61
C1A HEA AA . 30.66 -24.89 -20.58
C2A HEA AA . 30.60 -26.04 -21.50
C3A HEA AA . 31.86 -25.98 -22.23
C4A HEA AA . 32.59 -24.83 -21.68
CMA HEA AA . 32.21 -26.91 -23.31
OMA HEA AA . 33.14 -26.72 -24.07
CAA HEA AA . 29.41 -26.94 -21.71
CBA HEA AA . 29.53 -28.17 -20.83
CGA HEA AA . 28.39 -29.14 -21.05
O1A HEA AA . 28.61 -30.37 -20.91
O2A HEA AA . 27.27 -28.69 -21.44
NB HEA AA . 34.03 -22.31 -21.00
C1B HEA AA . 34.57 -23.28 -21.68
C2B HEA AA . 35.89 -23.00 -22.23
C3B HEA AA . 36.18 -21.69 -21.78
C4B HEA AA . 34.96 -21.34 -21.04
CMB HEA AA . 36.73 -23.91 -23.08
NC HEA AA . 32.62 -20.48 -19.32
C1C HEA AA . 33.68 -19.69 -19.62
C2C HEA AA . 33.63 -18.35 -19.00
C3C HEA AA . 32.36 -18.37 -18.31
C4C HEA AA . 31.84 -19.71 -18.56
CMC HEA AA . 34.60 -17.26 -19.08
CAC HEA AA . 31.69 -17.35 -17.45
CBC HEA AA . 32.22 -16.22 -17.09
ND HEA AA . 30.48 -22.35 -18.99
C1D HEA AA . 29.97 -21.40 -18.27
C2D HEA AA . 28.66 -21.70 -17.70
C3D HEA AA . 28.37 -23.03 -18.18
C4D HEA AA . 29.57 -23.32 -18.95
CMD HEA AA . 27.78 -20.80 -16.90
CAD HEA AA . 27.15 -23.90 -17.96
CBD HEA AA . 27.38 -24.81 -16.75
CGD HEA AA . 26.21 -25.80 -16.61
O1D HEA AA . 25.65 -25.96 -15.46
O2D HEA AA . 25.79 -26.37 -17.65
C11 HEA AA . 37.41 -20.96 -22.13
O11 HEA AA . 37.08 -19.93 -23.07
C12 HEA AA . 38.01 -20.38 -20.88
C13 HEA AA . 39.38 -19.76 -21.25
C14 HEA AA . 40.02 -18.98 -20.16
C15 HEA AA . 39.79 -17.71 -19.87
C16 HEA AA . 40.64 -17.00 -18.78
C17 HEA AA . 39.92 -16.79 -17.62
C18 HEA AA . 40.20 -15.53 -16.84
C18 HEA AA . 40.75 -15.95 -16.66
C19 HEA AA . 41.29 -15.21 -16.13
C19 HEA AA . 40.87 -14.61 -16.53
C20 HEA AA . 41.30 -13.88 -15.39
C20 HEA AA . 41.78 -14.18 -15.39
C21 HEA AA . 42.68 -13.26 -15.14
C21 HEA AA . 42.31 -12.81 -15.68
C22 HEA AA . 42.59 -12.11 -14.16
C22 HEA AA . 43.50 -12.41 -14.85
C23 HEA AA . 43.00 -10.83 -14.38
C23 HEA AA . 43.69 -11.10 -14.59
C24 HEA AA . 43.63 -10.35 -15.69
C24 HEA AA . 42.72 -10.03 -15.10
C25 HEA AA . 42.85 -9.82 -13.25
C25 HEA AA . 44.90 -10.71 -13.78
C26 HEA AA . 38.74 -16.98 -20.58
C27 HEA AA . 42.41 -16.17 -16.09
C27 HEA AA . 40.14 -13.62 -17.41
FE HEA BA . 21.49 -15.08 -22.64
CHA HEA BA . 20.68 -18.29 -21.89
CHB HEA BA . 18.65 -14.65 -24.43
CHC HEA BA . 22.12 -11.75 -23.02
CHD HEA BA . 24.22 -15.35 -20.63
NA HEA BA . 20.02 -16.29 -23.19
C1A HEA BA . 19.72 -17.54 -22.61
C2A HEA BA . 18.37 -18.07 -22.99
C3A HEA BA . 17.78 -16.98 -23.75
C4A HEA BA . 18.79 -15.88 -23.70
CMA HEA BA . 16.38 -17.00 -24.19
OMA HEA BA . 15.84 -16.01 -24.64
CAA HEA BA . 17.78 -19.40 -22.60
CBA HEA BA . 18.03 -20.35 -23.78
CGA HEA BA . 17.72 -21.80 -23.36
O1A HEA BA . 17.00 -22.53 -24.09
O2A HEA BA . 18.22 -22.24 -22.25
NB HEA BA . 20.58 -13.51 -23.59
C1B HEA BA . 19.49 -13.54 -24.36
C2B HEA BA . 19.09 -12.26 -24.94
C3B HEA BA . 20.10 -11.37 -24.49
C4B HEA BA . 20.98 -12.23 -23.72
CMB HEA BA . 17.93 -11.96 -25.87
NC HEA BA . 22.94 -13.83 -22.00
C1C HEA BA . 23.03 -12.53 -22.21
C2C HEA BA . 24.18 -11.83 -21.54
C3C HEA BA . 24.79 -12.90 -20.88
C4C HEA BA . 23.95 -14.08 -21.18
CMC HEA BA . 24.49 -10.37 -21.58
CAC HEA BA . 26.01 -12.91 -20.07
CBC HEA BA . 26.89 -11.96 -20.10
ND HEA BA . 22.33 -16.59 -21.54
C1D HEA BA . 23.42 -16.53 -20.78
C2D HEA BA . 23.69 -17.74 -20.01
C3D HEA BA . 22.66 -18.63 -20.44
C4D HEA BA . 21.90 -17.82 -21.41
CMD HEA BA . 24.80 -18.05 -19.07
CAD HEA BA . 22.42 -20.04 -20.05
CBD HEA BA . 21.99 -20.19 -18.64
CGD HEA BA . 22.03 -21.71 -18.36
O1D HEA BA . 21.04 -22.40 -18.77
O2D HEA BA . 23.03 -22.20 -17.77
C11 HEA BA . 20.20 -9.93 -24.83
O11 HEA BA . 20.54 -9.21 -23.65
C12 HEA BA . 21.17 -9.68 -26.00
C13 HEA BA . 20.96 -8.30 -26.58
C14 HEA BA . 22.06 -7.95 -27.55
C15 HEA BA . 21.91 -7.85 -28.88
C16 HEA BA . 23.12 -7.45 -29.69
C17 HEA BA . 23.38 -5.95 -29.92
C18 HEA BA . 22.23 -5.24 -30.58
C19 HEA BA . 22.28 -4.65 -31.83
C20 HEA BA . 20.99 -3.96 -32.27
C21 HEA BA . 20.23 -4.62 -33.36
C22 HEA BA . 19.69 -6.01 -33.04
C23 HEA BA . 18.47 -6.47 -33.41
C24 HEA BA . 17.42 -5.73 -34.20
C25 HEA BA . 18.13 -7.89 -33.09
C26 HEA BA . 20.68 -8.18 -29.65
C27 HEA BA . 23.49 -4.56 -32.74
CU CU CA . 18.04 -15.00 -19.20
MG MG DA . 16.19 -27.89 -19.60
NA NA EA . 33.84 -38.14 -23.70
O1 PER FA . 20.20 -14.69 -20.75
O2 PER FA . 20.36 -15.18 -19.23
C1 CDL GA . 23.86 -25.08 -45.66
O1 CDL GA . 22.94 -26.10 -46.02
CA2 CDL GA . 23.09 -23.82 -45.31
OA2 CDL GA . 21.91 -24.22 -44.50
PA1 CDL GA . 22.13 -24.83 -43.02
OA3 CDL GA . 22.80 -26.13 -43.35
OA4 CDL GA . 20.79 -24.85 -42.37
OA5 CDL GA . 22.99 -23.56 -42.45
CA3 CDL GA . 23.17 -23.29 -41.05
CA4 CDL GA . 24.58 -22.78 -40.77
OA6 CDL GA . 24.52 -22.65 -39.28
CA5 CDL GA . 24.30 -21.50 -38.61
OA7 CDL GA . 23.23 -21.00 -38.44
C11 CDL GA . 25.45 -20.96 -37.90
C12 CDL GA . 25.02 -19.96 -36.85
C13 CDL GA . 26.05 -18.89 -36.65
C14 CDL GA . 25.63 -17.77 -35.73
C15 CDL GA . 25.87 -16.37 -36.27
C16 CDL GA . 27.27 -16.08 -36.74
C17 CDL GA . 27.48 -14.66 -37.18
C18 CDL GA . 28.35 -14.50 -38.41
C19 CDL GA . 29.33 -13.32 -38.38
C20 CDL GA . 29.34 -12.44 -39.64
C21 CDL GA . 30.70 -11.92 -40.12
C22 CDL GA . 30.99 -12.29 -41.56
C23 CDL GA . 32.31 -11.75 -42.14
CA6 CDL GA . 25.00 -21.72 -41.75
OA8 CDL GA . 26.09 -20.94 -41.22
CA7 CDL GA . 27.30 -20.97 -41.84
OA9 CDL GA . 27.51 -21.54 -42.89
C31 CDL GA . 28.37 -20.27 -41.03
C32 CDL GA . 29.30 -19.35 -41.78
C33 CDL GA . 30.21 -18.54 -40.84
C34 CDL GA . 31.24 -17.62 -41.51
C35 CDL GA . 32.32 -17.09 -40.57
CB2 CDL GA . 24.86 -24.94 -46.79
OB2 CDL GA . 25.87 -25.93 -46.43
PB2 CDL GA . 26.59 -26.87 -47.53
OB3 CDL GA . 25.95 -26.65 -48.89
OB4 CDL GA . 26.75 -28.28 -47.02
OB5 CDL GA . 28.03 -26.16 -47.66
CB3 CDL GA . 29.27 -26.87 -47.32
CB4 CDL GA . 30.03 -26.07 -46.27
OB6 CDL GA . 30.45 -24.78 -46.80
CB5 CDL GA . 29.72 -23.68 -46.43
OB7 CDL GA . 28.57 -23.54 -46.73
C51 CDL GA . 30.46 -22.66 -45.60
C52 CDL GA . 29.76 -22.37 -44.30
CB6 CDL GA . 31.22 -26.84 -45.74
OB8 CDL GA . 31.84 -26.01 -44.72
CB7 CDL GA . 32.00 -26.53 -43.51
OB9 CDL GA . 32.24 -27.70 -43.34
C71 CDL GA . 31.84 -25.47 -42.44
C72 CDL GA . 33.07 -24.66 -42.15
C73 CDL GA . 33.09 -24.07 -40.74
C74 CDL GA . 34.48 -24.03 -40.08
C75 CDL GA . 34.51 -23.54 -38.62
C76 CDL GA . 35.74 -22.73 -38.27
C77 CDL GA . 36.05 -22.50 -36.77
C78 CDL GA . 36.91 -21.23 -36.48
C79 CDL GA . 38.44 -21.46 -36.35
C80 CDL GA . 39.38 -20.22 -36.30
C81 CDL GA . 38.78 -18.93 -35.79
C82 CDL GA . 39.55 -17.66 -36.21
C1 LFA HA . 19.89 7.22 -8.89
C2 LFA HA . 19.62 5.71 -8.76
C3 LFA HA . 19.80 4.96 -10.07
C4 LFA HA . 19.53 3.47 -9.96
C5 LFA HA . 18.98 2.87 -11.21
C6 LFA HA . 18.53 1.42 -11.12
C7 LFA HA . 18.14 0.86 -12.48
C8 LFA HA . 17.85 -0.61 -12.49
C9 LFA HA . 16.46 -0.92 -12.45
C10 LFA HA . 16.12 -2.15 -11.73
C11 LFA HA . 14.74 -2.12 -11.13
C12 LFA HA . 13.97 -3.39 -11.30
C13 LFA HA . 12.66 -3.44 -10.52
C14 LFA HA . 12.07 -4.85 -10.41
C1 LFA IA . 18.47 8.35 -12.10
C2 LFA IA . 17.06 7.98 -12.52
C3 LFA IA . 16.82 8.20 -14.00
C4 LFA IA . 15.58 7.56 -14.56
C5 LFA IA . 15.77 6.98 -15.96
C6 LFA IA . 14.50 6.56 -16.60
C7 LFA IA . 14.62 5.87 -17.88
C8 LFA IA . 15.17 4.44 -17.78
C9 LFA IA . 14.06 3.57 -17.81
C10 LFA IA . 14.09 2.19 -17.37
C11 LFA IA . 13.51 1.95 -16.06
C12 LFA IA . 14.37 2.35 -14.91
C13 LFA IA . 13.64 2.22 -13.59
C14 LFA IA . 13.94 3.33 -12.64
C25 DMU JA . 46.93 -1.61 -37.63
C28 DMU JA . 46.82 -2.60 -36.45
C31 DMU JA . 46.27 -3.98 -36.89
C34 DMU JA . 44.75 -4.10 -36.67
C37 DMU JA . 44.39 -5.21 -35.66
C40 DMU JA . 42.86 -5.34 -35.44
C43 DMU JA . 42.40 -5.79 -34.04
C1 DMU KA . 58.05 -3.24 -27.51
C2 DMU KA . 58.44 -1.80 -27.17
C3 DMU KA . 59.23 -1.76 -25.88
C4 DMU KA . 60.42 -2.77 -26.00
O5 DMU KA . 59.90 -4.07 -26.22
C6 DMU KA . 59.21 -4.16 -27.41
O7 DMU KA . 59.64 -0.37 -25.67
O16 DMU KA . 58.85 -5.43 -27.75
C18 DMU KA . 59.87 -6.39 -27.85
C19 DMU KA . 59.27 -7.63 -28.53
C22 DMU KA . 58.46 -8.45 -27.57
C25 DMU KA . 57.78 -9.64 -28.26
C28 DMU KA . 58.76 -10.75 -28.40
C31 DMU KA . 58.22 -11.85 -29.23
C34 DMU KA . 59.33 -12.82 -29.64
C37 DMU KA . 58.74 -14.00 -30.42
C40 DMU KA . 58.50 -15.19 -29.52
C43 DMU KA . 58.09 -16.39 -30.34
O49 DMU KA . 57.59 -3.29 -28.84
O55 DMU KA . 57.24 -0.97 -27.01
C57 DMU KA . 61.42 -2.84 -24.80
O61 DMU KA . 60.99 -3.72 -23.75
C5 DMU KA . 58.37 1.74 -25.58
C7 DMU KA . 59.53 2.63 -25.56
C8 DMU KA . 60.09 2.74 -24.15
C9 DMU KA . 60.18 1.36 -23.48
O1 DMU KA . 58.95 0.62 -23.62
C10 DMU KA . 58.58 0.42 -24.97
O2 DMU KA . 61.39 3.27 -24.20
O3 DMU KA . 57.62 1.72 -26.75
O4 DMU KA . 59.15 3.90 -25.99
C11 DMU KA . 60.55 1.52 -22.00
O6 DMU KA . 61.65 0.65 -21.74
C1 EDO LA . 36.48 8.58 -20.30
O1 EDO LA . 36.80 9.91 -20.60
C2 EDO LA . 35.05 8.28 -20.39
O2 EDO LA . 34.37 8.93 -19.36
C1 EDO MA . 21.24 10.77 -26.51
O1 EDO MA . 22.25 11.02 -25.56
C2 EDO MA . 19.95 11.42 -26.26
O2 EDO MA . 20.06 12.42 -25.27
C1 EDO NA . 46.99 4.30 -20.88
O1 EDO NA . 46.90 4.03 -22.29
C2 EDO NA . 47.75 3.28 -20.11
O2 EDO NA . 47.24 1.94 -20.31
C1 EDO OA . 40.15 19.97 -22.93
O1 EDO OA . 41.45 19.35 -22.83
C2 EDO OA . 39.03 18.96 -23.08
O2 EDO OA . 39.04 18.25 -24.32
XE XE PA . 29.58 -20.06 -5.61
XE XE QA . 22.54 -16.39 -2.27
XE XE RA . 36.05 -26.02 -7.18
XE XE SA . 36.33 -30.61 -9.76
XE XE TA . 48.19 -9.19 -20.45
P PGV UA . 31.66 0.27 8.42
C01 PGV UA . 27.47 -0.11 7.17
C02 PGV UA . 27.91 -0.42 8.59
C03 PGV UA . 29.15 0.37 9.04
C04 PGV UA . 31.65 2.92 8.63
C05 PGV UA . 31.99 3.95 9.73
C06 PGV UA . 31.09 3.74 10.98
O01 PGV UA . 28.27 -1.82 8.52
O02 PGV UA . 27.22 -2.25 10.49
O03 PGV UA . 26.35 -0.96 6.77
O04 PGV UA . 25.21 0.61 7.68
O05 PGV UA . 31.92 5.27 9.29
O06 PGV UA . 31.40 4.56 12.16
O11 PGV UA . 30.09 0.29 8.00
O12 PGV UA . 31.89 1.65 9.21
O13 PGV UA . 32.38 0.20 7.16
O14 PGV UA . 31.92 -0.76 9.48
C1 PGV UA . 27.86 -2.68 9.55
C2 PGV UA . 28.27 -4.11 9.34
C3 PGV UA . 28.28 -4.93 10.64
C4 PGV UA . 28.80 -6.37 10.39
C5 PGV UA . 28.67 -7.17 11.72
C6 PGV UA . 29.29 -8.58 11.73
C7 PGV UA . 28.49 -9.50 10.78
C8 PGV UA . 29.17 -10.86 10.48
C9 PGV UA . 28.37 -11.56 9.41
C10 PGV UA . 28.69 -12.99 9.05
C11 PGV UA . 28.46 -13.14 7.55
C12 PGV UA . 27.56 -13.90 6.93
C13 PGV UA . 26.56 -14.86 7.55
C14 PGV UA . 26.53 -16.09 6.63
C15 PGV UA . 25.15 -16.52 6.21
C16 PGV UA . 25.03 -18.04 6.10
C17 PGV UA . 24.87 -18.62 7.46
C18 PGV UA . 24.05 -19.89 7.41
C19 PGV UA . 25.12 -0.45 7.08
C20 PGV UA . 23.83 -1.16 6.71
C21 PGV UA . 24.06 -2.66 6.46
C22 PGV UA . 24.26 -3.38 7.75
C23 PGV UA . 24.25 -4.89 7.55
C24 PGV UA . 24.78 -5.80 8.65
C25 PGV UA . 25.09 -7.35 8.54
C26 PGV UA . 24.36 -8.27 7.56
C27 PGV UA . 24.71 -9.79 7.67
C28 PGV UA . 23.93 -10.75 6.72
C29 PGV UA . 23.10 -9.98 5.64
C30 PGV UA . 22.43 -10.64 4.40
C31 PGV UA . 21.08 -10.06 4.14
C32 PGV UA . 19.92 -11.07 4.22
C33 PGV UA . 19.01 -10.71 3.04
C34 PGV UA . 19.29 -11.76 1.99
C1 DMU VA . -0.50 -20.97 -13.41
C2 DMU VA . -1.38 -21.71 -14.43
C3 DMU VA . -1.72 -23.09 -13.86
C4 DMU VA . -2.42 -22.87 -12.54
O5 DMU VA . -1.49 -22.26 -11.63
C6 DMU VA . -1.10 -21.03 -12.04
O7 DMU VA . -2.61 -23.82 -14.70
O16 DMU VA . -0.39 -20.40 -11.06
C18 DMU VA . -1.22 -19.72 -10.16
C19 DMU VA . -0.48 -18.48 -9.69
C22 DMU VA . 0.69 -18.84 -8.76
C25 DMU VA . 1.80 -17.79 -8.88
C28 DMU VA . 2.58 -17.67 -7.60
C31 DMU VA . 3.08 -16.25 -7.42
C34 DMU VA . 3.71 -15.69 -8.70
C37 DMU VA . 4.76 -14.64 -8.35
C40 DMU VA . 5.40 -14.00 -9.58
C43 DMU VA . 6.54 -13.08 -9.20
O49 DMU VA . -0.34 -19.60 -13.81
O55 DMU VA . -0.71 -21.82 -15.70
C57 DMU VA . -2.91 -24.16 -11.96
O61 DMU VA . -3.51 -23.88 -10.70
C5 DMU VA . -2.87 -25.03 -16.62
C7 DMU VA . -4.17 -25.64 -16.38
C8 DMU VA . -4.01 -27.02 -15.72
C9 DMU VA . -3.22 -26.87 -14.46
O1 DMU VA . -1.98 -26.15 -14.71
C10 DMU VA . -2.03 -24.89 -15.46
O2 DMU VA . -5.29 -27.54 -15.38
O3 DMU VA . -2.96 -23.84 -17.49
O4 DMU VA . -4.87 -25.72 -17.62
C11 DMU VA . -2.91 -28.23 -13.81
O6 DMU VA . -1.86 -28.03 -12.85
O16 DMU WA . -0.14 -12.48 -28.00
C18 DMU WA . 1.21 -12.02 -28.09
C19 DMU WA . 1.28 -10.52 -27.81
C22 DMU WA . 2.73 -10.06 -27.69
C25 DMU WA . 3.11 -9.88 -26.24
C28 DMU WA . 3.53 -8.42 -25.98
C31 DMU WA . 4.31 -8.29 -24.68
C34 DMU WA . 5.38 -7.18 -24.77
C37 DMU WA . 6.27 -7.20 -23.54
C40 DMU WA . 6.85 -5.85 -23.22
C43 DMU WA . 7.58 -5.81 -21.90
XE XE XA . 18.23 -12.08 -34.69
CU1 CUA YA . 17.53 -38.51 -18.28
CU2 CUA YA . 19.20 -36.70 -18.78
O16 DMU ZA . 10.83 -10.54 -45.84
C18 DMU ZA . 11.29 -10.43 -44.50
C19 DMU ZA . 12.71 -9.90 -44.50
C22 DMU ZA . 12.84 -8.67 -43.62
C25 DMU ZA . 14.09 -8.73 -42.76
C28 DMU ZA . 15.08 -7.61 -43.12
C31 DMU ZA . 16.14 -7.47 -42.04
C34 DMU ZA . 17.04 -6.29 -42.28
C37 DMU ZA . 18.31 -6.40 -41.43
C40 DMU ZA . 19.08 -5.11 -41.47
C43 DMU ZA . 20.29 -5.14 -40.60
O16 DMU AB . 24.24 8.56 -40.64
C18 DMU AB . 24.49 7.70 -39.55
C19 DMU AB . 24.18 6.28 -39.95
C22 DMU AB . 23.56 5.50 -38.79
C25 DMU AB . 23.65 3.97 -39.04
C28 DMU AB . 22.32 3.24 -38.73
C31 DMU AB . 22.56 1.79 -38.25
C34 DMU AB . 21.30 1.18 -37.61
C37 DMU AB . 21.15 -0.31 -38.01
C40 DMU AB . 20.10 -1.08 -37.22
C43 DMU AB . 20.25 -2.62 -37.27
C1 DMU BB . 28.04 16.95 -35.57
C2 DMU BB . 27.73 18.22 -36.31
C3 DMU BB . 28.94 18.57 -37.11
C4 DMU BB . 29.17 17.51 -38.20
O5 DMU BB . 29.17 16.13 -37.63
C6 DMU BB . 28.31 15.83 -36.53
O7 DMU BB . 28.75 19.88 -37.65
O16 DMU BB . 28.63 14.61 -35.82
C18 DMU BB . 27.45 13.78 -35.44
C19 DMU BB . 27.25 12.55 -36.35
C22 DMU BB . 28.01 11.32 -35.86
C25 DMU BB . 27.28 10.00 -36.15
C28 DMU BB . 28.27 8.84 -36.14
C31 DMU BB . 27.66 7.55 -36.61
C34 DMU BB . 28.73 6.51 -36.87
C37 DMU BB . 28.08 5.26 -37.43
C40 DMU BB . 27.79 4.28 -36.33
C43 DMU BB . 26.53 3.55 -36.59
O49 DMU BB . 26.96 16.62 -34.67
O55 DMU BB . 27.40 19.31 -35.43
C57 DMU BB . 30.51 17.79 -38.92
O61 DMU BB . 30.54 17.27 -40.28
C1 EDO CB . 21.01 -37.75 -32.68
O1 EDO CB . 21.64 -37.05 -33.76
C2 EDO CB . 19.59 -37.40 -32.53
O2 EDO CB . 19.35 -36.02 -32.22
C1 CHD DB . 12.99 7.87 -27.60
C2 CHD DB . 13.32 8.73 -28.83
C3 CHD DB . 14.36 8.07 -29.72
O3 CHD DB . 14.71 8.94 -30.81
C4 CHD DB . 15.59 7.67 -28.94
C5 CHD DB . 15.24 6.79 -27.74
C6 CHD DB . 16.52 6.34 -27.00
C7 CHD DB . 17.19 7.48 -26.21
O7 CHD DB . 17.92 8.40 -27.07
C8 CHD DB . 16.16 8.24 -25.33
C9 CHD DB . 14.89 8.67 -26.11
C10 CHD DB . 14.20 7.44 -26.78
C11 CHD DB . 13.94 9.52 -25.26
C12 CHD DB . 14.62 10.66 -24.49
O12 CHD DB . 15.07 11.65 -25.43
C13 CHD DB . 15.79 10.15 -23.65
C14 CHD DB . 16.77 9.46 -24.61
C15 CHD DB . 18.02 9.23 -23.76
C16 CHD DB . 18.04 10.39 -22.80
C17 CHD DB . 16.73 11.20 -23.00
C18 CHD DB . 15.27 9.20 -22.54
C19 CHD DB . 13.70 6.43 -25.71
C20 CHD DB . 16.29 11.87 -21.69
C21 CHD DB . 15.00 12.64 -21.85
C22 CHD DB . 17.39 12.78 -21.11
C23 CHD DB . 17.68 14.05 -21.89
O25 CHD DB . 19.75 15.22 -21.48
C24 CHD DB . 18.58 14.98 -21.07
O26 CHD DB . 18.10 15.48 -20.04
C1 LFA EB . 11.09 10.60 -32.12
C2 LFA EB . 10.23 9.45 -32.60
C3 LFA EB . 10.04 8.39 -31.55
C4 LFA EB . 10.95 7.18 -31.64
C5 LFA EB . 10.71 6.16 -30.54
C6 LFA EB . 11.22 4.76 -30.83
C7 LFA EB . 12.16 4.19 -29.78
C8 LFA EB . 11.55 3.91 -28.44
C9 LFA EB . 12.00 2.61 -27.81
C10 LFA EB . 11.14 2.18 -26.67
C11 LFA EB . 11.25 0.74 -26.32
C12 LFA EB . 12.60 0.36 -25.84
C13 LFA EB . 12.60 -0.45 -24.58
C14 LFA EB . 13.41 0.13 -23.48
C15 LFA EB . 12.65 1.19 -22.62
C16 LFA EB . 12.42 0.85 -21.15
C17 LFA EB . 11.05 0.34 -20.80
C1 DMU FB . -2.54 -12.26 -33.28
C2 DMU FB . -3.34 -13.54 -33.06
C3 DMU FB . -2.48 -14.73 -33.32
C4 DMU FB . -1.20 -14.67 -32.49
O5 DMU FB . -1.10 -13.45 -31.70
C6 DMU FB . -1.34 -12.24 -32.39
O7 DMU FB . -3.24 -15.92 -33.01
O16 DMU FB . -0.19 -11.56 -32.88
C18 DMU FB . 0.99 -11.52 -32.03
C19 DMU FB . 1.43 -10.06 -31.71
C22 DMU FB . 2.95 -9.77 -32.00
C25 DMU FB . 3.65 -8.95 -30.86
C28 DMU FB . 5.10 -8.47 -31.23
C31 DMU FB . 5.83 -7.73 -30.05
C34 DMU FB . 7.40 -7.62 -30.25
C37 DMU FB . 7.98 -6.25 -29.64
C40 DMU FB . 9.04 -5.42 -30.58
C43 DMU FB . 8.91 -3.84 -30.37
O49 DMU FB . -3.41 -11.16 -33.00
O55 DMU FB . -4.50 -13.56 -33.90
C57 DMU FB . 0.03 -14.79 -33.36
O61 DMU FB . -0.36 -15.21 -34.67
C1 CHD GB . 1.80 -12.81 -19.46
C2 CHD GB . 0.78 -13.81 -19.96
C3 CHD GB . -0.62 -13.27 -19.77
O3 CHD GB . -1.55 -14.25 -20.21
C4 CHD GB . -0.88 -12.90 -18.31
C5 CHD GB . 0.14 -11.88 -17.79
C6 CHD GB . -0.17 -11.49 -16.32
C7 CHD GB . 0.19 -12.56 -15.29
O7 CHD GB . -0.80 -13.61 -15.32
C8 CHD GB . 1.61 -13.11 -15.52
C9 CHD GB . 1.85 -13.53 -16.99
C10 CHD GB . 1.61 -12.36 -17.98
C11 CHD GB . 3.20 -14.23 -17.15
C12 CHD GB . 3.48 -15.35 -16.14
O12 CHD GB . 2.54 -16.43 -16.35
C13 CHD GB . 3.37 -14.81 -14.69
C14 CHD GB . 1.94 -14.24 -14.56
C15 CHD GB . 1.78 -13.98 -13.06
C16 CHD GB . 2.60 -15.13 -12.39
C17 CHD GB . 3.38 -15.85 -13.55
C18 CHD GB . 4.45 -13.74 -14.42
C19 CHD GB . 2.59 -11.17 -17.78
C20 CHD GB . 4.69 -16.48 -13.09
C21 CHD GB . 5.54 -16.99 -14.24
C22 CHD GB . 4.29 -17.64 -12.15
C23 CHD GB . 5.37 -18.26 -11.44
O25 CHD GB . 4.30 -20.42 -11.24
C24 CHD GB . 4.90 -19.46 -10.65
O26 CHD GB . 5.11 -19.45 -9.47
UNK UNX HB . 14.98 10.98 14.65
P PGV IB . 24.32 7.06 16.49
C01 PGV IB . 25.21 4.06 13.78
C02 PGV IB . 25.04 4.02 15.28
C03 PGV IB . 25.87 5.09 15.93
C04 PGV IB . 25.98 8.77 17.59
C05 PGV IB . 25.46 9.82 18.56
C06 PGV IB . 26.17 11.17 18.37
O01 PGV IB . 25.66 2.76 15.68
O02 PGV IB . 23.66 1.98 16.38
O03 PGV IB . 24.28 3.17 13.15
O04 PGV IB . 25.89 1.94 12.37
O05 PGV IB . 25.70 9.34 19.91
O06 PGV IB . 25.56 12.17 19.24
O11 PGV IB . 25.40 6.38 15.52
O12 PGV IB . 25.18 7.59 17.72
O13 PGV IB . 23.34 6.07 17.06
O14 PGV IB . 23.79 8.20 15.71
C1 PGV IB . 24.86 1.79 16.29
C2 PGV IB . 25.61 0.57 16.72
C3 PGV IB . 24.78 -0.48 17.37
C4 PGV IB . 24.09 -1.35 16.33
C5 PGV IB . 23.45 -2.60 16.94
C6 PGV IB . 22.81 -3.56 15.92
C7 PGV IB . 22.19 -4.76 16.65
C8 PGV IB . 21.46 -5.75 15.70
C9 PGV IB . 21.04 -7.06 16.46
C10 PGV IB . 21.80 -8.27 15.95
C11 PGV IB . 21.30 -9.43 16.69
C12 PGV IB . 21.30 -10.70 16.27
C13 PGV IB . 21.83 -11.21 14.94
C14 PGV IB . 22.30 -12.66 15.16
C15 PGV IB . 21.13 -13.65 15.32
C16 PGV IB . 20.93 -14.17 16.76
C17 PGV IB . 19.46 -14.31 17.18
C18 PGV IB . 19.19 -15.54 18.05
C19 PGV IB . 24.68 2.08 12.44
C20 PGV IB . 23.54 1.13 12.04
C21 PGV IB . 23.93 -0.29 12.09
C22 PGV IB . 22.75 -1.15 11.69
C23 PGV IB . 22.90 -2.62 11.77
C24 PGV IB . 21.61 -3.39 11.80
C25 PGV IB . 21.68 -4.79 11.33
C26 PGV IB . 20.42 -5.66 11.50
C27 PGV IB . 21.29 -6.94 11.58
C28 PGV IB . 20.82 -8.14 10.84
C29 PGV IB . 21.85 -9.24 11.04
C30 PGV IB . 21.43 -10.55 10.35
C31 PGV IB . 20.04 -10.56 9.66
C32 PGV IB . 19.91 -11.57 8.54
C33 PGV IB . 18.84 -12.62 8.83
C34 PGV IB . 18.65 -13.41 7.54
C1 CDL JB . 32.99 2.42 26.68
O1 CDL JB . 33.13 3.58 25.87
CA2 CDL JB . 34.27 1.77 27.11
OA2 CDL JB . 34.16 0.39 26.71
PA1 CDL JB . 33.11 0.04 25.54
OA3 CDL JB . 33.21 1.07 24.34
OA4 CDL JB . 33.43 -1.43 25.46
OA5 CDL JB . 31.74 -0.15 26.35
CA3 CDL JB . 30.95 -1.36 26.20
CA4 CDL JB . 30.13 -1.02 24.99
OA6 CDL JB . 29.33 0.16 25.25
CA5 CDL JB . 29.04 0.90 24.18
OA7 CDL JB . 29.94 1.40 23.43
C11 CDL JB . 27.50 0.83 24.27
C12 CDL JB . 27.01 0.13 25.54
C13 CDL JB . 25.56 0.02 25.67
C14 CDL JB . 24.98 -1.05 24.83
C15 CDL JB . 25.14 -2.45 25.33
C16 CDL JB . 23.95 -3.27 24.99
C17 CDL JB . 24.04 -4.75 25.07
C18 CDL JB . 22.75 -5.40 24.58
C19 CDL JB . 22.60 -6.85 24.91
C20 CDL JB . 21.75 -7.65 23.94
C21 CDL JB . 21.00 -8.83 24.59
C22 CDL JB . 19.85 -9.41 23.74
C23 CDL JB . 18.76 -10.19 24.53
C24 CDL JB . 17.89 -11.15 23.67
C25 CDL JB . 16.36 -11.04 23.86
C26 CDL JB . 15.53 -10.86 22.59
C27 CDL JB . 14.04 -11.22 22.64
CA6 CDL JB . 29.21 -2.09 24.49
OA8 CDL JB . 28.81 -1.64 23.19
CA7 CDL JB . 28.51 -2.58 22.30
OA9 CDL JB . 29.30 -3.38 21.89
C31 CDL JB . 27.12 -2.59 21.90
C32 CDL JB . 26.88 -3.36 20.63
C33 CDL JB . 25.99 -4.55 20.88
C34 CDL JB . 25.71 -5.39 19.73
C35 CDL JB . 24.95 -6.65 19.99
C36 CDL JB . 25.62 -7.89 19.42
C37 CDL JB . 24.69 -9.04 19.14
C38 CDL JB . 25.00 -10.32 19.86
C39 CDL JB . 23.76 -10.98 20.50
CB2 CDL JB . 31.98 2.41 27.78
OB2 CDL JB . 31.01 3.44 27.72
PB2 CDL JB . 29.44 3.06 27.65
OB3 CDL JB . 28.76 4.47 27.66
OB4 CDL JB . 29.32 2.12 26.49
OB5 CDL JB . 29.32 2.08 28.93
CB3 CDL JB . 29.57 0.62 28.76
CB4 CDL JB . 30.24 -0.05 29.95
OB6 CDL JB . 29.49 0.29 31.15
CB5 CDL JB . 28.78 -0.66 31.79
OB7 CDL JB . 28.51 -0.57 32.97
C51 CDL JB . 28.25 -1.80 30.96
C52 CDL JB . 29.19 -2.99 30.86
C53 CDL JB . 29.42 -3.46 29.43
C54 CDL JB . 28.17 -3.43 28.59
C55 CDL JB . 28.11 -4.49 27.51
C56 CDL JB . 27.88 -5.89 28.02
C57 CDL JB . 27.61 -6.88 26.93
C58 CDL JB . 26.81 -8.08 27.39
C59 CDL JB . 26.52 -9.10 26.29
C60 CDL JB . 26.41 -8.54 24.89
C61 CDL JB . 25.91 -9.53 23.84
C62 CDL JB . 24.60 -10.18 24.18
CB6 CDL JB . 31.70 0.30 30.16
OB8 CDL JB . 32.48 -0.91 30.31
CB7 CDL JB . 33.20 -1.30 29.25
OB9 CDL JB . 32.71 -1.59 28.18
C71 CDL JB . 34.70 -1.33 29.54
C72 CDL JB . 35.08 -1.93 30.88
C73 CDL JB . 35.83 -3.27 30.77
C74 CDL JB . 35.01 -4.49 31.14
C75 CDL JB . 34.54 -5.34 29.97
C76 CDL JB . 33.17 -5.97 30.11
C77 CDL JB . 32.48 -6.30 28.79
C78 CDL JB . 32.59 -7.75 28.34
C79 CDL JB . 32.19 -7.97 26.88
C80 CDL JB . 31.64 -9.35 26.55
C81 CDL JB . 30.72 -9.37 25.34
C82 CDL JB . 30.75 -10.62 24.52
C83 CDL JB . 29.61 -10.74 23.51
C84 CDL JB . 29.53 -12.07 22.77
C85 CDL JB . 29.17 -13.30 23.62
C86 CDL JB . 29.41 -14.65 22.95
C87 CDL JB . 29.17 -15.82 23.87
C1 CHD KB . 11.86 -0.92 34.57
C2 CHD KB . 10.83 -0.79 35.69
C3 CHD KB . 9.43 -0.65 35.12
O3 CHD KB . 8.45 -0.53 36.17
C4 CHD KB . 9.36 0.55 34.21
C5 CHD KB . 10.40 0.52 33.07
C6 CHD KB . 10.26 1.77 32.17
C7 CHD KB . 10.98 3.03 32.64
O7 CHD KB . 10.18 3.71 33.63
C8 CHD KB . 12.37 2.79 33.25
C9 CHD KB . 12.41 1.58 34.22
C10 CHD KB . 11.87 0.27 33.57
C11 CHD KB . 13.80 1.43 34.88
C12 CHD KB . 14.34 2.69 35.57
O12 CHD KB . 13.70 2.87 36.85
C13 CHD KB . 14.20 3.95 34.70
C14 CHD KB . 12.80 4.02 34.02
C15 CHD KB . 12.78 5.42 33.34
C16 CHD KB . 13.68 6.27 34.27
C17 CHD KB . 14.06 5.32 35.44
C18 CHD KB . 15.36 3.95 33.69
C19 CHD KB . 12.78 -0.13 32.38
C20 CHD KB . 15.18 5.77 36.42
C21 CHD KB . 14.70 5.97 37.86
C22 CHD KB . 15.87 7.03 35.92
C23 CHD KB . 16.87 6.77 34.83
O25 CHD KB . 19.02 7.75 34.85
C24 CHD KB . 17.78 7.96 34.73
O26 CHD KB . 17.25 9.07 34.45
O16 DMU LB . 19.57 -28.94 19.73
C18 DMU LB . 20.06 -28.46 18.49
C19 DMU LB . 20.52 -27.01 18.63
C22 DMU LB . 19.87 -26.12 17.57
C25 DMU LB . 20.86 -25.57 16.52
C28 DMU LB . 20.30 -24.31 15.85
C31 DMU LB . 21.30 -23.68 14.91
C34 DMU LB . 20.74 -22.53 14.06
C37 DMU LB . 21.89 -21.67 13.52
C40 DMU LB . 21.81 -21.31 12.04
C43 DMU LB . 22.99 -20.38 11.66
C1 LFA MB . -10.68 -14.19 10.03
C2 LFA MB . -9.50 -13.30 10.46
C3 LFA MB . -9.77 -11.85 10.19
C4 LFA MB . -9.05 -10.87 11.05
C5 LFA MB . -9.79 -9.58 11.22
C6 LFA MB . -9.89 -9.10 12.65
C7 LFA MB . -11.13 -8.30 12.93
C8 LFA MB . -11.45 -8.09 14.38
C9 LFA MB . -12.05 -6.72 14.65
C10 LFA MB . -11.18 -5.55 14.22
C11 LFA MB . -11.89 -4.22 14.08
C1 LFA NB . -5.54 -7.01 10.51
C2 LFA NB . -6.01 -6.00 11.55
C3 LFA NB . -5.90 -6.46 13.00
C4 LFA NB . -6.11 -5.37 14.04
C5 LFA NB . -5.71 -5.75 15.47
C6 LFA NB . -6.89 -5.66 16.43
C1 LFA OB . 0.85 -22.25 -13.52
C2 LFA OB . 0.07 -21.78 -12.31
C3 LFA OB . 0.47 -20.41 -11.83
C4 LFA OB . 0.10 -20.11 -10.38
C5 LFA OB . 1.21 -19.50 -9.57
C6 LFA OB . 1.07 -18.01 -9.41
C7 LFA OB . 1.56 -17.47 -8.09
C8 LFA OB . 2.72 -16.54 -8.24
C9 LFA OB . 3.03 -15.73 -7.00
C10 LFA OB . 3.70 -14.39 -7.29
C11 LFA OB . 4.33 -14.28 -8.68
C12 LFA OB . 5.30 -13.09 -8.80
C13 LFA OB . 5.88 -12.84 -10.17
C14 LFA OB . 7.00 -11.85 -10.10
C15 LFA OB . 7.31 -11.41 -8.68
C16 LFA OB . 8.03 -10.12 -8.55
C17 LFA OB . 8.94 -10.06 -7.33
C18 LFA OB . 9.38 -8.64 -6.98
C1 LFA PB . -6.77 -17.92 -8.55
C2 LFA PB . -7.45 -17.05 -7.51
C3 LFA PB . -6.83 -15.67 -7.32
C4 LFA PB . -6.35 -15.44 -5.90
C5 LFA PB . -5.83 -14.06 -5.61
C6 LFA PB . -4.56 -14.02 -4.79
C7 LFA PB . -3.56 -12.95 -5.21
C8 LFA PB . -2.11 -13.45 -5.32
C9 LFA PB . -1.08 -12.57 -4.64
C10 LFA PB . 0.20 -12.36 -5.42
C11 LFA PB . 1.46 -12.73 -4.65
C1 LFA QB . -1.03 11.58 14.69
C2 LFA QB . -2.20 10.75 14.22
C3 LFA QB . -1.78 9.40 13.65
C4 LFA QB . -2.91 8.40 13.40
C5 LFA QB . -2.47 7.00 13.03
C6 LFA QB . -2.17 6.09 14.22
C7 LFA QB . -3.11 4.91 14.39
C8 LFA QB . -2.50 3.72 15.10
C9 LFA QB . -2.77 2.38 14.41
C10 LFA QB . -2.33 1.16 15.18
C11 LFA QB . -3.35 0.65 16.17
C12 LFA QB . -2.79 -0.20 17.26
C13 LFA QB . -3.62 -1.40 17.56
C14 LFA QB . -2.93 -2.42 18.44
C1 LFA RB . 5.47 10.46 13.54
C2 LFA RB . 6.90 10.09 13.19
C3 LFA RB . 7.01 8.77 12.49
C4 LFA RB . 5.68 8.08 12.29
C5 LFA RB . 5.75 6.82 11.46
C6 LFA RB . 4.43 6.14 11.26
C7 LFA RB . 3.81 5.60 12.51
C8 LFA RB . 3.53 4.13 12.52
C9 LFA RB . 2.56 3.65 13.61
C10 LFA RB . 2.28 2.15 13.57
C11 LFA RB . 0.83 1.80 13.34
C1 LFA SB . 9.45 2.31 7.66
C2 LFA SB . 10.05 1.36 6.62
C3 LFA SB . 9.40 -0.01 6.65
C4 LFA SB . 9.48 -0.83 5.40
C5 LFA SB . 8.20 -1.52 5.04
C6 LFA SB . 8.28 -2.39 3.81
C7 LFA SB . 7.90 -3.80 4.07
C8 LFA SB . 7.51 -4.64 2.85
C9 LFA SB . 7.55 -6.11 3.19
C10 LFA SB . 6.72 -7.00 2.35
C11 LFA SB . 7.10 -8.46 2.48
C12 LFA SB . 6.93 -9.21 1.19
C13 LFA SB . 5.52 -9.18 0.66
C14 LFA SB . 5.34 -9.64 -0.76
C15 LFA SB . 3.91 -9.91 -1.16
C1 LFA TB . 13.56 9.64 7.39
C2 LFA TB . 12.80 9.05 6.20
C3 LFA TB . 13.40 7.77 5.64
C4 LFA TB . 12.54 6.52 5.78
C5 LFA TB . 13.29 5.21 5.64
C6 LFA TB . 12.43 4.00 5.93
C7 LFA TB . 12.93 2.72 5.30
C8 LFA TB . 12.27 2.38 3.98
C9 LFA TB . 12.53 0.97 3.45
C10 LFA TB . 11.99 0.76 2.05
C11 LFA TB . 11.34 -0.58 1.76
C12 LFA TB . 10.84 -0.71 0.32
C13 LFA TB . 10.95 -2.09 -0.29
C1 DMU UB . -11.77 -16.70 4.36
C2 DMU UB . -11.49 -18.22 4.36
C3 DMU UB . -11.14 -18.66 2.95
C4 DMU UB . -9.93 -17.85 2.45
O5 DMU UB . -10.13 -16.42 2.67
C6 DMU UB . -10.60 -15.97 3.85
O7 DMU UB . -10.82 -20.06 2.90
O16 DMU UB . -10.76 -14.59 3.59
C18 DMU UB . -9.49 -14.05 3.19
C19 DMU UB . -9.61 -12.54 2.92
C22 DMU UB . -8.21 -11.94 2.73
C25 DMU UB . -8.08 -10.64 3.48
C28 DMU UB . -7.97 -9.45 2.51
C31 DMU UB . -8.24 -8.15 3.24
C34 DMU UB . -7.38 -7.02 2.68
C37 DMU UB . -6.49 -6.43 3.78
C40 DMU UB . -7.28 -5.50 4.68
C43 DMU UB . -6.72 -4.09 4.59
O49 DMU UB . -12.07 -16.24 5.66
O55 DMU UB . -12.62 -18.97 4.82
C57 DMU UB . -9.75 -18.01 0.95
O61 DMU UB . -8.70 -18.91 0.63
C5 DMU UB . -11.44 -22.35 2.79
C7 DMU UB . -10.69 -22.82 1.61
C8 DMU UB . -11.43 -22.46 0.31
C9 DMU UB . -11.75 -20.97 0.34
O1 DMU UB . -12.61 -20.72 1.46
C10 DMU UB . -11.95 -20.95 2.73
O2 DMU UB . -10.62 -22.81 -0.83
O3 DMU UB . -10.89 -22.73 4.01
O4 DMU UB . -10.50 -24.24 1.69
C11 DMU UB . -12.41 -20.42 -0.94
O6 DMU UB . -12.97 -21.47 -1.74
C25 DMU VB . 6.57 3.76 8.84
C28 DMU VB . 5.78 2.57 8.33
C31 DMU VB . 4.56 2.34 9.18
C34 DMU VB . 3.86 1.07 8.78
C37 DMU VB . 3.83 0.10 9.94
C40 DMU VB . 2.48 -0.57 9.98
C43 DMU VB . 1.50 0.35 10.63
C1 DMU WB . 4.75 2.93 4.39
C2 DMU WB . 5.66 4.05 3.87
C3 DMU WB . 6.96 3.45 3.46
C4 DMU WB . 6.61 2.59 2.29
O5 DMU WB . 6.02 1.39 2.82
C6 DMU WB . 4.91 1.62 3.64
O7 DMU WB . 7.92 4.45 3.15
O16 DMU WB . 4.68 0.54 4.52
C18 DMU WB . 3.86 -0.43 3.87
C19 DMU WB . 2.40 -0.13 4.12
C22 DMU WB . 1.66 -1.37 4.62
C25 DMU WB . 0.16 -1.26 4.33
C28 DMU WB . -0.38 -2.58 3.79
C31 DMU WB . -0.14 -3.73 4.77
C34 DMU WB . -1.40 -4.58 4.94
C37 DMU WB . -1.16 -6.00 4.49
C40 DMU WB . -1.86 -6.20 3.14
C43 DMU WB . -1.51 -7.56 2.58
O49 DMU WB . 3.38 3.34 4.32
O55 DMU WB . 5.86 5.07 4.86
C57 DMU WB . 7.81 2.27 1.41
O61 DMU WB . 7.34 1.87 0.13
C1 DMU XB . 33.30 -33.66 18.22
C2 DMU XB . 32.18 -34.62 17.70
C3 DMU XB . 32.29 -36.11 18.07
C4 DMU XB . 33.50 -36.40 18.93
O5 DMU XB . 34.64 -35.67 18.48
C6 DMU XB . 34.54 -34.32 18.75
O7 DMU XB . 31.09 -36.59 18.74
O16 DMU XB . 35.70 -33.65 18.44
C18 DMU XB . 36.19 -32.73 19.43
C19 DMU XB . 36.35 -31.33 18.79
C22 DMU XB . 37.66 -30.65 19.19
C25 DMU XB . 38.05 -29.57 18.20
C28 DMU XB . 38.23 -28.26 18.93
C31 DMU XB . 38.60 -27.10 18.01
C34 DMU XB . 38.56 -25.83 18.84
C37 DMU XB . 38.92 -24.60 18.02
C40 DMU XB . 40.12 -23.97 18.67
C43 DMU XB . 39.75 -22.64 19.22
O49 DMU XB . 32.76 -32.74 19.21
O55 DMU XB . 32.17 -34.55 16.27
C57 DMU XB . 33.80 -37.87 18.89
O61 DMU XB . 35.14 -38.09 19.26
C5 DMU XB . 28.80 -37.42 18.65
C7 DMU XB . 28.20 -38.65 18.16
C8 DMU XB . 29.23 -39.76 18.33
C9 DMU XB . 30.60 -39.29 17.86
O1 DMU XB . 30.46 -38.09 17.08
C10 DMU XB . 30.02 -36.98 17.87
O2 DMU XB . 29.32 -40.14 19.71
O3 DMU XB . 28.87 -37.47 20.13
O4 DMU XB . 27.83 -38.54 16.80
C11 DMU XB . 31.27 -40.36 17.01
O6 DMU XB . 31.84 -41.33 17.87
C1 DMU YB . 28.87 -32.26 20.18
C2 DMU YB . 27.41 -32.63 20.04
C3 DMU YB . 27.04 -33.93 20.77
C4 DMU YB . 27.47 -33.79 22.20
O5 DMU YB . 28.88 -33.58 22.23
C6 DMU YB . 29.30 -32.43 21.59
O7 DMU YB . 25.61 -34.17 20.62
O16 DMU YB . 30.65 -32.21 21.77
C18 DMU YB . 30.93 -31.27 22.79
C19 DMU YB . 32.44 -30.98 22.80
C22 DMU YB . 32.74 -29.63 22.17
C25 DMU YB . 34.02 -29.05 22.75
C28 DMU YB . 34.44 -27.80 22.01
C31 DMU YB . 35.94 -27.59 22.10
C34 DMU YB . 36.28 -26.56 23.16
C37 DMU YB . 37.44 -25.69 22.70
C40 DMU YB . 36.92 -24.35 22.18
C43 DMU YB . 37.18 -23.28 23.19
O49 DMU YB . 29.08 -30.90 19.77
O55 DMU YB . 27.12 -32.78 18.71
C57 DMU YB . 27.13 -35.02 23.02
O61 DMU YB . 27.67 -36.17 22.37
C5 DMU YB . 24.11 -34.75 18.84
C7 DMU YB . 22.80 -34.73 19.61
C8 DMU YB . 22.67 -35.99 20.46
C9 DMU YB . 23.94 -36.20 21.25
O1 DMU YB . 24.98 -36.40 20.34
C10 DMU YB . 25.29 -35.18 19.65
O2 DMU YB . 21.60 -35.85 21.36
O3 DMU YB . 24.34 -33.69 17.92
O4 DMU YB . 21.66 -34.59 18.73
C11 DMU YB . 23.87 -37.38 22.24
O6 DMU YB . 22.80 -38.26 21.86
C1 EDO ZB . 32.12 -22.72 21.97
O1 EDO ZB . 33.14 -21.77 21.71
C2 EDO ZB . 32.72 -24.06 21.97
O2 EDO ZB . 31.80 -25.09 22.24
C1 EDO AC . 5.14 -38.06 -6.21
O1 EDO AC . 3.83 -38.00 -5.68
C2 EDO AC . 5.24 -37.53 -7.59
O2 EDO AC . 4.66 -38.39 -8.57
C1 EDO BC . 4.73 13.42 27.59
O1 EDO BC . 3.57 14.11 27.45
C2 EDO BC . 4.68 12.45 26.46
O2 EDO BC . 5.92 11.76 26.26
C1 DMU CC . -14.29 -18.65 16.94
C2 DMU CC . -14.91 -19.94 16.54
C3 DMU CC . -15.73 -20.49 17.68
C4 DMU CC . -16.73 -19.47 18.22
O5 DMU CC . -16.08 -18.18 18.48
C6 DMU CC . -15.31 -17.70 17.42
O7 DMU CC . -16.39 -21.65 17.20
O16 DMU CC . -14.80 -16.43 17.64
C18 DMU CC . -15.85 -15.50 17.86
C19 DMU CC . -16.09 -14.70 16.60
C22 DMU CC . -15.86 -13.24 16.85
C25 DMU CC . -14.49 -12.81 16.37
C28 DMU CC . -13.78 -11.96 17.40
C31 DMU CC . -12.95 -10.86 16.75
C34 DMU CC . -11.75 -10.58 17.62
C37 DMU CC . -11.79 -9.17 18.22
C40 DMU CC . -10.97 -9.09 19.52
C43 DMU CC . -10.24 -7.77 19.58
O49 DMU CC . -13.64 -18.12 15.84
O55 DMU CC . -13.90 -20.88 16.18
C57 DMU CC . -17.36 -19.97 19.50
O61 DMU CC . -16.53 -19.62 20.62
C1 DMU DC . 34.95 -35.01 12.85
C2 DMU DC . 35.37 -36.42 13.20
C3 DMU DC . 34.14 -37.28 13.49
C4 DMU DC . 33.15 -37.19 12.33
O5 DMU DC . 32.85 -35.83 12.00
C6 DMU DC . 33.97 -35.04 11.75
O7 DMU DC . 34.57 -38.61 13.54
O16 DMU DC . 33.63 -33.80 11.14
C18 DMU DC . 33.35 -33.89 9.71
C19 DMU DC . 32.62 -32.63 9.17
C22 DMU DC . 33.02 -32.32 7.70
C25 DMU DC . 32.02 -31.43 6.96
C28 DMU DC . 32.68 -30.73 5.77
C31 DMU DC . 33.08 -29.29 6.12
C34 DMU DC . 33.76 -28.55 4.96
C37 DMU DC . 35.06 -27.98 5.47
C40 DMU DC . 35.37 -26.63 4.96
C43 DMU DC . 36.69 -26.23 5.52
O49 DMU DC . 36.13 -34.30 12.48
O55 DMU DC . 36.29 -36.42 14.28
C57 DMU DC . 31.83 -37.90 12.63
O61 DMU DC . 31.15 -37.13 13.58
C5 DMU DC . 35.03 -39.52 15.63
C7 DMU DC . 36.16 -40.39 15.25
C8 DMU DC . 35.61 -41.71 14.78
C9 DMU DC . 34.64 -41.49 13.63
O1 DMU DC . 33.58 -40.61 14.04
C10 DMU DC . 34.01 -39.35 14.58
O2 DMU DC . 36.69 -42.53 14.37
O3 DMU DC . 35.38 -38.34 16.29
O4 DMU DC . 37.04 -40.57 16.34
C11 DMU DC . 34.04 -42.81 13.19
O6 DMU DC . 33.35 -42.60 11.96
XE XE EC . 32.10 -30.68 6.91
C1 LFA FC . -14.76 -13.86 1.28
C2 LFA FC . -14.48 -13.09 2.55
C3 LFA FC . -13.44 -12.01 2.37
C4 LFA FC . -13.58 -10.86 3.35
C5 LFA FC . -12.93 -9.60 2.87
C6 LFA FC . -13.42 -8.36 3.57
C7 LFA FC . -12.33 -7.55 4.23
C8 LFA FC . -12.82 -6.52 5.20
C9 LFA FC . -11.96 -6.35 6.43
C10 LFA FC . -12.71 -6.34 7.74
C11 LFA FC . -11.87 -6.72 8.92
C12 LFA FC . -10.41 -6.28 8.83
C13 LFA FC . -10.09 -5.01 9.62
C14 LFA FC . -9.08 -4.09 8.98
C15 LFA FC . -9.66 -2.77 8.53
C1 DMU GC . 51.98 -2.07 -36.89
C2 DMU GC . 52.16 -0.56 -36.70
C3 DMU GC . 50.83 0.00 -36.23
C4 DMU GC . 50.47 -0.79 -34.94
O5 DMU GC . 50.25 -2.14 -35.28
C6 DMU GC . 51.38 -2.75 -35.65
O7 DMU GC . 50.91 1.41 -35.96
O16 DMU GC . 51.19 -4.11 -35.70
C18 DMU GC . 50.53 -4.73 -34.56
C19 DMU GC . 49.36 -5.50 -35.16
C22 DMU GC . 48.73 -6.49 -34.27
C25 DMU GC . 47.80 -7.37 -35.06
C28 DMU GC . 46.83 -8.14 -34.13
C31 DMU GC . 46.09 -9.15 -34.94
C34 DMU GC . 44.84 -9.64 -34.23
C37 DMU GC . 44.53 -11.03 -34.74
C40 DMU GC . 43.13 -11.55 -34.46
C43 DMU GC . 43.02 -12.82 -35.25
O49 DMU GC . 53.17 -2.63 -37.28
O55 DMU GC . 52.67 0.13 -37.92
C57 DMU GC . 49.24 -0.36 -34.15
O61 DMU GC . 49.06 -1.30 -32.98
C5 DMU GC . 51.27 3.60 -36.63
C7 DMU GC . 50.28 4.29 -35.77
C8 DMU GC . 48.93 4.31 -36.46
C9 DMU GC . 48.53 2.96 -37.05
O1 DMU GC . 49.60 2.35 -37.79
C10 DMU GC . 50.89 2.28 -37.11
O2 DMU GC . 47.88 4.74 -35.56
O3 DMU GC . 52.55 3.61 -36.15
O4 DMU GC . 50.70 5.66 -35.53
C11 DMU GC . 47.34 3.21 -38.00
O6 DMU GC . 46.69 2.01 -38.25
C1 EDO HC . 62.02 31.37 -45.75
O1 EDO HC . 62.66 32.28 -44.87
C2 EDO HC . 60.90 31.96 -46.50
O2 EDO HC . 61.35 32.82 -47.55
C1 EDO IC . 41.80 35.46 -28.95
O1 EDO IC . 41.44 36.46 -29.90
C2 EDO IC . 40.79 35.29 -27.88
O2 EDO IC . 40.60 36.47 -27.13
C1 EDO JC . 52.45 40.62 -38.92
O1 EDO JC . 51.43 40.38 -39.87
C2 EDO JC . 52.14 40.02 -37.59
O2 EDO JC . 50.94 40.56 -37.05
ZN ZN KC . 35.62 24.66 -18.29
C1 EDO LC . 35.11 12.99 -17.85
O1 EDO LC . 35.90 13.74 -16.94
C2 EDO LC . 33.98 12.40 -17.18
O2 EDO LC . 33.13 13.42 -16.64
C1 EDO MC . 24.71 18.00 13.83
O1 EDO MC . 25.82 17.17 13.68
C2 EDO MC . 23.40 17.31 13.69
O2 EDO MC . 23.23 16.21 14.59
P PEK NC . 7.77 -28.29 14.48
N PEK NC . 4.30 -28.47 17.42
C01 PEK NC . 10.95 -26.51 13.16
C02 PEK NC . 10.07 -25.45 13.79
C03 PEK NC . 8.61 -25.83 13.91
C04 PEK NC . 5.53 -27.47 15.57
C05 PEK NC . 4.80 -28.65 16.07
O01 PEK NC . 10.16 -24.30 12.91
O02 PEK NC . 11.19 -23.13 14.54
O03 PEK NC . 12.32 -26.11 13.41
O04 PEK NC . 13.12 -27.68 12.04
O11 PEK NC . 8.52 -26.95 14.85
O12 PEK NC . 6.25 -27.83 14.35
O13 PEK NC . 8.20 -28.66 13.10
O14 PEK NC . 8.07 -29.19 15.66
C1 PEK NC . 10.80 -23.20 13.39
C2 PEK NC . 10.93 -22.12 12.35
C3 PEK NC . 11.51 -22.61 11.05
C4 PEK NC . 12.93 -23.10 11.19
C5 PEK NC . 13.52 -23.41 9.83
C6 PEK NC . 14.44 -22.75 9.14
C7 PEK NC . 15.18 -21.50 9.58
C8 PEK NC . 14.32 -20.34 9.98
C9 PEK NC . 14.56 -19.48 10.98
C10 PEK NC . 15.81 -19.43 11.86
C11 PEK NC . 15.66 -19.98 13.25
C12 PEK NC . 16.40 -21.00 13.78
C13 PEK NC . 16.26 -21.63 15.16
C14 PEK NC . 14.88 -22.19 15.50
C15 PEK NC . 13.83 -21.47 15.89
C16 PEK NC . 13.74 -19.99 16.19
C17 PEK NC . 12.64 -19.23 15.45
C18 PEK NC . 11.82 -18.24 16.29
C19 PEK NC . 10.35 -18.53 16.45
C20 PEK NC . 9.69 -17.97 17.69
C21 PEK NC . 13.31 -26.79 12.85
C22 PEK NC . 14.61 -26.28 13.46
C23 PEK NC . 15.68 -26.13 12.54
C24 PEK NC . 16.92 -25.50 13.18
C25 PEK NC . 18.04 -25.34 12.20
C26 PEK NC . 17.83 -24.27 11.18
C27 PEK NC . 18.67 -24.35 9.91
C28 PEK NC . 19.19 -22.99 9.40
C29 PEK NC . 18.97 -22.70 7.95
C30 PEK NC . 20.03 -21.88 7.30
C31 PEK NC . 19.76 -20.40 7.21
C32 PEK NC . 20.26 -19.78 5.95
C33 PEK NC . 20.19 -18.28 5.96
C34 PEK NC . 20.43 -17.62 4.65
C35 PEK NC . 21.05 -16.26 4.73
C36 PEK NC . 21.05 -15.54 3.40
C37 PEK NC . 22.41 -15.18 2.82
C38 PEK NC . 22.34 -14.42 1.47
C1 CHD OC . -6.60 3.32 30.68
C2 CHD OC . -6.34 3.51 32.17
C3 CHD OC . -7.64 3.65 32.94
O3 CHD OC . -7.40 3.91 34.35
C4 CHD OC . -8.48 4.78 32.36
C5 CHD OC . -8.73 4.66 30.84
C6 CHD OC . -9.55 5.85 30.34
C7 CHD OC . -8.79 7.18 30.27
O7 CHD OC . -8.58 7.79 31.57
C8 CHD OC . -7.46 6.99 29.52
C9 CHD OC . -6.64 5.80 30.06
C10 CHD OC . -7.43 4.46 30.03
C11 CHD OC . -5.26 5.69 29.41
C12 CHD OC . -4.49 7.01 29.35
O12 CHD OC . -4.13 7.41 30.66
C13 CHD OC . -5.31 8.11 28.69
C14 CHD OC . -6.62 8.26 29.47
C15 CHD OC . -7.23 9.53 28.92
C16 CHD OC . -6.02 10.42 28.59
C17 CHD OC . -4.75 9.56 28.76
C18 CHD OC . -5.55 7.70 27.22
C19 CHD OC . -7.77 4.04 28.58
C20 CHD OC . -3.67 9.95 27.73
C21 CHD OC . -2.43 9.09 27.85
C22 CHD OC . -3.32 11.45 27.80
C23 CHD OC . -2.63 11.95 29.06
O25 CHD OC . -2.65 14.32 29.60
C24 CHD OC . -2.12 13.38 28.90
O26 CHD OC . -1.23 13.58 28.03
C1 EDO PC . -4.58 -35.33 10.46
O1 EDO PC . -3.30 -34.91 9.91
C2 EDO PC . -4.78 -36.80 10.30
O2 EDO PC . -3.73 -37.58 10.86
C1 LFA QC . -5.64 14.07 18.20
C2 LFA QC . -5.25 12.61 18.16
C3 LFA QC . -5.34 11.99 19.53
C4 LFA QC . -4.95 10.54 19.58
C5 LFA QC . -5.46 9.79 20.81
C6 LFA QC . -6.44 8.72 20.45
C7 LFA QC . -6.89 7.77 21.53
C8 LFA QC . -8.28 7.20 21.25
C9 LFA QC . -8.20 6.12 20.36
C10 LFA QC . -9.40 5.76 19.77
C11 LFA QC . -9.67 6.33 18.36
C12 LFA QC . -8.64 7.19 17.72
C13 LFA QC . -8.55 7.02 16.21
C14 LFA QC . -7.61 7.96 15.54
O16 DMU RC . 39.45 -34.21 16.94
C18 DMU RC . 40.41 -33.76 16.00
C19 DMU RC . 41.78 -33.88 16.61
C22 DMU RC . 42.69 -32.83 16.04
C25 DMU RC . 41.91 -31.58 15.66
C28 DMU RC . 42.71 -30.72 14.71
C31 DMU RC . 42.22 -29.28 14.74
C34 DMU RC . 43.17 -28.43 15.54
C37 DMU RC . 42.51 -27.13 15.95
C40 DMU RC . 43.31 -26.42 17.00
C43 DMU RC . 44.13 -25.33 16.36
C1 CDL SC . 55.45 -8.81 1.94
O1 CDL SC . 55.54 -7.42 1.63
CA2 CDL SC . 56.29 -9.15 3.15
OA2 CDL SC . 55.43 -9.44 4.29
PA1 CDL SC . 56.04 -9.82 5.72
OA3 CDL SC . 57.53 -9.98 5.57
OA4 CDL SC . 55.54 -8.89 6.81
OA5 CDL SC . 55.39 -11.26 6.01
CA3 CDL SC . 55.20 -12.19 4.90
CA4 CDL SC . 55.00 -13.60 5.42
OA6 CDL SC . 54.39 -14.40 4.38
CA5 CDL SC . 55.16 -15.10 3.53
OA7 CDL SC . 56.04 -14.57 2.89
C11 CDL SC . 54.79 -16.58 3.48
C12 CDL SC . 53.30 -16.86 3.51
C13 CDL SC . 52.90 -18.13 2.75
C14 CDL SC . 51.39 -18.34 2.60
C15 CDL SC . 50.81 -17.79 1.29
C16 CDL SC . 49.30 -17.91 1.15
C17 CDL SC . 48.72 -17.00 0.06
C18 CDL SC . 47.54 -17.56 -0.71
C19 CDL SC . 47.80 -18.88 -1.44
C20 CDL SC . 46.90 -19.19 -2.63
C21 CDL SC . 45.91 -20.32 -2.43
C22 CDL SC . 46.49 -21.71 -2.22
C23 CDL SC . 45.46 -22.86 -2.28
C24 CDL SC . 46.05 -24.26 -2.44
C25 CDL SC . 45.30 -25.18 -3.40
C26 CDL SC . 46.03 -26.49 -3.67
C27 CDL SC . 45.11 -27.67 -3.91
CA6 CDL SC . 54.12 -13.66 6.65
OA8 CDL SC . 52.99 -12.79 6.47
CA7 CDL SC . 52.15 -12.70 7.49
OA9 CDL SC . 52.49 -12.27 8.58
C31 CDL SC . 50.77 -13.16 7.13
C32 CDL SC . 50.36 -14.44 7.80
C33 CDL SC . 48.84 -14.65 7.78
C34 CDL SC . 48.29 -15.24 6.50
C35 CDL SC . 46.84 -14.89 6.19
C36 CDL SC . 46.48 -14.85 4.71
C37 CDL SC . 46.24 -16.21 4.07
C38 CDL SC . 45.90 -16.18 2.58
C39 CDL SC . 44.43 -15.99 2.23
C40 CDL SC . 43.85 -16.98 1.23
C41 CDL SC . 43.77 -18.42 1.73
CB2 CDL SC . 55.84 -9.60 0.71
OB2 CDL SC . 55.54 -11.01 0.88
PB2 CDL SC . 56.15 -12.12 -0.13
OB3 CDL SC . 57.06 -12.98 0.70
OB4 CDL SC . 56.50 -11.86 -1.58
OB5 CDL SC . 54.88 -13.12 -0.22
CB3 CDL SC . 53.64 -12.64 -0.70
CB4 CDL SC . 52.55 -13.53 -0.15
OB6 CDL SC . 51.30 -12.91 -0.56
CB5 CDL SC . 50.49 -13.61 -1.35
OB7 CDL SC . 49.94 -14.61 -0.99
C51 CDL SC . 50.36 -13.01 -2.69
C52 CDL SC . 50.17 -14.06 -3.76
C53 CDL SC . 51.38 -14.25 -4.67
C54 CDL SC . 51.59 -13.13 -5.61
C55 CDL SC . 51.23 -13.38 -7.03
C56 CDL SC . 51.28 -12.14 -7.88
C57 CDL SC . 50.44 -12.18 -9.06
C58 CDL SC . 50.18 -10.90 -9.88
C59 CDL SC . 48.77 -10.90 -10.58
C60 CDL SC . 48.24 -9.49 -10.97
C61 CDL SC . 46.90 -9.02 -10.41
C62 CDL SC . 47.01 -7.64 -9.72
C63 CDL SC . 46.95 -6.44 -10.62
C64 CDL SC . 47.22 -5.04 -9.97
C65 CDL SC . 48.44 -5.01 -9.15
C66 CDL SC . 48.97 -3.66 -8.71
C67 CDL SC . 48.21 -3.17 -7.50
CB6 CDL SC . 52.54 -13.65 1.35
OB8 CDL SC . 51.17 -13.76 1.76
CB7 CDL SC . 50.95 -14.04 3.05
OB9 CDL SC . 51.82 -14.48 3.77
C71 CDL SC . 49.51 -13.74 3.41
C72 CDL SC . 48.78 -12.92 2.36
C73 CDL SC . 47.38 -12.50 2.77
C74 CDL SC . 46.80 -11.40 1.94
C75 CDL SC . 47.05 -11.56 0.45
C76 CDL SC . 46.58 -12.86 -0.14
C77 CDL SC . 45.92 -12.75 -1.49
C78 CDL SC . 44.43 -12.70 -1.44
C79 CDL SC . 43.78 -13.42 -2.55
C80 CDL SC . 43.63 -14.87 -2.28
C81 CDL SC . 43.57 -15.72 -3.53
C82 CDL SC . 43.60 -17.18 -3.25
C83 CDL SC . 42.24 -17.75 -3.07
C84 CDL SC . 42.21 -19.09 -2.43
C85 CDL SC . 40.83 -19.54 -2.00
C86 CDL SC . 40.96 -20.74 -1.09
C87 CDL SC . 40.30 -21.95 -1.62
C1 DMU TC . 69.75 -16.61 -11.68
C2 DMU TC . 70.24 -15.24 -12.03
C3 DMU TC . 70.36 -15.13 -13.53
C4 DMU TC . 69.06 -15.58 -14.20
O5 DMU TC . 68.62 -16.91 -13.75
C6 DMU TC . 68.49 -16.96 -12.39
O7 DMU TC . 70.63 -13.79 -13.88
O16 DMU TC . 67.95 -18.15 -11.79
C18 DMU TC . 66.54 -18.29 -12.04
C19 DMU TC . 66.23 -19.57 -12.79
C22 DMU TC . 65.13 -20.36 -12.09
C25 DMU TC . 63.92 -19.52 -11.72
C28 DMU TC . 63.26 -20.05 -10.44
C31 DMU TC . 61.76 -20.31 -10.61
C34 DMU TC . 61.23 -21.21 -9.50
C37 DMU TC . 59.97 -21.98 -9.94
C40 DMU TC . 59.02 -22.18 -8.74
C43 DMU TC . 58.53 -23.59 -8.61
O49 DMU TC . 69.55 -16.68 -10.26
O55 DMU TC . 71.53 -15.00 -11.43
C57 DMU TC . 69.26 -15.59 -15.71
O61 DMU TC . 70.62 -15.27 -16.01
C1 DMU UC . 54.25 -35.18 -16.91
C2 DMU UC . 55.13 -36.35 -16.63
C3 DMU UC . 55.14 -37.33 -17.75
C4 DMU UC . 55.54 -36.63 -19.03
O5 DMU UC . 54.66 -35.54 -19.28
C6 DMU UC . 54.58 -34.62 -18.25
O7 DMU UC . 56.12 -38.28 -17.41
O16 DMU UC . 53.81 -33.54 -18.63
C18 DMU UC . 54.44 -32.78 -19.67
C19 DMU UC . 53.50 -31.72 -20.17
C22 DMU UC . 52.44 -32.34 -20.93
C25 DMU UC . 51.60 -31.34 -21.63
C28 DMU UC . 50.34 -31.05 -20.81
C31 DMU UC . 49.13 -31.17 -21.69
C34 DMU UC . 48.09 -30.17 -21.27
C37 DMU UC . 47.74 -30.33 -19.87
C40 DMU UC . 46.71 -29.24 -19.50
C43 DMU UC . 45.33 -29.54 -20.13
O49 DMU UC . 54.46 -34.21 -15.86
O55 DMU UC . 54.69 -37.00 -15.45
C57 DMU UC . 55.52 -37.60 -20.24
O61 DMU UC . 55.82 -36.89 -21.48
C5 DMU UC . 56.27 -40.27 -16.21
C7 DMU UC . 57.71 -40.45 -16.29
C8 DMU UC . 58.10 -41.15 -17.59
C9 DMU UC . 57.48 -40.44 -18.77
O1 DMU UC . 56.06 -40.30 -18.59
C10 DMU UC . 55.67 -39.64 -17.37
O2 DMU UC . 59.52 -41.15 -17.71
O3 DMU UC . 55.85 -39.67 -15.08
O4 DMU UC . 58.16 -41.20 -15.19
C11 DMU UC . 57.72 -41.19 -20.10
O6 DMU UC . 57.15 -42.54 -20.07
C22 DMU VC . 63.80 -6.70 -26.40
C25 DMU VC . 62.97 -7.81 -25.73
C28 DMU VC . 62.39 -8.69 -26.78
C31 DMU VC . 63.08 -10.03 -26.85
C34 DMU VC . 62.20 -11.07 -26.27
C37 DMU VC . 62.40 -12.45 -26.84
C40 DMU VC . 61.93 -13.36 -25.70
C43 DMU VC . 61.35 -14.70 -26.03
O16 DMU WC . -16.57 -15.55 20.30
C18 DMU WC . -16.99 -14.30 20.88
C19 DMU WC . -15.84 -13.29 20.87
C22 DMU WC . -16.35 -11.88 20.72
C25 DMU WC . -15.22 -10.84 20.74
C28 DMU WC . -15.01 -10.28 22.15
C31 DMU WC . -13.86 -9.27 22.20
C34 DMU WC . -14.30 -7.88 21.74
C37 DMU WC . -14.25 -7.75 20.20
C40 DMU WC . -14.83 -6.43 19.71
C43 DMU WC . -13.84 -5.31 19.39
FE HEA XC . -39.81 10.06 16.61
CHA HEA XC . -40.20 7.18 14.88
CHB HEA XC . -42.88 9.79 18.00
CHC HEA XC . -39.32 12.92 18.41
CHD HEA XC . -36.72 10.33 15.35
NA HEA XC . -41.30 8.80 16.36
C1A HEA XC . -41.22 7.53 15.80
C2A HEA XC . -42.32 6.63 16.15
C3A HEA XC . -43.10 7.40 17.09
C4A HEA XC . -42.43 8.69 17.19
CMA HEA XC . -44.29 6.87 17.77
OMA HEA XC . -44.80 7.45 18.70
CAA HEA XC . -42.53 5.22 15.73
CBA HEA XC . -43.42 5.13 14.50
CGA HEA XC . -43.70 3.67 14.05
O1A HEA XC . -44.80 3.48 13.44
O2A HEA XC . -42.82 2.76 14.25
NB HEA XC . -40.91 11.15 17.92
C1B HEA XC . -42.13 10.91 18.31
C2B HEA XC . -42.73 11.91 19.20
C3B HEA XC . -41.67 12.85 19.39
C4B HEA XC . -40.60 12.30 18.52
CMB HEA XC . -44.07 11.91 19.83
NC HEA XC . -38.27 11.38 16.81
C1C HEA XC . -38.22 12.46 17.63
C2C HEA XC . -36.96 13.21 17.58
C3C HEA XC . -36.18 12.43 16.65
C4C HEA XC . -37.09 11.34 16.25
CMC HEA XC . -36.58 14.43 18.33
CAC HEA XC . -34.78 12.62 16.14
CBC HEA XC . -34.03 13.62 16.41
ND HEA XC . -38.70 8.98 15.30
C1D HEA XC . -37.47 9.22 14.91
C2D HEA XC . -36.91 8.22 13.97
C3D HEA XC . -37.96 7.28 13.77
C4D HEA XC . -38.97 7.84 14.69
CMD HEA XC . -35.56 8.19 13.40
CAD HEA XC . -38.01 6.00 13.01
CBD HEA XC . -38.58 6.28 11.61
CGD HEA XC . -38.79 4.97 10.88
O1D HEA XC . -38.40 4.93 9.68
O2D HEA XC . -39.30 3.96 11.46
C11 HEA XC . -41.75 14.04 20.24
O11 HEA XC . -40.93 13.77 21.40
C12 HEA XC . -41.36 15.29 19.48
C13 HEA XC . -41.61 16.50 20.42
C14 HEA XC . -41.01 17.81 19.94
C15 HEA XC . -39.76 18.18 20.12
C16 HEA XC . -39.24 19.53 19.68
C17 HEA XC . -38.73 19.64 18.38
C18 HEA XC . -37.57 20.63 18.30
C18 HEA XC . -38.12 21.01 18.05
C19 HEA XC . -37.62 21.94 18.19
C19 HEA XC . -36.99 21.61 18.45
C20 HEA XC . -36.27 22.68 18.12
C20 HEA XC . -36.73 22.98 17.85
C21 HEA XC . -36.33 24.17 18.38
C21 HEA XC . -36.43 23.90 19.00
C22 HEA XC . -35.11 24.92 17.84
C22 HEA XC . -36.34 25.36 18.58
C23 HEA XC . -34.32 25.71 18.60
C23 HEA XC . -35.23 26.09 18.85
C24 HEA XC . -34.56 25.83 20.11
C24 HEA XC . -34.03 25.51 19.59
C25 HEA XC . -33.12 26.44 17.98
C25 HEA XC . -35.22 27.53 18.45
C26 HEA XC . -38.76 17.32 20.75
C27 HEA XC . -38.94 22.60 18.13
C27 HEA XC . -35.99 21.02 19.42
FE HEA YC . -28.90 3.01 19.32
CHA HEA YC . -31.00 1.35 17.22
CHB HEA YC . -27.51 0.10 20.42
CHC HEA YC . -26.57 4.76 21.08
CHD HEA YC . -30.08 5.97 18.04
NA HEA YC . -29.28 1.10 19.02
C1A HEA YC . -30.03 0.58 17.93
C2A HEA YC . -29.89 -0.89 17.71
C3A HEA YC . -28.85 -1.24 18.66
C4A HEA YC . -28.46 -0.01 19.34
CMA HEA YC . -28.24 -2.58 18.75
OMA HEA YC . -27.24 -2.76 19.38
CAA HEA YC . -30.58 -1.75 16.69
CBA HEA YC . -31.76 -2.42 17.44
CGA HEA YC . -32.71 -3.11 16.45
O1A HEA YC . -33.12 -4.27 16.69
O2A HEA YC . -33.10 -2.41 15.48
NB HEA YC . -27.38 2.54 20.53
C1B HEA YC . -27.01 1.32 20.91
C2B HEA YC . -25.90 1.30 21.88
C3B HEA YC . -25.59 2.68 22.07
C4B HEA YC . -26.57 3.35 21.20
CMB HEA YC . -25.26 0.10 22.53
NC HEA YC . -28.46 4.96 19.58
C1C HEA YC . -27.44 5.52 20.26
C2C HEA YC . -27.32 6.99 20.22
C3C HEA YC . -28.37 7.33 19.35
C4C HEA YC . -29.01 6.03 18.96
CMC HEA YC . -26.28 7.85 20.84
CAC HEA YC . -28.80 8.68 18.90
CBC HEA YC . -28.46 9.73 19.48
ND HEA YC . -30.29 3.54 17.95
C1D HEA YC . -30.64 4.75 17.53
C2D HEA YC . -31.64 4.79 16.47
C3D HEA YC . -31.93 3.41 16.25
C4D HEA YC . -31.05 2.74 17.22
CMD HEA YC . -32.21 5.94 15.75
CAD HEA YC . -32.97 2.86 15.28
CBD HEA YC . -32.51 2.91 13.86
CGD HEA YC . -33.70 2.43 13.05
O1D HEA YC . -33.86 1.19 12.89
O2D HEA YC . -34.48 3.33 12.57
C11 HEA YC . -24.50 3.18 22.93
O11 HEA YC . -23.77 4.23 22.24
C12 HEA YC . -25.05 3.62 24.33
C13 HEA YC . -23.89 3.78 25.34
C14 HEA YC . -24.40 4.45 26.61
C15 HEA YC . -24.56 3.88 27.81
C16 HEA YC . -25.04 4.68 29.01
C17 HEA YC . -23.93 5.43 29.77
C18 HEA YC . -22.96 4.46 30.40
C19 HEA YC . -22.72 4.28 31.73
C20 HEA YC . -21.64 3.26 32.08
C21 HEA YC . -22.01 1.94 32.61
C22 HEA YC . -22.84 1.11 31.68
C23 HEA YC . -22.74 -0.22 31.53
C24 HEA YC . -21.75 -1.06 32.27
C25 HEA YC . -23.65 -0.91 30.58
C26 HEA YC . -24.33 2.40 28.05
C27 HEA YC . -23.47 5.00 32.84
CU CU ZC . -26.29 1.55 15.48
MG MG AD . -36.07 -5.31 10.39
NA NA BD . -54.53 3.55 14.13
O1 PER CD . -27.48 2.86 17.53
O2 PER CD . -27.68 3.34 16.04
C1 LFA DD . -6.47 15.91 15.58
C2 LFA DD . -7.50 15.21 14.69
C3 LFA DD . -8.68 14.59 15.45
C4 LFA DD . -9.55 13.60 14.66
C5 LFA DD . -10.23 12.56 15.51
C6 LFA DD . -11.26 11.63 14.83
C7 LFA DD . -11.71 10.48 15.69
C8 LFA DD . -12.76 9.55 15.07
C9 LFA DD . -12.11 8.48 14.27
C10 LFA DD . -12.90 7.87 13.17
C11 LFA DD . -12.10 6.80 12.45
C12 LFA DD . -12.92 5.77 11.73
C13 LFA DD . -12.12 4.71 10.97
C14 LFA DD . -12.98 3.64 10.32
C25 DMU ED . -35.08 23.41 44.29
C28 DMU ED . -34.42 22.89 43.03
C31 DMU ED . -35.37 22.02 42.18
C34 DMU ED . -34.58 21.32 41.05
C37 DMU ED . -35.46 20.47 40.12
C40 DMU ED . -34.67 19.30 39.49
C43 DMU ED . -34.29 19.55 38.03
C1 DMU FD . -39.04 36.15 37.00
C2 DMU FD . -38.08 37.26 37.21
C3 DMU FD . -38.32 38.42 36.26
C4 DMU FD . -39.80 38.80 36.23
O5 DMU FD . -40.53 37.61 35.88
C6 DMU FD . -40.39 36.64 36.84
O7 DMU FD . -37.50 39.51 36.70
O16 DMU FD . -41.24 35.63 36.80
C18 DMU FD . -42.48 35.89 36.22
C19 DMU FD . -43.24 34.60 36.26
C22 DMU FD . -43.61 34.15 34.88
C25 DMU FD . -44.43 32.87 34.94
C28 DMU FD . -45.86 33.16 35.19
C31 DMU FD . -46.63 31.88 35.27
C34 DMU FD . -48.13 32.14 35.31
C37 DMU FD . -48.88 30.86 35.01
C40 DMU FD . -50.11 31.13 34.19
C43 DMU FD . -50.50 29.90 33.41
O49 DMU FD . -38.98 35.18 38.10
O55 DMU FD . -36.82 36.74 36.97
C57 DMU FD . -40.16 40.01 35.30
O61 DMU FD . -39.61 39.89 33.97
C5 DMU FD . -35.50 40.44 35.97
C7 DMU FD . -35.31 41.41 37.03
C8 DMU FD . -35.72 42.80 36.58
C9 DMU FD . -36.81 42.80 35.46
O1 DMU FD . -37.60 41.58 35.54
C10 DMU FD . -36.91 40.29 35.64
O2 DMU FD . -36.24 43.50 37.71
O3 DMU FD . -34.81 39.23 36.13
O4 DMU FD . -33.94 41.39 37.42
C11 DMU FD . -36.26 43.02 34.01
O6 DMU FD . -37.07 44.02 33.22
C1 EDO GD . -16.07 24.65 29.44
O1 EDO GD . -14.83 24.64 28.75
C2 EDO GD . -16.41 26.03 29.81
O2 EDO GD . -15.52 26.56 30.84
C1 EDO HD . -6.57 11.59 33.14
O1 EDO HD . -5.70 11.91 32.07
C2 EDO HD . -7.97 11.59 32.68
O2 EDO HD . -8.44 12.83 32.20
C1 EDO ID . -25.33 32.55 31.10
O1 EDO ID . -25.85 31.89 32.26
C2 EDO ID . -26.37 33.16 30.24
O2 EDO ID . -27.31 32.20 29.78
C1 EDO JD . -9.60 32.18 36.84
O1 EDO JD . -10.60 33.16 36.64
C2 EDO JD . -10.15 30.80 36.95
O2 EDO JD . -10.87 30.58 38.12
C1 EDO KD . -19.45 39.39 29.04
O1 EDO KD . -19.78 39.83 30.38
C2 EDO KD . -20.58 39.17 28.17
O2 EDO KD . -21.27 40.33 27.91
XE XE LD . -33.24 14.33 4.04
XE XE MD . -25.86 11.28 0.84
XE XE ND . -41.89 16.81 4.63
XE XE OD . -46.29 14.09 5.19
XE XE PD . -37.09 28.47 25.88
P PGV QD . -14.25 29.69 -0.16
C01 PGV QD . -12.66 25.62 -0.12
C02 PGV QD . -12.85 26.43 -1.45
C03 PGV QD . -12.77 27.92 -1.31
C04 PGV QD . -11.95 30.88 0.64
C05 PGV QD . -11.04 31.99 0.14
C06 PGV QD . -10.49 31.58 -1.23
O01 PGV QD . -14.21 26.08 -1.83
O02 PGV QD . -13.58 25.78 -3.94
O03 PGV QD . -12.93 24.17 -0.31
O04 PGV QD . -10.83 24.25 -0.82
O05 PGV QD . -9.99 32.16 1.07
O06 PGV QD . -9.78 32.64 -1.93
O11 PGV QD . -13.53 28.28 -0.13
O12 PGV QD . -13.07 30.79 -0.25
O13 PGV QD . -15.00 29.80 1.13
O14 PGV QD . -15.02 29.88 -1.41
C1 PGV QD . -14.51 25.77 -3.15
C2 PGV QD . -15.97 25.47 -3.38
C3 PGV QD . -16.40 25.67 -4.84
C4 PGV QD . -17.85 25.36 -5.08
C5 PGV QD . -18.17 25.59 -6.63
C6 PGV QD . -19.61 25.48 -7.14
C7 PGV QD . -20.15 24.07 -6.74
C8 PGV QD . -21.70 23.90 -6.89
C9 PGV QD . -22.10 22.50 -6.49
C10 PGV QD . -23.58 22.25 -6.57
C11 PGV QD . -23.93 21.50 -5.31
C12 PGV QD . -24.13 20.19 -5.19
C13 PGV QD . -24.02 19.17 -6.29
C14 PGV QD . -25.35 18.45 -6.27
C15 PGV QD . -25.14 17.01 -6.67
C16 PGV QD . -26.50 16.34 -6.86
C17 PGV QD . -26.68 15.68 -8.24
C18 PGV QD . -27.35 14.33 -8.08
C19 PGV QD . -11.80 23.50 -0.68
C20 PGV QD . -11.75 22.01 -0.99
C21 PGV QD . -13.16 21.48 -1.23
C22 PGV QD . -13.59 21.77 -2.62
C23 PGV QD . -14.91 21.04 -2.95
C24 PGV QD . -15.60 21.50 -4.25
C25 PGV QD . -17.12 21.28 -4.53
C26 PGV QD . -17.63 19.86 -4.70
C27 PGV QD . -19.17 19.70 -4.88
C28 PGV QD . -19.74 18.24 -4.92
C29 PGV QD . -19.05 17.31 -3.90
C30 PGV QD . -19.69 15.95 -3.64
C31 PGV QD . -18.87 15.07 -2.69
C32 PGV QD . -18.62 13.68 -3.31
C33 PGV QD . -18.17 12.60 -2.30
C34 PGV QD . -19.42 11.97 -1.74
C1 DMU RD . -20.69 -13.83 3.93
C2 DMU RD . -21.00 -15.30 4.13
C3 DMU RD . -22.10 -15.72 3.18
C4 DMU RD . -21.94 -15.24 1.76
O5 DMU RD . -21.49 -13.87 1.71
C6 DMU RD . -20.40 -13.62 2.52
O7 DMU RD . -22.21 -17.14 3.17
O16 DMU RD . -19.73 -12.46 2.22
C18 DMU RD . -18.42 -12.74 1.67
C19 DMU RD . -17.53 -11.53 1.77
C22 DMU RD . -18.10 -10.32 1.05
C25 DMU RD . -17.31 -9.09 1.49
C28 DMU RD . -17.68 -7.86 0.70
C31 DMU RD . -16.84 -6.67 1.16
C34 DMU RD . -17.19 -6.28 2.58
C37 DMU RD . -16.60 -4.93 2.98
C40 DMU RD . -16.68 -4.74 4.50
C43 DMU RD . -16.35 -3.31 4.90
O49 DMU RD . -19.57 -13.42 4.74
O55 DMU RD . -21.42 -15.55 5.51
C57 DMU RD . -23.24 -15.37 1.01
O61 DMU RD . -23.28 -16.63 0.35
C5 DMU RD . -23.23 -18.84 4.50
C7 DMU RD . -23.08 -20.04 3.72
C8 DMU RD . -24.19 -20.16 2.68
C9 DMU RD . -24.30 -18.86 1.86
O1 DMU RD . -24.46 -17.72 2.73
C10 DMU RD . -23.45 -17.56 3.75
O2 DMU RD . -23.93 -21.29 1.82
O3 DMU RD . -22.36 -18.81 5.62
O4 DMU RD . -23.11 -21.14 4.64
C11 DMU RD . -25.49 -18.94 0.89
O6 DMU RD . -25.46 -17.82 -0.01
C1 LFA SD . -3.68 0.50 34.88
C2 LFA SD . -5.17 0.29 34.99
C3 LFA SD . -5.77 -0.54 33.89
C4 LFA SD . -7.21 -0.23 33.53
C5 LFA SD . -7.56 -0.49 32.07
C6 LFA SD . -9.03 -0.85 31.78
C7 LFA SD . -9.69 -0.16 30.58
C8 LFA SD . -8.91 -0.15 29.27
C9 LFA SD . -9.48 -1.00 28.14
C10 LFA SD . -10.94 -0.75 27.80
C11 LFA SD . -11.25 -0.57 26.32
C12 LFA SD . -11.98 0.69 26.07
C13 LFA SD . -12.58 0.81 24.72
C14 LFA SD . -12.29 2.12 24.03
C15 LFA SD . -10.83 2.29 23.60
C16 LFA SD . -10.61 2.40 22.08
C17 LFA SD . -10.28 1.12 21.38
C1 LFA TD . 0.04 9.71 32.96
C2 LFA TD . -0.60 8.57 32.14
C3 LFA TD . -0.77 7.25 32.87
C4 LFA TD . -0.56 5.98 32.05
C5 LFA TD . -1.74 4.99 32.08
C6 LFA TD . -1.43 3.65 31.46
C7 LFA TD . -2.60 2.66 31.44
C8 LFA TD . -2.61 1.69 30.26
C9 LFA TD . -3.73 0.70 30.32
C10 LFA TD . -4.09 0.03 29.03
C11 LFA TD . -5.20 -0.99 29.21
C1 DMU UD . -17.67 -18.79 22.67
C2 DMU UD . -18.23 -20.15 22.16
C3 DMU UD . -19.00 -20.87 23.24
C4 DMU UD . -20.02 -19.91 23.73
O5 DMU UD . -19.37 -18.91 24.49
C6 DMU UD . -18.41 -18.15 23.82
O7 DMU UD . -19.64 -22.05 22.74
O16 DMU UD . -17.55 -17.52 24.72
C18 DMU UD . -18.00 -16.20 25.09
C19 DMU UD . -17.04 -15.13 24.54
C22 DMU UD . -16.92 -13.98 25.54
C25 DMU UD . -16.65 -12.62 24.87
C28 DMU UD . -17.02 -11.47 25.84
C31 DMU UD . -17.06 -10.08 25.15
C34 DMU UD . -16.91 -8.95 26.20
C37 DMU UD . -17.54 -7.61 25.76
C40 DMU UD . -16.71 -6.33 26.13
C43 DMU UD . -15.66 -6.18 27.59
O49 DMU UD . -17.66 -17.86 21.58
O55 DMU UD . -17.14 -21.00 21.75
C57 DMU UD . -20.98 -20.59 24.65
O61 DMU UD . -21.05 -19.78 25.82
XE XE VD . -27.53 -3.14 30.49
CU1 CUA WD . -45.26 -8.00 5.40
CU2 CUA WD . -44.71 -6.09 6.96
O16 DMU XD . -24.22 -13.20 38.79
C18 DMU XD . -23.96 -12.19 37.83
C19 DMU XD . -24.83 -10.97 38.16
C22 DMU XD . -23.98 -9.71 38.17
C25 DMU XD . -24.85 -8.45 38.20
C28 DMU XD . -24.21 -7.38 39.05
C31 DMU XD . -23.88 -6.14 38.24
C34 DMU XD . -24.65 -4.94 38.78
C37 DMU XD . -23.94 -3.64 38.42
C40 DMU XD . -24.29 -2.56 39.43
C43 DMU XD . -23.69 -1.22 39.08
O16 DMU YD . -14.46 7.97 44.73
C18 DMU YD . -15.15 6.89 44.11
C19 DMU YD . -16.47 7.37 43.52
C22 DMU YD . -16.62 6.93 42.07
C25 DMU YD . -17.94 6.15 41.83
C28 DMU YD . -17.74 4.98 40.85
C31 DMU YD . -19.04 4.52 40.18
C34 DMU YD . -18.78 3.76 38.88
C37 DMU YD . -19.98 2.84 38.55
C40 DMU YD . -19.79 1.82 37.45
C43 DMU YD . -21.16 1.31 36.94
C1 DMU ZD . -7.61 16.67 44.49
C2 DMU ZD . -6.57 16.66 45.57
C3 DMU ZD . -7.25 16.98 46.88
C4 DMU ZD . -8.46 16.12 47.16
O5 DMU ZD . -9.34 16.00 46.00
C6 DMU ZD . -8.68 15.74 44.83
O7 DMU ZD . -6.32 16.82 47.94
O16 DMU ZD . -9.45 15.67 43.67
C18 DMU ZD . -9.88 14.33 43.39
C19 DMU ZD . -11.36 14.32 43.49
C22 DMU ZD . -12.00 13.10 42.80
C25 DMU ZD . -13.44 13.43 42.50
C28 DMU ZD . -14.25 12.23 42.08
C31 DMU ZD . -15.71 12.55 42.30
C34 DMU ZD . -16.63 11.57 41.68
C37 DMU ZD . -18.03 12.01 41.90
C40 DMU ZD . -19.14 11.02 41.46
C43 DMU ZD . -18.88 10.15 40.32
O49 DMU ZD . -7.10 16.31 43.22
O55 DMU ZD . -5.57 17.64 45.30
C57 DMU ZD . -9.20 16.76 48.34
O61 DMU ZD . -10.33 16.03 48.75
C1 EDO AE . -48.68 -11.44 18.99
O1 EDO AE . -47.37 -10.88 19.13
C2 EDO AE . -49.78 -10.47 19.18
O2 EDO AE . -49.83 -9.94 20.50
C1 LFA BE . -4.84 -16.98 -10.32
C2 LFA BE . -3.55 -16.19 -10.16
C3 LFA BE . -2.99 -15.65 -11.48
C4 LFA BE . -1.76 -14.76 -11.31
C5 LFA BE . -1.56 -14.22 -9.91
C6 LFA BE . -0.17 -13.73 -9.62
C7 LFA BE . 0.05 -12.26 -9.86
C8 LFA BE . 1.25 -11.68 -9.11
C9 LFA BE . 2.29 -11.01 -9.98
C10 LFA BE . 1.75 -10.14 -11.08
C11 LFA BE . 2.66 -9.99 -12.29
C12 LFA BE . 2.53 -8.65 -13.00
C13 LFA BE . 2.29 -7.47 -12.07
C14 LFA BE . 3.45 -6.49 -11.97
C15 LFA BE . 3.20 -5.31 -11.06
C1 CHD CE . -16.18 -11.14 12.80
C2 CHD CE . -16.60 -12.58 12.59
C3 CHD CE . -15.41 -13.45 12.35
O3 CHD CE . -15.86 -14.81 12.17
C4 CHD CE . -14.61 -12.96 11.16
C5 CHD CE . -14.19 -11.49 11.30
C6 CHD CE . -13.39 -11.00 10.08
C7 CHD CE . -14.23 -10.74 8.84
O7 CHD CE . -14.61 -12.01 8.29
C8 CHD CE . -15.45 -9.86 9.15
C9 CHD CE . -16.26 -10.39 10.35
C10 CHD CE . -15.39 -10.53 11.63
C11 CHD CE . -17.57 -9.61 10.55
C12 CHD CE . -18.40 -9.47 9.28
O12 CHD CE . -18.92 -10.76 8.86
C13 CHD CE . -17.56 -8.80 8.18
C14 CHD CE . -16.33 -9.68 7.93
C15 CHD CE . -15.71 -9.13 6.65
C16 CHD CE . -16.92 -8.63 5.84
C17 CHD CE . -18.17 -8.79 6.75
C18 CHD CE . -17.20 -7.38 8.60
C19 CHD CE . -14.88 -9.15 12.08
C20 CHD CE . -19.28 -7.81 6.38
C21 CHD CE . -20.42 -7.72 7.41
C22 CHD CE . -19.86 -8.29 5.04
C23 CHD CE . -20.68 -7.34 4.38
O25 CHD CE . -21.92 -8.97 3.12
C24 CHD CE . -21.29 -7.88 3.11
O26 CHD CE . -21.13 -7.22 2.13
UNK UNX DE . 4.61 22.65 -5.26
P PGV EE . -3.02 29.49 -6.37
C01 PGV EE . -6.66 27.98 -4.87
C02 PGV EE . -6.26 28.40 -6.27
C03 PGV EE . -5.64 29.76 -6.22
C04 PGV EE . -2.29 32.00 -6.34
C05 PGV EE . -0.92 32.36 -6.85
C06 PGV EE . -0.21 33.45 -6.06
O01 PGV EE . -7.46 28.53 -6.99
O02 PGV EE . -6.92 26.86 -8.36
O03 PGV EE . -7.00 26.62 -4.93
O04 PGV EE . -9.11 27.15 -4.28
O05 PGV EE . -1.09 32.82 -8.22
O06 PGV EE . 1.13 33.62 -6.59
O11 PGV EE . -4.39 29.70 -5.53
O12 PGV EE . -2.73 30.86 -7.11
O13 PGV EE . -3.26 28.54 -7.48
O14 PGV EE . -1.99 29.24 -5.34
C1 PGV EE . -7.73 27.69 -8.05
C2 PGV EE . -9.04 28.05 -8.77
C3 PGV EE . -9.34 27.13 -9.94
C4 PGV EE . -9.94 25.83 -9.50
C5 PGV EE . -10.46 25.04 -10.75
C6 PGV EE . -11.17 23.73 -10.39
C7 PGV EE . -11.72 23.00 -11.65
C8 PGV EE . -12.44 21.67 -11.33
C9 PGV EE . -13.04 20.99 -12.57
C10 PGV EE . -14.51 21.18 -12.62
C11 PGV EE . -15.35 20.23 -13.43
C12 PGV EE . -16.63 20.10 -12.99
C13 PGV EE . -17.74 19.22 -13.56
C14 PGV EE . -17.95 19.37 -15.08
C15 PGV EE . -17.48 18.14 -15.89
C16 PGV EE . -17.68 18.35 -17.39
C17 PGV EE . -16.83 19.50 -17.97
C18 PGV EE . -16.38 19.24 -19.39
C19 PGV EE . -8.32 26.25 -4.61
C20 PGV EE . -8.63 24.75 -4.85
C21 PGV EE . -10.00 24.56 -5.40
C22 PGV EE . -10.09 23.08 -5.57
C23 PGV EE . -11.26 22.70 -6.36
C24 PGV EE . -11.40 21.17 -6.34
C25 PGV EE . -12.31 20.77 -7.46
C26 PGV EE . -12.73 19.27 -7.61
C27 PGV EE . -14.24 19.40 -7.90
C28 PGV EE . -15.05 18.15 -8.09
C29 PGV EE . -16.53 18.48 -8.34
C30 PGV EE . -17.48 17.41 -7.71
C31 PGV EE . -17.18 15.95 -8.11
C32 PGV EE . -18.04 14.87 -7.41
C33 PGV EE . -18.81 13.94 -8.39
C34 PGV EE . -19.41 12.79 -7.59
C1 CDL FE . -8.74 38.90 -15.30
O1 CDL FE . -7.67 39.50 -14.60
CA2 CDL FE . -9.88 39.80 -15.68
OA2 CDL FE . -11.11 39.05 -15.83
PA1 CDL FE . -11.30 37.65 -15.05
OA3 CDL FE . -10.83 37.43 -13.59
OA4 CDL FE . -12.70 37.52 -15.60
OA5 CDL FE . -10.87 36.51 -16.08
CA3 CDL FE . -11.65 35.29 -16.18
CA4 CDL FE . -10.80 34.26 -15.50
OA6 CDL FE . -9.38 34.31 -15.81
CA5 CDL FE . -8.56 33.79 -14.88
OA7 CDL FE . -8.48 34.35 -13.79
C11 CDL FE . -7.91 32.53 -15.42
C12 CDL FE . -8.19 32.36 -16.84
C13 CDL FE . -7.40 31.26 -17.44
C14 CDL FE . -7.94 29.98 -17.05
C15 CDL FE . -9.24 29.65 -17.67
C16 CDL FE . -9.31 28.26 -18.16
C17 CDL FE . -10.67 27.74 -18.53
C18 CDL FE . -10.59 26.27 -18.94
C19 CDL FE . -11.89 25.58 -19.21
C20 CDL FE . -11.82 24.08 -19.22
C21 CDL FE . -12.82 23.35 -20.10
C22 CDL FE . -12.48 21.87 -20.34
C23 CDL FE . -12.92 21.30 -21.67
C24 CDL FE . -13.29 19.81 -21.66
C25 CDL FE . -12.15 18.86 -21.32
C26 CDL FE . -12.31 17.39 -21.70
C27 CDL FE . -11.40 16.43 -20.94
CA6 CDL FE . -11.21 32.84 -15.81
OA8 CDL FE . -10.83 32.18 -14.59
CA7 CDL FE . -11.66 31.23 -14.23
OA9 CDL FE . -12.82 31.42 -14.01
C31 CDL FE . -11.05 29.93 -14.27
C32 CDL FE . -11.81 28.95 -13.49
C33 CDL FE . -12.73 28.18 -14.38
C34 CDL FE . -13.15 26.90 -13.85
C35 CDL FE . -13.75 26.03 -14.85
C36 CDL FE . -14.89 25.23 -14.34
C37 CDL FE . -15.56 24.44 -15.42
C38 CDL FE . -17.03 24.69 -15.54
C39 CDL FE . -17.61 24.02 -16.78
CB2 CDL FE . -8.35 37.87 -16.32
OB2 CDL FE . -6.94 37.84 -16.54
PB2 CDL FE . -6.19 36.44 -16.72
OB3 CDL FE . -4.74 36.44 -16.22
OB4 CDL FE . -7.21 35.42 -16.29
OB5 CDL FE . -6.30 36.46 -18.33
CB3 CDL FE . -7.62 36.25 -18.98
CB4 CDL FE . -8.01 37.18 -20.12
OB6 CDL FE . -7.26 36.84 -21.34
CB5 CDL FE . -7.90 36.27 -22.38
OB7 CDL FE . -7.87 36.74 -23.51
C51 CDL FE . -8.61 34.96 -22.04
C52 CDL FE . -10.10 35.11 -21.82
C53 CDL FE . -10.56 34.65 -20.45
C54 CDL FE . -10.62 33.15 -20.27
C55 CDL FE . -11.81 32.65 -19.48
C56 CDL FE . -12.99 32.21 -20.33
C57 CDL FE . -13.10 30.71 -20.51
C58 CDL FE . -14.49 30.19 -20.83
C59 CDL FE . -14.90 28.95 -20.04
C60 CDL FE . -15.67 27.92 -20.84
C61 CDL FE . -16.12 26.69 -20.04
C62 CDL FE . -15.93 25.37 -20.76
CB6 CDL FE . -7.84 38.65 -19.82
OB8 CDL FE . -8.96 39.38 -20.39
CB7 CDL FE . -10.12 39.41 -19.70
OB9 CDL FE . -10.51 38.51 -19.01
C71 CDL FE . -10.88 40.70 -19.93
C72 CDL FE . -11.88 40.66 -21.06
C73 CDL FE . -13.28 40.22 -20.65
C74 CDL FE . -13.93 39.22 -21.59
C75 CDL FE . -15.22 38.60 -21.10
C76 CDL FE . -15.47 37.14 -21.49
C77 CDL FE . -15.73 36.17 -20.33
C78 CDL FE . -16.98 35.27 -20.45
C79 CDL FE . -16.75 33.83 -20.01
C80 CDL FE . -17.97 32.91 -20.05
C81 CDL FE . -17.92 31.79 -19.01
C82 CDL FE . -18.91 30.65 -19.19
C83 CDL FE . -18.63 29.45 -18.28
C84 CDL FE . -19.74 28.41 -18.16
C85 CDL FE . -20.38 27.99 -19.48
C86 CDL FE . -21.31 26.78 -19.42
C87 CDL FE . -22.06 26.48 -20.70
C1 CHD GE . 0.90 22.96 -28.40
C2 CHD GE . 1.76 22.61 -29.61
C3 CHD GE . 2.48 21.29 -29.41
O3 CHD GE . 3.29 20.99 -30.56
C4 CHD GE . 3.33 21.34 -28.14
C5 CHD GE . 2.51 21.74 -26.89
C6 CHD GE . 3.41 21.75 -25.63
C7 CHD GE . 4.26 23.01 -25.43
O7 CHD GE . 5.39 22.88 -26.30
C8 CHD GE . 3.49 24.30 -25.70
C9 CHD GE . 2.72 24.25 -27.05
C10 CHD GE . 1.70 23.06 -27.07
C11 CHD GE . 2.12 25.61 -27.48
C12 CHD GE . 3.11 26.78 -27.45
O12 CHD GE . 4.09 26.60 -28.52
C13 CHD GE . 3.77 26.86 -26.04
C14 CHD GE . 4.44 25.48 -25.73
C15 CHD GE . 5.33 25.73 -24.50
C16 CHD GE . 5.90 27.13 -24.77
C17 CHD GE . 4.98 27.83 -25.82
C18 CHD GE . 2.61 27.20 -25.08
C19 CHD GE . 0.66 23.24 -25.94
C20 CHD GE . 4.68 29.29 -25.46
C21 CHD GE . 3.95 30.05 -26.57
C22 CHD GE . 5.99 30.00 -25.07
C23 CHD GE . 6.04 30.45 -23.60
O25 CHD GE . 4.31 32.18 -23.65
C24 CHD GE . 5.54 31.88 -23.35
O26 CHD GE . 6.36 32.71 -22.80
O16 DMU HE . -29.22 12.85 -24.42
C18 DMU HE . -29.43 12.15 -23.21
C19 DMU HE . -29.40 13.13 -22.04
C22 DMU HE . -28.22 12.86 -21.13
C25 DMU HE . -28.39 13.52 -19.78
C28 DMU HE . -27.28 13.14 -18.80
C31 DMU HE . -27.19 14.20 -17.71
C34 DMU HE . -26.53 13.71 -16.42
C37 DMU HE . -26.34 14.91 -15.46
C40 DMU HE . -26.39 14.53 -13.96
C43 DMU HE . -26.45 15.77 -13.08
C1 LFA IE . -3.96 -10.46 -17.03
C2 LFA IE . -3.78 -8.99 -16.68
C3 LFA IE . -2.64 -8.76 -15.74
C4 LFA IE . -1.96 -7.43 -15.81
C5 LFA IE . -0.47 -7.51 -15.79
C6 LFA IE . 0.17 -6.72 -16.87
C7 LFA IE . 1.54 -7.19 -17.21
C8 LFA IE . 1.89 -7.14 -18.67
C9 LFA IE . 3.34 -6.89 -18.89
C10 LFA IE . 3.94 -5.95 -17.87
C11 LFA IE . 5.26 -6.37 -17.32
C1 LFA JE . -0.62 -3.26 -13.62
C2 LFA JE . 0.75 -3.25 -14.27
C3 LFA JE . 1.09 -1.96 -15.03
C4 LFA JE . 1.83 -2.20 -16.33
C5 LFA JE . 1.78 -1.07 -17.33
C6 LFA JE . 2.42 -1.46 -18.67
C1 LFA KE . -20.87 -15.17 1.75
C2 LFA KE . -19.56 -14.47 1.46
C3 LFA KE . -19.51 -13.04 1.94
C4 LFA KE . -19.22 -12.03 0.83
C5 LFA KE . -19.39 -10.57 1.23
C6 LFA KE . -18.11 -9.90 1.66
C7 LFA KE . -17.82 -8.60 0.97
C8 LFA KE . -16.86 -7.72 1.73
C9 LFA KE . -16.47 -6.43 1.04
C10 LFA KE . -15.66 -5.49 1.91
C11 LFA KE . -16.11 -5.41 3.37
C12 LFA KE . -15.72 -4.11 4.07
C13 LFA KE . -16.22 -3.96 5.50
C14 LFA KE . -16.16 -2.53 5.98
C15 LFA KE . -15.97 -1.52 4.86
C16 LFA KE . -15.35 -0.24 5.29
C17 LFA KE . -15.27 0.84 4.24
C18 LFA KE . -14.04 1.72 4.42
C1 LFA LE . -13.45 -16.36 -0.47
C2 LFA LE . -12.58 -15.73 -1.54
C3 LFA LE . -11.40 -14.95 -1.01
C4 LFA LE . -10.65 -14.12 -2.01
C5 LFA LE . -10.18 -12.79 -1.49
C6 LFA LE . -9.83 -11.77 -2.55
C7 LFA LE . -9.93 -10.33 -2.07
C8 LFA LE . -11.11 -10.06 -1.14
C9 LFA LE . -11.93 -8.84 -1.52
C10 LFA LE . -11.83 -7.66 -0.60
C11 LFA LE . -10.72 -6.69 -0.98
C1 LFA ME . 13.33 9.52 -8.89
C2 LFA ME . 13.00 8.06 -8.89
C3 LFA ME . 11.52 7.74 -8.98
C4 LFA ME . 11.24 6.33 -9.52
C5 LFA ME . 9.78 5.91 -9.56
C6 LFA ME . 9.10 6.15 -10.89
C7 LFA ME . 8.42 4.94 -11.47
C8 LFA ME . 7.10 5.25 -12.16
C9 LFA ME . 6.15 4.07 -12.28
C10 LFA ME . 5.23 4.13 -13.47
C11 LFA ME . 5.94 4.24 -14.81
C12 LFA ME . 5.02 4.53 -15.97
C13 LFA ME . 4.65 3.34 -16.76
C14 LFA ME . 3.52 3.62 -17.72
C1 LFA NE . 8.31 14.44 -6.66
C2 LFA NE . 6.97 14.91 -6.13
C3 LFA NE . 5.99 13.73 -6.06
C4 LFA NE . 6.54 12.35 -6.40
C5 LFA NE . 5.46 11.28 -6.65
C6 LFA NE . 5.70 10.34 -7.83
C7 LFA NE . 4.43 9.78 -8.44
C8 LFA NE . 4.59 9.11 -9.80
C9 LFA NE . 3.35 8.35 -10.24
C10 LFA NE . 3.56 7.34 -11.35
C11 LFA NE . 4.59 6.27 -11.04
C1 LFA OE . -1.92 11.98 -3.27
C2 LFA OE . -3.24 11.28 -3.57
C3 LFA OE . -3.19 9.79 -3.32
C4 LFA OE . -4.55 9.17 -3.35
C5 LFA OE . -4.63 7.92 -2.56
C6 LFA OE . -6.00 7.47 -2.31
C7 LFA OE . -6.55 6.62 -3.39
C8 LFA OE . -7.25 5.37 -2.89
C9 LFA OE . -8.52 5.11 -3.62
C10 LFA OE . -9.05 3.75 -3.41
C11 LFA OE . -10.50 3.64 -3.73
C12 LFA OE . -11.21 2.71 -2.80
C13 LFA OE . -10.74 1.29 -2.92
C14 LFA OE . -11.33 0.35 -1.89
C15 LFA OE . -10.73 -1.03 -1.95
C1 LFA PE . 2.31 18.36 0.75
C2 LFA PE . 1.88 16.98 1.26
C3 LFA PE . 0.41 16.73 1.06
C4 LFA PE . 0.00 15.36 0.58
C5 LFA PE . -1.43 15.30 0.17
C6 LFA PE . -1.73 14.20 -0.80
C7 LFA PE . -3.21 13.87 -0.91
C8 LFA PE . -3.75 13.06 0.23
C9 LFA PE . -4.93 12.14 -0.08
C10 LFA PE . -5.35 11.27 1.09
C11 LFA PE . -6.17 10.04 0.71
C12 LFA PE . -5.88 8.80 1.54
C13 LFA PE . -7.11 8.06 2.05
C1 DMU QE . -7.19 -14.76 -13.28
C2 DMU QE . -8.56 -15.26 -13.82
C3 DMU QE . -9.47 -15.61 -12.67
C4 DMU QE . -9.58 -14.42 -11.77
O5 DMU QE . -8.33 -14.00 -11.29
C6 DMU QE . -7.35 -13.73 -12.19
O7 DMU QE . -10.82 -15.91 -13.07
O16 DMU QE . -6.19 -13.44 -11.40
C18 DMU QE . -6.39 -12.27 -10.59
C19 DMU QE . -5.09 -11.89 -9.83
C22 DMU QE . -5.23 -10.53 -9.18
C25 DMU QE . -3.89 -9.91 -8.84
C28 DMU QE . -3.94 -9.16 -7.52
C31 DMU QE . -2.78 -8.18 -7.41
C34 DMU QE . -2.36 -8.00 -5.95
C37 DMU QE . -1.04 -7.23 -5.83
C40 DMU QE . -0.69 -6.48 -7.12
C43 DMU QE . 0.71 -5.89 -7.03
O49 DMU QE . -6.43 -14.20 -14.33
O55 DMU QE . -8.37 -16.43 -14.62
C57 DMU QE . -10.38 -14.87 -10.58
O61 DMU QE . -10.01 -14.12 -9.46
C5 DMU QE . -12.48 -17.36 -13.83
C7 DMU QE . -13.55 -17.37 -12.77
C8 DMU QE . -13.15 -18.28 -11.65
C9 DMU QE . -11.81 -17.81 -11.14
O1 DMU QE . -10.82 -18.09 -12.15
C10 DMU QE . -11.06 -17.29 -13.35
O2 DMU QE . -14.12 -18.25 -10.59
O3 DMU QE . -12.74 -16.51 -14.93
O4 DMU QE . -14.82 -17.79 -13.26
C11 DMU QE . -11.52 -18.49 -9.82
O6 DMU QE . -12.57 -18.15 -8.91
C25 DMU RE . 2.42 11.20 -5.31
C28 DMU RE . 1.11 10.44 -5.18
C31 DMU RE . 1.37 8.95 -5.32
C34 DMU RE . 0.14 8.23 -5.78
C37 DMU RE . 0.36 7.57 -7.14
C40 DMU RE . 1.22 6.32 -6.99
C43 DMU RE . 0.90 5.32 -8.07
C1 DMU SE . 1.80 8.03 -1.50
C2 DMU SE . 1.80 9.13 -0.44
C3 DMU SE . 0.41 9.53 -0.10
C4 DMU SE . -0.25 8.31 0.44
O5 DMU SE . -0.50 7.41 -0.63
C6 DMU SE . 0.57 7.15 -1.52
O7 DMU SE . 0.39 10.57 0.86
O16 DMU SE . 0.11 6.94 -2.88
C18 DMU SE . -0.91 5.93 -2.91
C19 DMU SE . -0.31 4.53 -2.93
C22 DMU SE . -1.40 3.46 -3.09
C25 DMU SE . -1.43 2.88 -4.52
C28 DMU SE . -1.59 1.35 -4.50
C31 DMU SE . -2.45 0.89 -5.65
C34 DMU SE . -2.15 -0.56 -6.03
C37 DMU SE . -3.42 -1.30 -6.45
C40 DMU SE . -3.65 -2.50 -5.55
C43 DMU SE . -5.05 -3.02 -5.71
O49 DMU SE . 2.98 7.20 -1.32
O55 DMU SE . 2.52 10.27 -0.91
C57 DMU SE . -1.56 8.64 1.12
O61 DMU SE . -2.18 7.41 1.47
C1 DMU TE . -41.68 21.21 -20.91
C2 DMU TE . -41.53 19.87 -21.65
C3 DMU TE . -42.62 19.65 -22.71
C4 DMU TE . -42.89 20.95 -23.48
O5 DMU TE . -43.12 22.01 -22.57
C6 DMU TE . -42.03 22.29 -21.82
O7 DMU TE . -42.22 18.67 -23.71
O16 DMU TE . -42.09 23.51 -21.16
C18 DMU TE . -42.01 24.66 -21.96
C19 DMU TE . -41.82 25.86 -21.04
C22 DMU TE . -40.37 25.94 -20.56
C25 DMU TE . -40.20 26.95 -19.44
C28 DMU TE . -38.73 27.30 -19.25
C31 DMU TE . -38.45 27.68 -17.82
C34 DMU TE . -38.11 29.13 -17.68
C37 DMU TE . -36.63 29.36 -17.91
C40 DMU TE . -35.93 29.78 -16.63
C43 DMU TE . -35.54 31.22 -16.81
O49 DMU TE . -40.47 21.52 -20.19
O55 DMU TE . -41.60 18.86 -20.66
C57 DMU TE . -44.09 20.81 -24.44
O61 DMU TE . -45.33 21.08 -23.79
C5 DMU TE . -41.79 16.43 -24.43
C7 DMU TE . -42.47 15.14 -24.51
C8 DMU TE . -43.95 15.37 -24.72
C9 DMU TE . -44.38 16.67 -24.04
O1 DMU TE . -43.55 16.92 -22.89
C10 DMU TE . -42.22 17.30 -23.28
O2 DMU TE . -44.20 15.44 -26.13
O3 DMU TE . -41.77 17.10 -25.81
O4 DMU TE . -42.28 14.38 -23.32
C11 DMU TE . -45.83 16.61 -23.61
O6 DMU TE . -46.67 16.88 -24.73
C1 DMU UE . -37.49 19.46 -23.45
C2 DMU UE . -37.26 18.19 -24.20
C3 DMU UE . -38.53 17.81 -24.85
C4 DMU UE . -38.99 18.88 -25.83
O5 DMU UE . -39.12 20.15 -25.18
C6 DMU UE . -38.05 20.53 -24.37
O7 DMU UE . -38.25 16.59 -25.50
O16 DMU UE . -38.27 21.75 -23.79
C18 DMU UE . -38.19 22.82 -24.76
C19 DMU UE . -37.55 24.08 -24.13
C22 DMU UE . -36.12 23.81 -23.66
C25 DMU UE . -35.29 25.09 -23.60
C28 DMU UE . -35.60 25.94 -22.35
C31 DMU UE . -35.76 27.41 -22.73
C34 DMU UE . -35.73 28.31 -21.51
C37 DMU UE . -35.16 29.68 -21.85
C40 DMU UE . -34.09 30.05 -20.84
C43 DMU UE . -33.57 31.44 -21.12
O49 DMU UE . -36.26 19.85 -22.83
O55 DMU UE . -36.88 17.11 -23.36
C57 DMU UE . -40.34 18.51 -26.44
O61 DMU UE . -40.91 19.66 -27.09
C5 DMU UE . -36.64 15.01 -25.36
C7 DMU UE . -36.46 13.62 -25.08
C8 DMU UE . -37.64 12.88 -25.73
C9 DMU UE . -38.85 13.80 -25.67
O1 DMU UE . -38.74 14.60 -24.48
C10 DMU UE . -37.74 15.59 -24.66
O2 DMU UE . -37.42 12.54 -27.14
O3 DMU UE . -36.71 15.34 -26.74
O4 DMU UE . -36.46 13.50 -23.61
C11 DMU UE . -40.16 13.03 -25.68
O6 DMU UE . -40.63 12.85 -27.02
C1 EDO VE . -30.40 26.02 -20.79
O1 EDO VE . -30.25 27.28 -20.22
C2 EDO VE . -31.26 26.04 -21.97
O2 EDO VE . -32.40 25.20 -21.82
C1 EDO WE . -35.79 -13.36 -7.85
O1 EDO WE . -34.93 -13.96 -8.77
C2 EDO WE . -35.55 -13.88 -6.49
O2 EDO WE . -36.17 -15.11 -6.28
C1 EDO XE . 14.91 20.01 -18.31
O1 EDO XE . 16.05 19.25 -18.05
C2 EDO XE . 13.81 19.30 -17.64
O2 EDO XE . 12.54 19.99 -17.68
C1 DMU YE . -44.25 20.11 -16.93
C2 DMU YE . -45.46 20.09 -17.82
C3 DMU YE . -45.49 18.82 -18.69
C4 DMU YE . -45.27 17.56 -17.81
O5 DMU YE . -44.14 17.69 -16.95
C6 DMU YE . -44.15 18.83 -16.15
O7 DMU YE . -46.77 18.67 -19.28
O16 DMU YE . -43.16 18.81 -15.11
C18 DMU YE . -43.37 17.82 -14.03
C19 DMU YE . -42.04 17.48 -13.33
C22 DMU YE . -42.23 17.10 -11.83
C25 DMU YE . -40.98 16.55 -11.15
C28 DMU YE . -40.97 16.90 -9.66
C31 DMU YE . -40.18 18.18 -9.41
C34 DMU YE . -40.11 18.53 -7.93
C37 DMU YE . -39.93 19.99 -7.82
C40 DMU YE . -39.16 20.36 -6.62
C43 DMU YE . -39.15 21.84 -6.51
O49 DMU YE . -44.39 21.25 -16.09
O55 DMU YE . -45.47 21.32 -18.60
C57 DMU YE . -45.15 16.28 -18.65
O61 DMU YE . -43.82 16.14 -19.16
C5 DMU YE . -47.98 20.75 -19.85
C7 DMU YE . -49.45 20.83 -20.23
C8 DMU YE . -49.96 19.59 -20.97
C9 DMU YE . -49.02 18.47 -20.61
O1 DMU YE . -47.81 18.79 -21.27
C10 DMU YE . -47.10 19.59 -20.35
O2 DMU YE . -51.30 19.27 -20.59
O3 DMU YE . -47.71 21.12 -18.49
O4 DMU YE . -49.68 21.99 -21.01
C11 DMU YE . -49.45 17.05 -20.92
O6 DMU YE . -48.78 16.23 -19.96
XE XE ZE . -40.46 17.05 -10.78
C1 DMU AF . -36.92 27.64 44.14
C2 DMU AF . -35.73 28.49 44.62
C3 DMU AF . -34.47 27.85 44.05
C4 DMU AF . -34.70 27.81 42.52
O5 DMU AF . -35.68 26.85 42.24
C6 DMU AF . -36.88 27.36 42.61
O7 DMU AF . -33.33 28.58 44.33
O16 DMU AF . -37.90 26.66 42.08
C18 DMU AF . -37.75 26.18 40.72
C19 DMU AF . -38.03 24.70 40.77
C22 DMU AF . -38.35 24.13 39.44
C25 DMU AF . -38.73 22.70 39.54
C28 DMU AF . -38.68 22.06 38.14
C31 DMU AF . -39.60 20.88 38.10
C34 DMU AF . -39.03 19.78 37.24
C37 DMU AF . -40.14 18.86 36.90
C40 DMU AF . -39.62 17.53 36.41
C43 DMU AF . -40.73 16.52 36.61
O49 DMU AF . -38.08 28.27 44.54
O55 DMU AF . -35.70 28.62 46.09
C57 DMU AF . -33.53 27.49 41.66
O61 DMU AF . -34.06 27.13 40.32
C5 DMU AF . -31.89 29.50 45.82
C7 DMU AF . -30.71 29.32 44.97
C8 DMU AF . -30.00 28.05 45.35
C9 DMU AF . -30.94 26.84 45.45
O1 DMU AF . -32.29 27.15 45.92
C10 DMU AF . -32.86 28.45 45.66
O2 DMU AF . -28.96 27.75 44.40
O3 DMU AF . -32.47 30.72 45.79
O4 DMU AF . -29.84 30.44 45.11
C11 DMU AF . -30.32 25.86 46.47
O6 DMU AF . -30.19 24.58 45.90
C1 EDO BF . -16.10 45.76 67.92
O1 EDO BF . -15.01 46.60 67.62
C2 EDO BF . -15.75 44.32 67.97
O2 EDO BF . -14.37 44.11 68.20
C1 EDO CF . 1.54 37.54 49.12
O1 EDO CF . 2.47 37.39 50.16
C2 EDO CF . 2.09 37.19 47.79
O2 EDO CF . 3.28 37.89 47.46
C1 EDO DF . -1.41 43.92 62.79
O1 EDO DF . -0.88 42.61 63.02
C2 EDO DF . -1.73 44.24 61.35
O2 EDO DF . -0.71 43.87 60.48
ZN ZN EF . -2.16 32.38 34.15
C1 EDO FF . -11.34 26.51 27.98
O1 EDO FF . -9.95 26.30 27.76
C2 EDO FF . -11.50 27.56 29.04
O2 EDO FF . -11.15 28.88 28.56
C1 EDO GF . 4.83 33.06 0.47
O1 EDO GF . 3.49 33.49 0.59
C2 EDO GF . 4.87 31.65 0.03
O2 EDO GF . 4.44 31.55 -1.33
P PEK HF . -24.29 0.78 -22.04
N PEK HF . -21.95 -1.02 -25.60
C01 PEK HF . -24.77 3.61 -19.48
C02 PEK HF . -23.29 3.56 -19.80
C03 PEK HF . -22.82 2.24 -20.38
C04 PEK HF . -22.22 -0.35 -23.24
C05 PEK HF . -22.64 -1.26 -24.35
O01 PEK HF . -22.56 3.73 -18.57
O02 PEK HF . -21.72 5.59 -19.25
O03 PEK HF . -25.14 4.98 -19.20
O04 PEK HF . -27.14 4.35 -18.47
O11 PEK HF . -23.40 2.07 -21.70
O12 PEK HF . -23.19 -0.38 -22.14
O13 PEK HF . -25.16 0.33 -20.87
O14 PEK HF . -24.90 1.07 -23.40
C1 PEK HF . -21.99 4.89 -18.25
C2 PEK HF . -21.85 5.00 -16.67
C3 PEK HF . -22.77 6.12 -16.06
C4 PEK HF . -24.06 5.70 -15.26
C5 PEK HF . -24.28 6.39 -13.92
C6 PEK HF . -23.60 7.39 -13.34
C7 PEK HF . -22.10 7.64 -13.37
C8 PEK HF . -21.68 9.01 -13.90
C9 PEK HF . -21.75 9.44 -15.18
C10 PEK HF . -22.38 10.74 -15.65
C11 PEK HF . -22.46 10.95 -17.15
C12 PEK HF . -22.97 10.11 -18.07
C13 PEK HF . -22.42 9.87 -19.45
C14 PEK HF . -20.92 9.58 -19.37
C15 PEK HF . -20.32 8.84 -18.43
C16 PEK HF . -18.89 8.91 -17.95
C17 PEK HF . -17.86 8.83 -19.06
C18 PEK HF . -16.73 7.86 -18.78
C19 PEK HF . -15.60 7.76 -19.81
C20 PEK HF . -16.07 7.83 -21.22
C21 PEK HF . -26.38 5.21 -18.78
C22 PEK HF . -26.79 6.63 -18.81
C23 PEK HF . -26.08 7.55 -18.00
C24 PEK HF . -26.72 8.94 -18.10
C25 PEK HF . -27.66 9.29 -16.98
C26 PEK HF . -27.05 9.22 -15.61
C27 PEK HF . -27.89 9.92 -14.54
C28 PEK HF . -27.63 9.45 -13.12
C29 PEK HF . -26.95 10.46 -12.27
C30 PEK HF . -26.66 9.99 -10.87
C31 PEK HF . -26.36 11.14 -9.94
C32 PEK HF . -25.58 10.82 -8.70
C33 PEK HF . -24.75 11.95 -8.17
C34 PEK HF . -24.13 11.65 -6.82
C35 PEK HF . -23.88 12.87 -5.95
C36 PEK HF . -23.38 12.54 -4.56
C37 PEK HF . -23.57 13.62 -3.51
C38 PEK HF . -23.42 13.21 -2.01
C1 LFA IF . 14.82 16.38 -25.04
C2 LFA IF . 14.25 14.98 -25.16
C3 LFA IF . 13.30 14.87 -26.36
C4 LFA IF . 13.13 13.47 -26.90
C5 LFA IF . 11.83 13.24 -27.66
C6 LFA IF . 10.77 12.47 -26.88
C7 LFA IF . 10.24 11.25 -27.58
C8 LFA IF . 9.80 10.12 -26.67
C9 LFA IF . 8.95 9.09 -27.37
C10 LFA IF . 8.73 7.81 -26.63
C11 LFA IF . 8.44 6.64 -27.54
C1 DMU JF . -4.34 -12.53 -25.56
C2 DMU JF . -5.21 -13.71 -25.98
C3 DMU JF . -4.91 -14.08 -27.42
C4 DMU JF . -3.43 -14.24 -27.68
O5 DMU JF . -2.69 -13.10 -27.17
C6 DMU JF . -2.91 -12.86 -25.82
O7 DMU JF . -5.57 -15.28 -27.75
O16 DMU JF . -1.94 -12.06 -25.23
C18 DMU JF . -1.24 -12.85 -24.23
C19 DMU JF . 0.11 -12.27 -23.92
C22 DMU JF . -0.05 -10.78 -23.77
C25 DMU JF . 0.93 -10.24 -22.81
C28 DMU JF . 0.53 -8.89 -22.34
C31 DMU JF . 1.73 -8.03 -22.06
C34 DMU JF . 1.56 -6.71 -22.80
C37 DMU JF . 2.69 -5.78 -22.42
C40 DMU JF . 2.64 -4.49 -23.19
C43 DMU JF . 3.66 -3.55 -22.55
O49 DMU JF . -4.57 -12.23 -24.20
O55 DMU JF . -6.58 -13.41 -25.86
C57 DMU JF . -3.18 -14.39 -29.17
O61 DMU JF . -2.43 -13.27 -29.63
C1 EDO KF . -24.74 -14.10 -23.98
O1 EDO KF . -25.05 -12.99 -23.14
C2 EDO KF . -25.97 -14.81 -24.38
O2 EDO KF . -26.89 -13.95 -25.08
C1 CDL LF . -43.44 -8.47 37.02
O1 CDL LF . -43.06 -9.73 37.60
CA2 CDL LF . -42.18 -7.79 36.53
OA2 CDL LF . -41.63 -8.56 35.41
PA1 CDL LF . -42.29 -8.40 33.95
OA3 CDL LF . -43.78 -8.24 34.02
OA4 CDL LF . -41.73 -9.38 32.98
OA5 CDL LF . -41.84 -6.89 33.53
CA3 CDL LF . -40.50 -6.36 33.29
CA4 CDL LF . -40.76 -4.89 32.97
OA6 CDL LF . -39.67 -3.93 32.89
CA5 CDL LF . -39.28 -3.40 31.72
OA7 CDL LF . -38.56 -3.98 30.98
C11 CDL LF . -39.34 -1.93 31.58
C12 CDL LF . -38.01 -1.47 30.98
C13 CDL LF . -37.69 -0.02 31.20
C14 CDL LF . -36.26 0.36 30.91
C15 CDL LF . -35.47 0.73 32.15
C16 CDL LF . -35.84 2.07 32.72
C17 CDL LF . -35.01 2.56 33.89
C18 CDL LF . -35.83 3.42 34.80
C19 CDL LF . -35.07 4.39 35.68
C20 CDL LF . -34.93 4.00 37.15
C21 CDL LF . -34.94 5.15 38.18
C22 CDL LF . -35.64 4.82 39.50
C23 CDL LF . -36.60 5.87 40.05
CA6 CDL LF . -41.55 -4.23 34.09
OA8 CDL LF . -40.83 -3.30 34.95
CA7 CDL LF . -41.61 -2.71 35.87
OA9 CDL LF . -42.25 -3.32 36.67
C31 CDL LF . -41.69 -1.17 35.78
C32 CDL LF . -40.36 -0.45 35.86
C33 CDL LF . -40.27 0.60 36.98
C34 CDL LF . -40.71 2.00 36.61
C35 CDL LF . -39.79 3.11 37.05
CB2 CDL LF . -44.22 -7.64 38.03
OB2 CDL LF . -45.51 -7.22 37.46
PB2 CDL LF . -46.78 -7.02 38.44
OB3 CDL LF . -46.76 -8.05 39.54
OB4 CDL LF . -48.00 -6.84 37.59
OB5 CDL LF . -46.47 -5.61 39.18
CB3 CDL LF . -47.47 -4.56 39.22
CB4 CDL LF . -46.98 -3.41 38.36
OB6 CDL LF . -46.35 -2.42 39.22
CB5 CDL LF . -45.04 -2.14 39.03
OB7 CDL LF . -44.39 -2.65 38.15
C51 CDL LF . -44.45 -1.12 40.00
C52 CDL LF . -44.05 0.17 39.37
CB6 CDL LF . -48.08 -2.75 37.54
OB8 CDL LF . -47.64 -1.42 37.20
CB7 CDL LF . -47.87 -1.00 35.95
OB9 CDL LF . -48.88 -1.30 35.34
C71 CDL LF . -46.71 -0.15 35.42
C72 CDL LF . -46.87 1.33 35.66
C73 CDL LF . -46.64 2.17 34.41
C74 CDL LF . -46.60 3.67 34.62
C75 CDL LF . -47.00 4.52 33.42
C76 CDL LF . -45.89 5.33 32.80
C77 CDL LF . -46.18 6.79 32.57
C78 CDL LF . -44.92 7.66 32.53
C79 CDL LF . -44.77 8.66 33.69
C80 CDL LF . -45.22 10.09 33.40
C81 CDL LF . -44.12 11.15 33.35
C82 CDL LF . -43.29 11.33 34.62
O16 DMU MF . -46.12 27.79 -19.75
C18 DMU MF . -46.52 27.59 -18.41
C19 DMU MF . -45.28 27.33 -17.54
C22 DMU MF . -45.04 28.49 -16.59
C25 DMU MF . -43.67 28.38 -15.93
C28 DMU MF . -43.48 29.44 -14.84
C31 DMU MF . -42.01 29.66 -14.55
C34 DMU MF . -41.41 30.70 -15.49
C37 DMU MF . -40.37 31.53 -14.78
C40 DMU MF . -40.04 32.82 -15.52
C43 DMU MF . -39.74 33.92 -14.53
C1 CDL NF . -35.97 43.43 7.22
O1 CDL NF . -35.59 43.50 8.59
CA2 CDL NF . -35.81 44.77 6.54
OA2 CDL NF . -35.16 44.55 5.25
PA1 CDL NF . -36.00 44.69 3.89
OA3 CDL NF . -36.85 45.92 4.10
OA4 CDL NF . -35.03 44.67 2.73
OA5 CDL NF . -36.84 43.33 3.70
CA3 CDL NF . -38.31 43.35 3.73
CA4 CDL NF . -38.97 42.52 2.64
OA6 CDL NF . -39.30 41.19 3.16
CA5 CDL NF . -40.55 40.92 3.61
OA7 CDL NF . -40.95 41.26 4.71
C11 CDL NF . -41.39 40.12 2.62
C12 CDL NF . -40.74 38.81 2.19
C13 CDL NF . -41.73 37.63 2.10
C14 CDL NF . -41.08 36.28 1.75
C15 CDL NF . -41.50 35.10 2.63
C16 CDL NF . -40.34 34.24 3.17
C17 CDL NF . -40.66 33.49 4.48
C18 CDL NF . -39.49 32.73 5.13
C19 CDL NF . -39.61 31.19 5.09
C20 CDL NF . -40.89 30.58 5.69
C21 CDL NF . -41.31 29.25 5.09
C22 CDL NF . -42.56 29.26 4.23
C23 CDL NF . -42.79 27.97 3.46
C24 CDL NF . -44.26 27.48 3.36
C25 CDL NF . -44.45 25.94 3.34
C26 CDL NF . -45.55 25.37 2.42
C27 CDL NF . -45.74 23.83 2.46
CA6 CDL NF . -38.19 42.39 1.35
OA8 CDL NF . -36.78 42.19 1.60
CA7 CDL NF . -36.05 41.69 0.59
OA9 CDL NF . -35.46 42.39 -0.21
C31 CDL NF . -36.04 40.17 0.61
C32 CDL NF . -36.09 39.53 -0.76
C33 CDL NF . -35.44 38.15 -0.82
C34 CDL NF . -35.69 37.25 0.40
C35 CDL NF . -35.74 35.75 0.10
C36 CDL NF . -35.68 34.82 1.33
C37 CDL NF . -36.35 33.46 1.12
C38 CDL NF . -35.87 32.33 2.03
C39 CDL NF . -36.47 30.96 1.68
C40 CDL NF . -36.48 29.93 2.79
C41 CDL NF . -35.21 29.88 3.63
CB2 CDL NF . -37.38 42.89 7.13
OB2 CDL NF . -37.64 42.06 8.26
PB2 CDL NF . -39.17 41.67 8.61
OB3 CDL NF . -40.05 42.51 7.74
OB4 CDL NF . -39.30 41.61 10.11
OB5 CDL NF . -39.36 40.21 7.98
CB3 CDL NF . -38.21 39.38 7.81
CB4 CDL NF . -38.59 38.10 7.10
OB6 CDL NF . -37.37 37.31 7.13
CB5 CDL NF . -37.44 36.03 7.51
OB7 CDL NF . -37.74 35.12 6.77
C51 CDL NF . -37.01 35.89 8.92
C52 CDL NF . -37.49 34.61 9.57
C53 CDL NF . -38.91 34.73 10.12
C54 CDL NF . -38.99 35.38 11.46
C55 CDL NF . -39.23 34.46 12.59
C56 CDL NF . -38.51 34.78 13.87
C57 CDL NF . -38.32 33.58 14.76
C58 CDL NF . -37.40 33.79 15.95
C59 CDL NF . -36.97 32.50 16.63
C60 CDL NF . -35.52 32.44 17.03
C61 CDL NF . -34.89 31.09 16.97
C62 CDL NF . -33.42 31.19 16.54
C63 CDL NF . -32.59 32.16 17.36
C64 CDL NF . -31.83 33.19 16.60
C65 CDL NF . -30.63 33.71 17.33
C66 CDL NF . -30.56 35.21 17.57
C67 CDL NF . -29.38 35.80 16.83
CB6 CDL NF . -39.08 38.35 5.69
OB8 CDL NF . -37.96 38.56 4.81
CB7 CDL NF . -37.53 37.50 4.10
OB9 CDL NF . -38.25 36.70 3.57
C71 CDL NF . -36.02 37.49 4.02
C72 CDL NF . -35.34 36.29 4.62
C73 CDL NF . -33.83 36.36 4.47
C74 CDL NF . -33.12 35.06 4.73
C75 CDL NF . -33.52 34.39 5.99
C76 CDL NF . -34.22 33.08 5.82
C77 CDL NF . -34.54 32.38 7.10
C78 CDL NF . -33.92 31.01 7.26
C79 CDL NF . -34.89 30.02 7.79
C80 CDL NF . -35.31 28.99 6.81
C81 CDL NF . -36.66 28.34 7.15
C82 CDL NF . -37.50 28.07 5.96
C83 CDL NF . -37.37 26.68 5.44
C84 CDL NF . -38.15 26.44 4.17
C85 CDL NF . -37.87 25.13 3.47
C86 CDL NF . -38.60 25.05 2.16
C87 CDL NF . -39.58 23.92 2.04
C1 DMU OF . -60.96 24.36 13.95
C2 DMU OF . -62.31 24.69 13.42
C3 DMU OF . -63.40 23.91 14.15
C4 DMU OF . -63.25 24.03 15.67
O5 DMU OF . -61.95 23.63 16.05
C6 DMU OF . -60.94 24.36 15.44
O7 DMU OF . -64.65 24.48 13.73
O16 DMU OF . -59.73 24.01 15.98
C18 DMU OF . -59.69 24.28 17.38
C19 DMU OF . -58.40 23.75 17.97
C22 DMU OF . -58.67 22.43 18.61
C25 DMU OF . -57.45 21.92 19.29
C28 DMU OF . -56.41 21.41 18.27
C31 DMU OF . -56.17 19.94 18.47
C34 DMU OF . -54.72 19.59 18.54
C37 DMU OF . -54.12 19.67 17.20
C40 DMU OF . -52.63 19.25 17.23
C43 DMU OF . -52.41 17.73 17.12
O49 DMU OF . -60.05 25.35 13.41
O55 DMU OF . -62.34 24.36 12.00
C57 DMU OF . -64.27 23.13 16.43
O61 DMU OF . -64.14 23.32 17.87
C5 DMU OF . -65.95 24.24 11.80
C7 DMU OF . -66.84 25.38 12.12
C8 DMU OF . -67.95 24.91 13.06
C9 DMU OF . -67.33 24.17 14.26
O1 DMU OF . -66.55 23.08 13.79
C10 DMU OF . -65.46 23.54 12.98
O2 DMU OF . -68.70 26.05 13.54
O3 DMU OF . -64.94 24.48 10.93
O4 DMU OF . -67.37 25.96 10.92
C11 DMU OF . -68.38 23.67 15.26
O6 DMU OF . -69.04 22.53 14.73
C1 DMU PF . -52.33 46.10 20.52
C2 DMU PF . -51.47 47.05 21.31
C3 DMU PF . -51.92 47.04 22.73
C4 DMU PF . -51.93 45.60 23.27
O5 DMU PF . -52.64 44.67 22.37
C6 DMU PF . -52.24 44.74 21.05
O7 DMU PF . -51.07 47.90 23.52
O16 DMU PF . -52.88 43.90 20.13
C18 DMU PF . -52.03 43.31 19.16
C19 DMU PF . -52.17 41.78 19.19
C22 DMU PF . -52.52 41.22 17.81
C25 DMU PF . -51.31 40.52 17.21
C28 DMU PF . -51.51 40.11 15.75
C31 DMU PF . -50.79 38.80 15.44
C34 DMU PF . -51.64 37.91 14.55
C37 DMU PF . -50.87 36.71 14.02
C40 DMU PF . -50.97 36.53 12.51
C43 DMU PF . -51.62 35.22 12.18
O49 DMU PF . -51.97 46.10 19.14
O55 DMU PF . -51.61 48.37 20.76
C57 DMU PF . -52.60 45.57 24.64
O61 DMU PF . -51.68 46.12 25.63
C22 DMU QF . -43.82 38.82 34.31
C25 DMU QF . -45.15 38.75 35.06
C28 DMU QF . -45.86 37.39 34.95
C31 DMU QF . -47.05 37.43 33.98
C34 DMU QF . -47.68 36.08 33.78
C37 DMU QF . -49.04 36.18 33.04
C40 DMU QF . -49.08 35.28 31.83
C43 DMU QF . -50.39 34.78 31.35
#